data_9BSW
#
_entry.id   9BSW
#
_cell.length_a   1.00
_cell.length_b   1.00
_cell.length_c   1.00
_cell.angle_alpha   90.00
_cell.angle_beta   90.00
_cell.angle_gamma   90.00
#
_symmetry.space_group_name_H-M   'P 1'
#
loop_
_entity.id
_entity.type
_entity.pdbx_description
1 polymer 'Spike glycoprotein'
2 branched alpha-D-mannopyranose-(1-3)-[alpha-D-mannopyranose-(1-6)]beta-D-mannopyranose-(1-4)-2-acetamido-2-deoxy-beta-D-glucopyranose-(1-4)-2-acetamido-2-deoxy-beta-D-glucopyranose
3 branched 2-acetamido-2-deoxy-beta-D-glucopyranose-(1-4)-2-acetamido-2-deoxy-beta-D-glucopyranose
4 branched beta-D-mannopyranose-(1-4)-2-acetamido-2-deoxy-beta-D-glucopyranose-(1-4)-2-acetamido-2-deoxy-beta-D-glucopyranose
5 branched alpha-D-mannopyranose-(1-6)-alpha-D-mannopyranose-(1-6)-[alpha-D-mannopyranose-(1-3)]beta-D-mannopyranose-(1-4)-2-acetamido-2-deoxy-beta-D-glucopyranose-(1-4)-2-acetamido-2-deoxy-beta-D-glucopyranose
6 non-polymer 2-acetamido-2-deoxy-beta-D-glucopyranose
#
_entity_poly.entity_id   1
_entity_poly.type   'polypeptide(L)'
_entity_poly.pdbx_seq_one_letter_code
;VIGDFNCTNFAINDLNTTVPRISEYVVDVSYGLGTYYILDRVYLNTTILFTGYFPKSGANFRDLSLKGTTYLSTLWYQKP
FLSDFNNGIFSRVKNTKLYVNKTLYSEFSTIVIGSVFINNSYTIVVQPHNGVLEITACQYTMCEYPHTICKSKGSSRNES
WHFDKSEPLCLFKKNFTYNVSTDWLYFHFYQERGTFYAYYADSGMPTTFLFSLYLGTLLSHYYVLPLTCNAISSNTDNET
LQYWVTPLSKRQYLLKFDNRGVITNAVDCSSSFFSEIQCKTKSLLPNTGVYDLSGFTVKPVATVHRRIPDLPDCDIDKWL
NNFNVPSPLNWERKIFSNCNFNLSTLLRLVHTDSFSCNNFDESKIYGSCFKSIVLDKFAIPNSRRSDLQLGSSGFLQSSN
YKIDTTSSSCQLYYSLPAINVTINNYNPSSWNRRYGFNNFNLSSHSVVYSRYCFSVNNTFCPCAKPSFASSCKSHKPPSA
SCPIGTNYRSCESTTVLDHTDWCRCSCLPDPITAYDPRSCSQKKSLVGVGEHCAGFGVDEEKCGVLDGSYNVSCLCSTDA
FLGWSYDTCVSNNRCNIFSNFILNGINSGTTCSNDLLQPNTEVFTDVCVDYDLYGITGQGIFKEVSAVYYNSWQNLLYDS
NGNIIGFKDFVTNKTYNIFPCYAGRVSAAFHQNASSLALLYRNLKCSYVLNNISLTTQPYFDSYLGCVFNADNLTDYSVS
SCALRMGSGFCVDYNSPSSSSSRRKRRSISASYRFVTFEPFNVSFVNDSIESVGGLYEIKIPTNFTIVGQEEFIQTNSPK
VTIDCSLFVCSNYAACHDLLSEYGTFCDNINSILDEVNGLLDTTQLHVADTLMQGVTLSSNLNTNLHFDVDNINFKSLVG
CLGPHCGSSSRSFFEDLLFDKVKLSDVGFVEAYNNCTGGSEIRDLLCVQSFNGIKVLPPILSESQISGYTTAATVAAMFP
PWSAAAGIPFSLNVQYRINGLGVTMDVLNKNQKLIATAFNNALLSIQNGFSAPNSALAKIQSVVNSNAQALNSLLQQLFN
KFGAISSSLQEILSRLDPPEAQVQIDRLINGRLTALNAYVSQQLSDISLVKFGAALAMEKVNECVKSQSPRINFCGNGNH
ILSLVQNAPYGLLFMHFSYKPISFKTVLVSPGLCISGDVGIAPKQGYFIKHNDHWMFTGSSYYYPEPISDKNVVFMNTCS
VNFTKAPLVYLNHSVPKLSDFESELSHWFKNQTSIAPNLTLNLHTINATFLDLYYEMNLIQESIKSLNNSYINLKDIGTY
EMYVKSGGYIPEAPRDGQAYVRKDGEWVLLSTFLNSGRAHHHHHHGAGGLNDIFEAQKIEWHEDTAAA
;
_entity_poly.pdbx_strand_id   A,B,C
#
# COMPACT_ATOMS: atom_id res chain seq x y z
N VAL A 1 -41.08 15.97 42.38
CA VAL A 1 -41.50 17.20 41.65
C VAL A 1 -40.61 17.43 40.46
N ILE A 2 -41.11 18.12 39.43
CA ILE A 2 -40.29 18.48 38.27
C ILE A 2 -39.93 19.96 38.33
N GLY A 3 -40.90 20.87 38.30
CA GLY A 3 -40.69 22.27 38.67
C GLY A 3 -40.73 22.49 40.19
N ASP A 4 -40.64 23.74 40.64
CA ASP A 4 -40.69 24.06 42.08
C ASP A 4 -41.75 25.11 42.47
N PHE A 5 -42.67 25.45 41.57
CA PHE A 5 -43.76 26.36 41.88
C PHE A 5 -44.98 25.62 42.46
N ASN A 6 -45.46 26.04 43.63
CA ASN A 6 -46.66 25.51 44.27
C ASN A 6 -47.95 26.01 43.57
N CYS A 7 -48.31 25.40 42.44
CA CYS A 7 -49.48 25.80 41.65
C CYS A 7 -50.80 25.46 42.34
N THR A 8 -50.90 24.32 43.01
CA THR A 8 -52.11 23.90 43.71
C THR A 8 -51.85 22.90 44.84
N ASN A 9 -52.79 22.81 45.78
CA ASN A 9 -52.80 21.86 46.90
C ASN A 9 -54.04 20.95 46.81
N PHE A 10 -54.84 21.06 45.75
CA PHE A 10 -56.05 20.28 45.57
C PHE A 10 -55.75 18.84 45.20
N ALA A 11 -56.28 17.89 45.98
CA ALA A 11 -56.18 16.46 45.75
C ALA A 11 -54.76 15.94 45.43
N ILE A 12 -53.78 16.26 46.28
CA ILE A 12 -52.40 15.80 46.11
C ILE A 12 -52.21 14.60 47.06
N ASN A 13 -51.92 13.43 46.51
CA ASN A 13 -51.71 12.21 47.29
C ASN A 13 -50.21 12.05 47.58
N ASP A 14 -49.80 12.39 48.80
CA ASP A 14 -48.40 12.36 49.23
C ASP A 14 -47.95 10.99 49.78
N LEU A 15 -48.86 10.21 50.37
CA LEU A 15 -48.50 8.91 50.96
C LEU A 15 -47.89 7.94 49.93
N ASN A 16 -46.73 7.39 50.27
CA ASN A 16 -46.00 6.46 49.42
C ASN A 16 -46.41 5.03 49.79
N THR A 17 -47.28 4.44 48.97
CA THR A 17 -47.81 3.07 49.19
C THR A 17 -47.36 2.11 48.11
N THR A 18 -47.65 2.42 46.85
CA THR A 18 -47.28 1.60 45.68
C THR A 18 -46.87 2.45 44.49
N VAL A 19 -45.69 2.19 43.94
CA VAL A 19 -45.21 2.86 42.73
C VAL A 19 -45.95 2.19 41.56
N PRO A 20 -46.73 2.89 40.73
CA PRO A 20 -47.41 2.24 39.61
C PRO A 20 -46.37 1.57 38.70
N ARG A 21 -46.58 0.33 38.29
CA ARG A 21 -45.61 -0.36 37.44
C ARG A 21 -45.59 0.25 36.05
N ILE A 22 -44.40 0.40 35.48
CA ILE A 22 -44.21 0.96 34.14
C ILE A 22 -44.23 -0.20 33.17
N SER A 23 -45.23 -0.22 32.29
CA SER A 23 -45.35 -1.24 31.28
C SER A 23 -44.16 -1.13 30.31
N GLU A 24 -43.64 -2.27 29.84
CA GLU A 24 -42.50 -2.33 28.93
C GLU A 24 -42.86 -3.08 27.65
N TYR A 25 -42.18 -2.74 26.56
CA TYR A 25 -42.41 -3.30 25.23
C TYR A 25 -41.08 -3.40 24.47
N VAL A 26 -40.77 -4.51 23.83
CA VAL A 26 -39.47 -4.64 23.13
C VAL A 26 -39.43 -3.79 21.87
N VAL A 27 -38.33 -3.06 21.68
CA VAL A 27 -38.11 -2.21 20.51
C VAL A 27 -37.78 -3.10 19.31
N ASP A 28 -38.61 -3.07 18.28
CA ASP A 28 -38.44 -3.82 17.03
C ASP A 28 -38.37 -2.83 15.87
N VAL A 29 -37.21 -2.70 15.25
CA VAL A 29 -36.99 -1.77 14.14
C VAL A 29 -37.13 -2.42 12.77
N SER A 30 -37.45 -3.71 12.70
CA SER A 30 -37.43 -4.49 11.45
C SER A 30 -38.36 -3.94 10.36
N TYR A 31 -39.38 -3.16 10.70
CA TYR A 31 -40.30 -2.50 9.77
C TYR A 31 -40.10 -0.98 9.67
N GLY A 32 -38.94 -0.45 10.08
CA GLY A 32 -38.59 0.97 9.97
C GLY A 32 -39.01 1.83 11.15
N LEU A 33 -39.62 1.26 12.20
CA LEU A 33 -39.82 1.95 13.46
C LEU A 33 -38.48 2.46 14.02
N GLY A 34 -38.47 3.66 14.59
CA GLY A 34 -37.26 4.23 15.18
C GLY A 34 -36.34 4.90 14.18
N THR A 35 -36.65 4.86 12.88
CA THR A 35 -35.84 5.48 11.83
C THR A 35 -36.45 6.82 11.36
N TYR A 36 -35.69 7.56 10.56
CA TYR A 36 -36.13 8.85 10.02
C TYR A 36 -35.57 9.07 8.63
N TYR A 37 -36.20 9.95 7.85
CA TYR A 37 -35.71 10.28 6.52
C TYR A 37 -34.45 11.14 6.65
N ILE A 38 -33.51 10.95 5.74
CA ILE A 38 -32.20 11.59 5.83
C ILE A 38 -32.18 12.95 5.12
N LEU A 39 -32.18 14.03 5.90
CA LEU A 39 -32.09 15.40 5.40
C LEU A 39 -33.14 15.64 4.29
N ASP A 40 -32.71 16.17 3.14
CA ASP A 40 -33.55 16.40 1.96
C ASP A 40 -33.27 15.36 0.86
N ARG A 41 -32.62 14.25 1.22
CA ARG A 41 -32.25 13.15 0.33
C ARG A 41 -33.40 12.17 0.13
N VAL A 42 -33.38 11.52 -1.02
CA VAL A 42 -34.28 10.46 -1.44
C VAL A 42 -33.39 9.29 -1.83
N TYR A 43 -33.71 8.10 -1.36
CA TYR A 43 -33.04 6.85 -1.73
C TYR A 43 -34.13 5.96 -2.30
N LEU A 44 -33.90 5.31 -3.44
CA LEU A 44 -34.92 4.47 -4.10
C LEU A 44 -34.45 3.04 -4.33
N ASN A 45 -35.29 2.08 -3.93
CA ASN A 45 -35.10 0.65 -4.15
C ASN A 45 -33.68 0.17 -3.79
N THR A 46 -33.22 0.48 -2.59
CA THR A 46 -31.87 0.17 -2.17
C THR A 46 -31.71 0.10 -0.66
N THR A 47 -30.59 -0.44 -0.19
CA THR A 47 -30.22 -0.54 1.21
C THR A 47 -29.04 0.38 1.48
N ILE A 48 -29.08 1.13 2.57
CA ILE A 48 -28.09 2.12 2.97
C ILE A 48 -27.59 1.85 4.39
N LEU A 49 -26.28 1.81 4.61
CA LEU A 49 -25.74 1.85 5.97
C LEU A 49 -25.65 3.32 6.38
N PHE A 50 -26.41 3.69 7.41
CA PHE A 50 -26.46 5.06 7.89
C PHE A 50 -26.30 5.12 9.41
N THR A 51 -25.50 6.07 9.90
CA THR A 51 -25.29 6.25 11.33
C THR A 51 -26.08 7.47 11.78
N GLY A 52 -27.00 7.28 12.71
CA GLY A 52 -27.85 8.35 13.22
C GLY A 52 -28.29 8.12 14.65
N TYR A 53 -29.18 8.99 15.15
CA TYR A 53 -29.71 8.89 16.50
C TYR A 53 -30.87 7.90 16.44
N PHE A 54 -30.61 6.66 16.79
CA PHE A 54 -31.60 5.59 16.69
C PHE A 54 -31.77 4.82 17.99
N PRO A 55 -32.95 4.19 18.21
CA PRO A 55 -33.15 3.28 19.33
C PRO A 55 -32.18 2.10 19.29
N LYS A 56 -31.94 1.45 20.41
CA LYS A 56 -31.32 0.13 20.42
C LYS A 56 -32.39 -0.93 20.17
N SER A 57 -32.31 -1.66 19.06
CA SER A 57 -33.24 -2.76 18.78
C SER A 57 -33.08 -3.87 19.82
N GLY A 58 -34.20 -4.42 20.30
CA GLY A 58 -34.22 -5.37 21.41
C GLY A 58 -34.17 -4.74 22.80
N ALA A 59 -34.01 -3.41 22.91
CA ALA A 59 -34.12 -2.71 24.19
C ALA A 59 -35.62 -2.54 24.53
N ASN A 60 -35.94 -1.88 25.62
CA ASN A 60 -37.33 -1.71 26.04
C ASN A 60 -37.88 -0.29 25.96
N PHE A 61 -39.04 -0.19 25.35
CA PHE A 61 -39.88 0.98 25.41
C PHE A 61 -40.50 0.98 26.80
N ARG A 62 -40.76 2.16 27.36
CA ARG A 62 -41.41 2.33 28.66
C ARG A 62 -42.65 3.18 28.47
N ASP A 63 -43.82 2.67 28.82
CA ASP A 63 -45.04 3.47 28.73
C ASP A 63 -45.08 4.41 29.93
N LEU A 64 -44.72 5.66 29.70
CA LEU A 64 -44.66 6.69 30.73
C LEU A 64 -45.96 7.49 30.86
N SER A 65 -47.00 7.17 30.10
CA SER A 65 -48.28 7.85 30.24
C SER A 65 -48.93 7.52 31.58
N LEU A 66 -49.62 8.50 32.18
CA LEU A 66 -50.27 8.36 33.49
C LEU A 66 -51.65 9.01 33.45
N LYS A 67 -52.70 8.20 33.33
CA LYS A 67 -54.07 8.70 33.35
C LYS A 67 -54.54 8.81 34.80
N GLY A 68 -54.95 10.01 35.23
CA GLY A 68 -55.51 10.25 36.55
C GLY A 68 -56.96 10.72 36.44
N THR A 69 -57.67 10.78 37.56
CA THR A 69 -59.07 11.27 37.58
C THR A 69 -59.18 12.53 38.43
N THR A 70 -58.85 12.44 39.72
CA THR A 70 -58.87 13.58 40.65
C THR A 70 -57.56 13.75 41.40
N TYR A 71 -57.04 12.69 42.00
CA TYR A 71 -55.84 12.78 42.82
C TYR A 71 -54.56 12.56 41.99
N LEU A 72 -53.52 13.35 42.29
CA LEU A 72 -52.20 13.26 41.68
C LEU A 72 -51.24 12.67 42.71
N SER A 73 -50.61 11.54 42.42
CA SER A 73 -49.66 10.95 43.36
C SER A 73 -48.30 11.63 43.24
N THR A 74 -47.69 12.02 44.36
CA THR A 74 -46.36 12.67 44.31
C THR A 74 -45.29 11.72 43.75
N LEU A 75 -45.50 10.40 43.81
CA LEU A 75 -44.58 9.39 43.27
C LEU A 75 -44.50 9.46 41.73
N TRP A 76 -45.54 9.97 41.08
CA TRP A 76 -45.58 10.15 39.62
C TRP A 76 -44.54 11.17 39.14
N TYR A 77 -44.09 12.07 40.00
CA TYR A 77 -43.17 13.15 39.67
C TYR A 77 -41.75 12.93 40.19
N GLN A 78 -41.32 11.69 40.27
CA GLN A 78 -39.98 11.29 40.71
C GLN A 78 -39.47 10.16 39.82
N LYS A 79 -38.26 9.68 40.08
CA LYS A 79 -37.75 8.53 39.34
C LYS A 79 -38.64 7.33 39.69
N PRO A 80 -38.88 6.40 38.76
CA PRO A 80 -38.35 6.37 37.40
C PRO A 80 -39.15 7.14 36.35
N PHE A 81 -40.26 7.82 36.67
CA PHE A 81 -41.02 8.56 35.65
C PHE A 81 -40.23 9.76 35.14
N LEU A 82 -39.70 10.60 36.05
CA LEU A 82 -38.78 11.67 35.70
C LEU A 82 -37.46 11.03 35.22
N SER A 83 -37.23 11.00 33.92
CA SER A 83 -36.11 10.26 33.32
C SER A 83 -35.02 11.16 32.76
N ASP A 84 -33.84 10.59 32.58
CA ASP A 84 -32.69 11.31 32.04
C ASP A 84 -32.81 11.37 30.51
N PHE A 85 -32.50 12.52 29.91
CA PHE A 85 -32.60 12.71 28.47
C PHE A 85 -31.39 12.16 27.71
N ASN A 86 -30.17 12.38 28.22
CA ASN A 86 -28.92 11.92 27.59
C ASN A 86 -28.85 12.44 26.14
N ASN A 87 -28.55 11.60 25.15
CA ASN A 87 -28.50 12.02 23.76
C ASN A 87 -29.88 12.38 23.21
N GLY A 88 -30.92 11.63 23.59
CA GLY A 88 -32.29 11.83 23.14
C GLY A 88 -33.18 10.64 23.41
N ILE A 89 -34.42 10.71 22.95
CA ILE A 89 -35.44 9.68 23.09
C ILE A 89 -36.28 9.52 21.82
N PHE A 90 -36.80 8.31 21.64
CA PHE A 90 -37.72 7.97 20.58
C PHE A 90 -39.05 7.65 21.24
N SER A 91 -40.13 8.26 20.76
CA SER A 91 -41.47 8.07 21.32
C SER A 91 -42.41 7.40 20.34
N ARG A 92 -43.16 6.41 20.81
CA ARG A 92 -44.24 5.74 20.08
C ARG A 92 -45.46 6.11 20.90
N VAL A 93 -46.29 6.99 20.39
CA VAL A 93 -47.44 7.57 21.10
C VAL A 93 -48.77 7.12 20.53
N LYS A 94 -49.64 6.57 21.37
CA LYS A 94 -50.99 6.19 20.93
C LYS A 94 -51.84 7.44 20.84
N ASN A 95 -52.56 7.61 19.75
CA ASN A 95 -53.50 8.69 19.59
C ASN A 95 -54.83 8.25 20.22
N THR A 96 -55.10 8.59 21.47
CA THR A 96 -56.33 8.21 22.15
C THR A 96 -57.51 8.98 21.56
N LYS A 97 -58.25 8.32 20.67
CA LYS A 97 -59.39 8.86 19.95
C LYS A 97 -60.69 8.71 20.73
N LEU A 98 -61.20 9.83 21.25
CA LEU A 98 -62.45 9.92 22.00
C LEU A 98 -63.58 10.45 21.11
N TYR A 99 -64.83 10.31 21.54
CA TYR A 99 -65.99 10.78 20.77
C TYR A 99 -67.01 11.50 21.65
N VAL A 100 -67.39 12.70 21.26
CA VAL A 100 -68.41 13.54 21.91
C VAL A 100 -69.47 13.83 20.85
N ASN A 101 -70.72 13.39 21.02
CA ASN A 101 -71.78 13.54 20.01
C ASN A 101 -71.28 13.02 18.64
N LYS A 102 -70.75 11.78 18.65
CA LYS A 102 -70.13 11.05 17.53
C LYS A 102 -69.09 11.87 16.73
N THR A 103 -68.51 12.89 17.33
CA THR A 103 -67.46 13.75 16.74
C THR A 103 -66.14 13.34 17.37
N LEU A 104 -65.15 13.01 16.54
CA LEU A 104 -63.84 12.55 16.98
C LEU A 104 -62.97 13.65 17.60
N TYR A 105 -62.32 13.32 18.71
CA TYR A 105 -61.38 14.18 19.42
C TYR A 105 -60.10 13.39 19.68
N SER A 106 -58.95 14.02 19.48
CA SER A 106 -57.63 13.41 19.67
C SER A 106 -56.95 13.89 20.95
N GLU A 107 -56.56 12.95 21.80
CA GLU A 107 -55.87 13.20 23.06
C GLU A 107 -54.63 12.31 23.21
N PHE A 108 -53.54 12.84 23.76
CA PHE A 108 -52.35 12.04 24.12
C PHE A 108 -51.53 12.83 25.14
N SER A 109 -50.63 12.16 25.86
CA SER A 109 -49.81 12.80 26.89
C SER A 109 -48.87 13.87 26.36
N THR A 110 -48.73 14.97 27.10
CA THR A 110 -47.80 16.06 26.80
C THR A 110 -46.43 15.70 27.34
N ILE A 111 -45.37 15.96 26.60
CA ILE A 111 -44.00 15.67 27.07
C ILE A 111 -43.26 16.99 27.27
N VAL A 112 -42.55 17.11 28.38
CA VAL A 112 -41.67 18.25 28.67
C VAL A 112 -40.24 17.78 28.73
N ILE A 113 -39.34 18.55 28.15
CA ILE A 113 -37.92 18.25 28.09
C ILE A 113 -37.18 19.49 28.57
N GLY A 114 -36.24 19.34 29.49
CA GLY A 114 -35.59 20.48 30.12
C GLY A 114 -34.35 20.07 30.87
N SER A 115 -33.93 20.90 31.81
CA SER A 115 -32.85 20.58 32.74
C SER A 115 -33.34 20.68 34.19
N VAL A 116 -33.51 21.89 34.69
CA VAL A 116 -33.94 22.15 36.08
C VAL A 116 -35.43 22.50 36.21
N PHE A 117 -36.14 22.69 35.08
CA PHE A 117 -37.57 23.01 35.03
C PHE A 117 -37.98 24.27 35.83
N ILE A 118 -37.12 25.28 35.87
CA ILE A 118 -37.39 26.57 36.50
C ILE A 118 -37.11 27.71 35.52
N ASN A 119 -37.77 28.85 35.72
CA ASN A 119 -37.83 29.97 34.77
C ASN A 119 -36.52 30.78 34.56
N ASN A 120 -35.36 30.30 34.99
CA ASN A 120 -34.07 30.78 34.48
C ASN A 120 -33.42 29.78 33.52
N SER A 121 -34.21 28.83 33.00
CA SER A 121 -33.83 27.82 32.02
C SER A 121 -34.99 27.57 31.06
N TYR A 122 -34.70 27.14 29.85
CA TYR A 122 -35.74 26.83 28.88
C TYR A 122 -36.26 25.41 29.06
N THR A 123 -37.58 25.24 29.08
CA THR A 123 -38.25 23.94 29.00
C THR A 123 -38.93 23.85 27.65
N ILE A 124 -38.64 22.80 26.89
CA ILE A 124 -39.39 22.43 25.69
C ILE A 124 -40.65 21.70 26.13
N VAL A 125 -41.80 22.04 25.57
CA VAL A 125 -43.08 21.40 25.81
C VAL A 125 -43.70 21.03 24.49
N VAL A 126 -44.14 19.78 24.33
CA VAL A 126 -44.82 19.28 23.14
C VAL A 126 -46.19 18.85 23.61
N GLN A 127 -47.22 19.64 23.28
CA GLN A 127 -48.58 19.41 23.75
C GLN A 127 -49.61 19.33 22.61
N PRO A 128 -50.44 18.27 22.54
CA PRO A 128 -51.48 18.18 21.53
C PRO A 128 -52.72 18.99 21.94
N HIS A 129 -53.41 19.51 20.94
CA HIS A 129 -54.63 20.31 21.04
C HIS A 129 -55.66 19.87 20.00
N ASN A 130 -55.93 18.57 19.91
CA ASN A 130 -56.89 17.99 18.98
C ASN A 130 -56.58 18.33 17.51
N GLY A 131 -55.46 17.83 16.99
CA GLY A 131 -55.01 18.06 15.60
C GLY A 131 -53.93 19.10 15.45
N VAL A 132 -53.72 19.92 16.47
CA VAL A 132 -52.68 20.93 16.52
C VAL A 132 -51.67 20.50 17.58
N LEU A 133 -50.42 20.36 17.21
CA LEU A 133 -49.32 20.03 18.07
C LEU A 133 -48.60 21.32 18.43
N GLU A 134 -48.87 21.86 19.61
CA GLU A 134 -48.22 23.09 20.05
C GLU A 134 -46.86 22.75 20.64
N ILE A 135 -45.80 23.26 20.03
CA ILE A 135 -44.44 23.05 20.49
C ILE A 135 -43.86 24.40 20.89
N THR A 136 -43.46 24.52 22.14
CA THR A 136 -42.86 25.72 22.71
C THR A 136 -41.58 25.41 23.45
N ALA A 137 -40.68 26.38 23.52
CA ALA A 137 -39.49 26.35 24.34
C ALA A 137 -39.35 27.70 25.02
N CYS A 138 -39.72 27.76 26.30
CA CYS A 138 -39.85 29.01 27.04
C CYS A 138 -39.29 28.86 28.45
N GLN A 139 -38.99 29.99 29.10
CA GLN A 139 -38.62 30.04 30.50
C GLN A 139 -39.83 29.82 31.42
N TYR A 140 -40.49 28.68 31.29
CA TYR A 140 -41.70 28.36 32.03
C TYR A 140 -41.44 28.23 33.53
N THR A 141 -42.35 28.76 34.33
CA THR A 141 -42.42 28.53 35.77
C THR A 141 -43.19 27.24 36.01
N MET A 142 -42.54 26.10 35.76
CA MET A 142 -43.19 24.79 35.84
C MET A 142 -43.70 24.48 37.26
N CYS A 143 -44.85 23.83 37.35
CA CYS A 143 -45.45 23.46 38.63
C CYS A 143 -44.71 22.30 39.29
N GLU A 144 -44.88 22.12 40.59
CA GLU A 144 -44.30 20.97 41.29
C GLU A 144 -44.86 19.64 40.77
N TYR A 145 -46.17 19.64 40.51
CA TYR A 145 -46.95 18.49 40.04
C TYR A 145 -47.74 18.89 38.79
N PRO A 146 -47.08 19.03 37.63
CA PRO A 146 -47.73 19.43 36.39
C PRO A 146 -48.62 18.35 35.82
N HIS A 147 -49.66 18.72 35.09
CA HIS A 147 -50.54 17.76 34.44
C HIS A 147 -51.36 18.46 33.36
N THR A 148 -51.94 17.68 32.47
CA THR A 148 -52.87 18.17 31.44
C THR A 148 -54.25 17.61 31.71
N ILE A 149 -55.25 18.08 30.99
CA ILE A 149 -56.63 17.62 31.18
C ILE A 149 -57.28 17.25 29.84
N CYS A 150 -58.35 16.47 29.90
CA CYS A 150 -59.15 16.17 28.72
C CYS A 150 -59.97 17.40 28.36
N LYS A 151 -59.65 18.08 27.26
CA LYS A 151 -60.43 19.25 26.81
C LYS A 151 -61.71 18.86 26.07
N SER A 152 -61.87 17.57 25.78
CA SER A 152 -63.04 17.01 25.08
C SER A 152 -64.10 16.49 26.05
N LYS A 153 -63.73 15.50 26.88
CA LYS A 153 -64.59 14.85 27.88
C LYS A 153 -64.57 15.51 29.26
N GLY A 154 -63.76 16.56 29.46
CA GLY A 154 -63.67 17.26 30.74
C GLY A 154 -62.83 16.52 31.79
N SER A 155 -62.57 17.21 32.89
CA SER A 155 -61.80 16.70 34.02
C SER A 155 -62.27 17.31 35.34
N SER A 156 -61.96 16.66 36.45
CA SER A 156 -62.32 17.10 37.81
C SER A 156 -61.42 18.21 38.39
N ARG A 157 -60.40 18.62 37.63
CA ARG A 157 -59.46 19.68 38.02
C ARG A 157 -59.03 20.51 36.80
N ASN A 158 -58.62 21.75 37.02
CA ASN A 158 -58.18 22.68 35.98
C ASN A 158 -56.77 22.35 35.50
N GLU A 159 -56.45 22.55 34.23
CA GLU A 159 -55.11 22.28 33.69
C GLU A 159 -54.05 23.21 34.29
N SER A 160 -52.92 22.63 34.73
CA SER A 160 -51.85 23.43 35.30
C SER A 160 -50.52 22.71 35.24
N TRP A 161 -49.62 23.17 34.37
CA TRP A 161 -48.25 22.69 34.33
C TRP A 161 -47.22 23.83 34.45
N HIS A 162 -47.68 25.08 34.44
CA HIS A 162 -46.85 26.26 34.63
C HIS A 162 -47.69 27.40 35.23
N PHE A 163 -47.03 28.39 35.82
CA PHE A 163 -47.66 29.57 36.37
C PHE A 163 -46.91 30.82 35.91
N ASP A 164 -47.14 31.20 34.65
CA ASP A 164 -46.60 32.41 34.04
C ASP A 164 -47.75 33.31 33.66
N LYS A 165 -48.10 34.22 34.58
CA LYS A 165 -49.19 35.21 34.39
C LYS A 165 -48.84 36.15 33.23
N SER A 166 -47.64 36.70 33.23
CA SER A 166 -47.07 37.44 32.10
C SER A 166 -46.44 36.48 31.10
N GLU A 167 -46.32 36.87 29.83
CA GLU A 167 -45.73 35.99 28.81
C GLU A 167 -44.23 35.78 29.07
N PRO A 168 -43.73 34.54 29.24
CA PRO A 168 -42.33 34.29 29.50
C PRO A 168 -41.47 34.50 28.26
N LEU A 169 -40.18 34.79 28.42
CA LEU A 169 -39.22 34.70 27.32
C LEU A 169 -39.20 33.31 26.65
N CYS A 170 -39.28 33.25 25.31
CA CYS A 170 -39.29 32.02 24.52
C CYS A 170 -38.22 32.03 23.43
N LEU A 171 -37.58 30.89 23.20
CA LEU A 171 -36.73 30.66 22.03
C LEU A 171 -37.53 30.14 20.83
N PHE A 172 -38.62 29.43 21.07
CA PHE A 172 -39.40 28.76 20.05
C PHE A 172 -40.86 28.64 20.43
N LYS A 173 -41.74 28.88 19.46
CA LYS A 173 -43.19 28.77 19.58
C LYS A 173 -43.77 28.54 18.20
N LYS A 174 -44.20 27.32 17.90
CA LYS A 174 -44.80 26.94 16.63
C LYS A 174 -45.88 25.89 16.82
N ASN A 175 -46.83 25.87 15.90
CA ASN A 175 -47.91 24.91 15.89
C ASN A 175 -47.77 24.08 14.62
N PHE A 176 -47.85 22.77 14.76
CA PHE A 176 -47.75 21.83 13.66
C PHE A 176 -49.04 21.02 13.61
N THR A 177 -49.57 20.76 12.43
CA THR A 177 -50.81 19.98 12.33
C THR A 177 -50.48 18.49 12.26
N TYR A 178 -51.33 17.64 12.84
CA TYR A 178 -51.18 16.20 12.75
C TYR A 178 -52.55 15.59 12.43
N ASN A 179 -52.56 14.46 11.74
CA ASN A 179 -53.81 13.79 11.37
C ASN A 179 -54.49 13.20 12.61
N VAL A 180 -55.65 13.74 12.99
CA VAL A 180 -56.42 13.25 14.15
C VAL A 180 -56.91 11.82 13.98
N SER A 181 -57.13 11.36 12.74
CA SER A 181 -57.60 10.01 12.46
C SER A 181 -56.52 8.94 12.63
N THR A 182 -55.24 9.29 12.75
CA THR A 182 -54.15 8.30 12.89
C THR A 182 -54.21 7.55 14.21
N ASP A 183 -53.62 6.36 14.30
CA ASP A 183 -53.61 5.58 15.55
C ASP A 183 -52.32 5.78 16.35
N TRP A 184 -51.21 6.07 15.68
CA TRP A 184 -49.90 6.23 16.30
C TRP A 184 -49.09 7.41 15.77
N LEU A 185 -48.45 8.13 16.67
CA LEU A 185 -47.54 9.22 16.37
C LEU A 185 -46.15 8.80 16.83
N TYR A 186 -45.14 9.08 16.03
CA TYR A 186 -43.76 8.76 16.34
C TYR A 186 -42.93 10.02 16.43
N PHE A 187 -42.04 10.12 17.42
CA PHE A 187 -41.19 11.29 17.61
C PHE A 187 -39.74 10.98 17.93
N HIS A 188 -38.80 11.71 17.33
CA HIS A 188 -37.39 11.65 17.71
C HIS A 188 -37.07 12.99 18.36
N PHE A 189 -36.62 12.98 19.60
CA PHE A 189 -36.19 14.19 20.29
C PHE A 189 -34.75 13.95 20.69
N TYR A 190 -33.80 14.71 20.17
CA TYR A 190 -32.39 14.52 20.52
C TYR A 190 -31.64 15.83 20.52
N GLN A 191 -30.47 15.85 21.15
CA GLN A 191 -29.62 17.02 21.20
C GLN A 191 -28.22 16.70 20.69
N GLU A 192 -27.60 17.69 20.06
CA GLU A 192 -26.26 17.58 19.52
C GLU A 192 -25.65 18.98 19.45
N ARG A 193 -24.50 19.18 20.10
CA ARG A 193 -23.75 20.46 20.11
C ARG A 193 -24.58 21.67 20.53
N GLY A 194 -25.34 21.54 21.61
CA GLY A 194 -26.18 22.61 22.14
C GLY A 194 -27.46 22.88 21.37
N THR A 195 -27.79 22.06 20.37
CA THR A 195 -28.98 22.20 19.53
C THR A 195 -29.91 21.03 19.71
N PHE A 196 -31.19 21.30 19.93
CA PHE A 196 -32.25 20.32 20.04
C PHE A 196 -32.84 20.05 18.66
N TYR A 197 -33.12 18.80 18.33
CA TYR A 197 -33.70 18.37 17.07
C TYR A 197 -34.96 17.58 17.33
N ALA A 198 -35.98 17.80 16.52
CA ALA A 198 -37.26 17.11 16.63
C ALA A 198 -37.66 16.55 15.27
N TYR A 199 -38.03 15.27 15.24
CA TYR A 199 -38.56 14.59 14.07
C TYR A 199 -39.89 13.99 14.46
N TYR A 200 -40.84 13.90 13.54
CA TYR A 200 -42.13 13.29 13.86
C TYR A 200 -42.76 12.63 12.64
N ALA A 201 -43.72 11.75 12.90
CA ALA A 201 -44.54 11.13 11.89
C ALA A 201 -45.90 10.80 12.47
N ASP A 202 -46.94 10.93 11.65
CA ASP A 202 -48.31 10.61 12.00
C ASP A 202 -48.90 9.60 11.02
N SER A 203 -48.47 9.54 9.75
CA SER A 203 -49.01 8.57 8.79
C SER A 203 -48.30 7.20 8.91
N GLY A 204 -47.00 7.16 8.70
CA GLY A 204 -46.17 5.96 8.77
C GLY A 204 -45.29 5.95 10.03
N MET A 205 -44.40 4.96 10.14
CA MET A 205 -43.48 4.89 11.28
C MET A 205 -42.21 5.74 11.13
N PRO A 206 -41.51 5.76 9.98
CA PRO A 206 -40.32 6.58 9.82
C PRO A 206 -40.66 8.06 9.97
N THR A 207 -39.93 8.77 10.82
CA THR A 207 -40.22 10.19 11.09
C THR A 207 -39.51 11.12 10.12
N THR A 208 -39.96 12.37 10.08
CA THR A 208 -39.40 13.42 9.23
C THR A 208 -39.07 14.62 10.11
N PHE A 209 -38.06 15.39 9.72
CA PHE A 209 -37.61 16.55 10.48
C PHE A 209 -38.70 17.59 10.67
N LEU A 210 -38.94 17.98 11.92
CA LEU A 210 -39.92 19.01 12.28
C LEU A 210 -39.22 20.36 12.38
N PHE A 211 -38.27 20.47 13.32
CA PHE A 211 -37.51 21.67 13.59
C PHE A 211 -36.24 21.38 14.40
N SER A 212 -35.31 22.31 14.35
CA SER A 212 -34.09 22.34 15.13
C SER A 212 -34.14 23.62 15.95
N LEU A 213 -33.59 23.61 17.16
CA LEU A 213 -33.63 24.73 18.08
C LEU A 213 -32.32 24.85 18.82
N TYR A 214 -31.56 25.92 18.59
CA TYR A 214 -30.36 26.15 19.34
C TYR A 214 -30.73 26.57 20.77
N LEU A 215 -30.16 25.90 21.76
CA LEU A 215 -30.37 26.19 23.19
C LEU A 215 -29.11 26.74 23.85
N GLY A 216 -27.93 26.24 23.46
CA GLY A 216 -26.67 26.66 24.07
C GLY A 216 -26.42 26.04 25.43
N THR A 217 -27.26 25.11 25.85
CA THR A 217 -27.23 24.42 27.14
C THR A 217 -27.65 22.97 26.94
N LEU A 218 -27.21 22.10 27.82
CA LEU A 218 -27.48 20.68 27.76
C LEU A 218 -28.80 20.33 28.43
N LEU A 219 -29.75 19.76 27.71
CA LEU A 219 -30.97 19.21 28.29
C LEU A 219 -30.59 17.97 29.09
N SER A 220 -31.18 17.76 30.26
CA SER A 220 -30.82 16.62 31.10
C SER A 220 -31.97 15.71 31.49
N HIS A 221 -33.20 16.18 31.43
CA HIS A 221 -34.36 15.41 31.87
C HIS A 221 -35.53 15.56 30.93
N TYR A 222 -36.38 14.54 30.88
CA TYR A 222 -37.68 14.61 30.25
C TYR A 222 -38.73 13.99 31.15
N TYR A 223 -39.97 14.41 30.97
CA TYR A 223 -41.07 13.95 31.77
C TYR A 223 -42.38 13.96 30.96
N VAL A 224 -43.09 12.85 30.94
CA VAL A 224 -44.38 12.74 30.27
C VAL A 224 -45.41 13.16 31.31
N LEU A 225 -46.12 14.25 31.05
CA LEU A 225 -47.09 14.80 31.98
C LEU A 225 -48.31 13.89 32.18
N PRO A 226 -48.74 13.65 33.42
CA PRO A 226 -49.96 12.90 33.68
C PRO A 226 -51.14 13.67 33.08
N LEU A 227 -52.15 12.96 32.59
CA LEU A 227 -53.33 13.56 31.99
C LEU A 227 -54.55 13.18 32.84
N THR A 228 -55.27 14.17 33.33
CA THR A 228 -56.47 13.95 34.15
C THR A 228 -57.73 13.99 33.29
N CYS A 229 -58.60 13.00 33.43
CA CYS A 229 -59.80 12.91 32.61
C CYS A 229 -60.96 12.19 33.28
N ASN A 230 -62.20 12.59 32.99
CA ASN A 230 -63.38 11.87 33.48
C ASN A 230 -63.54 10.56 32.68
N ALA A 231 -63.25 10.62 31.37
CA ALA A 231 -63.25 9.51 30.43
C ALA A 231 -61.91 8.72 30.47
N ILE A 232 -61.59 7.94 29.44
CA ILE A 232 -60.34 7.14 29.33
C ILE A 232 -60.23 6.13 30.49
N SER A 233 -61.22 5.24 30.65
CA SER A 233 -61.24 4.20 31.70
C SER A 233 -62.14 3.02 31.33
N SER A 234 -61.88 1.84 31.89
CA SER A 234 -62.66 0.63 31.64
C SER A 234 -64.13 0.74 32.09
N ASN A 235 -64.42 1.60 33.07
CA ASN A 235 -65.77 1.85 33.56
C ASN A 235 -66.55 2.90 32.75
N THR A 236 -66.03 3.38 31.62
CA THR A 236 -66.72 4.41 30.80
C THR A 236 -66.49 4.35 29.28
N ASP A 237 -65.34 3.87 28.80
CA ASP A 237 -65.07 3.79 27.35
C ASP A 237 -64.01 2.76 26.92
N ASN A 238 -63.33 2.11 27.88
CA ASN A 238 -62.24 1.16 27.63
C ASN A 238 -61.07 1.76 26.83
N GLU A 239 -60.98 3.09 26.68
CA GLU A 239 -59.85 3.72 26.02
C GLU A 239 -58.70 3.93 27.01
N THR A 240 -57.48 4.06 26.49
CA THR A 240 -56.30 4.24 27.34
C THR A 240 -55.21 5.07 26.67
N LEU A 241 -54.40 5.76 27.47
CA LEU A 241 -53.24 6.51 27.00
C LEU A 241 -52.04 5.58 26.91
N GLN A 242 -51.18 5.79 25.92
CA GLN A 242 -49.91 5.08 25.83
C GLN A 242 -48.88 6.04 25.28
N TYR A 243 -47.77 6.20 25.98
CA TYR A 243 -46.68 7.06 25.56
C TYR A 243 -45.40 6.27 25.81
N TRP A 244 -45.02 5.47 24.83
CA TRP A 244 -43.84 4.61 24.91
C TRP A 244 -42.59 5.39 24.59
N VAL A 245 -41.58 5.33 25.46
CA VAL A 245 -40.31 6.04 25.29
C VAL A 245 -39.11 5.12 25.41
N THR A 246 -38.14 5.27 24.52
CA THR A 246 -36.88 4.52 24.53
C THR A 246 -35.71 5.46 24.26
N PRO A 247 -34.51 5.28 24.85
CA PRO A 247 -33.40 6.18 24.61
C PRO A 247 -32.83 6.08 23.20
N LEU A 248 -32.25 7.18 22.72
CA LEU A 248 -31.55 7.28 21.45
C LEU A 248 -30.05 7.33 21.70
N SER A 249 -29.28 6.91 20.72
CA SER A 249 -27.82 6.96 20.75
C SER A 249 -27.32 6.89 19.31
N LYS A 250 -26.06 7.29 19.09
CA LYS A 250 -25.45 7.25 17.76
C LYS A 250 -25.17 5.80 17.38
N ARG A 251 -25.98 5.21 16.50
CA ARG A 251 -25.92 3.79 16.08
C ARG A 251 -25.91 3.68 14.56
N GLN A 252 -25.21 2.68 14.02
CA GLN A 252 -25.29 2.35 12.60
C GLN A 252 -26.50 1.46 12.34
N TYR A 253 -27.32 1.82 11.37
CA TYR A 253 -28.45 1.02 10.90
C TYR A 253 -28.26 0.68 9.43
N LEU A 254 -28.75 -0.49 9.02
CA LEU A 254 -29.15 -0.69 7.63
C LEU A 254 -30.57 -0.13 7.47
N LEU A 255 -30.81 0.66 6.43
CA LEU A 255 -32.13 1.16 6.06
C LEU A 255 -32.49 0.63 4.68
N LYS A 256 -33.66 0.03 4.48
CA LYS A 256 -34.15 -0.34 3.14
C LYS A 256 -35.22 0.64 2.68
N PHE A 257 -35.04 1.19 1.49
CA PHE A 257 -35.96 2.10 0.84
C PHE A 257 -36.64 1.39 -0.32
N ASP A 258 -37.95 1.51 -0.46
CA ASP A 258 -38.68 0.88 -1.56
C ASP A 258 -38.59 1.74 -2.85
N ASN A 259 -39.31 1.35 -3.89
CA ASN A 259 -39.32 2.05 -5.19
C ASN A 259 -39.92 3.46 -5.13
N ARG A 260 -40.59 3.86 -4.03
CA ARG A 260 -41.17 5.20 -3.87
C ARG A 260 -40.46 6.02 -2.78
N GLY A 261 -39.31 5.55 -2.30
CA GLY A 261 -38.49 6.24 -1.30
C GLY A 261 -38.88 6.09 0.16
N VAL A 262 -39.81 5.22 0.50
CA VAL A 262 -40.26 5.00 1.87
C VAL A 262 -39.35 4.00 2.59
N ILE A 263 -38.96 4.26 3.84
CA ILE A 263 -38.18 3.29 4.63
C ILE A 263 -39.12 2.17 5.05
N THR A 264 -39.02 1.00 4.43
CA THR A 264 -39.92 -0.13 4.74
C THR A 264 -39.36 -1.03 5.83
N ASN A 265 -38.04 -1.09 5.98
CA ASN A 265 -37.36 -1.99 6.90
C ASN A 265 -36.08 -1.36 7.41
N ALA A 266 -35.63 -1.79 8.57
CA ALA A 266 -34.34 -1.40 9.10
C ALA A 266 -33.72 -2.50 9.95
N VAL A 267 -32.40 -2.42 10.12
CA VAL A 267 -31.64 -3.32 10.99
C VAL A 267 -30.70 -2.50 11.83
N ASP A 268 -30.76 -2.65 13.14
CA ASP A 268 -29.76 -2.10 14.06
C ASP A 268 -28.52 -2.99 14.07
N CYS A 269 -27.44 -2.61 13.40
CA CYS A 269 -26.37 -3.53 13.04
C CYS A 269 -25.71 -4.25 14.21
N SER A 270 -25.45 -3.57 15.33
CA SER A 270 -24.79 -4.17 16.49
C SER A 270 -25.76 -4.74 17.54
N SER A 271 -27.06 -4.80 17.26
CA SER A 271 -28.05 -5.30 18.22
C SER A 271 -28.01 -6.83 18.43
N SER A 272 -27.60 -7.61 17.43
CA SER A 272 -27.62 -9.08 17.50
C SER A 272 -26.71 -9.69 16.45
N PHE A 273 -26.39 -10.97 16.56
CA PHE A 273 -25.62 -11.69 15.54
C PHE A 273 -26.33 -11.70 14.19
N PHE A 274 -27.65 -11.87 14.13
CA PHE A 274 -28.33 -11.83 12.84
C PHE A 274 -28.31 -10.43 12.23
N SER A 275 -28.46 -9.39 13.04
CA SER A 275 -28.34 -8.01 12.60
C SER A 275 -26.97 -7.73 12.00
N GLU A 276 -25.91 -8.28 12.59
CA GLU A 276 -24.56 -8.16 12.06
C GLU A 276 -24.42 -8.82 10.68
N ILE A 277 -25.03 -9.99 10.45
CA ILE A 277 -25.01 -10.64 9.13
C ILE A 277 -25.81 -9.83 8.11
N GLN A 278 -27.00 -9.34 8.49
CA GLN A 278 -27.80 -8.46 7.64
C GLN A 278 -27.04 -7.20 7.24
N CYS A 279 -26.33 -6.55 8.17
CA CYS A 279 -25.52 -5.38 7.83
C CYS A 279 -24.24 -5.72 7.06
N LYS A 280 -23.56 -6.83 7.33
CA LYS A 280 -22.41 -7.28 6.54
C LYS A 280 -22.80 -7.51 5.08
N THR A 281 -23.88 -8.25 4.85
CA THR A 281 -24.39 -8.54 3.50
C THR A 281 -25.20 -7.39 2.89
N LYS A 282 -25.46 -6.31 3.64
CA LYS A 282 -26.35 -5.20 3.28
C LYS A 282 -27.70 -5.66 2.74
N SER A 283 -28.29 -6.69 3.35
CA SER A 283 -29.56 -7.29 2.92
C SER A 283 -30.42 -7.73 4.11
N LEU A 284 -31.74 -7.70 3.96
CA LEU A 284 -32.67 -8.10 5.03
C LEU A 284 -32.73 -9.62 5.21
N LEU A 285 -32.55 -10.38 4.14
CA LEU A 285 -32.51 -11.83 4.15
C LEU A 285 -31.20 -12.30 3.52
N PRO A 286 -30.14 -12.51 4.32
CA PRO A 286 -28.87 -13.04 3.85
C PRO A 286 -29.04 -14.37 3.10
N ASN A 287 -28.12 -14.70 2.21
CA ASN A 287 -28.08 -16.02 1.58
C ASN A 287 -27.84 -17.12 2.63
N THR A 288 -28.25 -18.36 2.36
CA THR A 288 -27.90 -19.49 3.22
C THR A 288 -26.39 -19.61 3.24
N GLY A 289 -25.78 -19.74 4.40
CA GLY A 289 -24.33 -19.86 4.52
C GLY A 289 -23.83 -19.78 5.94
N VAL A 290 -22.56 -20.08 6.13
CA VAL A 290 -21.88 -19.99 7.42
C VAL A 290 -21.15 -18.67 7.42
N TYR A 291 -21.46 -17.80 8.37
CA TYR A 291 -20.89 -16.48 8.52
C TYR A 291 -19.99 -16.46 9.75
N ASP A 292 -18.70 -16.22 9.56
CA ASP A 292 -17.82 -15.91 10.68
C ASP A 292 -18.01 -14.46 11.08
N LEU A 293 -18.54 -14.25 12.28
CA LEU A 293 -18.85 -12.92 12.78
C LEU A 293 -17.56 -12.22 13.22
N SER A 294 -17.65 -10.91 13.40
CA SER A 294 -16.54 -10.11 13.92
C SER A 294 -16.14 -10.59 15.31
N GLY A 295 -14.85 -10.55 15.59
CA GLY A 295 -14.32 -11.05 16.84
C GLY A 295 -14.71 -10.20 18.03
N PHE A 296 -14.95 -10.88 19.14
CA PHE A 296 -15.31 -10.28 20.42
C PHE A 296 -14.16 -10.55 21.39
N THR A 297 -13.99 -9.67 22.37
CA THR A 297 -13.04 -9.87 23.47
C THR A 297 -13.82 -9.88 24.77
N VAL A 298 -13.49 -10.78 25.69
CA VAL A 298 -14.15 -10.84 27.00
C VAL A 298 -13.94 -9.50 27.69
N LYS A 299 -15.02 -8.78 28.00
CA LYS A 299 -14.92 -7.47 28.63
C LYS A 299 -14.43 -7.59 30.08
N PRO A 300 -13.59 -6.66 30.56
CA PRO A 300 -13.11 -6.70 31.93
C PRO A 300 -14.22 -6.64 32.97
N VAL A 301 -14.09 -7.40 34.06
CA VAL A 301 -15.09 -7.44 35.15
C VAL A 301 -14.68 -6.61 36.36
N ALA A 302 -13.41 -6.22 36.44
CA ALA A 302 -12.83 -5.42 37.51
C ALA A 302 -11.62 -4.63 37.00
N THR A 303 -11.09 -3.74 37.82
CA THR A 303 -9.92 -2.93 37.50
C THR A 303 -8.84 -3.10 38.55
N VAL A 304 -7.60 -3.31 38.13
CA VAL A 304 -6.46 -3.45 39.01
C VAL A 304 -5.64 -2.17 38.89
N HIS A 305 -5.44 -1.46 39.99
CA HIS A 305 -4.68 -0.22 40.02
C HIS A 305 -3.62 -0.34 41.10
N ARG A 306 -2.36 -0.27 40.73
CA ARG A 306 -1.23 -0.40 41.66
C ARG A 306 -0.30 0.79 41.57
N ARG A 307 -0.01 1.40 42.72
CA ARG A 307 0.90 2.55 42.89
C ARG A 307 1.68 2.37 44.18
N ILE A 308 2.86 2.98 44.25
CA ILE A 308 3.67 2.93 45.48
C ILE A 308 2.99 3.85 46.50
N PRO A 309 2.62 3.36 47.69
CA PRO A 309 1.95 4.19 48.69
C PRO A 309 2.96 5.01 49.51
N ASP A 310 2.45 5.99 50.24
CA ASP A 310 3.20 6.85 51.16
C ASP A 310 4.31 7.72 50.56
N LEU A 311 4.25 8.02 49.25
CA LEU A 311 5.23 8.91 48.62
C LEU A 311 4.89 10.36 48.97
N PRO A 312 5.88 11.23 49.17
CA PRO A 312 5.63 12.63 49.52
C PRO A 312 5.09 13.43 48.34
N ASP A 313 4.55 14.62 48.60
CA ASP A 313 4.09 15.50 47.53
C ASP A 313 5.32 16.06 46.80
N CYS A 314 5.25 16.24 45.48
CA CYS A 314 6.39 16.75 44.72
C CYS A 314 6.70 18.22 45.02
N ASP A 315 5.72 19.03 45.46
CA ASP A 315 5.90 20.45 45.74
C ASP A 315 6.46 21.25 44.54
N ILE A 316 5.97 20.91 43.35
CA ILE A 316 6.39 21.55 42.10
C ILE A 316 5.99 23.03 42.11
N ASP A 317 4.80 23.34 42.60
CA ASP A 317 4.29 24.71 42.66
C ASP A 317 5.18 25.57 43.57
N LYS A 318 5.74 25.03 44.65
CA LYS A 318 6.61 25.79 45.56
C LYS A 318 7.88 26.24 44.83
N TRP A 319 8.46 25.37 44.01
CA TRP A 319 9.64 25.71 43.24
C TRP A 319 9.32 26.64 42.07
N LEU A 320 8.21 26.44 41.36
CA LEU A 320 7.81 27.33 40.28
C LEU A 320 7.40 28.72 40.77
N ASN A 321 6.77 28.83 41.94
CA ASN A 321 6.37 30.11 42.53
C ASN A 321 7.47 30.80 43.37
N ASN A 322 8.70 30.31 43.38
CA ASN A 322 9.80 30.99 44.07
C ASN A 322 10.07 32.36 43.43
N PHE A 323 10.18 33.42 44.24
CA PHE A 323 10.33 34.79 43.75
C PHE A 323 11.71 35.12 43.19
N ASN A 324 12.72 34.28 43.42
CA ASN A 324 14.06 34.45 42.88
C ASN A 324 14.10 33.79 41.49
N VAL A 325 13.50 34.42 40.49
CA VAL A 325 13.34 33.85 39.15
C VAL A 325 14.62 34.01 38.31
N PRO A 326 15.18 32.96 37.70
CA PRO A 326 16.37 33.08 36.85
C PRO A 326 16.05 33.63 35.46
N SER A 327 17.05 34.17 34.77
CA SER A 327 16.90 34.58 33.38
C SER A 327 17.14 33.39 32.45
N PRO A 328 16.77 33.44 31.16
CA PRO A 328 17.05 32.34 30.24
C PRO A 328 18.53 32.02 30.16
N LEU A 329 19.42 32.98 30.38
CA LEU A 329 20.86 32.76 30.33
C LEU A 329 21.31 31.76 31.39
N ASN A 330 20.74 31.84 32.59
CA ASN A 330 21.02 30.99 33.74
C ASN A 330 19.78 30.22 34.17
N TRP A 331 19.07 29.61 33.23
CA TRP A 331 17.87 28.84 33.53
C TRP A 331 18.17 27.79 34.60
N GLU A 332 17.25 27.63 35.55
CA GLU A 332 17.43 26.70 36.66
C GLU A 332 16.63 25.42 36.42
N ARG A 333 17.14 24.32 36.98
CA ARG A 333 16.56 22.99 36.86
C ARG A 333 16.27 22.35 38.21
N LYS A 334 15.13 21.68 38.32
CA LYS A 334 14.78 20.85 39.48
C LYS A 334 14.20 19.54 38.98
N ILE A 335 14.65 18.44 39.56
CA ILE A 335 14.20 17.10 39.19
C ILE A 335 13.27 16.58 40.27
N PHE A 336 12.10 16.13 39.87
CA PHE A 336 11.09 15.57 40.76
C PHE A 336 10.98 14.08 40.45
N SER A 337 11.14 13.26 41.47
CA SER A 337 11.04 11.80 41.37
C SER A 337 10.58 11.22 42.70
N ASN A 338 10.01 10.01 42.67
CA ASN A 338 9.53 9.33 43.88
C ASN A 338 8.57 10.17 44.73
N CYS A 339 7.66 10.88 44.07
CA CYS A 339 6.71 11.78 44.70
C CYS A 339 5.39 11.82 43.94
N ASN A 340 4.33 12.28 44.61
CA ASN A 340 3.01 12.42 44.04
C ASN A 340 2.71 13.88 43.71
N PHE A 341 2.07 14.12 42.58
CA PHE A 341 1.66 15.46 42.17
C PHE A 341 0.31 15.38 41.51
N ASN A 342 -0.38 16.48 41.32
CA ASN A 342 -1.58 16.46 40.51
C ASN A 342 -1.54 17.76 39.71
N LEU A 343 -1.72 17.63 38.40
CA LEU A 343 -1.63 18.74 37.47
C LEU A 343 -2.77 19.75 37.65
N SER A 344 -3.94 19.32 38.11
CA SER A 344 -5.07 20.23 38.33
C SER A 344 -4.75 21.29 39.39
N THR A 345 -4.23 20.91 40.57
CA THR A 345 -3.90 21.92 41.59
C THR A 345 -2.60 22.63 41.23
N LEU A 346 -1.67 21.99 40.52
CA LEU A 346 -0.42 22.63 40.12
C LEU A 346 -0.72 23.80 39.17
N LEU A 347 -1.59 23.61 38.18
CA LEU A 347 -1.98 24.64 37.24
C LEU A 347 -2.87 25.73 37.88
N ARG A 348 -3.35 25.54 39.12
CA ARG A 348 -4.09 26.54 39.89
C ARG A 348 -3.12 27.41 40.68
N LEU A 349 -2.31 26.78 41.53
CA LEU A 349 -1.34 27.44 42.41
C LEU A 349 -0.32 28.23 41.61
N VAL A 350 0.06 27.74 40.44
CA VAL A 350 0.93 28.44 39.51
C VAL A 350 -0.03 29.21 38.60
N HIS A 351 0.04 30.53 38.53
CA HIS A 351 -0.88 31.32 37.71
C HIS A 351 -0.56 31.14 36.23
N THR A 352 -1.02 30.04 35.65
CA THR A 352 -0.73 29.63 34.27
C THR A 352 -1.47 30.47 33.24
N ASP A 353 -0.70 30.92 32.24
CA ASP A 353 -1.14 31.56 31.02
C ASP A 353 -1.53 30.49 30.00
N SER A 354 -0.66 29.52 29.77
CA SER A 354 -0.79 28.47 28.77
C SER A 354 -0.04 27.21 29.18
N PHE A 355 -0.62 26.05 28.91
CA PHE A 355 -0.02 24.75 29.14
C PHE A 355 -0.29 23.86 27.93
N SER A 356 0.73 23.31 27.31
CA SER A 356 0.58 22.41 26.15
C SER A 356 1.71 21.40 26.15
N CYS A 357 1.53 20.26 25.48
CA CYS A 357 2.52 19.21 25.43
C CYS A 357 2.92 18.85 24.00
N ASN A 358 4.14 18.36 23.85
CA ASN A 358 4.75 17.91 22.61
C ASN A 358 5.10 16.44 22.77
N ASN A 359 4.77 15.60 21.78
CA ASN A 359 4.97 14.14 21.83
C ASN A 359 4.27 13.50 23.03
N PHE A 360 3.24 14.16 23.54
CA PHE A 360 2.40 13.78 24.66
C PHE A 360 1.18 14.69 24.67
N ASP A 361 0.19 14.40 25.52
CA ASP A 361 -0.99 15.23 25.70
C ASP A 361 -1.20 15.54 27.17
N GLU A 362 -1.62 16.76 27.50
CA GLU A 362 -1.85 17.14 28.89
C GLU A 362 -2.93 16.23 29.51
N SER A 363 -3.97 15.86 28.75
CA SER A 363 -5.04 15.02 29.29
C SER A 363 -4.54 13.62 29.65
N LYS A 364 -3.42 13.19 29.06
CA LYS A 364 -2.80 11.90 29.34
C LYS A 364 -1.86 11.97 30.54
N ILE A 365 -1.51 13.14 31.06
CA ILE A 365 -0.68 13.25 32.28
C ILE A 365 -1.49 12.81 33.49
N TYR A 366 -2.79 13.13 33.50
CA TYR A 366 -3.70 12.79 34.59
C TYR A 366 -3.72 11.29 34.85
N GLY A 367 -3.34 10.87 36.05
CA GLY A 367 -3.29 9.47 36.46
C GLY A 367 -2.06 8.68 35.98
N SER A 368 -1.17 9.27 35.19
CA SER A 368 0.03 8.60 34.66
C SER A 368 1.22 8.66 35.60
N CYS A 369 2.22 7.83 35.34
CA CYS A 369 3.46 7.77 36.09
C CYS A 369 4.66 7.99 35.17
N PHE A 370 5.70 8.60 35.73
CA PHE A 370 6.94 8.92 35.04
C PHE A 370 8.13 8.56 35.93
N LYS A 371 9.27 8.20 35.33
CA LYS A 371 10.50 7.90 36.09
C LYS A 371 10.90 9.15 36.86
N SER A 372 10.84 10.29 36.20
CA SER A 372 11.11 11.60 36.78
C SER A 372 10.48 12.68 35.91
N ILE A 373 10.24 13.83 36.51
CA ILE A 373 9.75 15.01 35.82
C ILE A 373 10.85 16.04 36.04
N VAL A 374 11.50 16.47 34.97
CA VAL A 374 12.58 17.45 35.05
C VAL A 374 12.03 18.79 34.62
N LEU A 375 12.08 19.78 35.51
CA LEU A 375 11.58 21.11 35.22
C LEU A 375 12.71 22.10 35.07
N ASP A 376 12.71 22.80 33.94
CA ASP A 376 13.64 23.88 33.65
C ASP A 376 12.83 25.17 33.60
N LYS A 377 13.22 26.23 34.31
CA LYS A 377 12.47 27.50 34.34
C LYS A 377 13.32 28.72 34.06
N PHE A 378 12.70 29.76 33.52
CA PHE A 378 13.27 31.10 33.43
C PHE A 378 12.20 32.17 33.19
N ALA A 379 12.48 33.41 33.57
CA ALA A 379 11.65 34.55 33.20
C ALA A 379 11.74 34.81 31.70
N ILE A 380 10.66 35.24 31.07
CA ILE A 380 10.61 35.50 29.63
C ILE A 380 10.86 36.99 29.38
N PRO A 381 11.91 37.40 28.66
CA PRO A 381 12.02 38.77 28.17
C PRO A 381 10.88 39.07 27.18
N ASN A 382 10.08 40.12 27.37
CA ASN A 382 8.84 40.34 26.63
C ASN A 382 8.97 40.25 25.10
N SER A 383 9.96 40.93 24.52
CA SER A 383 10.21 40.93 23.08
C SER A 383 10.64 39.58 22.51
N ARG A 384 11.04 38.63 23.37
CA ARG A 384 11.56 37.32 23.00
C ARG A 384 10.56 36.17 23.13
N ARG A 385 9.31 36.40 23.56
CA ARG A 385 8.36 35.30 23.82
C ARG A 385 8.11 34.39 22.61
N SER A 386 8.13 34.92 21.40
CA SER A 386 7.95 34.11 20.18
C SER A 386 9.11 33.13 19.94
N ASP A 387 10.28 33.33 20.56
CA ASP A 387 11.42 32.42 20.41
C ASP A 387 11.17 31.09 21.13
N LEU A 388 10.18 31.01 22.02
CA LEU A 388 9.85 29.78 22.75
C LEU A 388 8.93 28.84 21.95
N GLN A 389 8.55 29.19 20.72
CA GLN A 389 7.77 28.28 19.87
C GLN A 389 8.63 27.07 19.52
N LEU A 390 8.06 25.87 19.46
CA LEU A 390 8.82 24.66 19.18
C LEU A 390 9.49 24.72 17.81
N GLY A 391 10.77 24.37 17.76
CA GLY A 391 11.58 24.38 16.54
C GLY A 391 12.12 25.75 16.14
N SER A 392 11.84 26.82 16.91
CA SER A 392 12.31 28.16 16.60
C SER A 392 13.82 28.31 16.74
N SER A 393 14.44 29.05 15.83
CA SER A 393 15.88 29.33 15.82
C SER A 393 16.18 30.70 16.46
N GLY A 394 15.21 31.31 17.15
CA GLY A 394 15.39 32.62 17.79
C GLY A 394 16.46 32.62 18.88
N PHE A 395 16.74 33.77 19.45
CA PHE A 395 17.81 33.93 20.44
C PHE A 395 17.63 33.05 21.68
N LEU A 396 16.41 32.91 22.22
CA LEU A 396 16.24 32.10 23.41
C LEU A 396 16.61 30.63 23.17
N GLN A 397 16.23 30.02 22.05
CA GLN A 397 16.54 28.61 21.82
C GLN A 397 17.89 28.36 21.15
N SER A 398 18.44 29.32 20.41
CA SER A 398 19.74 29.12 19.78
C SER A 398 20.88 29.46 20.74
N SER A 399 20.63 30.29 21.76
CA SER A 399 21.67 30.78 22.68
C SER A 399 21.37 30.69 24.17
N ASN A 400 20.16 30.40 24.64
CA ASN A 400 19.88 30.34 26.08
C ASN A 400 19.40 28.98 26.59
N TYR A 401 18.33 28.45 26.01
CA TYR A 401 17.71 27.19 26.41
C TYR A 401 17.06 26.50 25.21
N LYS A 402 17.59 25.38 24.73
CA LYS A 402 16.99 24.66 23.60
C LYS A 402 15.90 23.72 24.12
N ILE A 403 14.67 23.90 23.66
CA ILE A 403 13.57 23.00 23.99
C ILE A 403 13.72 21.75 23.11
N ASP A 404 13.92 20.57 23.69
CA ASP A 404 14.02 19.35 22.91
C ASP A 404 12.68 18.93 22.32
N THR A 405 12.56 19.03 21.00
CA THR A 405 11.34 18.69 20.25
C THR A 405 11.20 17.19 20.02
N THR A 406 12.24 16.39 20.26
CA THR A 406 12.19 14.92 20.07
C THR A 406 11.67 14.20 21.31
N SER A 407 11.86 14.79 22.49
CA SER A 407 11.42 14.20 23.77
C SER A 407 9.95 14.48 24.07
N SER A 408 9.40 13.75 25.01
CA SER A 408 8.03 13.94 25.50
C SER A 408 8.10 15.06 26.54
N SER A 409 7.53 16.22 26.23
CA SER A 409 7.62 17.40 27.11
C SER A 409 6.40 18.29 27.10
N CYS A 410 6.26 19.15 28.11
CA CYS A 410 5.16 20.11 28.19
C CYS A 410 5.70 21.51 28.48
N GLN A 411 5.14 22.51 27.81
CA GLN A 411 5.55 23.90 27.90
C GLN A 411 4.55 24.61 28.80
N LEU A 412 5.00 25.13 29.94
CA LEU A 412 4.18 25.90 30.86
C LEU A 412 4.58 27.36 30.80
N TYR A 413 3.63 28.20 30.43
CA TYR A 413 3.74 29.65 30.56
C TYR A 413 2.89 30.07 31.74
N TYR A 414 3.49 30.83 32.64
CA TYR A 414 2.86 31.29 33.86
C TYR A 414 3.41 32.65 34.26
N SER A 415 2.91 33.24 35.35
CA SER A 415 3.42 34.53 35.80
C SER A 415 3.35 34.69 37.31
N LEU A 416 4.20 35.54 37.86
CA LEU A 416 4.24 35.90 39.28
C LEU A 416 3.97 37.40 39.45
N PRO A 417 3.41 37.84 40.58
CA PRO A 417 3.13 39.25 40.82
C PRO A 417 4.44 40.04 40.84
N ALA A 418 4.57 41.03 39.96
CA ALA A 418 5.86 41.65 39.68
C ALA A 418 6.51 42.27 40.92
N ILE A 419 5.73 42.87 41.81
CA ILE A 419 6.25 43.52 43.02
C ILE A 419 7.06 42.58 43.91
N ASN A 420 6.73 41.28 43.94
CA ASN A 420 7.47 40.30 44.74
C ASN A 420 8.62 39.61 43.99
N VAL A 421 8.68 39.66 42.66
CA VAL A 421 9.72 39.02 41.84
C VAL A 421 11.02 39.83 41.81
N THR A 422 12.16 39.14 41.96
CA THR A 422 13.50 39.66 41.75
C THR A 422 14.15 38.77 40.70
N ILE A 423 14.62 39.33 39.59
CA ILE A 423 15.27 38.53 38.53
C ILE A 423 16.72 38.28 38.88
N ASN A 424 17.13 37.01 38.86
CA ASN A 424 18.50 36.59 39.10
C ASN A 424 19.21 36.45 37.75
N ASN A 425 19.91 37.51 37.32
CA ASN A 425 20.68 37.51 36.09
C ASN A 425 22.09 37.07 36.45
N TYR A 426 22.54 35.93 35.94
CA TYR A 426 23.87 35.39 36.20
C TYR A 426 24.49 34.86 34.92
N ASN A 427 25.79 35.04 34.73
CA ASN A 427 26.47 34.51 33.56
C ASN A 427 27.09 33.16 33.91
N PRO A 428 26.58 32.03 33.39
CA PRO A 428 27.09 30.71 33.74
C PRO A 428 28.39 30.35 33.03
N SER A 429 28.86 31.15 32.07
CA SER A 429 30.09 30.86 31.34
C SER A 429 31.33 30.97 32.22
N SER A 430 32.14 29.91 32.27
CA SER A 430 33.37 29.91 33.06
C SER A 430 34.45 30.74 32.39
N TRP A 431 34.55 30.70 31.05
CA TRP A 431 35.58 31.47 30.36
C TRP A 431 35.28 32.96 30.38
N ASN A 432 34.01 33.38 30.39
CA ASN A 432 33.69 34.79 30.53
C ASN A 432 34.05 35.28 31.94
N ARG A 433 33.76 34.46 32.98
CA ARG A 433 34.03 34.85 34.37
C ARG A 433 35.52 34.89 34.67
N ARG A 434 36.33 34.00 34.09
CA ARG A 434 37.79 34.00 34.34
C ARG A 434 38.49 35.20 33.69
N TYR A 435 37.84 35.88 32.75
CA TYR A 435 38.41 37.02 32.02
C TYR A 435 37.72 38.36 32.29
N GLY A 436 37.12 38.55 33.47
CA GLY A 436 36.57 39.86 33.87
C GLY A 436 35.06 40.00 33.98
N PHE A 437 34.24 39.05 33.56
CA PHE A 437 32.80 39.20 33.71
C PHE A 437 32.41 38.86 35.14
N ASN A 438 31.87 39.81 35.89
CA ASN A 438 31.48 39.60 37.28
C ASN A 438 29.96 39.49 37.47
N ASN A 439 29.22 40.56 37.16
CA ASN A 439 27.77 40.61 37.32
C ASN A 439 27.13 41.64 36.38
N PHE A 440 25.83 41.56 36.22
CA PHE A 440 25.05 42.51 35.43
C PHE A 440 24.62 43.67 36.33
N ASN A 441 24.44 44.85 35.75
CA ASN A 441 23.99 46.04 36.46
C ASN A 441 22.72 46.54 35.76
N LEU A 442 21.58 45.97 36.15
CA LEU A 442 20.28 46.23 35.55
C LEU A 442 19.17 46.34 36.61
N SER A 443 17.97 46.72 36.19
CA SER A 443 16.81 46.86 37.07
C SER A 443 16.35 45.53 37.65
N SER A 444 15.43 45.58 38.62
CA SER A 444 14.92 44.39 39.32
C SER A 444 14.15 43.41 38.41
N HIS A 445 13.54 43.89 37.33
CA HIS A 445 12.74 43.08 36.40
C HIS A 445 13.33 42.93 35.00
N SER A 446 14.55 43.43 34.77
CA SER A 446 15.28 43.17 33.54
C SER A 446 15.77 41.73 33.49
N VAL A 447 15.49 41.04 32.39
CA VAL A 447 15.87 39.65 32.13
C VAL A 447 16.94 39.64 31.04
N VAL A 448 18.15 39.19 31.32
CA VAL A 448 19.20 39.06 30.31
C VAL A 448 18.98 37.84 29.43
N TYR A 449 19.34 37.94 28.16
CA TYR A 449 19.42 36.81 27.25
C TYR A 449 20.61 36.97 26.32
N SER A 450 21.26 35.86 26.03
CA SER A 450 22.34 35.82 25.06
C SER A 450 21.74 35.84 23.65
N ARG A 451 22.27 36.65 22.74
CA ARG A 451 21.86 36.64 21.33
C ARG A 451 22.74 35.62 20.61
N TYR A 452 24.05 35.62 20.91
CA TYR A 452 25.04 34.74 20.30
C TYR A 452 25.98 34.17 21.35
N CYS A 453 26.23 32.86 21.31
CA CYS A 453 27.14 32.19 22.23
C CYS A 453 28.41 31.77 21.51
N PHE A 454 29.54 31.94 22.18
CA PHE A 454 30.85 31.61 21.67
C PHE A 454 31.55 30.67 22.65
N SER A 455 32.09 29.60 22.10
CA SER A 455 32.81 28.58 22.82
C SER A 455 34.30 28.67 22.50
N VAL A 456 35.11 28.47 23.53
CA VAL A 456 36.57 28.45 23.48
C VAL A 456 37.08 27.25 24.28
N ASN A 457 38.22 26.69 23.92
CA ASN A 457 38.78 25.60 24.72
C ASN A 457 39.55 26.20 25.91
N ASN A 458 39.98 25.37 26.87
CA ASN A 458 40.65 25.87 28.07
C ASN A 458 42.01 26.56 27.82
N THR A 459 42.57 26.49 26.62
CA THR A 459 43.85 27.15 26.30
C THR A 459 43.66 28.59 25.79
N PHE A 460 42.42 29.09 25.72
CA PHE A 460 42.12 30.44 25.22
C PHE A 460 42.45 31.57 26.19
N CYS A 461 42.86 32.71 25.64
CA CYS A 461 43.14 33.95 26.33
C CYS A 461 42.88 35.11 25.36
N PRO A 462 42.10 36.14 25.73
CA PRO A 462 41.79 37.24 24.82
C PRO A 462 42.85 38.34 24.74
N CYS A 463 43.92 38.31 25.54
CA CYS A 463 44.94 39.36 25.53
C CYS A 463 46.14 39.02 24.64
N ALA A 464 46.73 40.03 24.01
CA ALA A 464 47.93 39.86 23.18
C ALA A 464 49.18 39.79 24.05
N LYS A 465 50.25 39.23 23.51
CA LYS A 465 51.54 39.08 24.20
C LYS A 465 52.15 40.45 24.43
N PRO A 466 52.56 40.81 25.67
CA PRO A 466 53.17 42.10 25.94
C PRO A 466 54.43 42.38 25.11
N SER A 467 55.28 41.38 24.88
CA SER A 467 56.48 41.55 24.07
C SER A 467 56.13 41.92 22.63
N PHE A 468 55.13 41.26 22.03
CA PHE A 468 54.66 41.58 20.68
C PHE A 468 54.05 42.98 20.61
N ALA A 469 53.16 43.32 21.57
CA ALA A 469 52.48 44.61 21.57
C ALA A 469 53.46 45.79 21.75
N SER A 470 54.57 45.59 22.47
CA SER A 470 55.57 46.64 22.68
C SER A 470 56.28 47.07 21.37
N SER A 471 56.23 46.23 20.33
CA SER A 471 56.88 46.48 19.03
C SER A 471 55.94 47.02 17.94
N CYS A 472 54.67 47.29 18.24
CA CYS A 472 53.71 47.79 17.27
C CYS A 472 53.79 49.31 17.07
N LYS A 473 54.04 49.75 15.83
CA LYS A 473 54.12 51.18 15.45
C LYS A 473 52.73 51.82 15.39
N SER A 474 51.76 51.09 14.87
CA SER A 474 50.34 51.48 14.73
C SER A 474 49.43 50.29 15.01
N HIS A 475 48.18 50.55 15.37
CA HIS A 475 47.18 49.51 15.71
C HIS A 475 47.70 48.56 16.79
N LYS A 476 48.33 49.12 17.82
CA LYS A 476 48.88 48.34 18.94
C LYS A 476 47.74 47.69 19.71
N PRO A 477 47.73 46.35 19.85
CA PRO A 477 46.68 45.68 20.59
C PRO A 477 46.93 45.79 22.09
N PRO A 478 45.91 45.85 22.94
CA PRO A 478 46.10 45.86 24.38
C PRO A 478 46.72 44.52 24.80
N SER A 479 47.55 44.53 25.84
CA SER A 479 48.27 43.35 26.32
C SER A 479 48.22 43.21 27.83
N ALA A 480 48.45 41.98 28.29
CA ALA A 480 48.50 41.58 29.69
C ALA A 480 49.06 40.15 29.76
N SER A 481 49.30 39.64 30.96
CA SER A 481 49.75 38.27 31.16
C SER A 481 48.57 37.30 31.04
N CYS A 482 48.71 36.26 30.23
CA CYS A 482 47.68 35.24 30.09
C CYS A 482 47.91 34.14 31.15
N PRO A 483 46.87 33.44 31.62
CA PRO A 483 47.02 32.38 32.62
C PRO A 483 47.90 31.22 32.15
N ILE A 484 48.47 30.48 33.10
CA ILE A 484 49.31 29.32 32.79
C ILE A 484 48.51 28.28 32.01
N GLY A 485 49.10 27.71 30.97
CA GLY A 485 48.43 26.72 30.11
C GLY A 485 47.57 27.32 29.00
N THR A 486 47.62 28.64 28.80
CA THR A 486 46.86 29.33 27.76
C THR A 486 47.78 30.02 26.76
N ASN A 487 47.32 30.14 25.51
CA ASN A 487 48.04 30.78 24.43
C ASN A 487 47.56 32.21 24.26
N TYR A 488 48.48 33.14 24.01
CA TYR A 488 48.15 34.55 23.82
C TYR A 488 47.38 34.76 22.51
N ARG A 489 46.72 35.91 22.39
CA ARG A 489 45.94 36.29 21.21
C ARG A 489 46.83 36.30 19.96
N SER A 490 46.40 35.64 18.89
CA SER A 490 47.16 35.57 17.65
C SER A 490 47.21 36.93 16.96
N CYS A 491 48.42 37.42 16.69
CA CYS A 491 48.68 38.69 16.04
C CYS A 491 49.89 38.58 15.11
N GLU A 492 49.94 39.42 14.08
CA GLU A 492 51.00 39.47 13.07
C GLU A 492 51.53 40.88 12.85
N SER A 493 52.82 40.99 12.53
CA SER A 493 53.50 42.26 12.25
C SER A 493 53.45 42.54 10.75
N THR A 494 52.37 43.19 10.31
CA THR A 494 52.15 43.58 8.91
C THR A 494 52.92 44.87 8.60
N THR A 495 54.20 44.74 8.26
CA THR A 495 55.09 45.87 7.96
C THR A 495 54.83 46.51 6.60
N VAL A 496 53.63 47.06 6.40
CA VAL A 496 53.23 47.74 5.17
C VAL A 496 53.86 49.13 5.17
N LEU A 497 54.61 49.48 4.11
CA LEU A 497 55.37 50.73 4.02
C LEU A 497 54.62 51.95 3.47
N ASP A 498 53.85 51.81 2.39
CA ASP A 498 53.11 52.94 1.79
C ASP A 498 52.00 53.47 2.71
N HIS A 499 51.45 52.62 3.57
CA HIS A 499 50.46 52.95 4.60
C HIS A 499 50.74 52.03 5.79
N THR A 500 51.11 52.60 6.94
CA THR A 500 51.52 51.82 8.11
C THR A 500 50.40 51.29 9.01
N ASP A 501 49.87 50.12 8.67
CA ASP A 501 48.96 49.32 9.52
C ASP A 501 49.88 48.20 10.04
N TRP A 502 50.75 48.54 11.00
CA TRP A 502 51.81 47.66 11.48
C TRP A 502 51.39 46.35 12.18
N CYS A 503 50.34 46.36 13.00
CA CYS A 503 49.91 45.17 13.72
C CYS A 503 48.45 44.80 13.44
N ARG A 504 48.20 43.51 13.17
CA ARG A 504 46.87 42.95 12.95
C ARG A 504 46.67 41.75 13.87
N CYS A 505 45.48 41.57 14.41
CA CYS A 505 45.16 40.47 15.32
C CYS A 505 43.87 39.76 14.89
N SER A 506 43.60 38.60 15.49
CA SER A 506 42.40 37.82 15.18
C SER A 506 41.13 38.43 15.79
N CYS A 507 39.98 37.89 15.39
CA CYS A 507 38.65 38.31 15.85
C CYS A 507 38.35 39.80 15.59
N LEU A 508 38.70 40.30 14.41
CA LEU A 508 38.47 41.69 14.01
C LEU A 508 37.25 41.77 13.06
N PRO A 509 36.34 42.74 13.25
CA PRO A 509 36.34 43.77 14.30
C PRO A 509 36.04 43.25 15.70
N ASP A 510 35.19 42.23 15.79
CA ASP A 510 34.75 41.54 17.00
C ASP A 510 34.27 40.13 16.59
N PRO A 511 34.13 39.14 17.49
CA PRO A 511 33.66 37.81 17.11
C PRO A 511 32.25 37.83 16.51
N ILE A 512 31.42 38.82 16.86
CA ILE A 512 30.06 38.96 16.34
C ILE A 512 30.09 39.18 14.83
N THR A 513 30.98 40.03 14.34
CA THR A 513 31.09 40.40 12.93
C THR A 513 32.47 40.14 12.33
N ALA A 514 33.19 39.12 12.80
CA ALA A 514 34.54 38.83 12.34
C ALA A 514 34.61 38.56 10.84
N TYR A 515 35.58 39.15 10.14
CA TYR A 515 35.73 38.96 8.70
C TYR A 515 36.04 37.52 8.34
N ASP A 516 36.90 36.85 9.10
CA ASP A 516 37.28 35.45 8.92
C ASP A 516 37.05 34.68 10.23
N PRO A 517 35.88 34.06 10.42
CA PRO A 517 35.56 33.32 11.62
C PRO A 517 36.49 32.15 11.94
N ARG A 518 37.13 31.52 10.94
CA ARG A 518 38.04 30.39 11.19
C ARG A 518 39.27 30.81 12.00
N SER A 519 39.86 31.96 11.70
CA SER A 519 41.05 32.45 12.42
C SER A 519 40.74 32.95 13.84
N CYS A 520 39.49 33.30 14.13
CA CYS A 520 39.07 33.74 15.44
C CYS A 520 38.97 32.54 16.40
N SER A 521 39.60 32.59 17.57
CA SER A 521 39.57 31.47 18.53
C SER A 521 38.21 31.29 19.22
N GLN A 522 37.34 32.31 19.21
CA GLN A 522 35.99 32.25 19.75
C GLN A 522 35.09 31.71 18.63
N LYS A 523 34.51 30.53 18.82
CA LYS A 523 33.68 29.86 17.80
C LYS A 523 32.21 29.88 18.15
N LYS A 524 31.35 30.25 17.19
CA LYS A 524 29.89 30.26 17.37
C LYS A 524 29.45 28.87 17.82
N SER A 525 28.62 28.81 18.83
CA SER A 525 28.09 27.55 19.36
C SER A 525 26.61 27.70 19.70
N LEU A 526 25.77 26.83 19.14
CA LEU A 526 24.35 26.81 19.48
C LEU A 526 24.22 26.01 20.77
N VAL A 527 23.37 26.43 21.71
CA VAL A 527 23.22 25.66 22.95
C VAL A 527 22.56 24.32 22.65
N GLY A 528 23.13 23.23 23.15
CA GLY A 528 22.55 21.90 22.98
C GLY A 528 21.42 21.68 23.98
N VAL A 529 20.77 20.53 23.93
CA VAL A 529 19.69 20.20 24.86
C VAL A 529 20.27 20.09 26.27
N GLY A 530 19.70 20.82 27.22
CA GLY A 530 20.16 20.80 28.60
C GLY A 530 21.41 21.64 28.89
N GLU A 531 21.96 22.34 27.90
CA GLU A 531 23.15 23.19 28.08
C GLU A 531 22.81 24.67 28.30
N HIS A 532 23.72 25.39 28.92
CA HIS A 532 23.64 26.84 29.10
C HIS A 532 24.51 27.51 28.04
N CYS A 533 24.45 28.84 27.91
CA CYS A 533 25.28 29.54 26.93
C CYS A 533 26.77 29.31 27.22
N ALA A 534 27.57 29.01 26.18
CA ALA A 534 29.00 28.77 26.34
C ALA A 534 29.73 30.03 26.85
N GLY A 535 29.23 31.20 26.48
CA GLY A 535 29.73 32.50 26.86
C GLY A 535 29.48 33.56 25.80
N PHE A 536 29.44 34.81 26.21
CA PHE A 536 29.31 35.95 25.34
C PHE A 536 30.62 36.17 24.59
N GLY A 537 30.56 36.56 23.31
CA GLY A 537 31.77 36.86 22.57
C GLY A 537 32.45 38.09 23.15
N VAL A 538 33.77 38.12 23.20
CA VAL A 538 34.52 39.25 23.74
C VAL A 538 35.24 40.02 22.66
N ASP A 539 35.11 41.33 22.70
CA ASP A 539 35.86 42.24 21.84
C ASP A 539 37.28 42.24 22.38
N GLU A 540 38.17 41.49 21.73
CA GLU A 540 39.54 41.36 22.20
C GLU A 540 40.33 42.68 22.16
N GLU A 541 39.85 43.71 21.46
CA GLU A 541 40.48 45.03 21.47
C GLU A 541 40.19 45.76 22.80
N LYS A 542 39.33 45.21 23.65
CA LYS A 542 38.96 45.71 24.99
C LYS A 542 39.44 44.82 26.13
N CYS A 543 40.29 43.83 25.85
CA CYS A 543 40.85 42.91 26.84
C CYS A 543 42.31 43.28 27.10
N GLY A 544 42.70 43.46 28.36
CA GLY A 544 44.05 43.91 28.70
C GLY A 544 44.14 45.43 28.59
N VAL A 545 45.34 46.00 28.70
CA VAL A 545 45.56 47.45 28.60
C VAL A 545 46.69 47.80 27.64
N LEU A 546 46.69 49.02 27.10
CA LEU A 546 47.79 49.44 26.21
C LEU A 546 49.10 49.47 27.01
N ASP A 547 50.16 48.92 26.43
CA ASP A 547 51.49 48.81 27.07
C ASP A 547 51.46 48.00 28.39
N GLY A 548 50.46 47.14 28.58
CA GLY A 548 50.33 46.31 29.78
C GLY A 548 51.38 45.20 29.78
N SER A 549 52.23 45.17 30.81
CA SER A 549 53.31 44.18 30.94
C SER A 549 52.78 42.87 31.56
N TYR A 550 53.68 41.93 31.87
CA TYR A 550 53.41 40.63 32.45
C TYR A 550 52.97 40.70 33.92
N ASN A 551 53.01 41.87 34.56
CA ASN A 551 52.57 42.08 35.93
C ASN A 551 51.07 42.41 36.02
N VAL A 552 50.36 42.49 34.88
CA VAL A 552 48.92 42.76 34.79
C VAL A 552 48.22 41.48 34.33
N SER A 553 47.20 41.00 35.06
CA SER A 553 46.45 39.80 34.65
C SER A 553 45.50 40.13 33.51
N CYS A 554 45.27 39.20 32.59
CA CYS A 554 44.36 39.44 31.47
C CYS A 554 42.89 39.55 31.94
N LEU A 555 42.28 40.71 31.76
CA LEU A 555 40.89 40.99 32.10
C LEU A 555 40.26 41.84 31.00
N CYS A 556 38.96 41.72 30.79
CA CYS A 556 38.21 42.47 29.80
C CYS A 556 37.21 43.41 30.49
N SER A 557 37.01 44.61 29.95
CA SER A 557 36.07 45.56 30.52
C SER A 557 34.62 45.06 30.35
N THR A 558 33.67 45.61 31.10
CA THR A 558 32.27 45.17 31.02
C THR A 558 31.65 45.36 29.64
N ASP A 559 32.07 46.37 28.89
CA ASP A 559 31.58 46.63 27.54
C ASP A 559 32.26 45.73 26.48
N ALA A 560 33.28 44.95 26.86
CA ALA A 560 33.94 44.03 25.94
C ALA A 560 33.07 42.81 25.64
N PHE A 561 32.15 42.43 26.54
CA PHE A 561 31.27 41.28 26.35
C PHE A 561 30.09 41.72 25.49
N LEU A 562 29.98 41.13 24.31
CA LEU A 562 29.00 41.46 23.28
C LEU A 562 28.00 40.32 23.04
N GLY A 563 27.07 40.55 22.11
CA GLY A 563 26.10 39.53 21.72
C GLY A 563 25.06 39.17 22.77
N TRP A 564 24.70 40.07 23.67
CA TRP A 564 23.68 39.85 24.69
C TRP A 564 22.81 41.08 24.85
N SER A 565 21.60 40.88 25.33
CA SER A 565 20.64 41.94 25.54
C SER A 565 19.79 41.63 26.76
N TYR A 566 18.84 42.50 27.07
CA TYR A 566 17.86 42.29 28.12
C TYR A 566 16.53 42.94 27.74
N ASP A 567 15.46 42.48 28.38
CA ASP A 567 14.15 43.11 28.32
C ASP A 567 13.42 42.89 29.65
N THR A 568 12.40 43.66 29.94
CA THR A 568 11.55 43.37 31.11
C THR A 568 10.74 42.08 30.88
N CYS A 569 10.44 41.33 31.94
CA CYS A 569 9.42 40.29 31.89
C CYS A 569 8.02 40.77 32.26
N VAL A 570 7.87 42.02 32.70
CA VAL A 570 6.60 42.51 33.25
C VAL A 570 5.61 42.85 32.14
N SER A 571 4.38 42.37 32.27
CA SER A 571 3.21 42.92 31.60
C SER A 571 2.01 42.84 32.56
N ASN A 572 1.11 43.83 32.54
CA ASN A 572 -0.06 43.90 33.43
C ASN A 572 0.26 43.59 34.90
N ASN A 573 1.33 44.18 35.43
CA ASN A 573 1.82 44.00 36.81
C ASN A 573 2.28 42.58 37.19
N ARG A 574 2.54 41.68 36.23
CA ARG A 574 3.06 40.32 36.49
C ARG A 574 4.29 40.04 35.63
N CYS A 575 5.30 39.39 36.19
CA CYS A 575 6.44 38.89 35.42
C CYS A 575 6.09 37.58 34.73
N ASN A 576 6.18 37.51 33.40
CA ASN A 576 5.95 36.29 32.63
C ASN A 576 7.13 35.32 32.73
N ILE A 577 6.86 34.03 32.95
CA ILE A 577 7.82 32.99 33.25
C ILE A 577 7.49 31.75 32.43
N PHE A 578 8.51 31.07 31.93
CA PHE A 578 8.43 29.83 31.21
C PHE A 578 8.98 28.70 32.05
N SER A 579 8.39 27.51 31.95
CA SER A 579 9.09 26.29 32.30
C SER A 579 8.77 25.15 31.33
N ASN A 580 9.78 24.31 31.11
CA ASN A 580 9.66 23.12 30.29
C ASN A 580 9.65 21.90 31.22
N PHE A 581 8.61 21.08 31.10
CA PHE A 581 8.41 19.83 31.80
C PHE A 581 8.93 18.72 30.92
N ILE A 582 10.03 18.10 31.28
CA ILE A 582 10.59 16.98 30.55
C ILE A 582 10.07 15.74 31.26
N LEU A 583 9.31 14.91 30.56
CA LEU A 583 8.72 13.69 31.11
C LEU A 583 9.63 12.51 30.77
N ASN A 584 10.35 11.96 31.74
CA ASN A 584 11.26 10.84 31.53
C ASN A 584 10.60 9.52 31.90
N GLY A 585 10.82 8.49 31.11
CA GLY A 585 10.28 7.15 31.38
C GLY A 585 8.77 7.16 31.43
N ILE A 586 8.15 7.45 30.30
CA ILE A 586 6.70 7.53 30.14
C ILE A 586 6.02 6.23 30.57
N ASN A 587 4.94 6.35 31.33
CA ASN A 587 4.12 5.22 31.80
C ASN A 587 4.92 4.18 32.60
N SER A 588 5.78 4.65 33.50
CA SER A 588 6.60 3.83 34.38
C SER A 588 7.11 4.67 35.56
N GLY A 589 7.98 4.14 36.42
CA GLY A 589 8.52 4.91 37.52
C GLY A 589 7.53 5.20 38.66
N THR A 590 7.90 6.15 39.50
CA THR A 590 7.15 6.51 40.72
C THR A 590 6.75 7.98 40.83
N THR A 591 6.95 8.79 39.79
CA THR A 591 6.50 10.20 39.80
C THR A 591 5.11 10.13 39.20
N CYS A 592 4.09 9.99 40.04
CA CYS A 592 2.74 9.73 39.56
C CYS A 592 1.75 10.85 39.84
N SER A 593 0.82 11.03 38.90
CA SER A 593 -0.26 11.99 39.02
C SER A 593 -1.42 11.38 39.80
N ASN A 594 -1.98 12.14 40.75
CA ASN A 594 -3.13 11.76 41.57
C ASN A 594 -4.44 12.43 41.08
N ASP A 595 -4.47 12.96 39.86
CA ASP A 595 -5.64 13.70 39.35
C ASP A 595 -6.92 12.90 39.15
N LEU A 596 -6.84 11.58 38.88
CA LEU A 596 -8.02 10.76 38.63
C LEU A 596 -8.66 10.15 39.89
N LEU A 597 -8.11 10.36 41.08
CA LEU A 597 -8.63 9.82 42.35
C LEU A 597 -8.78 8.28 42.31
N GLN A 598 -7.98 7.57 41.53
CA GLN A 598 -8.09 6.11 41.41
C GLN A 598 -7.50 5.48 42.68
N PRO A 599 -8.27 4.76 43.50
CA PRO A 599 -7.74 4.14 44.70
C PRO A 599 -6.88 2.93 44.34
N ASN A 600 -5.95 2.59 45.21
CA ASN A 600 -5.10 1.41 45.03
C ASN A 600 -5.94 0.15 45.31
N THR A 601 -5.90 -0.83 44.43
CA THR A 601 -6.67 -2.08 44.55
C THR A 601 -5.76 -3.29 44.61
N GLU A 602 -6.25 -4.41 45.13
CA GLU A 602 -5.45 -5.64 45.17
C GLU A 602 -5.37 -6.23 43.75
N VAL A 603 -4.39 -7.10 43.50
CA VAL A 603 -4.26 -7.73 42.17
C VAL A 603 -5.30 -8.84 42.06
N PHE A 604 -6.46 -8.56 41.46
CA PHE A 604 -7.50 -9.56 41.27
C PHE A 604 -7.03 -10.64 40.29
N THR A 605 -7.18 -11.91 40.61
CA THR A 605 -6.72 -13.03 39.78
C THR A 605 -7.87 -13.82 39.17
N ASP A 606 -7.53 -14.61 38.16
CA ASP A 606 -8.41 -15.54 37.45
C ASP A 606 -9.56 -14.92 36.63
N VAL A 607 -9.63 -13.60 36.51
CA VAL A 607 -10.67 -12.89 35.75
C VAL A 607 -10.06 -11.83 34.85
N CYS A 608 -10.73 -11.49 33.75
CA CYS A 608 -10.26 -10.45 32.84
C CYS A 608 -10.42 -9.08 33.50
N VAL A 609 -9.36 -8.28 33.59
CA VAL A 609 -9.38 -6.97 34.23
C VAL A 609 -8.62 -5.91 33.46
N ASP A 610 -9.06 -4.65 33.58
CA ASP A 610 -8.29 -3.51 33.10
C ASP A 610 -7.21 -3.31 34.17
N TYR A 611 -5.93 -3.26 33.82
CA TYR A 611 -4.88 -3.09 34.81
C TYR A 611 -4.02 -1.87 34.53
N ASP A 612 -3.54 -1.28 35.61
CA ASP A 612 -2.61 -0.18 35.68
C ASP A 612 -1.59 -0.53 36.77
N LEU A 613 -0.54 -1.22 36.36
CA LEU A 613 0.53 -1.70 37.22
C LEU A 613 1.68 -0.70 37.22
N TYR A 614 1.65 0.27 38.12
CA TYR A 614 2.71 1.27 38.25
C TYR A 614 3.01 1.99 36.92
N GLY A 615 1.95 2.35 36.19
CA GLY A 615 2.04 3.01 34.90
C GLY A 615 1.85 2.09 33.70
N ILE A 616 2.06 0.78 33.85
CA ILE A 616 1.91 -0.17 32.74
C ILE A 616 0.44 -0.53 32.65
N THR A 617 -0.19 -0.23 31.52
CA THR A 617 -1.62 -0.47 31.33
C THR A 617 -1.92 -1.51 30.28
N GLY A 618 -3.08 -2.15 30.40
CA GLY A 618 -3.52 -3.17 29.48
C GLY A 618 -4.76 -3.91 29.98
N GLN A 619 -5.10 -4.98 29.29
CA GLN A 619 -6.14 -5.93 29.71
C GLN A 619 -5.56 -7.32 29.75
N GLY A 620 -5.98 -8.12 30.72
CA GLY A 620 -5.49 -9.48 30.86
C GLY A 620 -6.07 -10.16 32.09
N ILE A 621 -5.60 -11.37 32.31
CA ILE A 621 -5.97 -12.23 33.42
C ILE A 621 -4.70 -12.47 34.23
N PHE A 622 -4.75 -12.23 35.53
CA PHE A 622 -3.62 -12.45 36.42
C PHE A 622 -3.72 -13.82 37.07
N LYS A 623 -2.59 -14.53 37.16
CA LYS A 623 -2.49 -15.82 37.83
C LYS A 623 -1.29 -15.77 38.75
N GLU A 624 -1.48 -15.86 40.05
CA GLU A 624 -0.36 -15.84 40.99
C GLU A 624 0.46 -17.13 40.85
N VAL A 625 1.78 -16.99 40.87
CA VAL A 625 2.75 -18.09 40.76
C VAL A 625 3.87 -17.88 41.77
N SER A 626 4.65 -18.91 42.07
CA SER A 626 5.81 -18.82 42.95
C SER A 626 7.08 -18.66 42.09
N ALA A 627 7.18 -17.56 41.34
CA ALA A 627 8.31 -17.34 40.46
C ALA A 627 9.61 -17.11 41.23
N VAL A 628 10.71 -17.70 40.73
CA VAL A 628 12.05 -17.58 41.32
C VAL A 628 13.06 -16.89 40.40
N TYR A 629 12.64 -16.48 39.21
CA TYR A 629 13.51 -15.83 38.22
C TYR A 629 13.66 -14.32 38.39
N TYR A 630 12.92 -13.68 39.29
CA TYR A 630 13.08 -12.24 39.51
C TYR A 630 14.25 -11.97 40.45
N ASN A 631 15.33 -11.37 39.95
CA ASN A 631 16.44 -10.99 40.81
C ASN A 631 16.10 -9.69 41.56
N SER A 632 17.02 -9.16 42.36
CA SER A 632 16.76 -7.94 43.16
C SER A 632 16.43 -6.71 42.32
N TRP A 633 16.98 -6.58 41.11
CA TRP A 633 16.75 -5.44 40.23
C TRP A 633 15.64 -5.65 39.19
N GLN A 634 14.95 -6.79 39.19
CA GLN A 634 13.94 -7.13 38.18
C GLN A 634 12.51 -7.14 38.72
N ASN A 635 11.57 -6.62 37.94
CA ASN A 635 10.15 -6.52 38.30
C ASN A 635 9.18 -6.96 37.21
N LEU A 636 9.62 -7.13 35.96
CA LEU A 636 8.75 -7.47 34.84
C LEU A 636 9.24 -8.65 34.02
N LEU A 637 8.34 -9.46 33.49
CA LEU A 637 8.62 -10.61 32.64
C LEU A 637 8.12 -10.28 31.24
N TYR A 638 8.98 -10.44 30.24
CA TYR A 638 8.71 -10.15 28.85
C TYR A 638 8.85 -11.38 27.95
N ASP A 639 8.04 -11.43 26.91
CA ASP A 639 8.14 -12.50 25.91
C ASP A 639 9.11 -12.05 24.80
N SER A 640 9.34 -12.89 23.79
CA SER A 640 10.26 -12.57 22.70
C SER A 640 9.80 -11.37 21.86
N ASN A 641 8.50 -11.06 21.84
CA ASN A 641 7.92 -9.97 21.08
C ASN A 641 7.87 -8.63 21.81
N GLY A 642 8.30 -8.58 23.08
CA GLY A 642 8.30 -7.33 23.84
C GLY A 642 7.02 -7.06 24.64
N ASN A 643 6.10 -8.02 24.76
CA ASN A 643 4.88 -7.84 25.56
C ASN A 643 5.15 -8.22 27.02
N ILE A 644 4.47 -7.58 27.95
CA ILE A 644 4.60 -7.91 29.37
C ILE A 644 3.72 -9.15 29.57
N ILE A 645 4.30 -10.24 30.06
CA ILE A 645 3.58 -11.51 30.30
C ILE A 645 3.60 -11.91 31.77
N GLY A 646 4.16 -11.08 32.64
CA GLY A 646 4.24 -11.34 34.07
C GLY A 646 4.91 -10.21 34.81
N PHE A 647 4.69 -10.10 36.12
CA PHE A 647 5.31 -9.06 36.92
C PHE A 647 5.42 -9.46 38.39
N LYS A 648 6.33 -8.81 39.12
CA LYS A 648 6.48 -8.95 40.56
C LYS A 648 5.98 -7.63 41.13
N ASP A 649 4.95 -7.68 41.96
CA ASP A 649 4.38 -6.47 42.56
C ASP A 649 5.39 -5.79 43.48
N PHE A 650 5.59 -4.48 43.35
CA PHE A 650 6.56 -3.74 44.16
C PHE A 650 6.26 -3.71 45.66
N VAL A 651 4.98 -3.64 46.03
CA VAL A 651 4.56 -3.55 47.43
C VAL A 651 4.52 -4.90 48.15
N THR A 652 3.82 -5.88 47.57
CA THR A 652 3.64 -7.22 48.19
C THR A 652 4.67 -8.27 47.81
N ASN A 653 5.54 -8.02 46.83
CA ASN A 653 6.52 -8.98 46.29
C ASN A 653 5.88 -10.23 45.67
N LYS A 654 4.55 -10.27 45.53
CA LYS A 654 3.84 -11.40 44.92
C LYS A 654 4.08 -11.39 43.42
N THR A 655 4.29 -12.56 42.84
CA THR A 655 4.58 -12.74 41.41
C THR A 655 3.40 -13.30 40.66
N TYR A 656 3.11 -12.74 39.49
CA TYR A 656 1.98 -13.15 38.68
C TYR A 656 2.33 -13.31 37.21
N ASN A 657 1.58 -14.17 36.54
CA ASN A 657 1.61 -14.35 35.11
C ASN A 657 0.42 -13.57 34.57
N ILE A 658 0.60 -12.90 33.45
CA ILE A 658 -0.43 -12.12 32.77
C ILE A 658 -0.76 -12.86 31.49
N PHE A 659 -2.03 -13.22 31.31
CA PHE A 659 -2.53 -13.90 30.13
C PHE A 659 -3.51 -12.97 29.42
N PRO A 660 -3.53 -12.95 28.09
CA PRO A 660 -4.47 -12.09 27.37
C PRO A 660 -5.90 -12.54 27.63
N CYS A 661 -6.85 -11.60 27.71
CA CYS A 661 -8.25 -11.97 27.87
C CYS A 661 -8.69 -12.73 26.62
N TYR A 662 -9.63 -13.66 26.75
CA TYR A 662 -10.05 -14.44 25.60
C TYR A 662 -10.65 -13.58 24.49
N ALA A 663 -10.20 -13.82 23.26
CA ALA A 663 -10.76 -13.19 22.08
C ALA A 663 -11.02 -14.26 21.03
N GLY A 664 -12.15 -14.19 20.35
CA GLY A 664 -12.55 -15.17 19.37
C GLY A 664 -13.73 -14.71 18.54
N ARG A 665 -14.20 -15.60 17.65
CA ARG A 665 -15.29 -15.39 16.70
C ARG A 665 -16.42 -16.37 16.94
N VAL A 666 -17.63 -16.02 16.52
CA VAL A 666 -18.78 -16.90 16.54
C VAL A 666 -19.05 -17.28 15.10
N SER A 667 -19.14 -18.58 14.81
CA SER A 667 -19.46 -19.08 13.48
C SER A 667 -20.96 -19.28 13.42
N ALA A 668 -21.68 -18.42 12.73
CA ALA A 668 -23.13 -18.47 12.65
C ALA A 668 -23.59 -19.15 11.37
N ALA A 669 -24.34 -20.24 11.49
CA ALA A 669 -24.90 -20.96 10.37
C ALA A 669 -26.34 -20.48 10.18
N PHE A 670 -26.65 -19.93 9.01
CA PHE A 670 -27.97 -19.37 8.68
C PHE A 670 -28.57 -20.05 7.46
N HIS A 671 -29.82 -20.47 7.56
CA HIS A 671 -30.59 -20.98 6.43
C HIS A 671 -31.61 -19.92 6.06
N GLN A 672 -31.79 -19.65 4.78
CA GLN A 672 -32.68 -18.61 4.28
C GLN A 672 -34.15 -18.78 4.73
N ASN A 673 -34.58 -20.01 5.03
CA ASN A 673 -35.94 -20.31 5.47
C ASN A 673 -36.13 -20.19 6.99
N ALA A 674 -35.05 -20.02 7.76
CA ALA A 674 -35.11 -19.95 9.21
C ALA A 674 -35.34 -18.52 9.73
N SER A 675 -35.86 -18.44 10.95
CA SER A 675 -36.11 -17.18 11.67
C SER A 675 -35.07 -16.94 12.78
N SER A 676 -34.01 -17.75 12.82
CA SER A 676 -32.93 -17.69 13.78
C SER A 676 -31.60 -18.22 13.20
N LEU A 677 -30.54 -18.23 14.00
CA LEU A 677 -29.18 -18.69 13.68
C LEU A 677 -28.79 -19.91 14.51
N ALA A 678 -27.94 -20.77 13.96
CA ALA A 678 -27.29 -21.84 14.70
C ALA A 678 -25.90 -21.31 14.96
N LEU A 679 -25.46 -21.17 16.21
CA LEU A 679 -24.17 -20.58 16.53
C LEU A 679 -23.16 -21.63 16.97
N LEU A 680 -21.95 -21.55 16.46
CA LEU A 680 -20.86 -22.42 16.85
C LEU A 680 -19.72 -21.58 17.42
N TYR A 681 -19.45 -21.75 18.71
CA TYR A 681 -18.32 -21.10 19.38
C TYR A 681 -17.19 -22.11 19.23
N ARG A 682 -16.37 -21.94 18.20
CA ARG A 682 -15.34 -22.92 17.87
C ARG A 682 -14.31 -23.07 18.98
N ASN A 683 -14.06 -24.31 19.35
CA ASN A 683 -13.11 -24.77 20.38
C ASN A 683 -13.40 -24.29 21.81
N LEU A 684 -14.63 -23.91 22.11
CA LEU A 684 -15.03 -23.45 23.44
C LEU A 684 -16.07 -24.40 24.02
N LYS A 685 -15.88 -24.84 25.26
CA LYS A 685 -16.87 -25.68 25.93
C LYS A 685 -18.07 -24.80 26.31
N CYS A 686 -19.27 -25.34 26.36
CA CYS A 686 -20.46 -24.56 26.67
C CYS A 686 -20.41 -23.91 28.04
N SER A 687 -19.80 -24.57 29.02
CA SER A 687 -19.63 -24.01 30.36
C SER A 687 -18.82 -22.72 30.28
N TYR A 688 -17.74 -22.70 29.50
CA TYR A 688 -16.92 -21.52 29.31
C TYR A 688 -17.71 -20.39 28.64
N VAL A 689 -18.48 -20.68 27.59
CA VAL A 689 -19.27 -19.67 26.89
C VAL A 689 -20.28 -19.04 27.84
N LEU A 690 -21.06 -19.85 28.55
CA LEU A 690 -22.08 -19.36 29.47
C LEU A 690 -21.51 -18.63 30.68
N ASN A 691 -20.42 -19.11 31.25
CA ASN A 691 -19.81 -18.49 32.42
C ASN A 691 -18.94 -17.26 32.12
N ASN A 692 -18.21 -17.21 31.00
CA ASN A 692 -17.27 -16.13 30.72
C ASN A 692 -17.51 -15.32 29.44
N ILE A 693 -18.52 -15.62 28.63
CA ILE A 693 -18.78 -14.84 27.40
C ILE A 693 -20.17 -14.24 27.46
N SER A 694 -21.22 -15.06 27.50
CA SER A 694 -22.60 -14.56 27.54
C SER A 694 -23.60 -15.65 27.90
N LEU A 695 -24.64 -15.28 28.65
CA LEU A 695 -25.74 -16.19 29.00
C LEU A 695 -26.81 -16.09 27.91
N THR A 696 -27.56 -17.17 27.67
CA THR A 696 -28.62 -17.19 26.66
C THR A 696 -29.70 -18.21 27.00
N THR A 697 -30.89 -18.03 26.43
CA THR A 697 -32.04 -18.94 26.61
C THR A 697 -32.10 -20.04 25.55
N GLN A 698 -31.24 -19.97 24.53
CA GLN A 698 -31.20 -20.96 23.46
C GLN A 698 -30.64 -22.30 23.95
N PRO A 699 -31.08 -23.44 23.40
CA PRO A 699 -30.55 -24.73 23.79
C PRO A 699 -29.09 -24.84 23.32
N TYR A 700 -28.27 -25.62 24.00
CA TYR A 700 -26.85 -25.78 23.66
C TYR A 700 -26.32 -27.17 23.98
N PHE A 701 -25.21 -27.55 23.33
CA PHE A 701 -24.52 -28.80 23.60
C PHE A 701 -23.05 -28.70 23.17
N ASP A 702 -22.19 -29.51 23.75
CA ASP A 702 -20.77 -29.56 23.42
C ASP A 702 -20.55 -30.49 22.23
N SER A 703 -20.15 -29.93 21.09
CA SER A 703 -19.84 -30.71 19.90
C SER A 703 -18.32 -30.89 19.79
N TYR A 704 -17.87 -31.68 18.83
CA TYR A 704 -16.44 -31.88 18.59
C TYR A 704 -15.76 -30.55 18.20
N LEU A 705 -16.47 -29.70 17.44
CA LEU A 705 -15.98 -28.41 16.98
C LEU A 705 -16.07 -27.29 18.02
N GLY A 706 -16.85 -27.46 19.08
CA GLY A 706 -17.06 -26.45 20.12
C GLY A 706 -18.53 -26.38 20.54
N CYS A 707 -18.89 -25.41 21.37
CA CYS A 707 -20.26 -25.27 21.82
C CYS A 707 -21.19 -24.84 20.69
N VAL A 708 -22.30 -25.56 20.52
CA VAL A 708 -23.29 -25.28 19.49
C VAL A 708 -24.59 -24.85 20.14
N PHE A 709 -25.12 -23.70 19.73
CA PHE A 709 -26.37 -23.14 20.23
C PHE A 709 -27.45 -23.18 19.15
N ASN A 710 -28.69 -23.40 19.57
CA ASN A 710 -29.85 -23.42 18.71
C ASN A 710 -29.85 -24.46 17.57
N ALA A 711 -29.27 -25.63 17.82
CA ALA A 711 -29.24 -26.74 16.89
C ALA A 711 -29.31 -28.04 17.69
N ASP A 712 -30.14 -28.99 17.27
CA ASP A 712 -30.28 -30.26 17.96
C ASP A 712 -29.09 -31.18 17.68
N ASN A 713 -28.52 -31.82 18.71
CA ASN A 713 -27.42 -32.76 18.52
C ASN A 713 -27.98 -34.04 17.90
N LEU A 714 -27.76 -34.24 16.61
CA LEU A 714 -28.22 -35.40 15.85
C LEU A 714 -27.08 -35.95 15.01
N THR A 715 -25.90 -36.11 15.60
CA THR A 715 -24.72 -36.63 14.90
C THR A 715 -24.87 -38.07 14.41
N ASP A 716 -25.84 -38.82 14.94
CA ASP A 716 -26.16 -40.17 14.47
C ASP A 716 -26.83 -40.09 13.09
N TYR A 717 -27.53 -38.99 12.79
CA TYR A 717 -28.16 -38.75 11.49
C TYR A 717 -27.07 -38.30 10.51
N SER A 718 -27.26 -38.57 9.22
CA SER A 718 -26.30 -38.23 8.19
C SER A 718 -26.95 -37.65 6.94
N VAL A 719 -26.27 -36.72 6.27
CA VAL A 719 -26.72 -36.10 5.03
C VAL A 719 -25.63 -36.22 3.97
N SER A 720 -26.02 -36.45 2.72
CA SER A 720 -25.11 -36.58 1.58
C SER A 720 -24.81 -35.23 0.91
N SER A 721 -25.64 -34.22 1.15
CA SER A 721 -25.46 -32.86 0.66
C SER A 721 -25.60 -31.92 1.85
N CYS A 722 -24.83 -30.84 1.88
CA CYS A 722 -24.84 -29.92 2.99
C CYS A 722 -24.52 -28.49 2.55
N ALA A 723 -25.42 -27.54 2.86
CA ALA A 723 -25.22 -26.14 2.52
C ALA A 723 -24.46 -25.39 3.64
N LEU A 724 -24.50 -25.88 4.87
CA LEU A 724 -23.86 -25.29 6.04
C LEU A 724 -22.83 -26.28 6.60
N ARG A 725 -21.66 -26.31 5.98
CA ARG A 725 -20.57 -27.21 6.35
C ARG A 725 -19.78 -26.58 7.48
N MET A 726 -19.66 -27.27 8.59
CA MET A 726 -19.00 -26.74 9.78
C MET A 726 -17.59 -27.29 9.99
N GLY A 727 -17.19 -28.34 9.31
CA GLY A 727 -15.84 -28.90 9.46
C GLY A 727 -15.86 -30.28 10.11
N SER A 728 -14.82 -31.06 9.88
CA SER A 728 -14.63 -32.40 10.42
C SER A 728 -15.80 -33.34 10.20
N GLY A 729 -16.46 -33.25 9.04
CA GLY A 729 -17.60 -34.10 8.72
C GLY A 729 -18.88 -33.75 9.45
N PHE A 730 -19.04 -32.52 9.95
CA PHE A 730 -20.25 -32.07 10.61
C PHE A 730 -20.95 -31.00 9.78
N CYS A 731 -22.26 -31.06 9.75
CA CYS A 731 -23.16 -30.20 9.01
C CYS A 731 -24.31 -29.66 9.84
N VAL A 732 -24.78 -28.47 9.52
CA VAL A 732 -25.97 -27.89 10.13
C VAL A 732 -27.07 -28.02 9.09
N ASP A 733 -28.09 -28.80 9.36
CA ASP A 733 -29.21 -29.04 8.44
C ASP A 733 -30.46 -28.36 8.96
N TYR A 734 -31.22 -27.66 8.12
CA TYR A 734 -32.43 -26.97 8.57
C TYR A 734 -33.70 -27.59 7.96
N ASN A 735 -34.74 -27.77 8.78
CA ASN A 735 -36.02 -28.29 8.30
C ASN A 735 -37.18 -27.74 9.16
N SER A 752 -36.46 -26.35 12.76
CA SER A 752 -35.24 -26.07 13.53
C SER A 752 -33.95 -26.54 12.83
N TYR A 753 -32.80 -26.13 13.36
CA TYR A 753 -31.49 -26.55 12.89
C TYR A 753 -31.10 -27.86 13.57
N ARG A 754 -30.43 -28.75 12.83
CA ARG A 754 -29.96 -30.04 13.31
C ARG A 754 -28.48 -30.17 13.05
N PHE A 755 -27.68 -30.47 14.06
CA PHE A 755 -26.24 -30.68 13.90
C PHE A 755 -26.05 -32.16 13.59
N VAL A 756 -25.78 -32.48 12.33
CA VAL A 756 -25.68 -33.84 11.81
C VAL A 756 -24.33 -34.11 11.15
N THR A 757 -24.03 -35.37 10.86
CA THR A 757 -22.78 -35.70 10.17
C THR A 757 -22.96 -35.52 8.66
N PHE A 758 -21.90 -35.14 7.98
CA PHE A 758 -21.84 -34.93 6.55
C PHE A 758 -21.09 -36.10 5.93
N GLU A 759 -21.78 -36.94 5.17
CA GLU A 759 -21.20 -38.10 4.49
C GLU A 759 -21.58 -38.02 3.01
N PRO A 760 -20.83 -37.26 2.20
CA PRO A 760 -21.17 -37.08 0.80
C PRO A 760 -20.95 -38.31 -0.07
N PHE A 761 -20.18 -39.29 0.38
CA PHE A 761 -19.89 -40.48 -0.42
C PHE A 761 -20.01 -41.80 0.34
N ASN A 762 -20.65 -42.78 -0.31
CA ASN A 762 -20.78 -44.15 0.16
C ASN A 762 -20.19 -45.08 -0.90
N VAL A 763 -20.02 -46.34 -0.52
CA VAL A 763 -19.62 -47.39 -1.45
C VAL A 763 -20.90 -48.09 -1.90
N SER A 764 -20.95 -48.59 -3.13
CA SER A 764 -22.10 -49.39 -3.54
C SER A 764 -21.98 -50.72 -2.79
N PHE A 765 -23.05 -51.25 -2.23
CA PHE A 765 -23.01 -52.50 -1.48
C PHE A 765 -23.73 -53.62 -2.20
N VAL A 766 -23.13 -54.80 -2.15
CA VAL A 766 -23.66 -56.06 -2.68
C VAL A 766 -23.60 -57.09 -1.56
N ASN A 767 -24.42 -58.14 -1.59
CA ASN A 767 -24.42 -59.19 -0.56
C ASN A 767 -23.82 -60.51 -1.07
N ASP A 768 -22.99 -60.46 -2.12
CA ASP A 768 -22.34 -61.63 -2.68
C ASP A 768 -21.21 -62.11 -1.77
N SER A 769 -20.87 -63.38 -1.86
CA SER A 769 -19.82 -63.99 -1.04
C SER A 769 -18.44 -63.39 -1.27
N ILE A 770 -17.68 -63.27 -0.19
CA ILE A 770 -16.29 -62.79 -0.17
C ILE A 770 -15.34 -63.93 -0.54
N GLU A 771 -15.63 -65.15 -0.08
CA GLU A 771 -14.82 -66.34 -0.36
C GLU A 771 -15.19 -66.98 -1.70
N SER A 772 -14.31 -67.86 -2.20
CA SER A 772 -14.52 -68.62 -3.43
C SER A 772 -14.99 -70.04 -3.07
N VAL A 773 -16.16 -70.45 -3.53
CA VAL A 773 -16.68 -71.80 -3.29
C VAL A 773 -16.00 -72.67 -4.34
N GLY A 774 -15.16 -73.61 -3.91
CA GLY A 774 -14.34 -74.37 -4.87
C GLY A 774 -13.39 -73.35 -5.52
N GLY A 775 -13.36 -73.26 -6.84
CA GLY A 775 -12.55 -72.28 -7.56
C GLY A 775 -13.39 -71.13 -8.15
N LEU A 776 -14.65 -70.96 -7.73
CA LEU A 776 -15.57 -69.97 -8.30
C LEU A 776 -15.90 -68.86 -7.30
N TYR A 777 -15.85 -67.61 -7.75
CA TYR A 777 -16.21 -66.42 -6.98
C TYR A 777 -17.61 -65.97 -7.38
N GLU A 778 -18.24 -65.13 -6.57
CA GLU A 778 -19.60 -64.63 -6.82
C GLU A 778 -19.52 -63.17 -7.29
N ILE A 779 -20.04 -62.87 -8.48
CA ILE A 779 -19.93 -61.56 -9.13
C ILE A 779 -21.24 -61.10 -9.76
N LYS A 780 -21.57 -59.82 -9.65
CA LYS A 780 -22.70 -59.22 -10.35
C LYS A 780 -22.26 -58.93 -11.78
N ILE A 781 -22.98 -59.42 -12.77
CA ILE A 781 -22.69 -59.15 -14.19
C ILE A 781 -23.95 -58.50 -14.76
N PRO A 782 -23.86 -57.36 -15.47
CA PRO A 782 -25.03 -56.70 -16.02
C PRO A 782 -25.80 -57.57 -17.03
N THR A 783 -27.12 -57.52 -17.03
CA THR A 783 -27.95 -58.26 -18.00
C THR A 783 -28.68 -57.33 -18.95
N ASN A 784 -28.70 -56.05 -18.62
CA ASN A 784 -29.32 -54.99 -19.38
C ASN A 784 -28.55 -53.69 -19.14
N PHE A 785 -28.55 -52.77 -20.09
CA PHE A 785 -27.83 -51.51 -19.99
C PHE A 785 -28.50 -50.39 -20.76
N THR A 786 -28.10 -49.18 -20.44
CA THR A 786 -28.50 -47.95 -21.13
C THR A 786 -27.26 -47.07 -21.27
N ILE A 787 -27.39 -45.95 -21.95
CA ILE A 787 -26.32 -44.99 -22.13
C ILE A 787 -26.69 -43.77 -21.31
N VAL A 788 -25.80 -43.32 -20.43
CA VAL A 788 -26.03 -42.11 -19.62
C VAL A 788 -25.11 -41.02 -20.11
N GLY A 789 -25.65 -39.82 -20.23
CA GLY A 789 -24.90 -38.65 -20.68
C GLY A 789 -24.66 -37.74 -19.48
N GLN A 790 -23.41 -37.40 -19.22
CA GLN A 790 -23.02 -36.49 -18.16
C GLN A 790 -22.32 -35.28 -18.77
N GLU A 791 -22.81 -34.09 -18.48
CA GLU A 791 -22.19 -32.87 -18.97
C GLU A 791 -21.12 -32.37 -18.00
N GLU A 792 -20.10 -31.73 -18.52
CA GLU A 792 -19.02 -31.14 -17.76
C GLU A 792 -18.61 -29.83 -18.42
N PHE A 793 -18.60 -28.74 -17.68
CA PHE A 793 -18.15 -27.46 -18.18
C PHE A 793 -16.72 -27.22 -17.72
N ILE A 794 -15.82 -26.94 -18.65
CA ILE A 794 -14.44 -26.61 -18.33
C ILE A 794 -14.20 -25.18 -18.80
N GLN A 795 -13.83 -24.31 -17.88
CA GLN A 795 -13.54 -22.93 -18.20
C GLN A 795 -12.21 -22.84 -18.93
N THR A 796 -12.22 -22.23 -20.10
CA THR A 796 -11.02 -22.04 -20.93
C THR A 796 -10.67 -20.58 -21.14
N ASN A 797 -11.57 -19.68 -20.78
CA ASN A 797 -11.43 -18.25 -20.98
C ASN A 797 -12.06 -17.49 -19.81
N SER A 798 -11.75 -16.21 -19.71
CA SER A 798 -12.26 -15.34 -18.67
C SER A 798 -12.56 -13.96 -19.27
N PRO A 799 -13.47 -13.14 -18.73
CA PRO A 799 -13.69 -11.80 -19.25
C PRO A 799 -12.36 -11.02 -19.24
N LYS A 800 -11.95 -10.43 -20.37
CA LYS A 800 -10.69 -9.68 -20.44
C LYS A 800 -10.87 -8.31 -19.81
N VAL A 801 -10.57 -8.19 -18.53
CA VAL A 801 -10.71 -6.93 -17.80
C VAL A 801 -9.53 -6.02 -18.11
N THR A 802 -9.82 -4.80 -18.53
CA THR A 802 -8.84 -3.75 -18.79
C THR A 802 -9.16 -2.61 -17.85
N ILE A 803 -8.13 -2.01 -17.27
CA ILE A 803 -8.31 -0.88 -16.36
C ILE A 803 -7.50 0.30 -16.83
N ASP A 804 -8.11 1.44 -17.11
CA ASP A 804 -7.35 2.68 -17.26
C ASP A 804 -6.99 3.18 -15.87
N CYS A 805 -5.78 2.87 -15.43
CA CYS A 805 -5.31 3.24 -14.09
C CYS A 805 -5.44 4.75 -13.84
N SER A 806 -5.12 5.59 -14.83
CA SER A 806 -5.20 7.02 -14.67
C SER A 806 -6.64 7.50 -14.44
N LEU A 807 -7.57 7.06 -15.28
CA LEU A 807 -9.00 7.40 -15.18
C LEU A 807 -9.65 6.79 -13.93
N PHE A 808 -9.24 5.60 -13.50
CA PHE A 808 -9.72 5.00 -12.27
C PHE A 808 -9.27 5.81 -11.06
N VAL A 809 -7.98 6.10 -10.92
CA VAL A 809 -7.44 6.81 -9.76
C VAL A 809 -7.88 8.29 -9.73
N CYS A 810 -7.87 8.97 -10.87
CA CYS A 810 -8.18 10.39 -11.03
C CYS A 810 -9.17 10.57 -12.18
N SER A 811 -10.45 10.85 -11.92
CA SER A 811 -11.48 10.83 -12.97
C SER A 811 -11.16 11.76 -14.16
N ASN A 812 -11.27 13.08 -13.98
CA ASN A 812 -10.76 14.07 -14.93
C ASN A 812 -10.23 15.33 -14.22
N TYR A 813 -9.80 15.15 -12.97
CA TYR A 813 -9.33 16.21 -12.09
C TYR A 813 -7.83 16.42 -12.28
N ALA A 814 -7.44 17.53 -12.90
CA ALA A 814 -6.04 17.85 -13.18
C ALA A 814 -5.17 17.84 -11.92
N ALA A 815 -5.69 18.34 -10.80
CA ALA A 815 -4.98 18.31 -9.51
C ALA A 815 -4.62 16.89 -9.06
N CYS A 816 -5.46 15.90 -9.35
CA CYS A 816 -5.13 14.50 -9.09
C CYS A 816 -4.16 13.94 -10.13
N HIS A 817 -4.37 14.19 -11.42
CA HIS A 817 -3.43 13.72 -12.45
C HIS A 817 -2.01 14.26 -12.25
N ASP A 818 -1.85 15.49 -11.80
CA ASP A 818 -0.54 16.04 -11.43
C ASP A 818 0.13 15.19 -10.36
N LEU A 819 -0.50 15.00 -9.21
CA LEU A 819 0.03 14.16 -8.12
C LEU A 819 0.30 12.72 -8.58
N LEU A 820 -0.60 12.12 -9.36
CA LEU A 820 -0.43 10.77 -9.87
C LEU A 820 0.75 10.68 -10.84
N SER A 821 0.94 11.67 -11.72
CA SER A 821 2.08 11.68 -12.64
C SER A 821 3.41 11.83 -11.90
N GLU A 822 3.44 12.57 -10.79
CA GLU A 822 4.62 12.67 -9.93
C GLU A 822 4.83 11.42 -9.05
N TYR A 823 3.89 10.49 -9.03
CA TYR A 823 4.01 9.25 -8.26
C TYR A 823 5.03 8.30 -8.87
N GLY A 824 5.03 8.15 -10.20
CA GLY A 824 5.98 7.33 -10.93
C GLY A 824 5.38 6.41 -11.99
N THR A 825 5.99 5.24 -12.17
CA THR A 825 5.57 4.23 -13.15
C THR A 825 4.50 3.26 -12.64
N PHE A 826 3.76 3.60 -11.59
CA PHE A 826 2.75 2.70 -11.01
C PHE A 826 1.66 2.32 -12.01
N CYS A 827 1.06 3.30 -12.68
CA CYS A 827 0.02 3.00 -13.65
C CYS A 827 0.55 2.23 -14.86
N ASP A 828 1.78 2.51 -15.31
CA ASP A 828 2.38 1.76 -16.41
C ASP A 828 2.54 0.28 -16.04
N ASN A 829 2.95 0.00 -14.80
CA ASN A 829 3.10 -1.37 -14.31
C ASN A 829 1.74 -2.08 -14.22
N ILE A 830 0.69 -1.40 -13.74
CA ILE A 830 -0.66 -1.97 -13.68
C ILE A 830 -1.14 -2.30 -15.10
N ASN A 831 -0.99 -1.37 -16.04
CA ASN A 831 -1.40 -1.60 -17.42
C ASN A 831 -0.60 -2.75 -18.04
N SER A 832 0.71 -2.83 -17.78
CA SER A 832 1.56 -3.87 -18.32
C SER A 832 1.17 -5.26 -17.81
N ILE A 833 0.88 -5.43 -16.53
CA ILE A 833 0.48 -6.73 -15.99
C ILE A 833 -0.87 -7.14 -16.59
N LEU A 834 -1.85 -6.23 -16.67
CA LEU A 834 -3.15 -6.57 -17.25
C LEU A 834 -3.01 -6.91 -18.74
N ASP A 835 -2.16 -6.22 -19.48
CA ASP A 835 -1.92 -6.52 -20.89
C ASP A 835 -1.31 -7.91 -21.05
N GLU A 836 -0.38 -8.30 -20.18
CA GLU A 836 0.23 -9.64 -20.21
C GLU A 836 -0.82 -10.70 -19.89
N VAL A 837 -1.66 -10.47 -18.88
CA VAL A 837 -2.74 -11.39 -18.49
C VAL A 837 -3.74 -11.56 -19.63
N ASN A 838 -4.14 -10.47 -20.28
CA ASN A 838 -5.06 -10.52 -21.40
C ASN A 838 -4.40 -11.19 -22.62
N GLY A 839 -3.10 -10.99 -22.82
CA GLY A 839 -2.36 -11.66 -23.89
C GLY A 839 -2.31 -13.17 -23.65
N LEU A 840 -2.18 -13.60 -22.39
CA LEU A 840 -2.24 -15.01 -22.01
C LEU A 840 -3.63 -15.58 -22.31
N LEU A 841 -4.71 -14.85 -22.02
CA LEU A 841 -6.08 -15.28 -22.32
C LEU A 841 -6.28 -15.41 -23.83
N ASP A 842 -5.78 -14.45 -24.63
CA ASP A 842 -5.87 -14.48 -26.09
C ASP A 842 -5.08 -15.66 -26.67
N THR A 843 -3.86 -15.89 -26.19
CA THR A 843 -3.03 -17.01 -26.65
C THR A 843 -3.68 -18.34 -26.29
N THR A 844 -4.29 -18.41 -25.11
CA THR A 844 -5.01 -19.60 -24.64
C THR A 844 -6.21 -19.87 -25.54
N GLN A 845 -6.98 -18.85 -25.90
CA GLN A 845 -8.14 -19.02 -26.78
C GLN A 845 -7.71 -19.52 -28.16
N LEU A 846 -6.61 -19.01 -28.70
CA LEU A 846 -6.08 -19.48 -29.98
C LEU A 846 -5.64 -20.94 -29.89
N HIS A 847 -5.01 -21.36 -28.78
CA HIS A 847 -4.59 -22.74 -28.60
C HIS A 847 -5.80 -23.69 -28.48
N VAL A 848 -6.86 -23.28 -27.81
CA VAL A 848 -8.09 -24.09 -27.69
C VAL A 848 -8.75 -24.23 -29.06
N ALA A 849 -8.85 -23.14 -29.82
CA ALA A 849 -9.42 -23.16 -31.16
C ALA A 849 -8.58 -24.03 -32.11
N ASP A 850 -7.26 -23.96 -32.02
CA ASP A 850 -6.36 -24.79 -32.81
C ASP A 850 -6.57 -26.25 -32.46
N THR A 851 -6.70 -26.57 -31.18
CA THR A 851 -6.95 -27.93 -30.70
C THR A 851 -8.27 -28.45 -31.22
N LEU A 852 -9.34 -27.66 -31.20
CA LEU A 852 -10.63 -28.07 -31.74
C LEU A 852 -10.57 -28.32 -33.25
N MET A 853 -9.85 -27.49 -33.99
CA MET A 853 -9.78 -27.56 -35.44
C MET A 853 -8.68 -28.49 -35.96
N GLN A 854 -7.81 -29.02 -35.09
CA GLN A 854 -6.70 -29.87 -35.50
C GLN A 854 -7.18 -31.19 -36.08
N GLY A 855 -6.69 -31.49 -37.28
CA GLY A 855 -6.97 -32.72 -38.03
C GLY A 855 -8.39 -32.82 -38.56
N VAL A 856 -9.20 -31.76 -38.52
CA VAL A 856 -10.58 -31.82 -38.98
C VAL A 856 -10.62 -31.67 -40.50
N THR A 857 -11.09 -32.72 -41.16
CA THR A 857 -11.28 -32.78 -42.61
C THR A 857 -12.76 -33.00 -42.86
N LEU A 858 -13.42 -32.13 -43.62
CA LEU A 858 -14.85 -32.23 -43.92
C LEU A 858 -15.10 -32.27 -45.41
N SER A 859 -16.22 -32.86 -45.80
CA SER A 859 -16.59 -32.88 -47.20
C SER A 859 -17.30 -31.58 -47.58
N SER A 860 -17.04 -31.09 -48.79
CA SER A 860 -17.67 -29.87 -49.33
C SER A 860 -19.17 -30.09 -49.58
N ASN A 861 -19.64 -31.35 -49.57
CA ASN A 861 -21.03 -31.71 -49.78
C ASN A 861 -21.88 -31.61 -48.50
N LEU A 862 -21.30 -31.27 -47.35
CA LEU A 862 -22.06 -31.13 -46.10
C LEU A 862 -22.97 -29.90 -46.15
N ASN A 863 -24.23 -30.06 -45.78
CA ASN A 863 -25.23 -28.99 -45.73
C ASN A 863 -26.01 -29.07 -44.40
N THR A 864 -26.21 -27.91 -43.77
CA THR A 864 -26.89 -27.78 -42.47
C THR A 864 -28.38 -28.10 -42.54
N ASN A 865 -29.00 -27.90 -43.72
CA ASN A 865 -30.44 -28.09 -43.91
C ASN A 865 -30.89 -29.53 -44.25
N LEU A 866 -29.98 -30.47 -44.52
CA LEU A 866 -30.32 -31.85 -44.90
C LEU A 866 -29.67 -32.98 -44.07
N HIS A 867 -28.47 -32.76 -43.54
CA HIS A 867 -27.69 -33.80 -42.85
C HIS A 867 -27.79 -33.75 -41.32
N PHE A 868 -28.87 -34.33 -40.78
CA PHE A 868 -29.20 -34.34 -39.35
C PHE A 868 -28.76 -35.57 -38.55
N ASP A 869 -29.15 -36.77 -39.00
CA ASP A 869 -28.92 -38.03 -38.31
C ASP A 869 -28.27 -39.09 -39.19
N VAL A 870 -27.43 -39.92 -38.58
CA VAL A 870 -26.73 -41.03 -39.23
C VAL A 870 -26.87 -42.27 -38.35
N ASP A 871 -27.25 -43.41 -38.92
CA ASP A 871 -27.38 -44.68 -38.19
C ASP A 871 -28.28 -44.59 -36.94
N ASN A 872 -29.41 -43.91 -37.06
CA ASN A 872 -30.41 -43.66 -36.02
C ASN A 872 -29.93 -42.73 -34.89
N ILE A 873 -28.78 -42.07 -35.01
CA ILE A 873 -28.27 -41.14 -34.00
C ILE A 873 -28.46 -39.73 -34.55
N ASN A 874 -29.22 -38.91 -33.83
CA ASN A 874 -29.55 -37.55 -34.23
C ASN A 874 -28.60 -36.52 -33.64
N PHE A 875 -27.89 -35.81 -34.51
CA PHE A 875 -26.93 -34.77 -34.14
C PHE A 875 -27.42 -33.37 -34.47
N LYS A 876 -28.69 -33.18 -34.86
CA LYS A 876 -29.19 -31.87 -35.30
C LYS A 876 -28.99 -30.78 -34.26
N SER A 877 -29.23 -31.09 -32.99
CA SER A 877 -29.05 -30.08 -31.95
C SER A 877 -27.59 -29.71 -31.68
N LEU A 878 -26.62 -30.51 -32.10
CA LEU A 878 -25.20 -30.29 -31.87
C LEU A 878 -24.47 -29.65 -33.06
N VAL A 879 -25.20 -29.36 -34.14
CA VAL A 879 -24.65 -28.80 -35.38
C VAL A 879 -25.28 -27.47 -35.74
N GLY A 880 -24.47 -26.45 -35.95
CA GLY A 880 -24.89 -25.13 -36.42
C GLY A 880 -24.56 -24.97 -37.90
N CYS A 881 -24.67 -23.77 -38.47
CA CYS A 881 -24.32 -23.58 -39.87
C CYS A 881 -22.81 -23.77 -40.13
N LEU A 882 -22.46 -24.27 -41.31
CA LEU A 882 -21.09 -24.58 -41.73
C LEU A 882 -20.57 -23.65 -42.84
N GLY A 883 -19.40 -23.04 -42.61
CA GLY A 883 -18.73 -22.20 -43.60
C GLY A 883 -19.45 -20.91 -44.00
N PRO A 884 -19.23 -20.42 -45.24
CA PRO A 884 -19.81 -19.18 -45.76
C PRO A 884 -21.31 -19.26 -46.13
N HIS A 885 -21.98 -20.40 -45.95
CA HIS A 885 -23.43 -20.53 -46.26
C HIS A 885 -24.28 -19.56 -45.43
N CYS A 886 -23.82 -19.22 -44.21
CA CYS A 886 -24.48 -18.28 -43.31
C CYS A 886 -23.54 -17.21 -42.72
N GLY A 887 -22.24 -17.49 -42.62
CA GLY A 887 -21.24 -16.59 -42.02
C GLY A 887 -21.36 -16.67 -40.50
N SER A 888 -22.42 -16.06 -39.97
CA SER A 888 -22.80 -16.08 -38.55
C SER A 888 -23.77 -17.26 -38.33
N SER A 889 -24.41 -17.35 -37.16
CA SER A 889 -25.38 -18.43 -36.83
C SER A 889 -24.77 -19.85 -36.89
N SER A 890 -23.45 -19.95 -36.74
CA SER A 890 -22.71 -21.21 -36.68
C SER A 890 -22.97 -21.94 -35.35
N ARG A 891 -23.64 -21.28 -34.40
CA ARG A 891 -24.04 -21.81 -33.09
C ARG A 891 -25.10 -22.90 -33.27
N SER A 892 -24.97 -24.02 -32.58
CA SER A 892 -25.94 -25.11 -32.65
C SER A 892 -27.13 -24.85 -31.73
N PHE A 893 -28.20 -25.65 -31.82
CA PHE A 893 -29.36 -25.49 -30.93
C PHE A 893 -28.95 -25.70 -29.46
N PHE A 894 -28.08 -26.68 -29.22
CA PHE A 894 -27.53 -26.99 -27.91
C PHE A 894 -26.75 -25.78 -27.35
N GLU A 895 -25.86 -25.20 -28.16
CA GLU A 895 -25.09 -24.04 -27.72
C GLU A 895 -26.00 -22.82 -27.59
N ASP A 896 -27.01 -22.65 -28.44
CA ASP A 896 -27.97 -21.54 -28.34
C ASP A 896 -28.68 -21.62 -26.99
N LEU A 897 -29.15 -22.81 -26.64
CA LEU A 897 -29.85 -23.07 -25.38
C LEU A 897 -28.94 -22.76 -24.18
N LEU A 898 -27.65 -23.01 -24.30
CA LEU A 898 -26.66 -22.74 -23.26
C LEU A 898 -26.26 -21.26 -23.16
N PHE A 899 -26.12 -20.56 -24.30
CA PHE A 899 -25.77 -19.14 -24.35
C PHE A 899 -26.96 -18.24 -23.98
N ASP A 900 -28.20 -18.63 -24.25
CA ASP A 900 -29.39 -17.83 -23.92
C ASP A 900 -29.60 -17.66 -22.42
N LYS A 901 -29.05 -18.53 -21.58
CA LYS A 901 -29.16 -18.48 -20.11
C LYS A 901 -28.02 -17.73 -19.42
N VAL A 902 -27.09 -17.16 -20.18
CA VAL A 902 -25.96 -16.38 -19.65
C VAL A 902 -26.00 -15.01 -20.32
N LYS A 903 -26.40 -13.97 -19.58
CA LYS A 903 -26.51 -12.62 -20.12
C LYS A 903 -25.17 -12.01 -20.51
N LEU A 904 -24.16 -12.11 -19.65
CA LEU A 904 -22.85 -11.48 -19.88
C LEU A 904 -21.80 -12.34 -20.60
N SER A 905 -22.12 -12.80 -21.80
CA SER A 905 -21.16 -13.48 -22.67
C SER A 905 -20.35 -12.39 -23.40
N ASP A 906 -19.55 -12.73 -24.40
CA ASP A 906 -18.82 -11.72 -25.16
C ASP A 906 -19.78 -10.74 -25.85
N VAL A 907 -20.83 -11.25 -26.52
CA VAL A 907 -21.83 -10.41 -27.17
C VAL A 907 -22.65 -9.66 -26.12
N GLY A 908 -22.86 -10.25 -24.95
CA GLY A 908 -23.59 -9.61 -23.87
C GLY A 908 -22.86 -8.38 -23.36
N PHE A 909 -21.53 -8.49 -23.15
CA PHE A 909 -20.73 -7.34 -22.75
C PHE A 909 -20.73 -6.28 -23.84
N VAL A 910 -20.60 -6.67 -25.12
CA VAL A 910 -20.62 -5.72 -26.22
C VAL A 910 -21.97 -4.99 -26.27
N GLU A 911 -23.10 -5.68 -26.16
CA GLU A 911 -24.40 -5.03 -26.17
C GLU A 911 -24.61 -4.15 -24.94
N ALA A 912 -24.18 -4.57 -23.76
CA ALA A 912 -24.30 -3.76 -22.56
C ALA A 912 -23.48 -2.46 -22.68
N TYR A 913 -22.25 -2.54 -23.20
CA TYR A 913 -21.45 -1.33 -23.38
C TYR A 913 -21.99 -0.47 -24.53
N ASN A 914 -22.61 -1.05 -25.56
CA ASN A 914 -23.23 -0.28 -26.64
C ASN A 914 -24.35 0.60 -26.10
N ASN A 915 -25.07 0.12 -25.08
CA ASN A 915 -26.17 0.82 -24.45
C ASN A 915 -25.75 1.91 -23.45
N CYS A 916 -24.45 2.17 -23.24
CA CYS A 916 -24.03 3.19 -22.29
C CYS A 916 -24.28 4.63 -22.75
N THR A 917 -24.42 4.85 -24.06
CA THR A 917 -24.71 6.19 -24.64
C THR A 917 -26.17 6.34 -25.07
N GLY A 918 -27.04 5.37 -24.74
CA GLY A 918 -28.47 5.42 -25.05
C GLY A 918 -29.22 6.36 -24.09
N GLY A 919 -30.47 6.70 -24.43
CA GLY A 919 -31.33 7.57 -23.62
C GLY A 919 -32.08 6.85 -22.49
N SER A 920 -31.75 5.58 -22.21
CA SER A 920 -32.41 4.78 -21.18
C SER A 920 -32.16 5.31 -19.76
N GLU A 921 -33.19 5.26 -18.92
CA GLU A 921 -33.11 5.67 -17.52
C GLU A 921 -32.44 4.60 -16.62
N ILE A 922 -32.25 3.38 -17.15
CA ILE A 922 -31.62 2.27 -16.41
C ILE A 922 -30.13 2.57 -16.25
N ARG A 923 -29.63 2.43 -15.00
CA ARG A 923 -28.23 2.69 -14.65
C ARG A 923 -27.47 1.38 -14.54
N ASP A 924 -26.96 0.91 -15.67
CA ASP A 924 -26.19 -0.34 -15.70
C ASP A 924 -24.86 -0.14 -14.98
N LEU A 925 -24.52 -1.05 -14.06
CA LEU A 925 -23.26 -0.98 -13.32
C LEU A 925 -22.07 -1.10 -14.29
N LEU A 926 -22.22 -1.80 -15.41
CA LEU A 926 -21.16 -1.91 -16.40
C LEU A 926 -20.84 -0.53 -17.00
N CYS A 927 -21.83 0.32 -17.23
CA CYS A 927 -21.59 1.66 -17.75
C CYS A 927 -20.85 2.49 -16.72
N VAL A 928 -21.24 2.41 -15.45
CA VAL A 928 -20.55 3.15 -14.38
C VAL A 928 -19.11 2.67 -14.29
N GLN A 929 -18.86 1.37 -14.36
CA GLN A 929 -17.52 0.81 -14.35
C GLN A 929 -16.69 1.30 -15.54
N SER A 930 -17.26 1.28 -16.76
CA SER A 930 -16.53 1.69 -17.95
C SER A 930 -16.17 3.18 -17.89
N PHE A 931 -17.07 4.02 -17.38
CA PHE A 931 -16.82 5.45 -17.23
C PHE A 931 -15.75 5.73 -16.17
N ASN A 932 -15.58 4.82 -15.20
CA ASN A 932 -14.53 4.87 -14.19
C ASN A 932 -13.27 4.08 -14.60
N GLY A 933 -13.12 3.76 -15.89
CA GLY A 933 -11.93 3.10 -16.42
C GLY A 933 -11.92 1.58 -16.38
N ILE A 934 -12.92 0.90 -15.82
CA ILE A 934 -12.96 -0.56 -15.71
C ILE A 934 -13.84 -1.12 -16.82
N LYS A 935 -13.26 -1.78 -17.82
CA LYS A 935 -14.02 -2.31 -18.95
C LYS A 935 -13.58 -3.69 -19.40
N VAL A 936 -14.53 -4.53 -19.77
CA VAL A 936 -14.24 -5.87 -20.27
C VAL A 936 -14.19 -5.78 -21.79
N LEU A 937 -13.08 -6.19 -22.38
CA LEU A 937 -12.93 -6.19 -23.84
C LEU A 937 -13.33 -7.55 -24.38
N PRO A 938 -13.87 -7.62 -25.61
CA PRO A 938 -14.24 -8.90 -26.18
C PRO A 938 -12.98 -9.74 -26.46
N PRO A 939 -13.09 -11.07 -26.44
CA PRO A 939 -11.97 -11.96 -26.74
C PRO A 939 -11.55 -11.80 -28.20
N ILE A 940 -10.33 -12.17 -28.58
CA ILE A 940 -9.87 -12.00 -29.96
C ILE A 940 -10.70 -12.78 -30.96
N LEU A 941 -11.21 -13.96 -30.60
CA LEU A 941 -12.10 -14.76 -31.43
C LEU A 941 -13.48 -14.68 -30.81
N SER A 942 -14.51 -14.38 -31.59
CA SER A 942 -15.88 -14.32 -31.04
C SER A 942 -16.35 -15.70 -30.61
N GLU A 943 -17.29 -15.79 -29.66
CA GLU A 943 -17.84 -17.09 -29.28
C GLU A 943 -18.55 -17.74 -30.48
N SER A 944 -19.01 -16.95 -31.46
CA SER A 944 -19.61 -17.48 -32.69
C SER A 944 -18.55 -18.26 -33.47
N GLN A 945 -17.30 -17.78 -33.52
CA GLN A 945 -16.23 -18.52 -34.19
C GLN A 945 -15.92 -19.82 -33.44
N ILE A 946 -15.89 -19.80 -32.10
CA ILE A 946 -15.64 -21.02 -31.33
C ILE A 946 -16.78 -22.02 -31.55
N SER A 947 -18.02 -21.56 -31.65
CA SER A 947 -19.18 -22.39 -31.98
C SER A 947 -19.01 -23.01 -33.37
N GLY A 948 -18.44 -22.28 -34.32
CA GLY A 948 -18.16 -22.81 -35.64
C GLY A 948 -17.13 -23.94 -35.55
N TYR A 949 -16.09 -23.77 -34.74
CA TYR A 949 -15.06 -24.78 -34.53
C TYR A 949 -15.63 -26.03 -33.84
N THR A 950 -16.46 -25.89 -32.81
CA THR A 950 -17.10 -27.04 -32.14
C THR A 950 -18.07 -27.73 -33.08
N THR A 951 -18.78 -27.00 -33.94
CA THR A 951 -19.66 -27.59 -34.95
C THR A 951 -18.82 -28.38 -35.94
N ALA A 952 -17.71 -27.84 -36.43
CA ALA A 952 -16.84 -28.56 -37.37
C ALA A 952 -16.27 -29.82 -36.72
N ALA A 953 -15.85 -29.75 -35.45
CA ALA A 953 -15.33 -30.89 -34.72
C ALA A 953 -16.42 -31.97 -34.51
N THR A 954 -17.66 -31.56 -34.29
CA THR A 954 -18.78 -32.49 -34.12
C THR A 954 -19.14 -33.17 -35.44
N VAL A 955 -19.31 -32.43 -36.54
CA VAL A 955 -19.66 -33.06 -37.83
C VAL A 955 -18.53 -33.90 -38.40
N ALA A 956 -17.30 -33.67 -37.95
CA ALA A 956 -16.13 -34.44 -38.37
C ALA A 956 -16.21 -35.90 -37.90
N ALA A 957 -17.04 -36.21 -36.92
CA ALA A 957 -17.24 -37.58 -36.44
C ALA A 957 -18.49 -38.25 -37.03
N MET A 958 -19.38 -37.51 -37.70
CA MET A 958 -20.64 -38.03 -38.22
C MET A 958 -20.64 -38.52 -39.66
N PHE A 959 -19.76 -37.97 -40.51
CA PHE A 959 -19.71 -38.29 -41.92
C PHE A 959 -18.30 -38.57 -42.40
N PRO A 960 -18.11 -39.26 -43.55
CA PRO A 960 -16.79 -39.50 -44.12
C PRO A 960 -16.05 -38.16 -44.29
N PRO A 961 -14.72 -38.11 -44.10
CA PRO A 961 -13.85 -39.23 -43.76
C PRO A 961 -13.79 -39.62 -42.26
N TRP A 962 -14.73 -39.17 -41.44
CA TRP A 962 -14.77 -39.44 -40.00
C TRP A 962 -13.45 -39.09 -39.31
N SER A 963 -12.92 -37.91 -39.63
CA SER A 963 -11.63 -37.41 -39.13
C SER A 963 -11.54 -37.25 -37.61
N ALA A 964 -12.68 -37.20 -36.92
CA ALA A 964 -12.74 -37.10 -35.46
C ALA A 964 -13.40 -38.33 -34.81
N ALA A 965 -13.51 -39.45 -35.53
CA ALA A 965 -14.12 -40.70 -35.04
C ALA A 965 -13.29 -41.93 -35.44
N ALA A 966 -11.97 -41.81 -35.42
CA ALA A 966 -11.05 -42.90 -35.77
C ALA A 966 -11.20 -43.45 -37.19
N GLY A 967 -11.69 -42.64 -38.14
CA GLY A 967 -11.85 -43.04 -39.52
C GLY A 967 -12.96 -44.05 -39.79
N ILE A 968 -13.93 -44.23 -38.91
CA ILE A 968 -15.05 -45.17 -39.10
C ILE A 968 -16.37 -44.50 -38.71
N PRO A 969 -17.53 -45.01 -39.16
CA PRO A 969 -18.83 -44.44 -38.80
C PRO A 969 -19.01 -44.30 -37.30
N PHE A 970 -19.73 -43.25 -36.87
CA PHE A 970 -19.93 -42.96 -35.45
C PHE A 970 -20.60 -44.12 -34.71
N SER A 971 -21.62 -44.75 -35.30
CA SER A 971 -22.31 -45.87 -34.67
C SER A 971 -21.37 -47.05 -34.46
N LEU A 972 -20.47 -47.34 -35.41
CA LEU A 972 -19.50 -48.41 -35.26
C LEU A 972 -18.48 -48.04 -34.19
N ASN A 973 -18.08 -46.78 -34.08
CA ASN A 973 -17.16 -46.35 -33.04
C ASN A 973 -17.84 -46.53 -31.66
N VAL A 974 -19.12 -46.20 -31.52
CA VAL A 974 -19.88 -46.42 -30.29
C VAL A 974 -19.93 -47.90 -29.98
N GLN A 975 -20.24 -48.75 -30.96
CA GLN A 975 -20.29 -50.19 -30.78
C GLN A 975 -18.94 -50.77 -30.37
N TYR A 976 -17.84 -50.40 -31.02
CA TYR A 976 -16.52 -50.90 -30.67
C TYR A 976 -16.09 -50.40 -29.30
N ARG A 977 -16.43 -49.16 -28.94
CA ARG A 977 -16.13 -48.63 -27.60
C ARG A 977 -16.89 -49.39 -26.53
N ILE A 978 -18.18 -49.70 -26.74
CA ILE A 978 -18.94 -50.49 -25.76
C ILE A 978 -18.37 -51.90 -25.70
N ASN A 979 -17.99 -52.50 -26.84
CA ASN A 979 -17.42 -53.84 -26.87
C ASN A 979 -16.13 -53.91 -26.06
N GLY A 980 -15.28 -52.87 -26.12
CA GLY A 980 -14.03 -52.80 -25.38
C GLY A 980 -14.18 -52.81 -23.87
N LEU A 981 -15.39 -52.54 -23.35
CA LEU A 981 -15.70 -52.59 -21.92
C LEU A 981 -15.99 -54.01 -21.43
N GLY A 982 -16.08 -54.99 -22.32
CA GLY A 982 -16.41 -56.36 -21.96
C GLY A 982 -17.85 -56.73 -22.28
N VAL A 983 -18.36 -56.23 -23.40
CA VAL A 983 -19.73 -56.48 -23.88
C VAL A 983 -19.62 -57.21 -25.20
N THR A 984 -20.27 -58.37 -25.34
CA THR A 984 -20.17 -59.14 -26.58
C THR A 984 -20.73 -58.38 -27.77
N MET A 985 -20.12 -58.53 -28.95
CA MET A 985 -20.59 -57.81 -30.13
C MET A 985 -21.95 -58.29 -30.60
N ASP A 986 -22.33 -59.52 -30.26
CA ASP A 986 -23.62 -60.11 -30.63
C ASP A 986 -24.81 -59.35 -30.04
N VAL A 987 -24.74 -58.88 -28.80
CA VAL A 987 -25.85 -58.09 -28.26
C VAL A 987 -25.80 -56.67 -28.81
N LEU A 988 -24.62 -56.16 -29.15
CA LEU A 988 -24.45 -54.81 -29.64
C LEU A 988 -24.95 -54.61 -31.05
N ASN A 989 -24.66 -55.53 -31.97
CA ASN A 989 -25.10 -55.32 -33.34
C ASN A 989 -26.58 -55.70 -33.53
N LYS A 990 -27.21 -56.42 -32.59
CA LYS A 990 -28.64 -56.76 -32.70
C LYS A 990 -29.51 -55.71 -31.98
N ASN A 991 -28.93 -54.99 -31.02
CA ASN A 991 -29.59 -53.92 -30.27
C ASN A 991 -29.11 -52.54 -30.79
N GLN A 992 -28.71 -52.41 -32.05
CA GLN A 992 -28.20 -51.13 -32.57
C GLN A 992 -29.21 -50.01 -32.42
N LYS A 993 -30.48 -50.24 -32.72
CA LYS A 993 -31.55 -49.23 -32.57
C LYS A 993 -31.75 -48.85 -31.11
N LEU A 994 -31.72 -49.81 -30.18
CA LEU A 994 -31.85 -49.54 -28.75
C LEU A 994 -30.65 -48.71 -28.26
N ILE A 995 -29.45 -49.00 -28.74
CA ILE A 995 -28.23 -48.25 -28.39
C ILE A 995 -28.33 -46.83 -28.95
N ALA A 996 -28.75 -46.64 -30.20
CA ALA A 996 -28.89 -45.32 -30.78
C ALA A 996 -29.95 -44.49 -30.05
N THR A 997 -31.09 -45.10 -29.71
CA THR A 997 -32.14 -44.42 -28.94
C THR A 997 -31.64 -44.11 -27.54
N ALA A 998 -30.88 -44.99 -26.88
CA ALA A 998 -30.31 -44.68 -25.59
C ALA A 998 -29.35 -43.49 -25.70
N PHE A 999 -28.56 -43.43 -26.78
CA PHE A 999 -27.62 -42.34 -27.02
C PHE A 999 -28.33 -41.02 -27.23
N ASN A 1000 -29.33 -40.93 -28.12
CA ASN A 1000 -29.98 -39.64 -28.33
C ASN A 1000 -30.88 -39.28 -27.13
N ASN A 1001 -31.37 -40.25 -26.35
CA ASN A 1001 -32.10 -39.95 -25.12
C ASN A 1001 -31.12 -39.37 -24.09
N ALA A 1002 -29.88 -39.86 -24.01
CA ALA A 1002 -28.88 -39.32 -23.11
C ALA A 1002 -28.56 -37.87 -23.50
N LEU A 1003 -28.44 -37.59 -24.79
CA LEU A 1003 -28.20 -36.24 -25.28
C LEU A 1003 -29.37 -35.31 -24.92
N LEU A 1004 -30.61 -35.78 -25.09
CA LEU A 1004 -31.79 -35.01 -24.72
C LEU A 1004 -31.82 -34.79 -23.20
N SER A 1005 -31.40 -35.76 -22.39
CA SER A 1005 -31.36 -35.60 -20.94
C SER A 1005 -30.38 -34.50 -20.54
N ILE A 1006 -29.23 -34.41 -21.23
CA ILE A 1006 -28.26 -33.34 -20.98
C ILE A 1006 -28.90 -31.99 -21.33
N GLN A 1007 -29.54 -31.89 -22.50
CA GLN A 1007 -30.19 -30.65 -22.95
C GLN A 1007 -31.30 -30.20 -22.00
N ASN A 1008 -32.14 -31.12 -21.54
CA ASN A 1008 -33.23 -30.78 -20.65
C ASN A 1008 -32.73 -30.47 -19.24
N GLY A 1009 -31.53 -30.92 -18.88
CA GLY A 1009 -30.91 -30.69 -17.58
C GLY A 1009 -30.55 -29.22 -17.36
N PHE A 1010 -30.43 -28.39 -18.40
CA PHE A 1010 -30.15 -26.96 -18.25
C PHE A 1010 -31.38 -26.18 -17.77
N SER A 1011 -32.59 -26.74 -17.91
CA SER A 1011 -33.82 -26.12 -17.42
C SER A 1011 -33.89 -26.14 -15.88
N ALA A 1012 -33.26 -27.15 -15.28
CA ALA A 1012 -33.13 -27.38 -13.85
C ALA A 1012 -31.82 -26.76 -13.32
N PRO A 1013 -31.66 -26.53 -12.00
CA PRO A 1013 -30.42 -25.98 -11.44
C PRO A 1013 -29.28 -27.00 -11.46
N ASN A 1014 -28.72 -27.33 -12.63
CA ASN A 1014 -27.62 -28.27 -12.78
C ASN A 1014 -26.26 -27.62 -12.47
N SER A 1015 -25.24 -28.44 -12.22
CA SER A 1015 -23.92 -27.94 -11.85
C SER A 1015 -23.14 -27.30 -13.00
N ALA A 1016 -23.34 -27.70 -14.26
CA ALA A 1016 -22.62 -27.09 -15.37
C ALA A 1016 -23.06 -25.64 -15.61
N LEU A 1017 -24.37 -25.37 -15.72
CA LEU A 1017 -24.84 -24.00 -15.90
C LEU A 1017 -24.50 -23.15 -14.66
N ALA A 1018 -24.53 -23.74 -13.46
CA ALA A 1018 -24.15 -23.05 -12.25
C ALA A 1018 -22.66 -22.64 -12.32
N LYS A 1019 -21.78 -23.52 -12.81
CA LYS A 1019 -20.36 -23.22 -12.96
C LYS A 1019 -20.14 -22.13 -13.99
N ILE A 1020 -20.85 -22.18 -15.12
CA ILE A 1020 -20.75 -21.14 -16.16
C ILE A 1020 -21.21 -19.79 -15.58
N GLN A 1021 -22.33 -19.76 -14.85
CA GLN A 1021 -22.82 -18.51 -14.25
C GLN A 1021 -21.89 -18.06 -13.12
N SER A 1022 -21.19 -18.96 -12.42
CA SER A 1022 -20.25 -18.59 -11.36
C SER A 1022 -19.06 -17.83 -11.94
N VAL A 1023 -18.63 -18.15 -13.16
CA VAL A 1023 -17.55 -17.42 -13.84
C VAL A 1023 -17.97 -15.96 -14.02
N VAL A 1024 -19.15 -15.73 -14.56
CA VAL A 1024 -19.68 -14.37 -14.75
C VAL A 1024 -19.94 -13.68 -13.41
N ASN A 1025 -20.50 -14.37 -12.42
CA ASN A 1025 -20.79 -13.77 -11.12
C ASN A 1025 -19.51 -13.38 -10.38
N SER A 1026 -18.46 -14.22 -10.43
CA SER A 1026 -17.18 -13.90 -9.79
C SER A 1026 -16.54 -12.68 -10.47
N ASN A 1027 -16.59 -12.59 -11.80
CA ASN A 1027 -16.07 -11.44 -12.52
C ASN A 1027 -16.85 -10.17 -12.15
N ALA A 1028 -18.18 -10.24 -12.12
CA ALA A 1028 -19.02 -9.10 -11.77
C ALA A 1028 -18.77 -8.66 -10.33
N GLN A 1029 -18.58 -9.59 -9.39
CA GLN A 1029 -18.28 -9.28 -7.99
C GLN A 1029 -16.91 -8.59 -7.88
N ALA A 1030 -15.89 -9.08 -8.60
CA ALA A 1030 -14.56 -8.47 -8.60
C ALA A 1030 -14.60 -7.06 -9.17
N LEU A 1031 -15.31 -6.85 -10.28
CA LEU A 1031 -15.48 -5.53 -10.90
C LEU A 1031 -16.26 -4.58 -10.00
N ASN A 1032 -17.33 -5.05 -9.35
CA ASN A 1032 -18.11 -4.22 -8.45
C ASN A 1032 -17.28 -3.85 -7.22
N SER A 1033 -16.54 -4.79 -6.64
CA SER A 1033 -15.70 -4.50 -5.47
C SER A 1033 -14.57 -3.54 -5.85
N LEU A 1034 -14.02 -3.62 -7.06
CA LEU A 1034 -13.02 -2.67 -7.53
C LEU A 1034 -13.62 -1.28 -7.68
N LEU A 1035 -14.83 -1.16 -8.24
CA LEU A 1035 -15.53 0.12 -8.35
C LEU A 1035 -15.80 0.72 -6.97
N GLN A 1036 -16.14 -0.10 -5.99
CA GLN A 1036 -16.41 0.35 -4.62
C GLN A 1036 -15.20 1.01 -3.97
N GLN A 1037 -13.98 0.76 -4.45
CA GLN A 1037 -12.78 1.40 -3.91
C GLN A 1037 -12.81 2.90 -4.16
N LEU A 1038 -13.50 3.37 -5.21
CA LEU A 1038 -13.66 4.78 -5.51
C LEU A 1038 -14.57 5.51 -4.52
N PHE A 1039 -15.23 4.79 -3.62
CA PHE A 1039 -16.07 5.36 -2.56
C PHE A 1039 -15.43 5.18 -1.18
N ASN A 1040 -14.27 4.55 -1.07
CA ASN A 1040 -13.55 4.45 0.21
C ASN A 1040 -12.84 5.77 0.47
N LYS A 1041 -12.80 6.24 1.72
CA LYS A 1041 -12.13 7.51 2.05
C LYS A 1041 -10.63 7.33 2.28
N PHE A 1042 -10.16 6.16 2.70
CA PHE A 1042 -8.73 5.90 2.95
C PHE A 1042 -8.08 6.91 3.92
N GLY A 1043 -8.84 7.39 4.91
CA GLY A 1043 -8.36 8.39 5.87
C GLY A 1043 -8.48 9.85 5.39
N ALA A 1044 -8.97 10.11 4.18
CA ALA A 1044 -9.18 11.46 3.67
C ALA A 1044 -10.52 12.03 4.17
N ILE A 1045 -10.75 13.33 4.02
CA ILE A 1045 -12.00 13.99 4.44
C ILE A 1045 -13.22 13.50 3.66
N SER A 1046 -13.03 13.06 2.42
CA SER A 1046 -14.08 12.55 1.53
C SER A 1046 -13.47 11.61 0.50
N SER A 1047 -14.29 10.74 -0.10
CA SER A 1047 -13.88 9.84 -1.16
C SER A 1047 -14.03 10.50 -2.54
N SER A 1048 -14.62 11.69 -2.61
CA SER A 1048 -14.85 12.41 -3.85
C SER A 1048 -13.81 13.48 -4.08
N LEU A 1049 -13.13 13.44 -5.24
CA LEU A 1049 -12.18 14.47 -5.63
C LEU A 1049 -12.88 15.82 -5.85
N GLN A 1050 -14.12 15.82 -6.32
CA GLN A 1050 -14.93 17.02 -6.45
C GLN A 1050 -15.10 17.72 -5.10
N GLU A 1051 -15.48 16.96 -4.08
CA GLU A 1051 -15.67 17.51 -2.73
C GLU A 1051 -14.37 18.03 -2.17
N ILE A 1052 -13.26 17.31 -2.29
CA ILE A 1052 -11.96 17.80 -1.77
C ILE A 1052 -11.54 19.09 -2.47
N LEU A 1053 -11.64 19.15 -3.80
CA LEU A 1053 -11.23 20.34 -4.56
C LEU A 1053 -12.18 21.53 -4.41
N SER A 1054 -13.43 21.32 -4.01
CA SER A 1054 -14.38 22.38 -3.71
C SER A 1054 -14.33 22.80 -2.23
N ARG A 1055 -13.56 22.09 -1.39
CA ARG A 1055 -13.39 22.37 0.04
C ARG A 1055 -12.06 23.00 0.42
N LEU A 1056 -10.95 22.54 -0.17
CA LEU A 1056 -9.58 22.92 0.20
C LEU A 1056 -8.74 23.47 -0.96
N ASP A 1057 -7.79 24.34 -0.63
CA ASP A 1057 -6.80 24.86 -1.60
C ASP A 1057 -5.69 23.81 -1.85
N PRO A 1058 -4.90 23.97 -2.92
CA PRO A 1058 -3.86 23.00 -3.29
C PRO A 1058 -2.96 22.45 -2.17
N PRO A 1059 -2.46 23.23 -1.19
CA PRO A 1059 -1.59 22.70 -0.13
C PRO A 1059 -2.21 21.54 0.66
N GLU A 1060 -3.42 21.71 1.21
CA GLU A 1060 -4.07 20.66 1.97
C GLU A 1060 -4.89 19.75 1.07
N ALA A 1061 -5.42 20.23 -0.06
CA ALA A 1061 -6.12 19.37 -1.00
C ALA A 1061 -5.16 18.29 -1.50
N GLN A 1062 -3.88 18.61 -1.66
CA GLN A 1062 -2.86 17.66 -2.09
C GLN A 1062 -2.73 16.54 -1.05
N VAL A 1063 -2.78 16.82 0.24
CA VAL A 1063 -2.69 15.79 1.29
C VAL A 1063 -3.88 14.83 1.19
N GLN A 1064 -5.08 15.36 1.03
CA GLN A 1064 -6.30 14.55 0.91
C GLN A 1064 -6.29 13.72 -0.37
N ILE A 1065 -5.96 14.32 -1.51
CA ILE A 1065 -5.90 13.63 -2.79
C ILE A 1065 -4.80 12.56 -2.76
N ASP A 1066 -3.68 12.80 -2.09
CA ASP A 1066 -2.61 11.84 -1.96
C ASP A 1066 -3.06 10.60 -1.19
N ARG A 1067 -3.86 10.75 -0.12
CA ARG A 1067 -4.42 9.62 0.61
C ARG A 1067 -5.31 8.78 -0.31
N LEU A 1068 -6.16 9.42 -1.12
CA LEU A 1068 -7.00 8.73 -2.11
C LEU A 1068 -6.18 8.03 -3.19
N ILE A 1069 -5.17 8.69 -3.77
CA ILE A 1069 -4.29 8.09 -4.76
C ILE A 1069 -3.63 6.84 -4.18
N ASN A 1070 -3.09 6.92 -2.96
CA ASN A 1070 -2.43 5.79 -2.34
C ASN A 1070 -3.38 4.61 -2.13
N GLY A 1071 -4.59 4.88 -1.62
CA GLY A 1071 -5.61 3.87 -1.40
C GLY A 1071 -6.05 3.20 -2.70
N ARG A 1072 -6.33 3.99 -3.73
CA ARG A 1072 -6.76 3.50 -5.05
C ARG A 1072 -5.67 2.73 -5.77
N LEU A 1073 -4.42 3.18 -5.74
CA LEU A 1073 -3.29 2.43 -6.29
C LEU A 1073 -3.07 1.12 -5.54
N THR A 1074 -3.19 1.09 -4.21
CA THR A 1074 -3.09 -0.14 -3.42
C THR A 1074 -4.19 -1.11 -3.83
N ALA A 1075 -5.42 -0.63 -4.03
CA ALA A 1075 -6.54 -1.44 -4.47
C ALA A 1075 -6.29 -2.03 -5.86
N LEU A 1076 -5.78 -1.24 -6.81
CA LEU A 1076 -5.43 -1.73 -8.14
C LEU A 1076 -4.34 -2.80 -8.09
N ASN A 1077 -3.33 -2.64 -7.24
CA ASN A 1077 -2.28 -3.64 -7.07
C ASN A 1077 -2.86 -4.96 -6.55
N ALA A 1078 -3.75 -4.89 -5.56
CA ALA A 1078 -4.39 -6.07 -5.01
C ALA A 1078 -5.24 -6.78 -6.09
N TYR A 1079 -6.01 -6.02 -6.87
CA TYR A 1079 -6.83 -6.58 -7.93
C TYR A 1079 -5.97 -7.23 -9.01
N VAL A 1080 -4.87 -6.59 -9.40
CA VAL A 1080 -3.93 -7.11 -10.39
C VAL A 1080 -3.30 -8.42 -9.91
N SER A 1081 -2.89 -8.50 -8.65
CA SER A 1081 -2.31 -9.72 -8.10
C SER A 1081 -3.33 -10.85 -8.11
N GLN A 1082 -4.57 -10.58 -7.72
CA GLN A 1082 -5.64 -11.57 -7.76
C GLN A 1082 -5.92 -12.02 -9.21
N GLN A 1083 -5.92 -11.09 -10.16
CA GLN A 1083 -6.19 -11.40 -11.56
C GLN A 1083 -5.10 -12.30 -12.14
N LEU A 1084 -3.83 -12.08 -11.81
CA LEU A 1084 -2.73 -12.96 -12.24
C LEU A 1084 -2.95 -14.38 -11.69
N SER A 1085 -3.27 -14.49 -10.41
CA SER A 1085 -3.53 -15.78 -9.77
C SER A 1085 -4.73 -16.49 -10.41
N ASP A 1086 -5.80 -15.76 -10.71
CA ASP A 1086 -6.99 -16.35 -11.33
C ASP A 1086 -6.70 -16.82 -12.75
N ILE A 1087 -5.93 -16.07 -13.53
CA ILE A 1087 -5.60 -16.49 -14.90
C ILE A 1087 -4.74 -17.75 -14.90
N SER A 1088 -3.93 -17.99 -13.87
CA SER A 1088 -3.18 -19.25 -13.77
C SER A 1088 -4.15 -20.44 -13.73
N LEU A 1089 -5.23 -20.34 -12.95
CA LEU A 1089 -6.26 -21.38 -12.86
C LEU A 1089 -7.00 -21.53 -14.19
N VAL A 1090 -7.25 -20.43 -14.90
CA VAL A 1090 -7.90 -20.46 -16.22
C VAL A 1090 -7.00 -21.18 -17.22
N LYS A 1091 -5.67 -20.95 -17.21
CA LYS A 1091 -4.73 -21.66 -18.09
C LYS A 1091 -4.72 -23.16 -17.76
N PHE A 1092 -4.73 -23.52 -16.49
CA PHE A 1092 -4.78 -24.93 -16.08
C PHE A 1092 -6.06 -25.58 -16.62
N GLY A 1093 -7.20 -24.92 -16.48
CA GLY A 1093 -8.48 -25.40 -16.99
C GLY A 1093 -8.50 -25.50 -18.52
N ALA A 1094 -7.89 -24.55 -19.22
CA ALA A 1094 -7.84 -24.61 -20.67
C ALA A 1094 -6.96 -25.77 -21.14
N ALA A 1095 -5.84 -26.05 -20.46
CA ALA A 1095 -5.01 -27.19 -20.79
C ALA A 1095 -5.80 -28.50 -20.58
N LEU A 1096 -6.55 -28.61 -19.50
CA LEU A 1096 -7.39 -29.78 -19.25
C LEU A 1096 -8.45 -29.92 -20.34
N ALA A 1097 -9.09 -28.83 -20.76
CA ALA A 1097 -10.09 -28.88 -21.82
C ALA A 1097 -9.46 -29.32 -23.14
N MET A 1098 -8.27 -28.84 -23.48
CA MET A 1098 -7.58 -29.25 -24.70
C MET A 1098 -7.24 -30.74 -24.63
N GLU A 1099 -6.78 -31.22 -23.48
CA GLU A 1099 -6.48 -32.63 -23.26
C GLU A 1099 -7.77 -33.48 -23.40
N LYS A 1100 -8.91 -33.02 -22.84
CA LYS A 1100 -10.18 -33.72 -22.97
C LYS A 1100 -10.64 -33.74 -24.43
N VAL A 1101 -10.48 -32.65 -25.18
CA VAL A 1101 -10.80 -32.61 -26.61
C VAL A 1101 -10.04 -33.72 -27.35
N ASN A 1102 -8.72 -33.69 -27.23
CA ASN A 1102 -7.82 -34.66 -27.87
C ASN A 1102 -8.02 -36.11 -27.44
N GLU A 1103 -8.22 -36.37 -26.15
CA GLU A 1103 -8.27 -37.72 -25.61
C GLU A 1103 -9.66 -38.26 -25.23
N CYS A 1104 -10.74 -37.52 -25.47
CA CYS A 1104 -12.11 -37.96 -25.23
C CYS A 1104 -13.04 -37.73 -26.43
N VAL A 1105 -12.84 -36.66 -27.21
CA VAL A 1105 -13.69 -36.36 -28.37
C VAL A 1105 -13.07 -36.85 -29.66
N LYS A 1106 -11.85 -36.40 -30.00
CA LYS A 1106 -11.16 -36.80 -31.24
C LYS A 1106 -10.63 -38.24 -31.22
N SER A 1107 -10.44 -38.78 -30.04
CA SER A 1107 -9.95 -40.13 -29.79
C SER A 1107 -10.38 -40.56 -28.41
N GLN A 1108 -10.19 -41.82 -28.07
CA GLN A 1108 -10.56 -42.41 -26.79
C GLN A 1108 -9.32 -42.98 -26.13
N SER A 1109 -8.60 -42.16 -25.38
CA SER A 1109 -7.38 -42.59 -24.70
C SER A 1109 -7.67 -43.62 -23.60
N PRO A 1110 -6.83 -44.66 -23.40
CA PRO A 1110 -7.04 -45.69 -22.39
C PRO A 1110 -6.71 -45.19 -20.97
N ARG A 1111 -7.53 -44.27 -20.48
CA ARG A 1111 -7.46 -43.61 -19.16
C ARG A 1111 -8.87 -43.73 -18.59
N ILE A 1112 -9.04 -44.41 -17.46
CA ILE A 1112 -10.37 -44.78 -16.96
C ILE A 1112 -11.32 -43.65 -16.60
N ASN A 1113 -11.00 -42.82 -15.61
CA ASN A 1113 -11.92 -41.75 -15.18
C ASN A 1113 -11.54 -40.37 -15.72
N PHE A 1114 -10.72 -40.31 -16.78
CA PHE A 1114 -10.30 -39.04 -17.35
C PHE A 1114 -11.47 -38.32 -18.04
N CYS A 1115 -12.25 -39.04 -18.85
CA CYS A 1115 -13.41 -38.53 -19.58
C CYS A 1115 -14.71 -38.76 -18.82
N GLY A 1116 -14.80 -38.22 -17.60
CA GLY A 1116 -15.99 -38.42 -16.77
C GLY A 1116 -15.94 -39.75 -16.02
N ASN A 1117 -16.93 -39.98 -15.17
CA ASN A 1117 -17.01 -41.20 -14.35
C ASN A 1117 -17.71 -42.36 -15.08
N GLY A 1118 -17.48 -43.57 -14.58
CA GLY A 1118 -18.08 -44.79 -15.11
C GLY A 1118 -17.36 -45.37 -16.33
N ASN A 1119 -18.05 -46.27 -17.01
CA ASN A 1119 -17.57 -46.95 -18.20
C ASN A 1119 -17.72 -46.01 -19.41
N HIS A 1120 -16.76 -45.13 -19.62
CA HIS A 1120 -16.81 -44.13 -20.70
C HIS A 1120 -16.77 -44.75 -22.10
N ILE A 1121 -17.72 -44.34 -22.95
CA ILE A 1121 -17.83 -44.78 -24.32
C ILE A 1121 -17.10 -43.77 -25.20
N LEU A 1122 -17.59 -42.54 -25.23
CA LEU A 1122 -17.00 -41.43 -25.98
C LEU A 1122 -17.55 -40.11 -25.47
N SER A 1123 -16.96 -39.01 -25.91
CA SER A 1123 -17.39 -37.67 -25.55
C SER A 1123 -17.61 -36.80 -26.78
N LEU A 1124 -18.47 -35.82 -26.64
CA LEU A 1124 -18.75 -34.80 -27.64
C LEU A 1124 -18.52 -33.45 -27.00
N VAL A 1125 -18.22 -32.42 -27.78
CA VAL A 1125 -17.95 -31.08 -27.24
C VAL A 1125 -18.79 -30.02 -27.92
N GLN A 1126 -19.24 -29.06 -27.14
CA GLN A 1126 -20.02 -27.91 -27.59
C GLN A 1126 -19.45 -26.66 -26.96
N ASN A 1127 -19.61 -25.53 -27.63
CA ASN A 1127 -19.14 -24.26 -27.13
C ASN A 1127 -19.96 -23.81 -25.92
N ALA A 1128 -19.34 -23.14 -24.97
CA ALA A 1128 -20.03 -22.61 -23.79
C ALA A 1128 -19.49 -21.22 -23.46
N PRO A 1129 -20.23 -20.35 -22.78
CA PRO A 1129 -19.72 -19.05 -22.42
C PRO A 1129 -18.44 -19.21 -21.58
N TYR A 1130 -17.33 -18.64 -22.06
CA TYR A 1130 -16.01 -18.71 -21.41
C TYR A 1130 -15.43 -20.11 -21.23
N GLY A 1131 -15.77 -21.08 -22.08
CA GLY A 1131 -15.26 -22.43 -21.94
C GLY A 1131 -15.84 -23.41 -22.92
N LEU A 1132 -15.74 -24.69 -22.60
CA LEU A 1132 -16.28 -25.76 -23.41
C LEU A 1132 -17.14 -26.68 -22.57
N LEU A 1133 -18.19 -27.20 -23.17
CA LEU A 1133 -19.07 -28.15 -22.52
C LEU A 1133 -18.84 -29.51 -23.15
N PHE A 1134 -18.40 -30.46 -22.37
CA PHE A 1134 -18.16 -31.83 -22.79
C PHE A 1134 -19.32 -32.68 -22.35
N MET A 1135 -19.85 -33.47 -23.26
CA MET A 1135 -20.91 -34.43 -22.97
C MET A 1135 -20.23 -35.79 -22.97
N HIS A 1136 -20.10 -36.41 -21.81
CA HIS A 1136 -19.47 -37.72 -21.68
C HIS A 1136 -20.56 -38.77 -21.68
N PHE A 1137 -20.49 -39.72 -22.58
CA PHE A 1137 -21.47 -40.80 -22.67
C PHE A 1137 -20.84 -42.06 -22.09
N SER A 1138 -21.54 -42.69 -21.17
CA SER A 1138 -21.06 -43.88 -20.47
C SER A 1138 -22.04 -45.03 -20.54
N TYR A 1139 -21.49 -46.24 -20.51
CA TYR A 1139 -22.26 -47.48 -20.48
C TYR A 1139 -22.75 -47.65 -19.04
N LYS A 1140 -24.07 -47.66 -18.84
CA LYS A 1140 -24.70 -47.78 -17.52
C LYS A 1140 -25.50 -49.06 -17.37
N PRO A 1141 -25.04 -50.02 -16.55
CA PRO A 1141 -25.82 -51.21 -16.26
C PRO A 1141 -27.16 -50.87 -15.62
N ILE A 1142 -28.23 -51.55 -16.01
CA ILE A 1142 -29.60 -51.35 -15.50
C ILE A 1142 -29.94 -52.42 -14.48
N SER A 1143 -29.72 -53.68 -14.84
CA SER A 1143 -29.98 -54.83 -14.00
C SER A 1143 -28.79 -55.77 -14.00
N PHE A 1144 -28.64 -56.56 -12.94
CA PHE A 1144 -27.53 -57.47 -12.75
C PHE A 1144 -27.98 -58.88 -12.38
N LYS A 1145 -27.15 -59.87 -12.71
CA LYS A 1145 -27.34 -61.28 -12.37
C LYS A 1145 -26.18 -61.71 -11.50
N THR A 1146 -26.44 -62.35 -10.37
CA THR A 1146 -25.37 -62.91 -9.54
C THR A 1146 -24.93 -64.21 -10.20
N VAL A 1147 -23.66 -64.31 -10.59
CA VAL A 1147 -23.14 -65.52 -11.22
C VAL A 1147 -21.85 -65.98 -10.58
N LEU A 1148 -21.57 -67.27 -10.68
CA LEU A 1148 -20.36 -67.86 -10.17
C LEU A 1148 -19.36 -67.90 -11.32
N VAL A 1149 -18.23 -67.23 -11.14
CA VAL A 1149 -17.20 -67.07 -12.15
C VAL A 1149 -15.84 -67.59 -11.74
N SER A 1150 -15.03 -67.97 -12.72
CA SER A 1150 -13.67 -68.43 -12.53
C SER A 1150 -12.74 -67.45 -13.24
N PRO A 1151 -11.70 -66.91 -12.59
CA PRO A 1151 -10.78 -65.98 -13.21
C PRO A 1151 -9.76 -66.66 -14.13
N GLY A 1152 -9.78 -67.99 -14.21
CA GLY A 1152 -8.91 -68.79 -15.05
C GLY A 1152 -9.18 -70.29 -14.91
N LEU A 1153 -8.77 -71.07 -15.90
CA LEU A 1153 -8.96 -72.51 -15.96
C LEU A 1153 -7.65 -73.22 -16.31
N CYS A 1154 -7.47 -74.41 -15.76
CA CYS A 1154 -6.35 -75.30 -16.06
C CYS A 1154 -6.94 -76.38 -16.96
N ILE A 1155 -6.57 -76.41 -18.24
CA ILE A 1155 -7.16 -77.30 -19.25
C ILE A 1155 -6.16 -78.20 -19.95
N SER A 1156 -6.64 -79.31 -20.53
CA SER A 1156 -5.79 -80.24 -21.29
C SER A 1156 -4.54 -80.68 -20.51
N GLY A 1157 -3.35 -80.59 -21.09
CA GLY A 1157 -2.07 -80.91 -20.48
C GLY A 1157 -1.57 -79.80 -19.54
N ASP A 1158 -2.38 -79.41 -18.56
CA ASP A 1158 -2.10 -78.37 -17.57
C ASP A 1158 -1.82 -76.98 -18.17
N VAL A 1159 -2.43 -76.69 -19.32
CA VAL A 1159 -2.31 -75.39 -20.02
C VAL A 1159 -3.26 -74.43 -19.33
N GLY A 1160 -2.80 -73.23 -19.03
CA GLY A 1160 -3.63 -72.23 -18.37
C GLY A 1160 -4.32 -71.31 -19.35
N ILE A 1161 -5.58 -70.99 -19.12
CA ILE A 1161 -6.32 -70.02 -19.90
C ILE A 1161 -6.94 -69.01 -18.95
N ALA A 1162 -6.87 -67.74 -19.30
CA ALA A 1162 -7.47 -66.64 -18.57
C ALA A 1162 -8.44 -65.93 -19.52
N PRO A 1163 -9.60 -65.48 -19.05
CA PRO A 1163 -10.59 -64.84 -19.90
C PRO A 1163 -10.16 -63.41 -20.29
N LYS A 1164 -10.38 -62.98 -21.54
CA LYS A 1164 -10.06 -61.62 -21.99
C LYS A 1164 -11.26 -60.71 -21.75
N GLN A 1165 -11.16 -59.75 -20.82
CA GLN A 1165 -12.25 -58.81 -20.52
C GLN A 1165 -13.57 -59.54 -20.21
N GLY A 1166 -13.49 -60.58 -19.40
CA GLY A 1166 -14.63 -61.40 -19.05
C GLY A 1166 -14.33 -62.43 -18.00
N TYR A 1167 -15.16 -63.46 -17.94
CA TYR A 1167 -15.05 -64.54 -16.99
C TYR A 1167 -15.45 -65.88 -17.56
N PHE A 1168 -14.98 -66.95 -16.95
CA PHE A 1168 -15.40 -68.31 -17.29
C PHE A 1168 -16.53 -68.68 -16.35
N ILE A 1169 -17.62 -69.20 -16.90
CA ILE A 1169 -18.83 -69.57 -16.17
C ILE A 1169 -19.28 -70.99 -16.50
N LYS A 1170 -20.00 -71.60 -15.57
CA LYS A 1170 -20.62 -72.92 -15.77
C LYS A 1170 -22.01 -72.68 -16.33
N HIS A 1171 -22.18 -72.82 -17.64
CA HIS A 1171 -23.48 -72.67 -18.30
C HIS A 1171 -23.88 -74.06 -18.76
N ASN A 1172 -25.10 -74.49 -18.44
CA ASN A 1172 -25.52 -75.86 -18.66
C ASN A 1172 -24.58 -76.77 -17.83
N ASP A 1173 -23.95 -77.77 -18.43
CA ASP A 1173 -23.02 -78.70 -17.76
C ASP A 1173 -21.52 -78.41 -18.03
N HIS A 1174 -21.20 -77.50 -18.95
CA HIS A 1174 -19.83 -77.19 -19.37
C HIS A 1174 -19.38 -75.74 -19.14
N TRP A 1175 -18.10 -75.48 -19.42
CA TRP A 1175 -17.50 -74.16 -19.30
C TRP A 1175 -17.76 -73.31 -20.52
N MET A 1176 -18.12 -72.05 -20.28
CA MET A 1176 -18.41 -71.02 -21.26
C MET A 1176 -17.74 -69.70 -20.81
N PHE A 1177 -17.70 -68.73 -21.69
CA PHE A 1177 -17.16 -67.39 -21.47
C PHE A 1177 -18.27 -66.36 -21.47
N THR A 1178 -18.14 -65.31 -20.68
CA THR A 1178 -19.06 -64.18 -20.69
C THR A 1178 -18.24 -62.91 -20.55
N GLY A 1179 -18.68 -61.83 -21.18
CA GLY A 1179 -18.01 -60.54 -21.04
C GLY A 1179 -18.20 -60.02 -19.62
N SER A 1180 -17.26 -59.23 -19.11
CA SER A 1180 -17.32 -58.73 -17.73
C SER A 1180 -18.40 -57.66 -17.54
N SER A 1181 -18.86 -57.02 -18.61
CA SER A 1181 -19.85 -55.94 -18.56
C SER A 1181 -21.21 -56.32 -19.12
N TYR A 1182 -21.42 -57.55 -19.57
CA TYR A 1182 -22.71 -58.00 -20.06
C TYR A 1182 -22.78 -59.52 -20.01
N TYR A 1183 -23.79 -60.07 -19.33
CA TYR A 1183 -23.96 -61.50 -19.20
C TYR A 1183 -24.51 -62.10 -20.48
N TYR A 1184 -23.69 -62.88 -21.16
CA TYR A 1184 -24.04 -63.54 -22.41
C TYR A 1184 -23.13 -64.76 -22.57
N PRO A 1185 -23.56 -65.96 -22.16
CA PRO A 1185 -22.76 -67.16 -22.32
C PRO A 1185 -22.35 -67.33 -23.78
N GLU A 1186 -21.08 -67.61 -23.99
CA GLU A 1186 -20.42 -67.70 -25.28
C GLU A 1186 -19.36 -68.79 -25.25
N PRO A 1187 -19.16 -69.59 -26.31
CA PRO A 1187 -18.17 -70.65 -26.29
C PRO A 1187 -16.75 -70.12 -26.04
N ILE A 1188 -15.96 -70.86 -25.28
CA ILE A 1188 -14.56 -70.50 -25.00
C ILE A 1188 -13.75 -70.74 -26.28
N SER A 1189 -12.99 -69.75 -26.72
CA SER A 1189 -12.16 -69.84 -27.92
C SER A 1189 -10.93 -68.95 -27.79
N ASP A 1190 -10.01 -69.01 -28.74
CA ASP A 1190 -8.80 -68.18 -28.74
C ASP A 1190 -9.13 -66.68 -28.88
N LYS A 1191 -10.35 -66.32 -29.28
CA LYS A 1191 -10.80 -64.94 -29.43
C LYS A 1191 -11.06 -64.26 -28.08
N ASN A 1192 -11.34 -65.02 -27.01
CA ASN A 1192 -11.63 -64.49 -25.68
C ASN A 1192 -10.78 -65.14 -24.58
N VAL A 1193 -9.55 -65.57 -24.91
CA VAL A 1193 -8.65 -66.27 -23.99
C VAL A 1193 -7.20 -65.82 -24.12
N VAL A 1194 -6.52 -65.72 -22.98
CA VAL A 1194 -5.07 -65.49 -22.88
C VAL A 1194 -4.49 -66.85 -22.50
N PHE A 1195 -3.60 -67.41 -23.31
CA PHE A 1195 -2.98 -68.72 -23.05
C PHE A 1195 -1.71 -68.62 -22.21
N MET A 1196 -1.47 -69.61 -21.37
CA MET A 1196 -0.27 -69.78 -20.55
C MET A 1196 0.22 -71.23 -20.70
N ASN A 1197 1.51 -71.47 -20.82
CA ASN A 1197 2.03 -72.84 -20.95
C ASN A 1197 1.77 -73.66 -19.68
N THR A 1198 1.86 -73.03 -18.51
CA THR A 1198 1.58 -73.61 -17.20
C THR A 1198 0.42 -72.85 -16.57
N CYS A 1199 -0.54 -73.54 -15.98
CA CYS A 1199 -1.70 -72.89 -15.36
C CYS A 1199 -1.38 -72.37 -13.95
N SER A 1200 -1.98 -71.25 -13.55
CA SER A 1200 -1.79 -70.71 -12.21
C SER A 1200 -2.40 -71.61 -11.14
N VAL A 1201 -1.86 -71.61 -9.92
CA VAL A 1201 -2.47 -72.38 -8.84
C VAL A 1201 -3.83 -71.75 -8.56
N ASN A 1202 -4.76 -72.53 -8.04
CA ASN A 1202 -6.15 -72.15 -7.76
C ASN A 1202 -6.99 -71.88 -9.03
N PHE A 1203 -6.43 -72.01 -10.24
CA PHE A 1203 -7.23 -71.96 -11.46
C PHE A 1203 -8.11 -73.21 -11.43
N THR A 1204 -9.38 -73.10 -11.77
CA THR A 1204 -10.27 -74.27 -11.69
C THR A 1204 -9.85 -75.33 -12.70
N LYS A 1205 -9.68 -76.58 -12.25
CA LYS A 1205 -9.27 -77.71 -13.10
C LYS A 1205 -10.42 -78.06 -14.05
N ALA A 1206 -10.15 -78.12 -15.34
CA ALA A 1206 -11.13 -78.46 -16.37
C ALA A 1206 -10.49 -79.22 -17.53
N PRO A 1207 -10.11 -80.50 -17.35
CA PRO A 1207 -9.45 -81.30 -18.39
C PRO A 1207 -10.28 -81.49 -19.66
N LEU A 1208 -11.60 -81.41 -19.56
CA LEU A 1208 -12.55 -81.59 -20.66
C LEU A 1208 -12.64 -80.38 -21.61
N VAL A 1209 -12.02 -79.24 -21.30
CA VAL A 1209 -12.06 -78.04 -22.15
C VAL A 1209 -11.03 -78.11 -23.27
N TYR A 1210 -11.47 -77.94 -24.51
CA TYR A 1210 -10.63 -77.92 -25.71
C TYR A 1210 -9.72 -79.14 -25.85
N VAL B 1 45.12 18.91 32.33
CA VAL B 1 44.36 18.99 33.63
C VAL B 1 42.95 18.45 33.42
N ILE B 2 42.22 18.17 34.51
CA ILE B 2 40.84 17.68 34.44
C ILE B 2 39.91 18.78 34.86
N GLY B 3 39.96 19.20 36.12
CA GLY B 3 39.22 20.35 36.61
C GLY B 3 40.10 21.60 36.53
N ASP B 4 39.61 22.73 37.01
CA ASP B 4 40.39 23.98 37.02
C ASP B 4 40.80 24.40 38.44
N PHE B 5 40.45 23.62 39.47
CA PHE B 5 40.77 23.98 40.84
C PHE B 5 42.15 23.49 41.26
N ASN B 6 42.99 24.41 41.72
CA ASN B 6 44.33 24.10 42.19
C ASN B 6 44.24 23.56 43.63
N CYS B 7 43.98 22.27 43.78
CA CYS B 7 43.86 21.61 45.08
C CYS B 7 45.21 21.53 45.80
N THR B 8 46.29 21.19 45.09
CA THR B 8 47.64 21.11 45.66
C THR B 8 48.74 21.20 44.61
N ASN B 9 49.95 21.58 45.03
CA ASN B 9 51.16 21.67 44.20
C ASN B 9 52.28 20.77 44.76
N PHE B 10 51.99 19.92 45.74
CA PHE B 10 52.95 19.02 46.35
C PHE B 10 53.25 17.84 45.43
N ALA B 11 54.52 17.58 45.14
CA ALA B 11 54.99 16.45 44.35
C ALA B 11 54.33 16.29 42.96
N ILE B 12 54.47 17.29 42.10
CA ILE B 12 53.93 17.31 40.74
C ILE B 12 55.09 17.42 39.74
N ASN B 13 55.16 16.56 38.74
CA ASN B 13 56.22 16.60 37.72
C ASN B 13 55.64 16.43 36.30
N ASP B 14 56.47 16.36 35.27
CA ASP B 14 56.06 16.18 33.88
C ASP B 14 56.68 14.92 33.26
N LEU B 15 57.00 13.91 34.09
CA LEU B 15 57.63 12.68 33.63
C LEU B 15 56.68 11.79 32.84
N ASN B 16 57.11 11.31 31.68
CA ASN B 16 56.35 10.37 30.86
C ASN B 16 56.62 8.96 31.40
N THR B 17 55.98 8.60 32.51
CA THR B 17 56.19 7.31 33.19
C THR B 17 55.70 6.11 32.40
N THR B 18 54.50 6.19 31.81
CA THR B 18 53.88 5.10 31.05
C THR B 18 52.75 5.60 30.15
N VAL B 19 52.21 4.72 29.31
CA VAL B 19 51.08 4.96 28.40
C VAL B 19 50.07 3.82 28.56
N PRO B 20 48.77 3.99 28.24
CA PRO B 20 47.78 2.92 28.37
C PRO B 20 48.17 1.70 27.52
N ARG B 21 48.45 0.57 28.17
CA ARG B 21 48.82 -0.67 27.47
C ARG B 21 47.58 -1.32 26.87
N ILE B 22 47.75 -2.04 25.76
CA ILE B 22 46.66 -2.72 25.07
C ILE B 22 46.62 -4.18 25.53
N SER B 23 45.46 -4.68 25.91
CA SER B 23 45.29 -6.05 26.38
C SER B 23 45.45 -7.11 25.29
N GLU B 24 46.04 -8.23 25.66
CA GLU B 24 46.15 -9.42 24.81
C GLU B 24 44.77 -10.12 24.76
N TYR B 25 43.96 -9.88 25.80
CA TYR B 25 42.60 -10.34 25.96
C TYR B 25 41.70 -9.49 25.06
N VAL B 26 40.72 -10.10 24.40
CA VAL B 26 39.79 -9.38 23.51
C VAL B 26 38.35 -9.61 23.94
N VAL B 27 37.46 -8.75 23.48
CA VAL B 27 36.03 -8.85 23.82
C VAL B 27 35.47 -10.13 23.23
N ASP B 28 34.99 -11.02 24.09
CA ASP B 28 34.36 -12.30 23.75
C ASP B 28 33.00 -12.36 24.43
N VAL B 29 31.94 -12.15 23.65
CA VAL B 29 30.58 -12.13 24.16
C VAL B 29 29.85 -13.45 24.01
N SER B 30 30.53 -14.52 23.58
CA SER B 30 29.90 -15.82 23.35
C SER B 30 29.24 -16.44 24.58
N TYR B 31 29.62 -16.01 25.80
CA TYR B 31 29.05 -16.50 27.06
C TYR B 31 28.42 -15.38 27.92
N GLY B 32 27.98 -14.28 27.30
CA GLY B 32 27.30 -13.18 28.00
C GLY B 32 28.19 -12.04 28.51
N LEU B 33 29.51 -12.22 28.59
CA LEU B 33 30.40 -11.16 29.07
C LEU B 33 30.36 -9.99 28.08
N GLY B 34 30.27 -8.77 28.56
CA GLY B 34 30.13 -7.61 27.67
C GLY B 34 28.67 -7.25 27.40
N THR B 35 27.72 -8.06 27.86
CA THR B 35 26.28 -7.78 27.77
C THR B 35 25.72 -7.40 29.13
N TYR B 36 24.45 -7.02 29.19
CA TYR B 36 23.77 -6.65 30.42
C TYR B 36 22.33 -7.13 30.40
N TYR B 37 21.75 -7.33 31.57
CA TYR B 37 20.33 -7.66 31.65
C TYR B 37 19.56 -6.40 31.29
N ILE B 38 18.54 -6.51 30.46
CA ILE B 38 17.81 -5.36 29.95
C ILE B 38 16.92 -4.73 31.04
N LEU B 39 17.38 -3.61 31.61
CA LEU B 39 16.67 -2.83 32.64
C LEU B 39 16.19 -3.73 33.79
N ASP B 40 14.90 -3.70 34.13
CA ASP B 40 14.30 -4.54 35.17
C ASP B 40 13.48 -5.68 34.56
N ARG B 41 13.74 -6.03 33.30
CA ARG B 41 13.05 -7.09 32.56
C ARG B 41 13.69 -8.45 32.78
N VAL B 42 12.87 -9.48 32.61
CA VAL B 42 13.21 -10.89 32.68
C VAL B 42 12.76 -11.52 31.37
N TYR B 43 13.62 -12.28 30.71
CA TYR B 43 13.31 -13.05 29.51
C TYR B 43 13.59 -14.52 29.85
N LEU B 44 12.68 -15.45 29.60
CA LEU B 44 12.85 -16.86 29.95
C LEU B 44 12.85 -17.80 28.76
N ASN B 45 13.87 -18.65 28.68
CA ASN B 45 14.02 -19.70 27.66
C ASN B 45 13.75 -19.19 26.24
N THR B 46 14.48 -18.18 25.80
CA THR B 46 14.27 -17.56 24.49
C THR B 46 15.49 -16.81 23.97
N THR B 47 15.51 -16.50 22.68
CA THR B 47 16.56 -15.73 22.02
C THR B 47 15.97 -14.40 21.56
N ILE B 48 16.66 -13.31 21.88
CA ILE B 48 16.22 -11.95 21.61
C ILE B 48 17.23 -11.20 20.76
N LEU B 49 16.78 -10.54 19.69
CA LEU B 49 17.63 -9.64 18.91
C LEU B 49 17.43 -8.28 19.58
N PHE B 50 18.37 -7.86 20.41
CA PHE B 50 18.30 -6.60 21.14
C PHE B 50 19.36 -5.63 20.66
N THR B 51 18.97 -4.40 20.33
CA THR B 51 19.90 -3.37 19.90
C THR B 51 20.18 -2.47 21.10
N GLY B 52 21.40 -2.50 21.61
CA GLY B 52 21.82 -1.72 22.78
C GLY B 52 23.23 -1.17 22.63
N TYR B 53 23.85 -0.80 23.74
CA TYR B 53 25.21 -0.26 23.74
C TYR B 53 26.14 -1.34 24.22
N PHE B 54 26.78 -1.99 23.26
CA PHE B 54 27.65 -3.12 23.51
C PHE B 54 29.05 -2.92 22.95
N PRO B 55 30.05 -3.59 23.53
CA PRO B 55 31.40 -3.51 23.01
C PRO B 55 31.48 -4.26 21.69
N LYS B 56 32.41 -3.88 20.82
CA LYS B 56 32.62 -4.57 19.54
C LYS B 56 33.32 -5.91 19.82
N SER B 57 32.77 -7.02 19.34
CA SER B 57 33.38 -8.33 19.54
C SER B 57 34.76 -8.40 18.87
N GLY B 58 35.75 -8.93 19.58
CA GLY B 58 37.13 -9.05 19.12
C GLY B 58 37.97 -7.79 19.37
N ALA B 59 37.41 -6.70 19.87
CA ALA B 59 38.17 -5.49 20.16
C ALA B 59 39.03 -5.65 21.42
N ASN B 60 40.11 -4.87 21.54
CA ASN B 60 41.00 -4.92 22.69
C ASN B 60 40.54 -3.93 23.78
N PHE B 61 41.22 -3.97 24.92
CA PHE B 61 40.99 -3.07 26.04
C PHE B 61 42.24 -2.25 26.32
N ARG B 62 42.06 -1.03 26.83
CA ARG B 62 43.15 -0.13 27.22
C ARG B 62 43.18 -0.08 28.74
N ASP B 63 44.32 -0.35 29.36
CA ASP B 63 44.42 -0.24 30.82
C ASP B 63 44.64 1.23 31.18
N LEU B 64 43.60 1.87 31.70
CA LEU B 64 43.65 3.29 32.08
C LEU B 64 44.03 3.50 33.55
N SER B 65 44.21 2.44 34.33
CA SER B 65 44.65 2.58 35.71
C SER B 65 46.06 3.15 35.79
N LEU B 66 46.33 3.96 36.81
CA LEU B 66 47.65 4.54 37.08
C LEU B 66 47.96 4.40 38.56
N LYS B 67 49.12 3.84 38.89
CA LYS B 67 49.57 3.67 40.27
C LYS B 67 50.75 4.60 40.52
N GLY B 68 50.64 5.45 41.53
CA GLY B 68 51.69 6.38 41.93
C GLY B 68 52.18 6.07 43.34
N THR B 69 53.39 6.53 43.66
CA THR B 69 53.97 6.36 45.02
C THR B 69 53.83 7.66 45.80
N THR B 70 54.47 8.73 45.30
CA THR B 70 54.43 10.08 45.90
C THR B 70 54.17 11.16 44.86
N TYR B 71 54.75 11.05 43.66
CA TYR B 71 54.61 12.07 42.63
C TYR B 71 53.50 11.75 41.63
N LEU B 72 52.83 12.79 41.13
CA LEU B 72 51.80 12.73 40.10
C LEU B 72 52.32 13.45 38.85
N SER B 73 52.29 12.80 37.69
CA SER B 73 52.75 13.43 36.45
C SER B 73 51.64 14.23 35.79
N THR B 74 51.92 15.42 35.29
CA THR B 74 50.92 16.24 34.58
C THR B 74 50.45 15.54 33.31
N LEU B 75 51.26 14.65 32.73
CA LEU B 75 50.91 13.90 31.52
C LEU B 75 49.81 12.85 31.81
N TRP B 76 49.61 12.46 33.06
CA TRP B 76 48.56 11.53 33.45
C TRP B 76 47.17 12.15 33.31
N TYR B 77 47.07 13.48 33.27
CA TYR B 77 45.83 14.22 33.20
C TYR B 77 45.55 14.86 31.84
N GLN B 78 45.99 14.19 30.78
CA GLN B 78 45.83 14.60 29.38
C GLN B 78 45.52 13.38 28.52
N LYS B 79 45.33 13.56 27.21
CA LYS B 79 45.15 12.43 26.30
C LYS B 79 46.49 11.65 26.29
N PRO B 80 46.48 10.32 26.13
CA PRO B 80 45.33 9.46 25.90
C PRO B 80 44.59 9.01 27.17
N PHE B 81 45.01 9.39 28.39
CA PHE B 81 44.31 8.97 29.60
C PHE B 81 42.93 9.62 29.67
N LEU B 82 42.85 10.94 29.48
CA LEU B 82 41.60 11.69 29.42
C LEU B 82 40.98 11.31 28.07
N SER B 83 39.95 10.48 28.11
CA SER B 83 39.35 9.90 26.91
C SER B 83 37.94 10.40 26.62
N ASP B 84 37.60 10.43 25.34
CA ASP B 84 36.26 10.84 24.90
C ASP B 84 35.27 9.72 25.24
N PHE B 85 34.15 10.05 25.88
CA PHE B 85 33.12 9.09 26.28
C PHE B 85 32.31 8.53 25.12
N ASN B 86 32.01 9.36 24.12
CA ASN B 86 31.23 8.99 22.94
C ASN B 86 29.91 8.34 23.38
N ASN B 87 29.61 7.13 22.90
CA ASN B 87 28.40 6.42 23.27
C ASN B 87 28.49 5.79 24.66
N GLY B 88 29.70 5.50 25.15
CA GLY B 88 29.94 4.88 26.44
C GLY B 88 31.12 3.91 26.43
N ILE B 89 31.34 3.21 27.54
CA ILE B 89 32.43 2.25 27.71
C ILE B 89 32.01 0.99 28.49
N PHE B 90 32.72 -0.10 28.23
CA PHE B 90 32.62 -1.35 28.95
C PHE B 90 33.95 -1.49 29.68
N SER B 91 33.89 -1.68 30.99
CA SER B 91 35.08 -1.77 31.83
C SER B 91 35.27 -3.15 32.43
N ARG B 92 36.49 -3.68 32.38
CA ARG B 92 36.91 -4.92 33.04
C ARG B 92 37.91 -4.44 34.09
N VAL B 93 37.53 -4.48 35.36
CA VAL B 93 38.33 -3.95 36.45
C VAL B 93 38.88 -5.04 37.34
N LYS B 94 40.19 -5.06 37.51
CA LYS B 94 40.85 -6.03 38.38
C LYS B 94 40.59 -5.63 39.82
N ASN B 95 40.03 -6.53 40.63
CA ASN B 95 39.86 -6.27 42.04
C ASN B 95 41.25 -6.43 42.67
N THR B 96 41.95 -5.35 42.96
CA THR B 96 43.29 -5.44 43.57
C THR B 96 43.07 -5.84 45.02
N LYS B 97 43.55 -7.02 45.40
CA LYS B 97 43.35 -7.57 46.75
C LYS B 97 44.64 -7.46 47.55
N LEU B 98 44.54 -6.74 48.66
CA LEU B 98 45.63 -6.46 49.59
C LEU B 98 45.31 -7.04 50.97
N TYR B 99 46.34 -7.42 51.71
CA TYR B 99 46.17 -8.01 53.04
C TYR B 99 46.89 -7.21 54.12
N VAL B 100 46.14 -6.78 55.14
CA VAL B 100 46.66 -6.08 56.33
C VAL B 100 46.59 -7.17 57.38
N ASN B 101 47.72 -7.56 57.97
CA ASN B 101 47.78 -8.72 58.88
C ASN B 101 47.20 -9.92 58.10
N LYS B 102 46.08 -10.48 58.54
CA LYS B 102 45.34 -11.55 57.85
C LYS B 102 43.99 -11.08 57.27
N THR B 103 43.68 -9.78 57.39
CA THR B 103 42.43 -9.19 56.90
C THR B 103 42.54 -8.79 55.43
N LEU B 104 41.53 -9.13 54.62
CA LEU B 104 41.47 -8.81 53.21
C LEU B 104 40.88 -7.42 52.96
N TYR B 105 41.47 -6.67 52.03
CA TYR B 105 41.05 -5.35 51.60
C TYR B 105 41.00 -5.32 50.07
N SER B 106 39.96 -4.70 49.52
CA SER B 106 39.71 -4.58 48.08
C SER B 106 39.87 -3.14 47.62
N GLU B 107 40.73 -2.94 46.63
CA GLU B 107 41.03 -1.66 46.01
C GLU B 107 40.90 -1.71 44.48
N PHE B 108 40.47 -0.62 43.84
CA PHE B 108 40.51 -0.47 42.39
C PHE B 108 40.41 1.02 42.05
N SER B 109 40.81 1.41 40.85
CA SER B 109 40.78 2.81 40.43
C SER B 109 39.36 3.38 40.36
N THR B 110 39.18 4.62 40.82
CA THR B 110 37.90 5.34 40.76
C THR B 110 37.73 5.92 39.36
N ILE B 111 36.55 5.81 38.75
CA ILE B 111 36.29 6.37 37.43
C ILE B 111 35.40 7.60 37.59
N VAL B 112 35.69 8.62 36.79
CA VAL B 112 35.02 9.92 36.75
C VAL B 112 34.50 10.13 35.33
N ILE B 113 33.24 10.47 35.16
CA ILE B 113 32.60 10.71 33.86
C ILE B 113 31.96 12.10 33.88
N GLY B 114 32.18 12.94 32.86
CA GLY B 114 31.64 14.29 32.84
C GLY B 114 31.78 14.97 31.48
N SER B 115 31.70 16.29 31.45
CA SER B 115 31.87 17.07 30.23
C SER B 115 33.12 17.95 30.30
N VAL B 116 33.16 18.85 31.31
CA VAL B 116 34.28 19.78 31.51
C VAL B 116 34.86 19.70 32.93
N PHE B 117 34.24 18.95 33.84
CA PHE B 117 34.68 18.74 35.22
C PHE B 117 34.75 20.03 36.06
N ILE B 118 33.87 20.99 35.77
CA ILE B 118 33.74 22.28 36.46
C ILE B 118 32.42 22.27 37.22
N ASN B 119 32.31 23.01 38.32
CA ASN B 119 31.10 23.04 39.15
C ASN B 119 29.86 23.66 38.47
N ASN B 120 29.95 24.07 37.20
CA ASN B 120 28.79 24.53 36.44
C ASN B 120 28.19 23.37 35.61
N SER B 121 28.73 22.16 35.77
CA SER B 121 28.35 20.92 35.07
C SER B 121 28.37 19.74 36.02
N TYR B 122 27.62 18.68 35.71
CA TYR B 122 27.57 17.50 36.58
C TYR B 122 28.66 16.50 36.20
N THR B 123 29.28 15.90 37.22
CA THR B 123 30.33 14.89 37.09
C THR B 123 29.92 13.66 37.87
N ILE B 124 29.93 12.51 37.23
CA ILE B 124 29.59 11.20 37.79
C ILE B 124 30.86 10.55 38.29
N VAL B 125 30.87 10.10 39.54
CA VAL B 125 32.02 9.45 40.16
C VAL B 125 31.61 8.09 40.68
N VAL B 126 32.37 7.05 40.33
CA VAL B 126 32.15 5.67 40.79
C VAL B 126 33.41 5.28 41.55
N GLN B 127 33.32 5.21 42.87
CA GLN B 127 34.48 4.96 43.74
C GLN B 127 34.29 3.77 44.69
N PRO B 128 35.25 2.85 44.79
CA PRO B 128 35.16 1.74 45.72
C PRO B 128 35.63 2.16 47.12
N HIS B 129 35.04 1.51 48.12
CA HIS B 129 35.26 1.69 49.55
C HIS B 129 35.36 0.33 50.26
N ASN B 130 36.15 -0.59 49.72
CA ASN B 130 36.37 -1.92 50.28
C ASN B 130 35.07 -2.72 50.49
N GLY B 131 34.39 -3.06 49.40
CA GLY B 131 33.12 -3.81 49.40
C GLY B 131 31.89 -2.95 49.18
N VAL B 132 32.03 -1.63 49.34
CA VAL B 132 30.97 -0.65 49.11
C VAL B 132 31.38 0.19 47.91
N LEU B 133 30.51 0.31 46.93
CA LEU B 133 30.69 1.09 45.73
C LEU B 133 29.85 2.35 45.85
N GLU B 134 30.47 3.51 45.97
CA GLU B 134 29.76 4.79 46.08
C GLU B 134 29.66 5.42 44.70
N ILE B 135 28.44 5.73 44.28
CA ILE B 135 28.16 6.37 43.00
C ILE B 135 27.44 7.68 43.25
N THR B 136 28.00 8.76 42.73
CA THR B 136 27.47 10.11 42.88
C THR B 136 27.59 10.92 41.61
N ALA B 137 26.67 11.85 41.40
CA ALA B 137 26.68 12.82 40.31
C ALA B 137 26.36 14.12 41.04
N CYS B 138 27.41 14.83 41.49
CA CYS B 138 27.23 15.95 42.40
C CYS B 138 27.86 17.29 42.02
N GLN B 139 28.00 17.61 40.73
CA GLN B 139 28.48 18.94 40.33
C GLN B 139 29.76 19.39 41.06
N TYR B 140 30.72 18.48 41.17
CA TYR B 140 31.94 18.68 41.95
C TYR B 140 32.92 19.71 41.40
N THR B 141 33.75 20.27 42.29
CA THR B 141 34.86 21.16 41.95
C THR B 141 36.06 20.26 41.77
N MET B 142 36.14 19.59 40.63
CA MET B 142 37.22 18.65 40.37
C MET B 142 38.58 19.33 40.39
N CYS B 143 39.57 18.68 40.98
CA CYS B 143 40.92 19.21 41.04
C CYS B 143 41.59 19.21 39.65
N GLU B 144 42.66 19.97 39.47
CA GLU B 144 43.44 19.95 38.22
C GLU B 144 44.10 18.58 38.01
N TYR B 145 44.59 17.98 39.10
CA TYR B 145 45.29 16.69 39.18
C TYR B 145 44.62 15.80 40.24
N PRO B 146 43.39 15.30 39.99
CA PRO B 146 42.66 14.49 40.96
C PRO B 146 43.26 13.11 41.16
N HIS B 147 43.13 12.53 42.35
CA HIS B 147 43.65 11.19 42.62
C HIS B 147 42.99 10.57 43.86
N THR B 148 43.20 9.27 44.04
CA THR B 148 42.71 8.51 45.19
C THR B 148 43.89 7.89 45.93
N ILE B 149 43.67 7.34 47.12
CA ILE B 149 44.74 6.73 47.92
C ILE B 149 44.33 5.36 48.46
N CYS B 150 45.30 4.54 48.86
CA CYS B 150 45.03 3.27 49.50
C CYS B 150 44.56 3.51 50.95
N LYS B 151 43.31 3.22 51.30
CA LYS B 151 42.84 3.41 52.69
C LYS B 151 43.32 2.25 53.57
N SER B 152 43.59 1.09 52.97
CA SER B 152 44.08 -0.12 53.63
C SER B 152 45.52 0.00 54.15
N LYS B 153 46.49 0.17 53.23
CA LYS B 153 47.93 0.27 53.51
C LYS B 153 48.51 1.69 53.51
N GLY B 154 47.68 2.71 53.33
CA GLY B 154 48.12 4.10 53.35
C GLY B 154 48.88 4.55 52.11
N SER B 155 49.20 5.84 52.09
CA SER B 155 49.93 6.52 51.02
C SER B 155 50.61 7.77 51.58
N SER B 156 51.59 8.33 50.86
CA SER B 156 52.30 9.55 51.27
C SER B 156 51.54 10.82 50.86
N ARG B 157 50.24 10.71 50.59
CA ARG B 157 49.32 11.76 50.14
C ARG B 157 47.95 11.68 50.78
N ASN B 158 47.30 12.82 50.92
CA ASN B 158 45.92 12.90 51.38
C ASN B 158 45.01 12.74 50.15
N GLU B 159 43.86 12.08 50.27
CA GLU B 159 42.95 11.91 49.12
C GLU B 159 42.43 13.25 48.61
N SER B 160 42.52 13.50 47.30
CA SER B 160 42.11 14.78 46.74
C SER B 160 41.70 14.70 45.27
N TRP B 161 40.40 14.73 45.01
CA TRP B 161 39.87 14.77 43.64
C TRP B 161 38.81 15.86 43.44
N HIS B 162 38.38 16.52 44.51
CA HIS B 162 37.46 17.65 44.50
C HIS B 162 37.70 18.54 45.73
N PHE B 163 37.26 19.80 45.69
CA PHE B 163 37.43 20.75 46.79
C PHE B 163 36.11 21.41 47.21
N ASP B 164 35.07 20.60 47.41
CA ASP B 164 33.78 21.09 47.88
C ASP B 164 33.74 21.02 49.41
N LYS B 165 34.00 22.15 50.08
CA LYS B 165 33.99 22.21 51.56
C LYS B 165 32.57 21.97 52.09
N SER B 166 31.59 22.61 51.46
CA SER B 166 30.16 22.41 51.71
C SER B 166 29.64 21.34 50.74
N GLU B 167 28.50 20.71 51.01
CA GLU B 167 27.96 19.69 50.09
C GLU B 167 27.45 20.32 48.77
N PRO B 168 27.98 19.92 47.59
CA PRO B 168 27.53 20.49 46.32
C PRO B 168 26.20 19.86 45.88
N LEU B 169 25.55 20.45 44.86
CA LEU B 169 24.26 19.95 44.37
C LEU B 169 24.39 18.54 43.79
N CYS B 170 23.54 17.61 44.23
CA CYS B 170 23.55 16.21 43.79
C CYS B 170 22.30 15.79 43.03
N LEU B 171 22.47 15.18 41.86
CA LEU B 171 21.35 14.63 41.09
C LEU B 171 21.10 13.17 41.49
N PHE B 172 22.16 12.48 41.90
CA PHE B 172 22.13 11.09 42.32
C PHE B 172 23.25 10.83 43.34
N LYS B 173 22.95 10.06 44.37
CA LYS B 173 23.86 9.66 45.46
C LYS B 173 23.35 8.36 46.06
N LYS B 174 24.01 7.24 45.76
CA LYS B 174 23.63 5.91 46.26
C LYS B 174 24.83 4.99 46.36
N ASN B 175 24.78 4.07 47.31
CA ASN B 175 25.81 3.07 47.53
C ASN B 175 25.30 1.71 47.07
N PHE B 176 26.25 0.87 46.68
CA PHE B 176 26.02 -0.48 46.20
C PHE B 176 27.06 -1.41 46.82
N THR B 177 26.79 -2.70 46.92
CA THR B 177 27.74 -3.66 47.50
C THR B 177 28.28 -4.61 46.45
N TYR B 178 29.51 -5.07 46.65
CA TYR B 178 30.13 -6.05 45.77
C TYR B 178 30.94 -7.05 46.58
N ASN B 179 31.12 -8.26 46.05
CA ASN B 179 31.88 -9.30 46.71
C ASN B 179 33.38 -8.97 46.66
N VAL B 180 33.98 -8.68 47.82
CA VAL B 180 35.41 -8.34 47.95
C VAL B 180 36.35 -9.46 47.54
N SER B 181 35.93 -10.72 47.60
CA SER B 181 36.80 -11.86 47.26
C SER B 181 36.93 -12.11 45.76
N THR B 182 36.12 -11.44 44.92
CA THR B 182 36.12 -11.63 43.45
C THR B 182 37.40 -11.11 42.79
N ASP B 183 37.73 -11.60 41.60
CA ASP B 183 38.92 -11.17 40.85
C ASP B 183 38.64 -10.05 39.84
N TRP B 184 37.45 -10.03 39.25
CA TRP B 184 37.05 -9.05 38.23
C TRP B 184 35.68 -8.44 38.43
N LEU B 185 35.59 -7.14 38.21
CA LEU B 185 34.33 -6.38 38.22
C LEU B 185 34.14 -5.88 36.80
N TYR B 186 32.90 -5.85 36.34
CA TYR B 186 32.53 -5.41 35.00
C TYR B 186 31.56 -4.26 35.10
N PHE B 187 31.70 -3.25 34.27
CA PHE B 187 30.80 -2.10 34.27
C PHE B 187 30.38 -1.67 32.88
N HIS B 188 29.11 -1.32 32.69
CA HIS B 188 28.63 -0.71 31.45
C HIS B 188 28.23 0.70 31.78
N PHE B 189 28.87 1.69 31.14
CA PHE B 189 28.50 3.09 31.30
C PHE B 189 28.15 3.63 29.92
N TYR B 190 26.95 4.13 29.71
CA TYR B 190 26.55 4.66 28.39
C TYR B 190 25.48 5.72 28.52
N GLN B 191 25.25 6.47 27.45
CA GLN B 191 24.22 7.50 27.41
C GLN B 191 23.35 7.36 26.17
N GLU B 192 22.07 7.67 26.29
CA GLU B 192 21.13 7.63 25.18
C GLU B 192 20.00 8.63 25.43
N ARG B 193 19.75 9.53 24.47
CA ARG B 193 18.66 10.54 24.55
C ARG B 193 18.73 11.39 25.82
N GLY B 194 19.94 11.78 26.22
CA GLY B 194 20.18 12.60 27.40
C GLY B 194 20.15 11.85 28.73
N THR B 195 20.03 10.53 28.74
CA THR B 195 19.99 9.73 29.98
C THR B 195 21.23 8.87 30.09
N PHE B 196 21.93 8.95 31.22
CA PHE B 196 23.10 8.15 31.54
C PHE B 196 22.63 6.85 32.18
N TYR B 197 23.23 5.73 31.81
CA TYR B 197 22.94 4.40 32.32
C TYR B 197 24.20 3.74 32.84
N ALA B 198 24.09 3.06 33.98
CA ALA B 198 25.19 2.33 34.61
C ALA B 198 24.76 0.91 34.96
N TYR B 199 25.60 -0.06 34.65
CA TYR B 199 25.40 -1.46 34.98
C TYR B 199 26.69 -2.00 35.58
N TYR B 200 26.63 -3.00 36.44
CA TYR B 200 27.82 -3.61 37.03
C TYR B 200 27.65 -5.09 37.34
N ALA B 201 28.75 -5.81 37.48
CA ALA B 201 28.77 -7.21 37.89
C ALA B 201 30.13 -7.48 38.53
N ASP B 202 30.24 -8.51 39.36
CA ASP B 202 31.47 -8.87 40.07
C ASP B 202 31.84 -10.36 39.90
N SER B 203 31.10 -11.12 39.10
CA SER B 203 31.31 -12.57 38.94
C SER B 203 31.48 -13.04 37.50
N GLY B 204 32.05 -12.21 36.62
CA GLY B 204 32.29 -12.61 35.22
C GLY B 204 31.02 -13.03 34.47
N MET B 205 29.97 -12.23 34.61
CA MET B 205 28.64 -12.47 34.06
C MET B 205 28.09 -11.17 33.43
N PRO B 206 26.95 -11.20 32.74
CA PRO B 206 26.34 -9.99 32.19
C PRO B 206 26.13 -8.97 33.31
N THR B 207 26.32 -7.69 33.05
CA THR B 207 26.16 -6.69 34.11
C THR B 207 24.69 -6.47 34.48
N THR B 208 24.50 -5.96 35.68
CA THR B 208 23.24 -5.68 36.35
C THR B 208 23.00 -4.19 36.45
N PHE B 209 21.78 -3.74 36.16
CA PHE B 209 21.39 -2.34 36.20
C PHE B 209 21.64 -1.70 37.58
N LEU B 210 22.51 -0.70 37.64
CA LEU B 210 22.77 0.06 38.86
C LEU B 210 21.72 1.17 39.00
N PHE B 211 21.70 2.09 38.03
CA PHE B 211 20.82 3.24 38.00
C PHE B 211 20.82 3.91 36.63
N SER B 212 19.85 4.80 36.41
CA SER B 212 19.74 5.65 35.24
C SER B 212 19.53 7.07 35.72
N LEU B 213 20.15 8.05 35.09
CA LEU B 213 20.05 9.46 35.46
C LEU B 213 19.87 10.36 34.25
N TYR B 214 18.80 11.14 34.22
CA TYR B 214 18.61 12.10 33.14
C TYR B 214 19.52 13.30 33.36
N LEU B 215 20.20 13.74 32.30
CA LEU B 215 21.11 14.88 32.27
C LEU B 215 20.74 15.86 31.17
N GLY B 216 20.26 15.37 30.03
CA GLY B 216 19.95 16.18 28.85
C GLY B 216 21.23 16.48 28.07
N THR B 217 22.25 16.97 28.76
CA THR B 217 23.57 17.27 28.21
C THR B 217 24.32 15.98 27.89
N LEU B 218 25.20 16.03 26.90
CA LEU B 218 26.01 14.89 26.51
C LEU B 218 27.27 14.83 27.37
N LEU B 219 27.57 13.69 27.96
CA LEU B 219 28.82 13.45 28.67
C LEU B 219 29.87 13.27 27.59
N SER B 220 30.90 14.11 27.57
CA SER B 220 31.92 14.06 26.53
C SER B 220 33.20 13.37 26.93
N HIS B 221 33.57 13.34 28.20
CA HIS B 221 34.83 12.76 28.65
C HIS B 221 34.73 11.88 29.89
N TYR B 222 35.63 10.94 30.01
CA TYR B 222 35.77 10.11 31.19
C TYR B 222 37.25 9.98 31.52
N TYR B 223 37.52 9.72 32.78
CA TYR B 223 38.86 9.58 33.26
C TYR B 223 38.94 8.61 34.44
N VAL B 224 39.99 7.82 34.49
CA VAL B 224 40.23 6.87 35.57
C VAL B 224 41.26 7.52 36.49
N LEU B 225 40.87 7.83 37.71
CA LEU B 225 41.72 8.51 38.68
C LEU B 225 42.93 7.67 39.09
N PRO B 226 44.15 8.24 39.10
CA PRO B 226 45.31 7.56 39.59
C PRO B 226 45.15 7.23 41.08
N LEU B 227 45.72 6.12 41.51
CA LEU B 227 45.67 5.69 42.91
C LEU B 227 47.08 5.72 43.46
N THR B 228 47.28 6.45 44.54
CA THR B 228 48.60 6.58 45.19
C THR B 228 48.65 5.59 46.35
N CYS B 229 49.70 4.79 46.44
CA CYS B 229 49.80 3.78 47.48
C CYS B 229 51.22 3.42 47.92
N ASN B 230 51.39 3.10 49.21
CA ASN B 230 52.67 2.62 49.72
C ASN B 230 52.97 1.21 49.15
N ALA B 231 51.90 0.41 48.99
CA ALA B 231 51.88 -0.95 48.46
C ALA B 231 51.63 -0.97 46.92
N ILE B 232 51.18 -2.10 46.36
CA ILE B 232 50.85 -2.28 44.94
C ILE B 232 52.06 -2.12 44.00
N SER B 233 53.14 -2.88 44.21
CA SER B 233 54.34 -2.87 43.35
C SER B 233 55.28 -4.05 43.62
N SER B 234 56.16 -4.34 42.66
CA SER B 234 57.12 -5.47 42.74
C SER B 234 58.10 -5.40 43.92
N ASN B 235 58.41 -4.20 44.41
CA ASN B 235 59.29 -3.97 45.55
C ASN B 235 58.60 -4.17 46.92
N THR B 236 57.32 -4.59 46.96
CA THR B 236 56.58 -4.76 48.23
C THR B 236 55.54 -5.88 48.24
N ASP B 237 54.85 -6.17 47.14
CA ASP B 237 53.81 -7.23 47.11
C ASP B 237 53.54 -7.88 45.74
N ASN B 238 54.14 -7.40 44.65
CA ASN B 238 53.88 -7.87 43.27
C ASN B 238 52.42 -7.77 42.83
N GLU B 239 51.56 -7.07 43.59
CA GLU B 239 50.16 -6.87 43.24
C GLU B 239 50.00 -5.62 42.36
N THR B 240 48.99 -5.59 41.50
CA THR B 240 48.77 -4.49 40.53
C THR B 240 47.32 -4.05 40.35
N LEU B 241 47.14 -2.80 39.97
CA LEU B 241 45.85 -2.21 39.60
C LEU B 241 45.67 -2.36 38.10
N GLN B 242 44.46 -2.69 37.64
CA GLN B 242 44.14 -2.75 36.22
C GLN B 242 42.71 -2.27 36.02
N TYR B 243 42.50 -1.37 35.07
CA TYR B 243 41.18 -0.84 34.76
C TYR B 243 41.11 -0.84 33.24
N TRP B 244 40.73 -1.98 32.69
CA TRP B 244 40.61 -2.18 31.26
C TRP B 244 39.32 -1.56 30.73
N VAL B 245 39.42 -0.83 29.63
CA VAL B 245 38.28 -0.14 29.03
C VAL B 245 38.21 -0.36 27.53
N THR B 246 37.02 -0.63 27.01
CA THR B 246 36.73 -0.76 25.59
C THR B 246 35.51 0.09 25.27
N PRO B 247 35.41 0.76 24.11
CA PRO B 247 34.27 1.60 23.81
C PRO B 247 32.98 0.82 23.49
N LEU B 248 31.84 1.45 23.73
CA LEU B 248 30.52 0.94 23.40
C LEU B 248 30.01 1.65 22.15
N SER B 249 29.06 1.04 21.46
CA SER B 249 28.41 1.62 20.28
C SER B 249 27.01 1.03 20.13
N LYS B 250 26.10 1.73 19.46
CA LYS B 250 24.75 1.23 19.20
C LYS B 250 24.93 0.03 18.28
N ARG B 251 24.58 -1.15 18.78
CA ARG B 251 24.85 -2.42 18.12
C ARG B 251 23.80 -3.47 18.38
N GLN B 252 23.49 -4.30 17.39
CA GLN B 252 22.49 -5.36 17.54
C GLN B 252 23.18 -6.63 18.03
N TYR B 253 22.62 -7.25 19.06
CA TYR B 253 23.12 -8.47 19.66
C TYR B 253 22.02 -9.52 19.74
N LEU B 254 22.41 -10.78 19.63
CA LEU B 254 21.51 -11.90 19.85
C LEU B 254 21.76 -12.32 21.30
N LEU B 255 20.77 -12.25 22.17
CA LEU B 255 20.89 -12.64 23.57
C LEU B 255 20.09 -13.92 23.82
N LYS B 256 20.72 -14.97 24.34
CA LYS B 256 20.04 -16.24 24.66
C LYS B 256 19.86 -16.34 26.16
N PHE B 257 18.62 -16.49 26.61
CA PHE B 257 18.25 -16.62 28.00
C PHE B 257 17.80 -18.05 28.28
N ASP B 258 18.27 -18.66 29.37
CA ASP B 258 17.85 -20.02 29.74
C ASP B 258 16.52 -19.99 30.51
N ASN B 259 16.07 -21.14 31.02
CA ASN B 259 14.83 -21.23 31.77
C ASN B 259 14.86 -20.49 33.11
N ARG B 260 16.04 -20.10 33.62
CA ARG B 260 16.20 -19.32 34.85
C ARG B 260 16.26 -17.83 34.57
N GLY B 261 16.27 -17.43 33.29
CA GLY B 261 16.37 -16.03 32.88
C GLY B 261 17.80 -15.50 32.82
N VAL B 262 18.81 -16.38 32.86
CA VAL B 262 20.22 -16.02 32.82
C VAL B 262 20.70 -15.96 31.37
N ILE B 263 21.45 -14.94 30.99
CA ILE B 263 22.01 -14.83 29.63
C ILE B 263 23.14 -15.85 29.53
N THR B 264 22.92 -16.97 28.85
CA THR B 264 23.93 -18.02 28.71
C THR B 264 24.88 -17.76 27.56
N ASN B 265 24.39 -17.17 26.48
CA ASN B 265 25.18 -16.88 25.30
C ASN B 265 24.76 -15.59 24.62
N ALA B 266 25.69 -14.96 23.90
CA ALA B 266 25.41 -13.75 23.16
C ALA B 266 26.23 -13.70 21.87
N VAL B 267 25.73 -13.01 20.85
CA VAL B 267 26.40 -12.86 19.56
C VAL B 267 26.38 -11.40 19.12
N ASP B 268 27.53 -10.84 18.76
CA ASP B 268 27.60 -9.48 18.18
C ASP B 268 27.27 -9.66 16.71
N CYS B 269 26.08 -9.27 16.26
CA CYS B 269 25.61 -9.57 14.92
C CYS B 269 26.48 -9.07 13.78
N SER B 270 27.00 -7.84 13.83
CA SER B 270 27.82 -7.30 12.73
C SER B 270 29.32 -7.57 12.87
N SER B 271 29.76 -8.35 13.85
CA SER B 271 31.17 -8.65 14.06
C SER B 271 31.80 -9.54 12.99
N SER B 272 31.06 -10.47 12.40
CA SER B 272 31.55 -11.39 11.38
C SER B 272 30.41 -11.95 10.53
N PHE B 273 30.73 -12.61 9.42
CA PHE B 273 29.74 -13.24 8.55
C PHE B 273 28.99 -14.35 9.29
N PHE B 274 29.68 -15.18 10.10
CA PHE B 274 28.99 -16.23 10.85
C PHE B 274 28.05 -15.63 11.90
N SER B 275 28.45 -14.52 12.52
CA SER B 275 27.61 -13.82 13.49
C SER B 275 26.34 -13.33 12.81
N GLU B 276 26.45 -12.83 11.59
CA GLU B 276 25.30 -12.36 10.81
C GLU B 276 24.32 -13.51 10.56
N ILE B 277 24.81 -14.71 10.21
CA ILE B 277 23.97 -15.89 9.99
C ILE B 277 23.31 -16.32 11.31
N GLN B 278 24.05 -16.31 12.43
CA GLN B 278 23.52 -16.65 13.74
C GLN B 278 22.39 -15.70 14.11
N CYS B 279 22.55 -14.41 13.87
CA CYS B 279 21.52 -13.43 14.16
C CYS B 279 20.35 -13.51 13.18
N LYS B 280 20.56 -13.77 11.89
CA LYS B 280 19.47 -13.87 10.91
C LYS B 280 18.55 -15.04 11.24
N THR B 281 19.14 -16.18 11.61
CA THR B 281 18.42 -17.40 11.99
C THR B 281 18.00 -17.43 13.46
N LYS B 282 18.41 -16.44 14.26
CA LYS B 282 18.13 -16.32 15.71
C LYS B 282 18.56 -17.58 16.48
N SER B 283 19.70 -18.16 16.10
CA SER B 283 20.21 -19.39 16.70
C SER B 283 21.74 -19.43 16.81
N LEU B 284 22.27 -20.05 17.86
CA LEU B 284 23.71 -20.19 18.07
C LEU B 284 24.36 -21.09 17.02
N LEU B 285 23.67 -22.18 16.65
CA LEU B 285 24.09 -23.12 15.63
C LEU B 285 23.08 -23.10 14.48
N PRO B 286 23.31 -22.32 13.42
CA PRO B 286 22.39 -22.25 12.30
C PRO B 286 22.30 -23.59 11.55
N ASN B 287 21.21 -23.81 10.82
CA ASN B 287 21.08 -25.03 10.02
C ASN B 287 22.08 -25.02 8.87
N THR B 288 22.45 -26.20 8.37
CA THR B 288 23.33 -26.29 7.20
C THR B 288 22.63 -25.62 6.02
N GLY B 289 23.31 -24.73 5.31
CA GLY B 289 22.72 -24.04 4.17
C GLY B 289 23.61 -22.95 3.59
N VAL B 290 23.18 -22.38 2.48
CA VAL B 290 23.87 -21.28 1.81
C VAL B 290 23.09 -20.03 2.16
N TYR B 291 23.75 -19.05 2.73
CA TYR B 291 23.16 -17.80 3.18
C TYR B 291 23.67 -16.61 2.37
N ASP B 292 22.75 -15.89 1.74
CA ASP B 292 23.09 -14.65 1.03
C ASP B 292 23.05 -13.58 2.08
N LEU B 293 24.21 -13.06 2.44
CA LEU B 293 24.32 -12.06 3.49
C LEU B 293 23.87 -10.69 3.02
N SER B 294 23.69 -9.77 3.95
CA SER B 294 23.28 -8.40 3.65
C SER B 294 24.33 -7.75 2.77
N GLY B 295 23.88 -6.99 1.78
CA GLY B 295 24.75 -6.34 0.83
C GLY B 295 25.62 -5.26 1.45
N PHE B 296 26.83 -5.15 0.95
CA PHE B 296 27.83 -4.19 1.37
C PHE B 296 28.18 -3.30 0.17
N THR B 297 28.41 -2.01 0.44
CA THR B 297 28.93 -1.07 -0.55
C THR B 297 30.35 -0.73 -0.14
N VAL B 298 31.30 -0.75 -1.08
CA VAL B 298 32.70 -0.41 -0.72
C VAL B 298 32.76 1.00 -0.15
N LYS B 299 33.41 1.17 1.01
CA LYS B 299 33.53 2.48 1.65
C LYS B 299 34.40 3.41 0.79
N PRO B 300 34.08 4.70 0.71
CA PRO B 300 34.87 5.65 -0.06
C PRO B 300 36.29 5.75 0.51
N VAL B 301 37.27 5.82 -0.37
CA VAL B 301 38.71 5.89 -0.05
C VAL B 301 39.12 7.31 0.27
N ALA B 302 38.64 8.27 -0.51
CA ALA B 302 38.92 9.68 -0.37
C ALA B 302 37.66 10.54 -0.56
N THR B 303 37.80 11.84 -0.37
CA THR B 303 36.75 12.84 -0.55
C THR B 303 37.15 13.79 -1.66
N VAL B 304 36.26 14.07 -2.60
CA VAL B 304 36.50 15.01 -3.69
C VAL B 304 35.68 16.25 -3.43
N HIS B 305 36.30 17.41 -3.29
CA HIS B 305 35.61 18.67 -3.06
C HIS B 305 36.01 19.67 -4.12
N ARG B 306 35.06 20.16 -4.91
CA ARG B 306 35.30 21.11 -5.99
C ARG B 306 34.41 22.34 -5.87
N ARG B 307 35.02 23.52 -5.85
CA ARG B 307 34.39 24.83 -5.81
C ARG B 307 35.15 25.77 -6.73
N ILE B 308 34.47 26.74 -7.34
CA ILE B 308 35.14 27.72 -8.20
C ILE B 308 35.93 28.67 -7.27
N PRO B 309 37.25 28.82 -7.45
CA PRO B 309 38.06 29.66 -6.59
C PRO B 309 37.99 31.15 -6.98
N ASP B 310 38.48 32.00 -6.07
CA ASP B 310 38.60 33.44 -6.26
C ASP B 310 37.29 34.20 -6.53
N LEU B 311 36.15 33.67 -6.10
CA LEU B 311 34.87 34.36 -6.25
C LEU B 311 34.75 35.45 -5.18
N PRO B 312 34.12 36.59 -5.48
CA PRO B 312 33.99 37.69 -4.53
C PRO B 312 32.95 37.41 -3.44
N ASP B 313 32.96 38.21 -2.39
CA ASP B 313 31.96 38.13 -1.34
C ASP B 313 30.61 38.57 -1.93
N CYS B 314 29.51 37.90 -1.59
CA CYS B 314 28.21 38.28 -2.09
C CYS B 314 27.78 39.66 -1.58
N ASP B 315 28.30 40.11 -0.43
CA ASP B 315 27.94 41.40 0.20
C ASP B 315 26.43 41.50 0.43
N ILE B 316 25.79 40.40 0.84
CA ILE B 316 24.35 40.36 1.09
C ILE B 316 24.01 41.30 2.25
N ASP B 317 24.85 41.36 3.27
CA ASP B 317 24.64 42.24 4.42
C ASP B 317 24.65 43.70 4.00
N LYS B 318 25.51 44.11 3.06
CA LYS B 318 25.57 45.50 2.60
C LYS B 318 24.26 45.90 1.95
N TRP B 319 23.67 45.02 1.16
CA TRP B 319 22.39 45.30 0.53
C TRP B 319 21.23 45.25 1.52
N LEU B 320 21.20 44.29 2.44
CA LEU B 320 20.18 44.23 3.48
C LEU B 320 20.27 45.41 4.44
N ASN B 321 21.46 45.88 4.79
CA ASN B 321 21.69 47.02 5.67
C ASN B 321 21.61 48.39 5.00
N ASN B 322 21.26 48.47 3.72
CA ASN B 322 21.09 49.72 3.03
C ASN B 322 19.97 50.54 3.69
N PHE B 323 20.22 51.82 4.01
CA PHE B 323 19.26 52.65 4.74
C PHE B 323 18.05 53.14 3.91
N ASN B 324 18.07 52.98 2.59
CA ASN B 324 16.93 53.32 1.72
C ASN B 324 16.09 52.03 1.66
N VAL B 325 15.13 51.87 2.57
CA VAL B 325 14.38 50.62 2.67
C VAL B 325 13.06 50.75 1.92
N PRO B 326 12.75 49.86 0.96
CA PRO B 326 11.52 49.93 0.20
C PRO B 326 10.32 49.47 1.03
N SER B 327 9.12 49.89 0.65
CA SER B 327 7.88 49.40 1.27
C SER B 327 7.45 48.07 0.62
N PRO B 328 6.52 47.30 1.20
CA PRO B 328 6.05 46.09 0.56
C PRO B 328 5.48 46.37 -0.83
N LEU B 329 4.92 47.56 -1.08
CA LEU B 329 4.36 47.90 -2.38
C LEU B 329 5.41 47.88 -3.49
N ASN B 330 6.61 48.36 -3.22
CA ASN B 330 7.73 48.43 -4.14
C ASN B 330 8.91 47.60 -3.63
N TRP B 331 8.65 46.38 -3.18
CA TRP B 331 9.69 45.51 -2.64
C TRP B 331 10.82 45.36 -3.66
N GLU B 332 12.07 45.42 -3.21
CA GLU B 332 13.22 45.35 -4.09
C GLU B 332 13.82 43.96 -4.09
N ARG B 333 14.45 43.59 -5.20
CA ARG B 333 15.10 42.32 -5.41
C ARG B 333 16.55 42.49 -5.81
N LYS B 334 17.44 41.67 -5.28
CA LYS B 334 18.83 41.58 -5.68
C LYS B 334 19.13 40.12 -5.93
N ILE B 335 19.84 39.82 -7.00
CA ILE B 335 20.21 38.46 -7.36
C ILE B 335 21.69 38.29 -7.09
N PHE B 336 22.04 37.31 -6.27
CA PHE B 336 23.41 37.01 -5.91
C PHE B 336 23.79 35.69 -6.57
N SER B 337 24.88 35.69 -7.33
CA SER B 337 25.41 34.53 -8.03
C SER B 337 26.91 34.70 -8.25
N ASN B 338 27.64 33.62 -8.47
CA ASN B 338 29.10 33.66 -8.68
C ASN B 338 29.82 34.39 -7.53
N CYS B 339 29.41 34.12 -6.29
CA CYS B 339 29.94 34.76 -5.10
C CYS B 339 29.88 33.82 -3.91
N ASN B 340 30.67 34.11 -2.87
CA ASN B 340 30.73 33.36 -1.64
C ASN B 340 30.09 34.13 -0.50
N PHE B 341 29.48 33.45 0.46
CA PHE B 341 28.87 34.08 1.63
C PHE B 341 29.04 33.22 2.87
N ASN B 342 29.03 33.84 4.05
CA ASN B 342 29.09 33.14 5.33
C ASN B 342 27.76 33.44 5.99
N LEU B 343 26.84 32.50 5.96
CA LEU B 343 25.51 32.69 6.53
C LEU B 343 25.58 32.99 8.02
N SER B 344 26.48 32.35 8.76
CA SER B 344 26.60 32.61 10.19
C SER B 344 27.00 34.06 10.46
N THR B 345 27.95 34.62 9.72
CA THR B 345 28.36 36.01 9.89
C THR B 345 27.30 36.97 9.34
N LEU B 346 26.67 36.63 8.23
CA LEU B 346 25.63 37.43 7.59
C LEU B 346 24.44 37.65 8.52
N LEU B 347 23.95 36.63 9.21
CA LEU B 347 22.82 36.77 10.12
C LEU B 347 23.15 37.70 11.28
N ARG B 348 24.40 37.71 11.76
CA ARG B 348 24.82 38.60 12.85
C ARG B 348 25.07 40.02 12.36
N LEU B 349 25.50 40.20 11.11
CA LEU B 349 25.76 41.50 10.50
C LEU B 349 24.49 42.29 10.23
N VAL B 350 23.34 41.63 10.06
CA VAL B 350 22.06 42.28 9.76
C VAL B 350 21.12 42.41 10.96
N HIS B 351 21.56 42.10 12.18
CA HIS B 351 20.72 42.20 13.38
C HIS B 351 19.42 41.38 13.24
N THR B 352 19.59 40.09 12.98
CA THR B 352 18.49 39.13 12.79
C THR B 352 17.57 39.03 14.00
N ASP B 353 16.26 39.14 13.76
CA ASP B 353 15.20 38.92 14.74
C ASP B 353 14.73 37.46 14.71
N SER B 354 14.53 36.92 13.50
CA SER B 354 14.10 35.55 13.25
C SER B 354 14.56 35.10 11.86
N PHE B 355 14.93 33.83 11.71
CA PHE B 355 15.36 33.25 10.44
C PHE B 355 14.91 31.79 10.36
N SER B 356 13.97 31.51 9.47
CA SER B 356 13.44 30.17 9.28
C SER B 356 13.36 29.84 7.80
N CYS B 357 13.41 28.56 7.47
CA CYS B 357 13.39 28.07 6.09
C CYS B 357 12.18 27.17 5.83
N ASN B 358 11.72 27.19 4.59
CA ASN B 358 10.61 26.42 4.07
C ASN B 358 11.10 25.56 2.91
N ASN B 359 10.72 24.28 2.88
CA ASN B 359 11.15 23.27 1.90
C ASN B 359 12.68 23.05 1.86
N PHE B 360 13.38 23.56 2.87
CA PHE B 360 14.81 23.50 3.07
C PHE B 360 15.09 23.74 4.55
N ASP B 361 16.28 23.41 5.03
CA ASP B 361 16.68 23.62 6.41
C ASP B 361 17.90 24.52 6.51
N GLU B 362 17.90 25.44 7.48
CA GLU B 362 19.01 26.38 7.66
C GLU B 362 20.33 25.65 7.88
N SER B 363 20.31 24.52 8.59
CA SER B 363 21.49 23.71 8.86
C SER B 363 22.10 23.15 7.57
N LYS B 364 21.31 22.98 6.51
CA LYS B 364 21.73 22.49 5.21
C LYS B 364 22.26 23.60 4.31
N ILE B 365 22.08 24.87 4.64
CA ILE B 365 22.62 25.97 3.83
C ILE B 365 24.14 26.03 4.00
N TYR B 366 24.62 25.80 5.22
CA TYR B 366 26.05 25.85 5.53
C TYR B 366 26.84 24.85 4.68
N GLY B 367 27.82 25.34 3.93
CA GLY B 367 28.67 24.55 3.04
C GLY B 367 28.06 24.19 1.68
N SER B 368 26.79 24.55 1.43
CA SER B 368 26.07 24.25 0.19
C SER B 368 26.21 25.33 -0.88
N CYS B 369 25.90 24.99 -2.12
CA CYS B 369 25.92 25.88 -3.26
C CYS B 369 24.53 26.00 -3.88
N PHE B 370 24.26 27.15 -4.48
CA PHE B 370 23.00 27.45 -5.15
C PHE B 370 23.28 28.12 -6.51
N LYS B 371 22.41 27.93 -7.50
CA LYS B 371 22.57 28.59 -8.82
C LYS B 371 22.55 30.09 -8.61
N SER B 372 21.66 30.56 -7.76
CA SER B 372 21.56 31.95 -7.34
C SER B 372 20.78 32.05 -6.04
N ILE B 373 21.06 33.09 -5.27
CA ILE B 373 20.31 33.41 -4.06
C ILE B 373 19.61 34.71 -4.44
N VAL B 374 18.29 34.64 -4.56
CA VAL B 374 17.47 35.79 -4.92
C VAL B 374 16.94 36.34 -3.62
N LEU B 375 17.18 37.61 -3.35
CA LEU B 375 16.77 38.23 -2.10
C LEU B 375 15.80 39.36 -2.35
N ASP B 376 14.60 39.23 -1.79
CA ASP B 376 13.55 40.24 -1.87
C ASP B 376 13.40 40.92 -0.51
N LYS B 377 13.45 42.26 -0.41
CA LYS B 377 13.36 42.97 0.87
C LYS B 377 12.28 44.05 0.91
N PHE B 378 11.69 44.27 2.07
CA PHE B 378 10.86 45.45 2.36
C PHE B 378 10.69 45.71 3.85
N ALA B 379 10.43 46.97 4.22
CA ALA B 379 10.05 47.34 5.57
C ALA B 379 8.67 46.76 5.94
N ILE B 380 8.48 46.32 7.18
CA ILE B 380 7.22 45.73 7.62
C ILE B 380 6.39 46.84 8.27
N PRO B 381 5.19 47.17 7.79
CA PRO B 381 4.25 48.01 8.53
C PRO B 381 3.83 47.27 9.81
N ASN B 382 4.01 47.85 11.00
CA ASN B 382 3.87 47.15 12.28
C ASN B 382 2.57 46.34 12.42
N SER B 383 1.42 46.97 12.15
CA SER B 383 0.10 46.33 12.22
C SER B 383 -0.11 45.19 11.23
N ARG B 384 0.73 45.06 10.21
CA ARG B 384 0.66 43.98 9.21
C ARG B 384 1.67 42.86 9.42
N ARG B 385 2.44 42.81 10.52
CA ARG B 385 3.47 41.78 10.78
C ARG B 385 2.95 40.35 10.58
N SER B 386 1.75 40.03 11.06
CA SER B 386 1.16 38.69 10.94
C SER B 386 0.79 38.31 9.51
N ASP B 387 0.70 39.26 8.56
CA ASP B 387 0.38 38.95 7.18
C ASP B 387 1.51 38.20 6.49
N LEU B 388 2.72 38.19 7.05
CA LEU B 388 3.89 37.51 6.48
C LEU B 388 3.98 36.01 6.85
N GLN B 389 3.04 35.47 7.62
CA GLN B 389 3.04 34.04 7.91
C GLN B 389 2.75 33.27 6.62
N LEU B 390 3.39 32.12 6.40
CA LEU B 390 3.20 31.38 5.15
C LEU B 390 1.74 30.97 4.95
N GLY B 391 1.21 31.22 3.76
CA GLY B 391 -0.18 30.93 3.40
C GLY B 391 -1.22 31.94 3.90
N SER B 392 -0.81 33.04 4.54
CA SER B 392 -1.75 34.05 5.03
C SER B 392 -2.46 34.79 3.89
N SER B 393 -3.74 35.11 4.07
CA SER B 393 -4.55 35.85 3.08
C SER B 393 -4.65 37.34 3.42
N GLY B 394 -3.77 37.85 4.27
CA GLY B 394 -3.77 39.27 4.66
C GLY B 394 -3.34 40.19 3.53
N PHE B 395 -3.35 41.49 3.77
CA PHE B 395 -3.05 42.49 2.74
C PHE B 395 -1.65 42.39 2.15
N LEU B 396 -0.62 42.10 2.95
CA LEU B 396 0.74 42.03 2.41
C LEU B 396 0.89 40.94 1.36
N GLN B 397 0.42 39.73 1.60
CA GLN B 397 0.59 38.67 0.61
C GLN B 397 -0.49 38.66 -0.46
N SER B 398 -1.65 39.22 -0.19
CA SER B 398 -2.73 39.29 -1.16
C SER B 398 -2.51 40.41 -2.19
N SER B 399 -1.84 41.50 -1.78
CA SER B 399 -1.68 42.69 -2.62
C SER B 399 -0.28 43.28 -2.73
N ASN B 400 0.74 42.83 -1.99
CA ASN B 400 2.07 43.44 -2.08
C ASN B 400 3.20 42.48 -2.49
N TYR B 401 3.35 41.38 -1.76
CA TYR B 401 4.40 40.39 -1.97
C TYR B 401 3.91 39.01 -1.57
N LYS B 402 3.59 38.13 -2.52
CA LYS B 402 3.19 36.76 -2.18
C LYS B 402 4.46 35.95 -1.94
N ILE B 403 4.62 35.40 -0.74
CA ILE B 403 5.75 34.52 -0.43
C ILE B 403 5.50 33.17 -1.10
N ASP B 404 6.39 32.73 -1.99
CA ASP B 404 6.25 31.43 -2.64
C ASP B 404 6.51 30.28 -1.67
N THR B 405 5.46 29.54 -1.34
CA THR B 405 5.53 28.40 -0.42
C THR B 405 5.96 27.10 -1.10
N THR B 406 6.05 27.05 -2.44
CA THR B 406 6.43 25.83 -3.16
C THR B 406 7.93 25.68 -3.38
N SER B 407 8.67 26.78 -3.44
CA SER B 407 10.12 26.79 -3.63
C SER B 407 10.89 26.71 -2.32
N SER B 408 12.17 26.40 -2.42
CA SER B 408 13.08 26.35 -1.28
C SER B 408 13.43 27.80 -0.92
N SER B 409 13.00 28.28 0.24
CA SER B 409 13.23 29.67 0.65
C SER B 409 13.35 29.85 2.15
N CYS B 410 13.96 30.96 2.58
CA CYS B 410 14.11 31.29 3.99
C CYS B 410 13.63 32.71 4.24
N GLN B 411 12.84 32.92 5.28
CA GLN B 411 12.31 34.22 5.63
C GLN B 411 13.13 34.81 6.76
N LEU B 412 13.73 35.96 6.52
CA LEU B 412 14.53 36.70 7.47
C LEU B 412 13.75 37.91 7.95
N TYR B 413 13.56 37.98 9.25
CA TYR B 413 13.10 39.18 9.93
C TYR B 413 14.31 39.80 10.59
N TYR B 414 14.53 41.08 10.37
CA TYR B 414 15.71 41.81 10.84
C TYR B 414 15.34 43.27 11.03
N SER B 415 16.26 44.11 11.51
CA SER B 415 15.97 45.53 11.68
C SER B 415 17.19 46.42 11.55
N LEU B 416 16.94 47.69 11.24
CA LEU B 416 17.94 48.76 11.17
C LEU B 416 17.60 49.85 12.18
N PRO B 417 18.59 50.61 12.68
CA PRO B 417 18.33 51.72 13.60
C PRO B 417 17.49 52.80 12.90
N ALA B 418 16.38 53.19 13.53
CA ALA B 418 15.36 54.02 12.87
C ALA B 418 15.90 55.38 12.42
N ILE B 419 16.78 56.01 13.18
CA ILE B 419 17.31 57.34 12.84
C ILE B 419 18.14 57.38 11.54
N ASN B 420 18.64 56.25 11.04
CA ASN B 420 19.36 56.18 9.77
C ASN B 420 18.47 55.74 8.60
N VAL B 421 17.39 55.02 8.87
CA VAL B 421 16.43 54.52 7.86
C VAL B 421 15.54 55.62 7.30
N THR B 422 15.40 55.64 5.98
CA THR B 422 14.44 56.46 5.25
C THR B 422 13.62 55.49 4.40
N ILE B 423 12.29 55.48 4.54
CA ILE B 423 11.45 54.57 3.76
C ILE B 423 11.23 55.11 2.36
N ASN B 424 11.53 54.28 1.36
CA ASN B 424 11.33 54.59 -0.05
C ASN B 424 9.97 54.06 -0.49
N ASN B 425 8.90 54.85 -0.29
CA ASN B 425 7.56 54.50 -0.72
C ASN B 425 7.44 54.90 -2.19
N TYR B 426 7.08 53.96 -3.06
CA TYR B 426 6.92 54.21 -4.48
C TYR B 426 5.83 53.33 -5.07
N ASN B 427 5.03 53.86 -5.98
CA ASN B 427 3.99 53.08 -6.66
C ASN B 427 4.57 52.52 -7.97
N PRO B 428 4.75 51.20 -8.11
CA PRO B 428 5.32 50.61 -9.31
C PRO B 428 4.30 50.49 -10.45
N SER B 429 3.01 50.70 -10.20
CA SER B 429 1.97 50.53 -11.21
C SER B 429 2.11 51.54 -12.35
N SER B 430 2.38 51.06 -13.55
CA SER B 430 2.52 51.92 -14.72
C SER B 430 1.20 52.58 -15.08
N TRP B 431 0.07 51.90 -14.99
CA TRP B 431 -1.23 52.49 -15.31
C TRP B 431 -1.68 53.54 -14.28
N ASN B 432 -1.34 53.38 -13.01
CA ASN B 432 -1.62 54.41 -12.01
C ASN B 432 -0.79 55.66 -12.29
N ARG B 433 0.50 55.50 -12.62
CA ARG B 433 1.39 56.61 -12.97
C ARG B 433 1.00 57.31 -14.27
N ARG B 434 0.50 56.56 -15.25
CA ARG B 434 -0.03 57.12 -16.50
C ARG B 434 -1.13 58.15 -16.26
N TYR B 435 -1.95 57.94 -15.23
CA TYR B 435 -3.12 58.76 -14.95
C TYR B 435 -3.02 59.64 -13.70
N GLY B 436 -1.86 60.18 -13.40
CA GLY B 436 -1.72 61.17 -12.33
C GLY B 436 -1.05 60.77 -11.02
N PHE B 437 -0.77 59.50 -10.76
CA PHE B 437 -0.10 59.16 -9.50
C PHE B 437 1.37 59.59 -9.60
N ASN B 438 1.85 60.37 -8.62
CA ASN B 438 3.21 60.90 -8.61
C ASN B 438 4.06 60.33 -7.48
N ASN B 439 3.65 60.49 -6.23
CA ASN B 439 4.36 60.00 -5.05
C ASN B 439 3.46 60.10 -3.80
N PHE B 440 3.98 59.65 -2.66
CA PHE B 440 3.29 59.69 -1.38
C PHE B 440 3.83 60.83 -0.51
N ASN B 441 2.95 61.55 0.17
CA ASN B 441 3.34 62.62 1.09
C ASN B 441 3.11 62.09 2.51
N LEU B 442 4.11 61.39 3.05
CA LEU B 442 4.07 60.74 4.36
C LEU B 442 5.36 60.94 5.15
N SER B 443 5.36 60.56 6.42
CA SER B 443 6.52 60.67 7.31
C SER B 443 7.69 59.81 6.85
N SER B 444 8.87 60.02 7.42
CA SER B 444 10.10 59.31 7.03
C SER B 444 10.05 57.79 7.28
N HIS B 445 9.30 57.35 8.30
CA HIS B 445 9.16 55.95 8.69
C HIS B 445 7.82 55.32 8.34
N SER B 446 6.90 56.04 7.69
CA SER B 446 5.65 55.46 7.22
C SER B 446 5.92 54.52 6.06
N VAL B 447 5.39 53.30 6.13
CA VAL B 447 5.52 52.26 5.12
C VAL B 447 4.16 52.06 4.46
N VAL B 448 4.04 52.30 3.17
CA VAL B 448 2.79 52.07 2.45
C VAL B 448 2.59 50.61 2.10
N TYR B 449 1.35 50.15 2.09
CA TYR B 449 1.00 48.85 1.58
C TYR B 449 -0.36 48.90 0.88
N SER B 450 -0.50 48.16 -0.20
CA SER B 450 -1.75 48.05 -0.92
C SER B 450 -2.69 47.12 -0.18
N ARG B 451 -3.98 47.45 -0.07
CA ARG B 451 -4.99 46.56 0.49
C ARG B 451 -5.62 45.77 -0.65
N TYR B 452 -5.84 46.43 -1.80
CA TYR B 452 -6.46 45.85 -2.99
C TYR B 452 -5.74 46.28 -4.26
N CYS B 453 -5.44 45.34 -5.15
CA CYS B 453 -4.79 45.63 -6.43
C CYS B 453 -5.77 45.47 -7.57
N PHE B 454 -5.72 46.37 -8.54
CA PHE B 454 -6.57 46.36 -9.71
C PHE B 454 -5.74 46.34 -10.99
N SER B 455 -6.03 45.39 -11.85
CA SER B 455 -5.39 45.24 -13.15
C SER B 455 -6.35 45.76 -14.21
N VAL B 456 -5.79 46.38 -15.24
CA VAL B 456 -6.54 46.95 -16.36
C VAL B 456 -5.89 46.56 -17.67
N ASN B 457 -6.65 46.58 -18.76
CA ASN B 457 -6.11 46.29 -20.08
C ASN B 457 -5.27 47.49 -20.56
N ASN B 458 -4.44 47.31 -21.58
CA ASN B 458 -3.64 48.38 -22.16
C ASN B 458 -4.48 49.51 -22.79
N THR B 459 -5.77 49.26 -23.03
CA THR B 459 -6.73 50.21 -23.59
C THR B 459 -7.54 50.95 -22.52
N PHE B 460 -7.25 50.80 -21.23
CA PHE B 460 -7.99 51.47 -20.17
C PHE B 460 -7.72 52.97 -20.03
N CYS B 461 -8.76 53.72 -19.69
CA CYS B 461 -8.70 55.15 -19.41
C CYS B 461 -9.82 55.47 -18.42
N PRO B 462 -9.55 56.19 -17.31
CA PRO B 462 -10.55 56.48 -16.31
C PRO B 462 -11.41 57.73 -16.56
N CYS B 463 -11.26 58.45 -17.68
CA CYS B 463 -12.02 59.67 -17.94
C CYS B 463 -13.17 59.46 -18.93
N ALA B 464 -14.33 60.08 -18.68
CA ALA B 464 -15.46 59.99 -19.60
C ALA B 464 -15.21 60.83 -20.84
N LYS B 465 -15.88 60.49 -21.95
CA LYS B 465 -15.71 61.21 -23.21
C LYS B 465 -16.33 62.61 -23.13
N PRO B 466 -15.64 63.69 -23.51
CA PRO B 466 -16.21 65.04 -23.47
C PRO B 466 -17.51 65.20 -24.28
N SER B 467 -17.63 64.50 -25.41
CA SER B 467 -18.85 64.54 -26.22
C SER B 467 -20.05 63.93 -25.48
N PHE B 468 -19.83 63.01 -24.54
CA PHE B 468 -20.88 62.41 -23.73
C PHE B 468 -21.20 63.28 -22.51
N ALA B 469 -20.17 63.74 -21.78
CA ALA B 469 -20.34 64.55 -20.58
C ALA B 469 -20.99 65.91 -20.88
N SER B 470 -20.68 66.54 -22.00
CA SER B 470 -21.29 67.83 -22.37
C SER B 470 -22.80 67.70 -22.55
N SER B 471 -23.31 66.53 -22.95
CA SER B 471 -24.75 66.28 -23.09
C SER B 471 -25.46 65.93 -21.77
N CYS B 472 -24.71 65.67 -20.69
CA CYS B 472 -25.28 65.33 -19.39
C CYS B 472 -25.85 66.57 -18.70
N LYS B 473 -27.04 66.45 -18.09
CA LYS B 473 -27.71 67.56 -17.40
C LYS B 473 -27.81 67.37 -15.88
N SER B 474 -27.59 66.15 -15.40
CA SER B 474 -27.57 65.78 -13.99
C SER B 474 -26.51 64.68 -13.81
N HIS B 475 -25.74 64.73 -12.72
CA HIS B 475 -24.57 63.85 -12.48
C HIS B 475 -23.66 63.76 -13.71
N LYS B 476 -23.18 64.92 -14.18
CA LYS B 476 -22.26 64.98 -15.32
C LYS B 476 -20.93 64.38 -14.85
N PRO B 477 -20.43 63.30 -15.46
CA PRO B 477 -19.17 62.72 -15.04
C PRO B 477 -18.03 63.60 -15.55
N PRO B 478 -16.90 63.71 -14.83
CA PRO B 478 -15.77 64.49 -15.31
C PRO B 478 -15.20 63.88 -16.59
N SER B 479 -14.69 64.72 -17.47
CA SER B 479 -14.16 64.34 -18.78
C SER B 479 -12.84 65.02 -19.10
N ALA B 480 -12.11 64.40 -20.01
CA ALA B 480 -10.83 64.85 -20.54
C ALA B 480 -10.50 63.99 -21.75
N SER B 481 -9.42 64.29 -22.48
CA SER B 481 -9.01 63.48 -23.63
C SER B 481 -8.27 62.24 -23.14
N CYS B 482 -8.76 61.06 -23.54
CA CYS B 482 -8.08 59.81 -23.18
C CYS B 482 -6.90 59.59 -24.16
N PRO B 483 -5.81 58.93 -23.73
CA PRO B 483 -4.66 58.67 -24.58
C PRO B 483 -5.02 57.90 -25.84
N ILE B 484 -4.29 58.12 -26.94
CA ILE B 484 -4.54 57.42 -28.20
C ILE B 484 -4.46 55.91 -28.00
N GLY B 485 -5.40 55.17 -28.59
CA GLY B 485 -5.46 53.70 -28.47
C GLY B 485 -6.25 53.21 -27.24
N THR B 486 -6.70 54.10 -26.37
CA THR B 486 -7.49 53.74 -25.18
C THR B 486 -8.97 54.01 -25.42
N ASN B 487 -9.82 53.34 -24.66
CA ASN B 487 -11.26 53.47 -24.71
C ASN B 487 -11.71 54.37 -23.55
N TYR B 488 -12.63 55.28 -23.80
CA TYR B 488 -13.12 56.18 -22.76
C TYR B 488 -13.93 55.41 -21.71
N ARG B 489 -14.09 56.02 -20.52
CA ARG B 489 -14.86 55.46 -19.41
C ARG B 489 -16.27 55.13 -19.87
N SER B 490 -16.70 53.89 -19.70
CA SER B 490 -18.02 53.44 -20.12
C SER B 490 -19.12 54.09 -19.28
N CYS B 491 -20.01 54.81 -19.96
CA CYS B 491 -21.15 55.53 -19.42
C CYS B 491 -22.35 55.51 -20.39
N GLU B 492 -23.56 55.71 -19.88
CA GLU B 492 -24.78 55.80 -20.67
C GLU B 492 -25.78 56.80 -20.09
N SER B 493 -26.52 57.46 -20.99
CA SER B 493 -27.58 58.41 -20.60
C SER B 493 -28.86 57.60 -20.44
N THR B 494 -29.59 57.80 -19.34
CA THR B 494 -30.78 57.01 -18.99
C THR B 494 -31.97 57.86 -18.58
N THR B 495 -33.20 57.36 -18.67
CA THR B 495 -34.40 58.10 -18.23
C THR B 495 -34.85 57.59 -16.87
N VAL B 496 -34.54 58.33 -15.80
CA VAL B 496 -34.85 57.97 -14.40
C VAL B 496 -35.32 59.19 -13.59
N LEU B 497 -36.30 59.00 -12.70
CA LEU B 497 -36.80 60.04 -11.79
C LEU B 497 -37.27 61.32 -12.50
N ASP B 498 -38.12 61.19 -13.53
CA ASP B 498 -38.62 62.33 -14.34
C ASP B 498 -37.52 63.13 -15.06
N HIS B 499 -36.31 62.57 -15.20
CA HIS B 499 -35.17 63.18 -15.91
C HIS B 499 -34.85 62.34 -17.14
N THR B 500 -34.73 62.96 -18.31
CA THR B 500 -34.49 62.27 -19.59
C THR B 500 -33.06 61.78 -19.81
N ASP B 501 -32.07 62.47 -19.24
CA ASP B 501 -30.65 62.18 -19.41
C ASP B 501 -29.89 62.01 -18.09
N TRP B 502 -30.40 61.10 -17.26
CA TRP B 502 -29.78 60.67 -16.02
C TRP B 502 -28.46 59.99 -16.42
N CYS B 503 -27.31 60.66 -16.26
CA CYS B 503 -26.04 60.09 -16.67
C CYS B 503 -25.48 59.13 -15.62
N ARG B 504 -25.27 57.87 -16.02
CA ARG B 504 -24.70 56.82 -15.16
C ARG B 504 -23.43 56.27 -15.81
N CYS B 505 -22.49 55.83 -14.99
CA CYS B 505 -21.21 55.30 -15.47
C CYS B 505 -20.86 53.98 -14.78
N SER B 506 -19.66 53.50 -15.07
CA SER B 506 -19.11 52.26 -14.49
C SER B 506 -18.28 52.54 -13.23
N CYS B 507 -17.92 51.49 -12.50
CA CYS B 507 -17.08 51.57 -11.29
C CYS B 507 -17.58 52.47 -10.16
N LEU B 508 -18.90 52.62 -9.98
CA LEU B 508 -19.46 53.41 -8.87
C LEU B 508 -19.84 52.49 -7.70
N PRO B 509 -19.70 52.95 -6.44
CA PRO B 509 -19.18 54.26 -6.03
C PRO B 509 -17.67 54.40 -6.28
N ASP B 510 -16.94 53.30 -6.21
CA ASP B 510 -15.50 53.16 -6.44
C ASP B 510 -15.23 51.70 -6.83
N PRO B 511 -14.09 51.34 -7.45
CA PRO B 511 -13.81 49.96 -7.85
C PRO B 511 -13.77 48.95 -6.69
N ILE B 512 -13.43 49.37 -5.47
CA ILE B 512 -13.37 48.49 -4.28
C ILE B 512 -14.77 48.07 -3.84
N THR B 513 -15.69 49.02 -3.78
CA THR B 513 -17.08 48.85 -3.35
C THR B 513 -18.06 48.93 -4.52
N ALA B 514 -17.64 48.55 -5.73
CA ALA B 514 -18.46 48.64 -6.92
C ALA B 514 -19.74 47.80 -6.82
N TYR B 515 -20.85 48.36 -7.29
CA TYR B 515 -22.14 47.65 -7.25
C TYR B 515 -22.16 46.45 -8.22
N ASP B 516 -21.41 46.49 -9.31
CA ASP B 516 -21.30 45.40 -10.26
C ASP B 516 -19.87 45.36 -10.83
N PRO B 517 -18.98 44.51 -10.28
CA PRO B 517 -17.60 44.41 -10.77
C PRO B 517 -17.47 43.94 -12.22
N ARG B 518 -18.51 43.33 -12.79
CA ARG B 518 -18.54 42.84 -14.18
C ARG B 518 -18.40 43.97 -15.20
N SER B 519 -19.07 45.10 -14.99
CA SER B 519 -19.02 46.25 -15.90
C SER B 519 -17.84 47.20 -15.66
N CYS B 520 -17.21 47.14 -14.48
CA CYS B 520 -16.06 47.98 -14.15
C CYS B 520 -14.80 47.48 -14.87
N SER B 521 -14.06 48.37 -15.54
CA SER B 521 -12.84 48.01 -16.28
C SER B 521 -11.66 47.64 -15.38
N GLN B 522 -11.66 48.10 -14.13
CA GLN B 522 -10.64 47.82 -13.14
C GLN B 522 -10.97 46.48 -12.48
N LYS B 523 -10.16 45.46 -12.71
CA LYS B 523 -10.42 44.11 -12.17
C LYS B 523 -9.60 43.81 -10.93
N LYS B 524 -10.26 43.39 -9.86
CA LYS B 524 -9.60 43.01 -8.61
C LYS B 524 -8.64 41.87 -8.92
N SER B 525 -7.40 41.94 -8.45
CA SER B 525 -6.38 40.92 -8.68
C SER B 525 -5.48 40.71 -7.47
N LEU B 526 -4.96 39.50 -7.34
CA LEU B 526 -4.03 39.11 -6.30
C LEU B 526 -2.62 39.19 -6.88
N VAL B 527 -1.62 39.57 -6.09
CA VAL B 527 -0.26 39.64 -6.63
C VAL B 527 0.28 38.23 -6.89
N GLY B 528 0.85 38.02 -8.05
CA GLY B 528 1.48 36.75 -8.38
C GLY B 528 2.87 36.67 -7.76
N VAL B 529 3.46 35.48 -7.70
CA VAL B 529 4.80 35.32 -7.15
C VAL B 529 5.80 36.09 -8.02
N GLY B 530 6.68 36.87 -7.39
CA GLY B 530 7.68 37.64 -8.10
C GLY B 530 7.16 38.89 -8.80
N GLU B 531 5.94 39.33 -8.52
CA GLU B 531 5.31 40.50 -9.13
C GLU B 531 4.85 41.51 -8.08
N HIS B 532 4.73 42.78 -8.46
CA HIS B 532 4.25 43.85 -7.57
C HIS B 532 2.75 44.08 -7.77
N CYS B 533 2.16 44.98 -6.98
CA CYS B 533 0.76 45.33 -7.12
C CYS B 533 0.48 45.87 -8.53
N ALA B 534 -0.60 45.41 -9.16
CA ALA B 534 -0.97 45.87 -10.50
C ALA B 534 -1.27 47.37 -10.50
N GLY B 535 -1.87 47.88 -9.42
CA GLY B 535 -2.20 49.27 -9.22
C GLY B 535 -3.34 49.47 -8.24
N PHE B 536 -3.40 50.64 -7.63
CA PHE B 536 -4.48 51.04 -6.75
C PHE B 536 -5.73 51.32 -7.58
N GLY B 537 -6.92 51.01 -7.06
CA GLY B 537 -8.16 51.32 -7.77
C GLY B 537 -8.36 52.83 -7.81
N VAL B 538 -8.83 53.37 -8.92
CA VAL B 538 -9.08 54.81 -9.06
C VAL B 538 -10.56 55.13 -9.02
N ASP B 539 -10.92 56.10 -8.19
CA ASP B 539 -12.26 56.64 -8.13
C ASP B 539 -12.40 57.46 -9.42
N GLU B 540 -13.03 56.90 -10.44
CA GLU B 540 -13.14 57.54 -11.75
C GLU B 540 -13.93 58.86 -11.70
N GLU B 541 -14.71 59.12 -10.64
CA GLU B 541 -15.41 60.38 -10.45
C GLU B 541 -14.43 61.52 -10.09
N LYS B 542 -13.15 61.21 -9.86
CA LYS B 542 -12.06 62.15 -9.56
C LYS B 542 -10.99 62.21 -10.66
N CYS B 543 -11.28 61.65 -11.83
CA CYS B 543 -10.38 61.65 -12.99
C CYS B 543 -10.91 62.64 -14.05
N GLY B 544 -10.07 63.56 -14.51
CA GLY B 544 -10.49 64.61 -15.44
C GLY B 544 -11.16 65.77 -14.69
N VAL B 545 -11.82 66.68 -15.40
CA VAL B 545 -12.53 67.84 -14.80
C VAL B 545 -13.97 67.86 -15.26
N LEU B 546 -14.87 68.57 -14.58
CA LEU B 546 -16.31 68.54 -14.87
C LEU B 546 -16.67 68.94 -16.31
N ASP B 547 -16.11 70.02 -16.83
CA ASP B 547 -16.36 70.48 -18.20
C ASP B 547 -15.10 70.36 -19.09
N GLY B 548 -14.27 69.34 -18.85
CA GLY B 548 -13.03 69.14 -19.60
C GLY B 548 -13.27 68.71 -21.05
N SER B 549 -12.66 69.41 -22.00
CA SER B 549 -12.76 69.11 -23.42
C SER B 549 -11.59 68.26 -23.91
N TYR B 550 -11.43 68.07 -25.21
CA TYR B 550 -10.35 67.28 -25.78
C TYR B 550 -8.97 67.97 -25.69
N ASN B 551 -8.90 69.21 -25.23
CA ASN B 551 -7.65 69.97 -25.09
C ASN B 551 -6.93 69.77 -23.74
N VAL B 552 -7.50 68.97 -22.82
CA VAL B 552 -6.93 68.64 -21.51
C VAL B 552 -6.68 67.13 -21.43
N SER B 553 -5.52 66.70 -20.96
CA SER B 553 -5.16 65.28 -20.84
C SER B 553 -5.81 64.62 -19.62
N CYS B 554 -6.19 63.34 -19.73
CA CYS B 554 -6.83 62.63 -18.63
C CYS B 554 -5.85 62.28 -17.52
N LEU B 555 -6.14 62.71 -16.29
CA LEU B 555 -5.39 62.38 -15.08
C LEU B 555 -6.30 62.50 -13.87
N CYS B 556 -5.98 61.80 -12.81
CA CYS B 556 -6.74 61.75 -11.57
C CYS B 556 -6.02 62.45 -10.43
N SER B 557 -6.78 63.04 -9.50
CA SER B 557 -6.19 63.71 -8.34
C SER B 557 -5.54 62.66 -7.42
N THR B 558 -4.65 63.09 -6.54
CA THR B 558 -3.93 62.17 -5.63
C THR B 558 -4.85 61.37 -4.71
N ASP B 559 -5.98 61.95 -4.30
CA ASP B 559 -6.98 61.28 -3.45
C ASP B 559 -7.89 60.32 -4.24
N ALA B 560 -7.81 60.30 -5.57
CA ALA B 560 -8.62 59.38 -6.38
C ALA B 560 -8.11 57.93 -6.27
N PHE B 561 -6.84 57.72 -5.93
CA PHE B 561 -6.25 56.40 -5.80
C PHE B 561 -6.61 55.86 -4.41
N LEU B 562 -7.39 54.79 -4.36
CA LEU B 562 -7.91 54.19 -3.13
C LEU B 562 -7.34 52.79 -2.87
N GLY B 563 -7.76 52.17 -1.77
CA GLY B 563 -7.35 50.81 -1.46
C GLY B 563 -5.94 50.63 -0.96
N TRP B 564 -5.31 51.65 -0.42
CA TRP B 564 -3.96 51.57 0.13
C TRP B 564 -3.93 52.25 1.49
N SER B 565 -2.98 51.85 2.32
CA SER B 565 -2.79 52.42 3.65
C SER B 565 -1.32 52.43 4.02
N TYR B 566 -0.99 52.88 5.21
CA TYR B 566 0.38 52.92 5.71
C TYR B 566 0.42 52.70 7.22
N ASP B 567 1.57 52.28 7.70
CA ASP B 567 1.89 52.22 9.13
C ASP B 567 3.39 52.42 9.33
N THR B 568 3.85 52.78 10.52
CA THR B 568 5.28 52.82 10.80
C THR B 568 5.90 51.43 10.79
N CYS B 569 7.19 51.32 10.46
CA CYS B 569 7.98 50.12 10.74
C CYS B 569 8.70 50.15 12.10
N VAL B 570 8.66 51.27 12.82
CA VAL B 570 9.50 51.48 14.00
C VAL B 570 8.93 50.76 15.23
N SER B 571 9.77 49.96 15.88
CA SER B 571 9.56 49.42 17.23
C SER B 571 10.88 49.55 18.00
N ASN B 572 10.86 50.00 19.25
CA ASN B 572 12.07 50.08 20.09
C ASN B 572 13.25 50.82 19.42
N ASN B 573 12.95 51.93 18.73
CA ASN B 573 13.90 52.74 17.96
C ASN B 573 14.59 52.01 16.79
N ARG B 574 14.06 50.88 16.32
CA ARG B 574 14.52 50.18 15.11
C ARG B 574 13.38 49.97 14.11
N CYS B 575 13.65 50.15 12.83
CA CYS B 575 12.69 49.83 11.77
C CYS B 575 12.74 48.34 11.45
N ASN B 576 11.62 47.63 11.57
CA ASN B 576 11.51 46.21 11.25
C ASN B 576 11.44 45.97 9.75
N ILE B 577 12.23 45.01 9.25
CA ILE B 577 12.39 44.71 7.83
C ILE B 577 12.25 43.21 7.62
N PHE B 578 11.59 42.81 6.54
CA PHE B 578 11.48 41.45 6.08
C PHE B 578 12.38 41.26 4.86
N SER B 579 12.99 40.10 4.72
CA SER B 579 13.44 39.66 3.41
C SER B 579 13.27 38.17 3.20
N ASN B 580 13.10 37.78 1.95
CA ASN B 580 12.88 36.41 1.55
C ASN B 580 14.08 35.94 0.73
N PHE B 581 14.84 34.99 1.27
CA PHE B 581 15.95 34.31 0.62
C PHE B 581 15.38 33.20 -0.25
N ILE B 582 15.39 33.37 -1.55
CA ILE B 582 14.91 32.36 -2.48
C ILE B 582 16.16 31.63 -2.96
N LEU B 583 16.21 30.34 -2.68
CA LEU B 583 17.33 29.49 -3.06
C LEU B 583 17.00 28.80 -4.38
N ASN B 584 17.63 29.23 -5.48
CA ASN B 584 17.40 28.67 -6.80
C ASN B 584 18.48 27.67 -7.17
N GLY B 585 18.11 26.54 -7.74
CA GLY B 585 19.06 25.50 -8.15
C GLY B 585 19.83 25.00 -6.94
N ILE B 586 19.12 24.55 -5.92
CA ILE B 586 19.72 24.07 -4.67
C ILE B 586 20.69 22.93 -4.90
N ASN B 587 21.76 22.90 -4.11
CA ASN B 587 22.82 21.91 -4.17
C ASN B 587 23.47 21.84 -5.56
N SER B 588 23.75 23.00 -6.15
CA SER B 588 24.37 23.15 -7.46
C SER B 588 24.82 24.60 -7.66
N GLY B 589 25.34 24.98 -8.81
CA GLY B 589 25.72 26.36 -9.09
C GLY B 589 26.99 26.89 -8.43
N THR B 590 27.10 28.21 -8.39
CA THR B 590 28.29 28.94 -7.93
C THR B 590 28.06 29.91 -6.77
N THR B 591 26.85 30.01 -6.22
CA THR B 591 26.57 30.85 -5.04
C THR B 591 26.79 29.94 -3.85
N CYS B 592 27.98 29.93 -3.29
CA CYS B 592 28.33 28.95 -2.27
C CYS B 592 28.59 29.51 -0.88
N SER B 593 28.14 28.77 0.14
CA SER B 593 28.40 29.12 1.52
C SER B 593 29.81 28.68 1.90
N ASN B 594 30.59 29.55 2.53
CA ASN B 594 31.95 29.29 3.00
C ASN B 594 31.96 29.04 4.52
N ASP B 595 30.82 28.74 5.14
CA ASP B 595 30.75 28.49 6.58
C ASP B 595 31.58 27.28 7.04
N LEU B 596 31.57 26.20 6.26
CA LEU B 596 32.38 25.00 6.56
C LEU B 596 33.78 25.15 5.98
N LEU B 597 33.88 25.63 4.74
CA LEU B 597 35.13 25.87 4.00
C LEU B 597 36.09 24.70 3.88
N GLN B 598 35.63 23.61 3.26
CA GLN B 598 36.48 22.46 2.97
C GLN B 598 37.40 22.88 1.83
N PRO B 599 38.71 22.60 1.88
CA PRO B 599 39.62 22.99 0.83
C PRO B 599 39.35 22.23 -0.48
N ASN B 600 39.66 22.84 -1.62
CA ASN B 600 39.51 22.16 -2.91
C ASN B 600 40.50 21.00 -2.99
N THR B 601 40.07 19.87 -3.51
CA THR B 601 40.89 18.68 -3.71
C THR B 601 40.95 18.36 -5.19
N GLU B 602 41.88 17.50 -5.59
CA GLU B 602 41.96 17.02 -6.96
C GLU B 602 40.80 16.03 -7.21
N VAL B 603 40.39 15.85 -8.46
CA VAL B 603 39.36 14.87 -8.80
C VAL B 603 40.03 13.50 -8.84
N PHE B 604 40.05 12.79 -7.72
CA PHE B 604 40.67 11.47 -7.63
C PHE B 604 39.91 10.48 -8.50
N THR B 605 40.61 9.72 -9.34
CA THR B 605 40.01 8.76 -10.27
C THR B 605 40.25 7.32 -9.88
N ASP B 606 39.45 6.43 -10.46
CA ASP B 606 39.54 4.97 -10.34
C ASP B 606 39.28 4.37 -8.95
N VAL B 607 38.89 5.17 -7.97
CA VAL B 607 38.60 4.73 -6.61
C VAL B 607 37.25 5.28 -6.16
N CYS B 608 36.56 4.56 -5.27
CA CYS B 608 35.28 5.03 -4.74
C CYS B 608 35.53 6.25 -3.87
N VAL B 609 34.83 7.36 -4.10
CA VAL B 609 35.00 8.59 -3.33
C VAL B 609 33.66 9.26 -3.01
N ASP B 610 33.63 9.98 -1.89
CA ASP B 610 32.50 10.85 -1.55
C ASP B 610 32.81 12.14 -2.28
N TYR B 611 31.92 12.64 -3.11
CA TYR B 611 32.18 13.84 -3.88
C TYR B 611 31.18 14.96 -3.62
N ASP B 612 31.68 16.18 -3.73
CA ASP B 612 30.93 17.43 -3.66
C ASP B 612 31.44 18.28 -4.83
N LEU B 613 30.80 18.09 -5.98
CA LEU B 613 31.11 18.76 -7.22
C LEU B 613 30.27 20.01 -7.38
N TYR B 614 30.77 21.15 -6.92
CA TYR B 614 30.08 22.43 -7.05
C TYR B 614 28.66 22.36 -6.46
N GLY B 615 28.51 21.72 -5.31
CA GLY B 615 27.24 21.54 -4.60
C GLY B 615 26.57 20.19 -4.87
N ILE B 616 26.91 19.50 -5.95
CA ILE B 616 26.31 18.20 -6.28
C ILE B 616 27.06 17.16 -5.47
N THR B 617 26.35 16.52 -4.55
CA THR B 617 26.93 15.54 -3.65
C THR B 617 26.52 14.13 -4.03
N GLY B 618 27.38 13.17 -3.72
CA GLY B 618 27.12 11.77 -4.02
C GLY B 618 28.34 10.91 -3.73
N GLN B 619 28.27 9.65 -4.11
CA GLN B 619 29.35 8.69 -3.94
C GLN B 619 29.52 7.91 -5.23
N GLY B 620 30.75 7.77 -5.72
CA GLY B 620 31.02 7.08 -6.98
C GLY B 620 32.49 7.01 -7.32
N ILE B 621 32.80 6.56 -8.52
CA ILE B 621 34.13 6.40 -9.07
C ILE B 621 34.27 7.33 -10.28
N PHE B 622 35.29 8.16 -10.31
CA PHE B 622 35.54 9.05 -11.44
C PHE B 622 36.53 8.43 -12.41
N LYS B 623 36.29 8.57 -13.70
CA LYS B 623 37.18 8.09 -14.77
C LYS B 623 37.31 9.19 -15.80
N GLU B 624 38.52 9.72 -15.98
CA GLU B 624 38.75 10.80 -16.93
C GLU B 624 38.60 10.29 -18.37
N VAL B 625 37.90 11.04 -19.20
CA VAL B 625 37.64 10.74 -20.61
C VAL B 625 37.84 12.00 -21.44
N SER B 626 38.02 11.86 -22.75
CA SER B 626 38.15 13.01 -23.67
C SER B 626 36.80 13.31 -24.31
N ALA B 627 35.82 13.75 -23.51
CA ALA B 627 34.48 14.05 -23.99
C ALA B 627 34.44 15.30 -24.88
N VAL B 628 33.68 15.23 -25.97
CA VAL B 628 33.52 16.34 -26.94
C VAL B 628 32.08 16.84 -27.07
N TYR B 629 31.16 16.31 -26.26
CA TYR B 629 29.74 16.67 -26.29
C TYR B 629 29.34 17.83 -25.37
N TYR B 630 30.26 18.39 -24.58
CA TYR B 630 29.95 19.53 -23.74
C TYR B 630 30.11 20.85 -24.49
N ASN B 631 29.04 21.63 -24.64
CA ASN B 631 29.14 22.96 -25.26
C ASN B 631 29.65 23.97 -24.22
N SER B 632 29.72 25.25 -24.59
CA SER B 632 30.23 26.31 -23.69
C SER B 632 29.39 26.49 -22.41
N TRP B 633 28.08 26.25 -22.48
CA TRP B 633 27.15 26.41 -21.34
C TRP B 633 26.86 25.11 -20.59
N GLN B 634 27.44 23.97 -20.98
CA GLN B 634 27.15 22.67 -20.40
C GLN B 634 28.31 22.10 -19.59
N ASN B 635 28.00 21.55 -18.41
CA ASN B 635 29.02 20.97 -17.53
C ASN B 635 28.60 19.66 -16.86
N LEU B 636 27.37 19.18 -17.05
CA LEU B 636 26.91 17.95 -16.40
C LEU B 636 26.28 16.99 -17.39
N LEU B 637 26.57 15.70 -17.28
CA LEU B 637 26.01 14.65 -18.14
C LEU B 637 25.01 13.85 -17.32
N TYR B 638 23.80 13.69 -17.83
CA TYR B 638 22.70 13.00 -17.18
C TYR B 638 22.19 11.82 -17.99
N ASP B 639 21.69 10.80 -17.32
CA ASP B 639 21.09 9.64 -17.99
C ASP B 639 19.57 9.88 -18.13
N SER B 640 18.83 8.91 -18.68
CA SER B 640 17.38 9.04 -18.88
C SER B 640 16.59 9.13 -17.58
N ASN B 641 17.16 8.72 -16.45
CA ASN B 641 16.53 8.73 -15.13
C ASN B 641 16.88 9.96 -14.28
N GLY B 642 17.63 10.92 -14.80
CA GLY B 642 17.97 12.12 -14.03
C GLY B 642 19.18 11.96 -13.11
N ASN B 643 19.92 10.86 -13.16
CA ASN B 643 21.12 10.68 -12.36
C ASN B 643 22.31 11.34 -13.08
N ILE B 644 23.23 11.96 -12.34
CA ILE B 644 24.43 12.49 -12.95
C ILE B 644 25.38 11.32 -13.23
N ILE B 645 25.88 11.22 -14.45
CA ILE B 645 26.78 10.14 -14.90
C ILE B 645 28.09 10.67 -15.46
N GLY B 646 28.29 11.98 -15.48
CA GLY B 646 29.51 12.60 -15.97
C GLY B 646 29.52 14.09 -15.72
N PHE B 647 30.69 14.70 -15.74
CA PHE B 647 30.79 16.14 -15.56
C PHE B 647 32.08 16.69 -16.18
N LYS B 648 32.05 17.98 -16.53
CA LYS B 648 33.21 18.74 -16.99
C LYS B 648 33.58 19.63 -15.83
N ASP B 649 34.80 19.54 -15.33
CA ASP B 649 35.24 20.36 -14.21
C ASP B 649 35.30 21.84 -14.63
N PHE B 650 34.71 22.75 -13.84
CA PHE B 650 34.66 24.17 -14.19
C PHE B 650 36.04 24.83 -14.20
N VAL B 651 36.96 24.40 -13.34
CA VAL B 651 38.30 24.98 -13.23
C VAL B 651 39.28 24.46 -14.26
N THR B 652 39.44 23.15 -14.35
CA THR B 652 40.42 22.49 -15.24
C THR B 652 39.88 22.09 -16.61
N ASN B 653 38.57 22.18 -16.86
CA ASN B 653 37.93 21.73 -18.10
C ASN B 653 38.10 20.23 -18.38
N LYS B 654 38.62 19.45 -17.42
CA LYS B 654 38.78 18.01 -17.57
C LYS B 654 37.43 17.35 -17.46
N THR B 655 37.17 16.36 -18.30
CA THR B 655 35.89 15.65 -18.38
C THR B 655 35.99 14.27 -17.78
N TYR B 656 34.99 13.88 -16.99
CA TYR B 656 34.96 12.60 -16.32
C TYR B 656 33.62 11.90 -16.45
N ASN B 657 33.66 10.58 -16.36
CA ASN B 657 32.50 9.72 -16.28
C ASN B 657 32.39 9.34 -14.80
N ILE B 658 31.17 9.31 -14.29
CA ILE B 658 30.86 8.96 -12.91
C ILE B 658 30.23 7.57 -12.93
N PHE B 659 30.80 6.63 -12.19
CA PHE B 659 30.31 5.27 -12.08
C PHE B 659 29.95 4.97 -10.63
N PRO B 660 28.91 4.17 -10.37
CA PRO B 660 28.55 3.85 -8.99
C PRO B 660 29.63 2.99 -8.33
N CYS B 661 29.87 3.20 -7.04
CA CYS B 661 30.79 2.35 -6.29
C CYS B 661 30.26 0.90 -6.26
N TYR B 662 31.16 -0.07 -6.18
CA TYR B 662 30.72 -1.46 -6.14
C TYR B 662 29.87 -1.77 -4.91
N ALA B 663 28.76 -2.46 -5.15
CA ALA B 663 27.85 -2.95 -4.13
C ALA B 663 27.51 -4.39 -4.47
N GLY B 664 27.52 -5.27 -3.49
CA GLY B 664 27.23 -6.68 -3.70
C GLY B 664 27.00 -7.43 -2.41
N ARG B 665 26.87 -8.75 -2.50
CA ARG B 665 26.62 -9.64 -1.37
C ARG B 665 27.65 -10.75 -1.33
N VAL B 666 27.82 -11.36 -0.16
CA VAL B 666 28.67 -12.51 0.03
C VAL B 666 27.75 -13.70 0.23
N SER B 667 27.98 -14.78 -0.49
CA SER B 667 27.21 -16.01 -0.35
C SER B 667 28.01 -16.92 0.57
N ALA B 668 27.54 -17.15 1.79
CA ALA B 668 28.24 -17.98 2.76
C ALA B 668 27.63 -19.37 2.85
N ALA B 669 28.43 -20.40 2.68
CA ALA B 669 27.99 -21.79 2.77
C ALA B 669 28.42 -22.29 4.15
N PHE B 670 27.47 -22.76 4.95
CA PHE B 670 27.72 -23.25 6.31
C PHE B 670 27.23 -24.67 6.53
N HIS B 671 28.02 -25.50 7.19
CA HIS B 671 27.64 -26.84 7.60
C HIS B 671 27.60 -26.88 9.13
N GLN B 672 26.57 -27.47 9.73
CA GLN B 672 26.43 -27.53 11.19
C GLN B 672 27.64 -28.14 11.91
N ASN B 673 28.33 -29.10 11.29
CA ASN B 673 29.48 -29.74 11.90
C ASN B 673 30.76 -28.88 11.84
N ALA B 674 30.77 -27.79 11.06
CA ALA B 674 31.92 -26.93 10.88
C ALA B 674 32.04 -25.80 11.91
N SER B 675 33.27 -25.32 12.09
CA SER B 675 33.62 -24.21 12.99
C SER B 675 33.89 -22.90 12.24
N SER B 676 33.64 -22.86 10.93
CA SER B 676 33.85 -21.71 10.05
C SER B 676 32.90 -21.74 8.85
N LEU B 677 33.02 -20.77 7.96
CA LEU B 677 32.24 -20.61 6.73
C LEU B 677 33.07 -20.70 5.47
N ALA B 678 32.44 -21.11 4.37
CA ALA B 678 33.04 -21.07 3.05
C ALA B 678 32.36 -19.87 2.38
N LEU B 679 33.11 -18.88 1.93
CA LEU B 679 32.54 -17.66 1.35
C LEU B 679 32.68 -17.62 -0.16
N LEU B 680 31.64 -17.21 -0.86
CA LEU B 680 31.65 -17.04 -2.30
C LEU B 680 31.29 -15.58 -2.62
N TYR B 681 32.23 -14.85 -3.17
CA TYR B 681 32.03 -13.49 -3.66
C TYR B 681 31.66 -13.69 -5.12
N ARG B 682 30.37 -13.76 -5.40
CA ARG B 682 29.87 -14.09 -6.74
C ARG B 682 30.31 -13.05 -7.79
N ASN B 683 30.83 -13.56 -8.89
CA ASN B 683 31.30 -12.81 -10.06
C ASN B 683 32.45 -11.83 -9.78
N LEU B 684 33.25 -12.06 -8.75
CA LEU B 684 34.38 -11.21 -8.39
C LEU B 684 35.68 -12.00 -8.39
N LYS B 685 36.71 -11.46 -9.04
CA LYS B 685 38.05 -12.07 -9.03
C LYS B 685 38.62 -11.93 -7.62
N CYS B 686 39.43 -12.88 -7.15
CA CYS B 686 40.01 -12.79 -5.81
C CYS B 686 40.91 -11.56 -5.64
N SER B 687 41.61 -11.15 -6.69
CA SER B 687 42.44 -9.94 -6.65
C SER B 687 41.56 -8.73 -6.36
N TYR B 688 40.40 -8.62 -6.99
CA TYR B 688 39.47 -7.52 -6.75
C TYR B 688 38.95 -7.54 -5.30
N VAL B 689 38.58 -8.70 -4.77
CA VAL B 689 38.10 -8.79 -3.38
C VAL B 689 39.18 -8.34 -2.40
N LEU B 690 40.40 -8.87 -2.54
CA LEU B 690 41.51 -8.54 -1.65
C LEU B 690 42.01 -7.10 -1.79
N ASN B 691 41.99 -6.52 -2.98
CA ASN B 691 42.47 -5.17 -3.20
C ASN B 691 41.42 -4.08 -2.95
N ASN B 692 40.13 -4.34 -3.20
CA ASN B 692 39.09 -3.32 -3.11
C ASN B 692 37.94 -3.58 -2.14
N ILE B 693 37.84 -4.76 -1.51
CA ILE B 693 36.75 -5.05 -0.59
C ILE B 693 37.29 -5.30 0.82
N SER B 694 38.10 -6.34 1.02
CA SER B 694 38.67 -6.66 2.32
C SER B 694 39.82 -7.65 2.25
N LEU B 695 40.79 -7.51 3.15
CA LEU B 695 41.91 -8.44 3.28
C LEU B 695 41.51 -9.56 4.24
N THR B 696 42.08 -10.75 4.07
CA THR B 696 41.78 -11.89 4.96
C THR B 696 42.93 -12.89 4.99
N THR B 697 42.97 -13.71 6.03
CA THR B 697 43.99 -14.74 6.25
C THR B 697 43.53 -16.13 5.78
N GLN B 698 42.30 -16.26 5.29
CA GLN B 698 41.74 -17.51 4.79
C GLN B 698 42.29 -17.86 3.40
N PRO B 699 42.44 -19.14 3.05
CA PRO B 699 42.90 -19.54 1.73
C PRO B 699 41.81 -19.17 0.70
N TYR B 700 42.18 -18.87 -0.53
CA TYR B 700 41.24 -18.48 -1.57
C TYR B 700 41.64 -18.94 -2.96
N PHE B 701 40.66 -19.00 -3.87
CA PHE B 701 40.91 -19.32 -5.28
C PHE B 701 39.77 -18.78 -6.15
N ASP B 702 40.05 -18.56 -7.43
CA ASP B 702 39.09 -18.06 -8.39
C ASP B 702 38.30 -19.21 -9.01
N SER B 703 37.03 -19.36 -8.62
CA SER B 703 36.16 -20.39 -9.19
C SER B 703 35.36 -19.82 -10.37
N TYR B 704 34.62 -20.65 -11.08
CA TYR B 704 33.78 -20.20 -12.18
C TYR B 704 32.68 -19.22 -11.69
N LEU B 705 32.19 -19.41 -10.47
CA LEU B 705 31.15 -18.58 -9.87
C LEU B 705 31.69 -17.30 -9.21
N GLY B 706 32.99 -17.19 -8.97
CA GLY B 706 33.61 -16.04 -8.32
C GLY B 706 34.68 -16.48 -7.32
N CYS B 707 35.21 -15.55 -6.55
CA CYS B 707 36.23 -15.86 -5.56
C CYS B 707 35.64 -16.68 -4.41
N VAL B 708 36.30 -17.78 -4.08
CA VAL B 708 35.89 -18.69 -3.01
C VAL B 708 36.94 -18.67 -1.92
N PHE B 709 36.52 -18.44 -0.68
CA PHE B 709 37.37 -18.40 0.50
C PHE B 709 37.07 -19.56 1.43
N ASN B 710 38.11 -20.08 2.07
CA ASN B 710 38.03 -21.18 3.04
C ASN B 710 37.43 -22.49 2.50
N ALA B 711 37.75 -22.85 1.26
CA ALA B 711 37.32 -24.09 0.64
C ALA B 711 38.37 -24.54 -0.36
N ASP B 712 38.73 -25.82 -0.33
CA ASP B 712 39.74 -26.36 -1.25
C ASP B 712 39.18 -26.54 -2.67
N ASN B 713 39.91 -26.11 -3.68
CA ASN B 713 39.49 -26.28 -5.07
C ASN B 713 39.66 -27.76 -5.45
N LEU B 714 38.56 -28.51 -5.51
CA LEU B 714 38.53 -29.93 -5.84
C LEU B 714 37.42 -30.22 -6.86
N THR B 715 37.36 -29.40 -7.92
CA THR B 715 36.34 -29.56 -8.98
C THR B 715 36.46 -30.89 -9.74
N ASP B 716 37.61 -31.57 -9.68
CA ASP B 716 37.79 -32.89 -10.28
C ASP B 716 36.98 -33.96 -9.52
N TYR B 717 36.74 -33.73 -8.22
CA TYR B 717 35.94 -34.62 -7.39
C TYR B 717 34.47 -34.28 -7.62
N SER B 718 33.58 -35.26 -7.45
CA SER B 718 32.14 -35.08 -7.64
C SER B 718 31.32 -35.73 -6.54
N VAL B 719 30.16 -35.18 -6.26
CA VAL B 719 29.21 -35.70 -5.25
C VAL B 719 27.83 -35.82 -5.87
N SER B 720 27.12 -36.90 -5.58
CA SER B 720 25.76 -37.15 -6.07
C SER B 720 24.68 -36.47 -5.21
N SER B 721 25.02 -36.08 -3.98
CA SER B 721 24.14 -35.38 -3.05
C SER B 721 24.89 -34.16 -2.55
N CYS B 722 24.17 -33.06 -2.39
CA CYS B 722 24.77 -31.80 -1.97
C CYS B 722 23.82 -30.94 -1.16
N ALA B 723 24.20 -30.58 0.05
CA ALA B 723 23.41 -29.73 0.93
C ALA B 723 23.72 -28.23 0.73
N LEU B 724 24.87 -27.91 0.11
CA LEU B 724 25.33 -26.55 -0.14
C LEU B 724 25.57 -26.36 -1.64
N ARG B 725 24.49 -26.11 -2.37
CA ARG B 725 24.53 -25.97 -3.84
C ARG B 725 24.84 -24.52 -4.20
N MET B 726 25.97 -24.30 -4.85
CA MET B 726 26.42 -22.95 -5.22
C MET B 726 25.99 -22.49 -6.61
N GLY B 727 25.47 -23.37 -7.46
CA GLY B 727 25.06 -23.02 -8.82
C GLY B 727 26.04 -23.55 -9.86
N SER B 728 25.58 -23.68 -11.10
CA SER B 728 26.36 -24.15 -12.26
C SER B 728 27.04 -25.50 -12.04
N GLY B 729 26.38 -26.41 -11.33
CA GLY B 729 26.94 -27.73 -11.05
C GLY B 729 28.07 -27.73 -10.03
N PHE B 730 28.16 -26.75 -9.14
CA PHE B 730 29.19 -26.68 -8.10
C PHE B 730 28.54 -26.78 -6.73
N CYS B 731 29.23 -27.46 -5.84
CA CYS B 731 28.83 -27.76 -4.48
C CYS B 731 29.94 -27.48 -3.48
N VAL B 732 29.57 -27.12 -2.26
CA VAL B 732 30.49 -26.99 -1.15
C VAL B 732 30.26 -28.22 -0.29
N ASP B 733 31.25 -29.08 -0.16
CA ASP B 733 31.14 -30.31 0.61
C ASP B 733 32.00 -30.20 1.87
N TYR B 734 31.48 -30.58 3.04
CA TYR B 734 32.22 -30.50 4.28
C TYR B 734 32.63 -31.88 4.79
N ASN B 735 33.88 -32.06 5.21
CA ASN B 735 34.38 -33.34 5.75
C ASN B 735 34.11 -33.42 7.25
N SER B 752 37.40 -29.69 6.80
CA SER B 752 37.37 -28.50 5.95
C SER B 752 36.31 -28.57 4.84
N TYR B 753 36.01 -27.42 4.25
CA TYR B 753 35.11 -27.30 3.11
C TYR B 753 35.86 -27.58 1.81
N ARG B 754 35.19 -28.21 0.86
CA ARG B 754 35.73 -28.55 -0.45
C ARG B 754 34.81 -28.02 -1.53
N PHE B 755 35.34 -27.32 -2.53
CA PHE B 755 34.56 -26.84 -3.68
C PHE B 755 34.64 -27.97 -4.68
N VAL B 756 33.51 -28.64 -4.90
CA VAL B 756 33.38 -29.88 -5.66
C VAL B 756 32.27 -29.83 -6.68
N THR B 757 32.38 -30.54 -7.80
CA THR B 757 31.28 -30.58 -8.77
C THR B 757 30.07 -31.38 -8.26
N PHE B 758 28.87 -30.93 -8.54
CA PHE B 758 27.62 -31.58 -8.16
C PHE B 758 27.11 -32.37 -9.37
N GLU B 759 27.07 -33.70 -9.28
CA GLU B 759 26.62 -34.59 -10.35
C GLU B 759 25.55 -35.51 -9.77
N PRO B 760 24.31 -35.03 -9.60
CA PRO B 760 23.23 -35.80 -9.00
C PRO B 760 22.82 -37.04 -9.78
N PHE B 761 23.00 -37.04 -11.10
CA PHE B 761 22.61 -38.14 -11.97
C PHE B 761 23.74 -38.52 -12.91
N ASN B 762 23.81 -39.79 -13.23
CA ASN B 762 24.76 -40.36 -14.15
C ASN B 762 24.12 -41.59 -14.79
N VAL B 763 24.71 -42.02 -15.89
CA VAL B 763 24.26 -43.16 -16.66
C VAL B 763 24.64 -44.49 -16.04
N SER B 764 23.73 -45.45 -16.01
CA SER B 764 24.08 -46.82 -15.60
C SER B 764 24.89 -47.39 -16.77
N PHE B 765 26.14 -47.80 -16.57
CA PHE B 765 26.98 -48.28 -17.67
C PHE B 765 27.08 -49.81 -17.71
N VAL B 766 27.14 -50.35 -18.92
CA VAL B 766 27.34 -51.77 -19.21
C VAL B 766 28.52 -51.89 -20.19
N ASN B 767 29.21 -53.02 -20.25
CA ASN B 767 30.36 -53.19 -21.16
C ASN B 767 30.01 -54.06 -22.39
N ASP B 768 28.74 -54.12 -22.77
CA ASP B 768 28.26 -54.90 -23.92
C ASP B 768 28.61 -54.23 -25.26
N SER B 769 28.57 -54.97 -26.35
CA SER B 769 28.91 -54.45 -27.68
C SER B 769 27.88 -53.44 -28.22
N ILE B 770 28.36 -52.47 -28.99
CA ILE B 770 27.56 -51.43 -29.67
C ILE B 770 27.04 -51.94 -31.02
N GLU B 771 27.85 -52.72 -31.72
CA GLU B 771 27.54 -53.26 -33.05
C GLU B 771 26.95 -54.68 -32.98
N SER B 772 26.24 -55.07 -34.04
CA SER B 772 25.67 -56.41 -34.17
C SER B 772 26.68 -57.36 -34.84
N VAL B 773 26.89 -58.54 -34.26
CA VAL B 773 27.79 -59.56 -34.80
C VAL B 773 26.93 -60.68 -35.38
N GLY B 774 26.99 -60.87 -36.69
CA GLY B 774 26.18 -61.90 -37.36
C GLY B 774 24.68 -61.60 -37.29
N GLY B 775 24.30 -60.33 -37.13
CA GLY B 775 22.90 -59.89 -37.00
C GLY B 775 22.35 -59.94 -35.57
N LEU B 776 23.17 -60.26 -34.55
CA LEU B 776 22.75 -60.32 -33.15
C LEU B 776 23.48 -59.25 -32.31
N TYR B 777 22.74 -58.62 -31.40
CA TYR B 777 23.25 -57.59 -30.49
C TYR B 777 23.40 -58.14 -29.07
N GLU B 778 24.34 -57.60 -28.30
CA GLU B 778 24.54 -58.01 -26.90
C GLU B 778 23.60 -57.20 -26.00
N ILE B 779 22.74 -57.89 -25.25
CA ILE B 779 21.75 -57.27 -24.35
C ILE B 779 21.75 -57.97 -23.00
N LYS B 780 21.63 -57.19 -21.92
CA LYS B 780 21.52 -57.76 -20.57
C LYS B 780 20.05 -57.96 -20.29
N ILE B 781 19.64 -59.21 -20.08
CA ILE B 781 18.27 -59.59 -19.76
C ILE B 781 18.26 -60.07 -18.31
N PRO B 782 17.32 -59.63 -17.46
CA PRO B 782 17.25 -60.08 -16.07
C PRO B 782 17.07 -61.58 -15.92
N THR B 783 17.73 -62.19 -14.96
CA THR B 783 17.58 -63.63 -14.63
C THR B 783 16.87 -63.82 -13.31
N ASN B 784 16.77 -62.77 -12.50
CA ASN B 784 16.11 -62.76 -11.21
C ASN B 784 15.54 -61.36 -10.97
N PHE B 785 14.52 -61.26 -10.14
CA PHE B 785 13.87 -59.99 -9.85
C PHE B 785 13.24 -59.97 -8.46
N THR B 786 12.91 -58.77 -8.01
CA THR B 786 12.23 -58.52 -6.76
C THR B 786 11.22 -57.39 -7.00
N ILE B 787 10.36 -57.16 -6.03
CA ILE B 787 9.40 -56.07 -6.08
C ILE B 787 9.89 -55.01 -5.13
N VAL B 788 10.02 -53.78 -5.61
CA VAL B 788 10.44 -52.64 -4.79
C VAL B 788 9.27 -51.70 -4.63
N GLY B 789 9.11 -51.17 -3.44
CA GLY B 789 8.05 -50.22 -3.11
C GLY B 789 8.64 -48.82 -2.95
N GLN B 790 8.04 -47.84 -3.60
CA GLN B 790 8.45 -46.45 -3.51
C GLN B 790 7.25 -45.61 -3.09
N GLU B 791 7.35 -44.90 -1.99
CA GLU B 791 6.26 -44.04 -1.53
C GLU B 791 6.34 -42.65 -2.16
N GLU B 792 5.20 -42.00 -2.33
CA GLU B 792 5.10 -40.65 -2.87
C GLU B 792 3.96 -39.93 -2.16
N PHE B 793 4.26 -38.84 -1.46
CA PHE B 793 3.22 -38.03 -0.84
C PHE B 793 2.86 -36.92 -1.83
N ILE B 794 1.58 -36.76 -2.11
CA ILE B 794 1.08 -35.69 -2.95
C ILE B 794 0.13 -34.86 -2.09
N GLN B 795 0.44 -33.58 -1.94
CA GLN B 795 -0.38 -32.69 -1.17
C GLN B 795 -1.65 -32.38 -1.94
N THR B 796 -2.81 -32.57 -1.30
CA THR B 796 -4.12 -32.29 -1.89
C THR B 796 -4.92 -31.27 -1.09
N ASN B 797 -4.41 -30.87 0.08
CA ASN B 797 -5.07 -29.97 1.00
C ASN B 797 -4.05 -29.14 1.77
N SER B 798 -4.48 -28.08 2.42
CA SER B 798 -3.62 -27.25 3.27
C SER B 798 -4.44 -26.71 4.42
N PRO B 799 -3.83 -26.28 5.54
CA PRO B 799 -4.60 -25.69 6.63
C PRO B 799 -5.48 -24.53 6.13
N LYS B 800 -6.76 -24.52 6.46
CA LYS B 800 -7.69 -23.45 6.02
C LYS B 800 -7.51 -22.25 6.92
N VAL B 801 -6.62 -21.35 6.56
CA VAL B 801 -6.35 -20.17 7.36
C VAL B 801 -7.44 -19.13 7.14
N THR B 802 -8.03 -18.68 8.23
CA THR B 802 -9.03 -17.61 8.26
C THR B 802 -8.48 -16.47 9.09
N ILE B 803 -8.67 -15.25 8.64
CA ILE B 803 -8.20 -14.07 9.35
C ILE B 803 -9.34 -13.13 9.64
N ASP B 804 -9.57 -12.79 10.90
CA ASP B 804 -10.46 -11.68 11.24
C ASP B 804 -9.72 -10.38 11.06
N CYS B 805 -9.86 -9.76 9.90
CA CYS B 805 -9.11 -8.55 9.54
C CYS B 805 -9.32 -7.44 10.58
N SER B 806 -10.54 -7.25 11.06
CA SER B 806 -10.84 -6.23 12.06
C SER B 806 -10.07 -6.45 13.36
N LEU B 807 -10.11 -7.68 13.91
CA LEU B 807 -9.42 -8.07 15.14
C LEU B 807 -7.90 -8.09 14.98
N PHE B 808 -7.38 -8.50 13.82
CA PHE B 808 -5.96 -8.47 13.56
C PHE B 808 -5.43 -7.04 13.52
N VAL B 809 -6.05 -6.16 12.73
CA VAL B 809 -5.58 -4.79 12.57
C VAL B 809 -5.75 -3.96 13.83
N CYS B 810 -6.89 -4.10 14.51
CA CYS B 810 -7.28 -3.34 15.68
C CYS B 810 -7.78 -4.28 16.78
N SER B 811 -6.99 -4.57 17.81
CA SER B 811 -7.33 -5.63 18.78
C SER B 811 -8.75 -5.49 19.37
N ASN B 812 -8.98 -4.49 20.21
CA ASN B 812 -10.32 -4.10 20.67
C ASN B 812 -10.44 -2.59 20.91
N TYR B 813 -9.52 -1.81 20.33
CA TYR B 813 -9.42 -0.37 20.50
C TYR B 813 -10.41 0.35 19.61
N ALA B 814 -11.42 0.99 20.19
CA ALA B 814 -12.46 1.69 19.44
C ALA B 814 -11.89 2.76 18.50
N ALA B 815 -10.87 3.51 18.94
CA ALA B 815 -10.20 4.51 18.12
C ALA B 815 -9.59 3.93 16.84
N CYS B 816 -9.05 2.70 16.90
CA CYS B 816 -8.56 2.01 15.72
C CYS B 816 -9.70 1.49 14.84
N HIS B 817 -10.75 0.88 15.40
CA HIS B 817 -11.89 0.45 14.60
C HIS B 817 -12.58 1.60 13.85
N ASP B 818 -12.70 2.78 14.47
CA ASP B 818 -13.24 3.96 13.82
C ASP B 818 -12.42 4.34 12.58
N LEU B 819 -11.10 4.42 12.69
CA LEU B 819 -10.23 4.72 11.57
C LEU B 819 -10.24 3.61 10.52
N LEU B 820 -10.26 2.35 10.93
CA LEU B 820 -10.34 1.21 10.03
C LEU B 820 -11.64 1.21 9.23
N SER B 821 -12.74 1.73 9.78
CA SER B 821 -14.00 1.82 9.05
C SER B 821 -13.93 2.74 7.81
N GLU B 822 -12.96 3.66 7.75
CA GLU B 822 -12.71 4.49 6.56
C GLU B 822 -12.02 3.71 5.43
N TYR B 823 -11.43 2.56 5.78
CA TYR B 823 -10.86 1.56 4.88
C TYR B 823 -11.85 0.36 4.86
N GLY B 824 -13.16 0.62 4.91
CA GLY B 824 -14.18 -0.42 5.09
C GLY B 824 -14.16 -1.55 4.08
N THR B 825 -14.03 -1.24 2.79
CA THR B 825 -13.98 -2.28 1.76
C THR B 825 -12.73 -3.15 1.86
N PHE B 826 -11.64 -2.64 2.44
CA PHE B 826 -10.39 -3.37 2.51
C PHE B 826 -10.54 -4.68 3.30
N CYS B 827 -11.06 -4.65 4.53
CA CYS B 827 -11.24 -5.87 5.29
C CYS B 827 -12.27 -6.82 4.65
N ASP B 828 -13.31 -6.28 4.01
CA ASP B 828 -14.27 -7.11 3.27
C ASP B 828 -13.59 -7.84 2.11
N ASN B 829 -12.65 -7.22 1.40
CA ASN B 829 -11.91 -7.88 0.33
C ASN B 829 -11.01 -8.99 0.89
N ILE B 830 -10.32 -8.75 2.01
CA ILE B 830 -9.46 -9.75 2.63
C ILE B 830 -10.28 -10.97 3.05
N ASN B 831 -11.39 -10.74 3.76
CA ASN B 831 -12.30 -11.80 4.18
C ASN B 831 -12.82 -12.58 2.97
N SER B 832 -13.26 -11.88 1.93
CA SER B 832 -13.82 -12.49 0.73
C SER B 832 -12.80 -13.33 -0.02
N ILE B 833 -11.56 -12.86 -0.18
CA ILE B 833 -10.54 -13.63 -0.88
C ILE B 833 -10.18 -14.89 -0.09
N LEU B 834 -10.04 -14.79 1.23
CA LEU B 834 -9.74 -15.96 2.05
C LEU B 834 -10.90 -16.94 2.05
N ASP B 835 -12.14 -16.46 2.06
CA ASP B 835 -13.32 -17.32 1.99
C ASP B 835 -13.36 -18.06 0.64
N GLU B 836 -13.03 -17.39 -0.46
CA GLU B 836 -13.00 -18.02 -1.78
C GLU B 836 -11.88 -19.08 -1.81
N VAL B 837 -10.70 -18.76 -1.27
CA VAL B 837 -9.56 -19.68 -1.19
C VAL B 837 -9.93 -20.92 -0.38
N ASN B 838 -10.56 -20.74 0.78
CA ASN B 838 -10.97 -21.86 1.62
C ASN B 838 -12.10 -22.66 0.95
N GLY B 839 -12.98 -22.01 0.19
CA GLY B 839 -14.03 -22.70 -0.57
C GLY B 839 -13.40 -23.57 -1.66
N LEU B 840 -12.32 -23.11 -2.28
CA LEU B 840 -11.56 -23.87 -3.28
C LEU B 840 -10.93 -25.10 -2.62
N LEU B 841 -10.37 -24.97 -1.42
CA LEU B 841 -9.81 -26.10 -0.67
C LEU B 841 -10.90 -27.13 -0.32
N ASP B 842 -12.07 -26.66 0.12
CA ASP B 842 -13.21 -27.52 0.44
C ASP B 842 -13.71 -28.26 -0.81
N THR B 843 -13.86 -27.55 -1.93
CA THR B 843 -14.30 -28.15 -3.19
C THR B 843 -13.29 -29.17 -3.67
N THR B 844 -12.00 -28.87 -3.52
CA THR B 844 -10.92 -29.77 -3.92
C THR B 844 -10.97 -31.04 -3.07
N GLN B 845 -11.19 -30.94 -1.76
CA GLN B 845 -11.26 -32.09 -0.88
C GLN B 845 -12.43 -33.00 -1.27
N LEU B 846 -13.58 -32.43 -1.62
CA LEU B 846 -14.74 -33.18 -2.09
C LEU B 846 -14.43 -33.90 -3.39
N HIS B 847 -13.72 -33.27 -4.33
CA HIS B 847 -13.35 -33.89 -5.60
C HIS B 847 -12.36 -35.05 -5.40
N VAL B 848 -11.42 -34.92 -4.47
CA VAL B 848 -10.46 -35.98 -4.14
C VAL B 848 -11.20 -37.15 -3.50
N ALA B 849 -12.12 -36.90 -2.56
CA ALA B 849 -12.92 -37.93 -1.92
C ALA B 849 -13.84 -38.63 -2.93
N ASP B 850 -14.45 -37.88 -3.86
CA ASP B 850 -15.29 -38.45 -4.90
C ASP B 850 -14.45 -39.37 -5.79
N THR B 851 -13.23 -38.95 -6.13
CA THR B 851 -12.32 -39.75 -6.95
C THR B 851 -11.94 -41.03 -6.23
N LEU B 852 -11.65 -40.98 -4.93
CA LEU B 852 -11.33 -42.16 -4.13
C LEU B 852 -12.51 -43.11 -4.07
N MET B 853 -13.74 -42.60 -3.95
CA MET B 853 -14.96 -43.42 -3.84
C MET B 853 -15.61 -43.82 -5.16
N GLN B 854 -15.20 -43.25 -6.28
CA GLN B 854 -15.85 -43.50 -7.58
C GLN B 854 -15.74 -44.95 -8.03
N GLY B 855 -16.87 -45.56 -8.35
CA GLY B 855 -16.94 -46.93 -8.84
C GLY B 855 -16.63 -48.01 -7.80
N VAL B 856 -16.48 -47.65 -6.52
CA VAL B 856 -16.15 -48.63 -5.48
C VAL B 856 -17.39 -49.40 -5.04
N THR B 857 -17.36 -50.70 -5.23
CA THR B 857 -18.41 -51.65 -4.84
C THR B 857 -17.80 -52.65 -3.86
N LEU B 858 -18.39 -52.78 -2.67
CA LEU B 858 -17.93 -53.65 -1.60
C LEU B 858 -19.00 -54.66 -1.20
N SER B 859 -18.58 -55.85 -0.79
CA SER B 859 -19.51 -56.85 -0.30
C SER B 859 -19.91 -56.51 1.14
N SER B 860 -21.16 -56.77 1.51
CA SER B 860 -21.70 -56.56 2.85
C SER B 860 -21.06 -57.52 3.85
N ASN B 861 -20.69 -58.73 3.40
CA ASN B 861 -20.05 -59.74 4.23
C ASN B 861 -18.59 -59.44 4.57
N LEU B 862 -18.01 -58.39 3.99
CA LEU B 862 -16.63 -57.99 4.22
C LEU B 862 -16.42 -57.47 5.64
N ASN B 863 -15.68 -58.23 6.46
CA ASN B 863 -15.35 -57.86 7.83
C ASN B 863 -13.82 -57.91 7.97
N THR B 864 -13.21 -56.75 8.09
CA THR B 864 -11.73 -56.61 8.10
C THR B 864 -11.04 -57.24 9.32
N ASN B 865 -11.79 -57.64 10.34
CA ASN B 865 -11.23 -58.32 11.51
C ASN B 865 -10.72 -59.73 11.15
N LEU B 866 -11.36 -60.42 10.19
CA LEU B 866 -10.96 -61.75 9.73
C LEU B 866 -10.43 -61.76 8.29
N HIS B 867 -10.79 -60.78 7.46
CA HIS B 867 -10.36 -60.70 6.06
C HIS B 867 -9.33 -59.58 5.84
N PHE B 868 -8.06 -59.95 5.84
CA PHE B 868 -6.95 -59.01 5.67
C PHE B 868 -5.85 -59.51 4.72
N ASP B 869 -5.80 -60.79 4.39
CA ASP B 869 -4.79 -61.32 3.47
C ASP B 869 -5.39 -62.33 2.51
N VAL B 870 -5.02 -62.24 1.24
CA VAL B 870 -5.49 -63.12 0.17
C VAL B 870 -4.34 -63.45 -0.75
N ASP B 871 -4.28 -64.70 -1.20
CA ASP B 871 -3.25 -65.20 -2.12
C ASP B 871 -1.82 -64.92 -1.65
N ASN B 872 -1.59 -65.10 -0.36
CA ASN B 872 -0.33 -64.89 0.36
C ASN B 872 0.13 -63.43 0.47
N ILE B 873 -0.71 -62.45 0.13
CA ILE B 873 -0.36 -61.01 0.23
C ILE B 873 -1.15 -60.42 1.38
N ASN B 874 -0.44 -59.83 2.34
CA ASN B 874 -1.01 -59.25 3.55
C ASN B 874 -1.33 -57.76 3.39
N PHE B 875 -2.56 -57.39 3.70
CA PHE B 875 -3.01 -56.01 3.63
C PHE B 875 -3.60 -55.52 4.95
N LYS B 876 -3.28 -56.20 6.08
CA LYS B 876 -3.81 -55.81 7.38
C LYS B 876 -3.42 -54.39 7.73
N SER B 877 -2.19 -53.99 7.45
CA SER B 877 -1.74 -52.64 7.76
C SER B 877 -2.37 -51.55 6.91
N LEU B 878 -2.95 -51.88 5.75
CA LEU B 878 -3.58 -50.92 4.85
C LEU B 878 -5.08 -50.79 5.02
N VAL B 879 -5.68 -51.53 5.95
CA VAL B 879 -7.13 -51.58 6.13
C VAL B 879 -7.57 -51.35 7.58
N GLY B 880 -8.56 -50.48 7.77
CA GLY B 880 -9.20 -50.20 9.06
C GLY B 880 -10.62 -50.79 9.12
N CYS B 881 -11.50 -50.26 9.95
CA CYS B 881 -12.91 -50.71 9.98
C CYS B 881 -13.67 -50.28 8.71
N LEU B 882 -14.85 -50.84 8.46
CA LEU B 882 -15.71 -50.44 7.34
C LEU B 882 -17.11 -50.09 7.85
N GLY B 883 -17.58 -48.87 7.55
CA GLY B 883 -18.91 -48.40 7.91
C GLY B 883 -19.27 -48.43 9.42
N PRO B 884 -20.42 -49.05 9.79
CA PRO B 884 -20.94 -49.07 11.17
C PRO B 884 -20.20 -49.91 12.21
N HIS B 885 -19.18 -50.70 11.87
CA HIS B 885 -18.51 -51.55 12.88
C HIS B 885 -17.79 -50.76 13.98
N CYS B 886 -17.04 -49.70 13.65
CA CYS B 886 -16.45 -48.81 14.66
C CYS B 886 -16.79 -47.32 14.39
N GLY B 887 -17.31 -46.99 13.20
CA GLY B 887 -17.65 -45.61 12.84
C GLY B 887 -16.34 -44.85 12.60
N SER B 888 -15.97 -43.96 13.52
CA SER B 888 -14.68 -43.25 13.47
C SER B 888 -13.53 -44.26 13.72
N SER B 889 -12.28 -43.83 13.77
CA SER B 889 -11.11 -44.71 13.97
C SER B 889 -10.93 -45.76 12.86
N SER B 890 -11.50 -45.53 11.67
CA SER B 890 -11.37 -46.38 10.47
C SER B 890 -9.98 -46.24 9.82
N ARG B 891 -9.06 -45.49 10.43
CA ARG B 891 -7.69 -45.29 9.96
C ARG B 891 -6.92 -46.61 10.02
N SER B 892 -6.16 -46.94 8.99
CA SER B 892 -5.37 -48.17 8.96
C SER B 892 -4.11 -48.07 9.81
N PHE B 893 -3.41 -49.17 10.08
CA PHE B 893 -2.16 -49.12 10.84
C PHE B 893 -1.12 -48.25 10.13
N PHE B 894 -1.05 -48.37 8.80
CA PHE B 894 -0.17 -47.60 7.94
C PHE B 894 -0.46 -46.10 8.08
N GLU B 895 -1.73 -45.71 7.97
CA GLU B 895 -2.12 -44.32 8.12
C GLU B 895 -1.95 -43.86 9.57
N ASP B 896 -2.18 -44.72 10.57
CA ASP B 896 -2.00 -44.38 11.98
C ASP B 896 -0.53 -44.01 12.21
N LEU B 897 0.38 -44.84 11.70
CA LEU B 897 1.82 -44.62 11.82
C LEU B 897 2.24 -43.33 11.12
N LEU B 898 1.57 -42.96 10.03
CA LEU B 898 1.82 -41.73 9.29
C LEU B 898 1.25 -40.48 9.97
N PHE B 899 0.06 -40.56 10.57
CA PHE B 899 -0.59 -39.47 11.27
C PHE B 899 0.01 -39.22 12.66
N ASP B 900 0.56 -40.23 13.33
CA ASP B 900 1.18 -40.08 14.65
C ASP B 900 2.47 -39.24 14.64
N LYS B 901 3.10 -39.06 13.48
CA LYS B 901 4.35 -38.30 13.31
C LYS B 901 4.14 -36.83 12.92
N VAL B 902 2.89 -36.39 12.79
CA VAL B 902 2.53 -35.00 12.46
C VAL B 902 1.56 -34.49 13.51
N LYS B 903 2.01 -33.57 14.37
CA LYS B 903 1.17 -33.04 15.44
C LYS B 903 0.01 -32.20 14.91
N LEU B 904 0.28 -31.22 14.04
CA LEU B 904 -0.74 -30.29 13.57
C LEU B 904 -1.56 -30.77 12.36
N SER B 905 -2.25 -31.90 12.54
CA SER B 905 -3.24 -32.37 11.56
C SER B 905 -4.54 -31.61 11.83
N ASP B 906 -5.64 -31.98 11.21
CA ASP B 906 -6.95 -31.38 11.48
C ASP B 906 -7.32 -31.56 12.96
N VAL B 907 -7.17 -32.77 13.51
CA VAL B 907 -7.43 -33.05 14.93
C VAL B 907 -6.43 -32.32 15.81
N GLY B 908 -5.19 -32.16 15.34
CA GLY B 908 -4.14 -31.46 16.07
C GLY B 908 -4.46 -30.00 16.28
N PHE B 909 -4.92 -29.32 15.22
CA PHE B 909 -5.33 -27.92 15.31
C PHE B 909 -6.55 -27.80 16.23
N VAL B 910 -7.54 -28.69 16.10
CA VAL B 910 -8.73 -28.66 16.96
C VAL B 910 -8.33 -28.84 18.42
N GLU B 911 -7.47 -29.79 18.76
CA GLU B 911 -7.02 -29.99 20.14
C GLU B 911 -6.19 -28.80 20.64
N ALA B 912 -5.31 -28.24 19.81
CA ALA B 912 -4.52 -27.09 20.21
C ALA B 912 -5.41 -25.88 20.51
N TYR B 913 -6.42 -25.61 19.68
CA TYR B 913 -7.33 -24.50 19.94
C TYR B 913 -8.27 -24.81 21.11
N ASN B 914 -8.62 -26.08 21.36
CA ASN B 914 -9.43 -26.46 22.52
C ASN B 914 -8.71 -26.12 23.82
N ASN B 915 -7.38 -26.17 23.83
CA ASN B 915 -6.57 -25.89 25.00
C ASN B 915 -6.28 -24.40 25.24
N CYS B 916 -6.81 -23.47 24.42
CA CYS B 916 -6.57 -22.05 24.63
C CYS B 916 -7.34 -21.47 25.84
N THR B 917 -8.35 -22.17 26.33
CA THR B 917 -9.16 -21.80 27.50
C THR B 917 -9.12 -22.88 28.59
N GLY B 918 -8.12 -23.77 28.55
CA GLY B 918 -7.96 -24.84 29.54
C GLY B 918 -7.30 -24.40 30.85
N GLY B 919 -6.85 -23.14 30.94
CA GLY B 919 -6.20 -22.58 32.12
C GLY B 919 -4.72 -22.96 32.28
N SER B 920 -4.11 -23.57 31.28
CA SER B 920 -2.70 -23.99 31.28
C SER B 920 -1.72 -22.81 31.30
N GLU B 921 -0.61 -22.95 32.01
CA GLU B 921 0.43 -21.91 32.09
C GLU B 921 1.28 -21.81 30.81
N ILE B 922 1.32 -22.87 29.99
CA ILE B 922 2.06 -22.91 28.73
C ILE B 922 1.38 -22.00 27.70
N ARG B 923 2.16 -21.23 26.94
CA ARG B 923 1.66 -20.26 25.96
C ARG B 923 1.89 -20.73 24.53
N ASP B 924 0.92 -21.43 23.97
CA ASP B 924 1.02 -21.91 22.59
C ASP B 924 0.92 -20.73 21.62
N LEU B 925 1.77 -20.72 20.59
CA LEU B 925 1.72 -19.67 19.56
C LEU B 925 0.39 -19.72 18.82
N LEU B 926 -0.25 -20.89 18.69
CA LEU B 926 -1.55 -21.00 18.05
C LEU B 926 -2.62 -20.23 18.84
N CYS B 927 -2.56 -20.26 20.17
CA CYS B 927 -3.52 -19.51 20.97
C CYS B 927 -3.31 -18.00 20.80
N VAL B 928 -2.05 -17.55 20.78
CA VAL B 928 -1.73 -16.14 20.56
C VAL B 928 -2.22 -15.71 19.18
N GLN B 929 -2.02 -16.53 18.16
CA GLN B 929 -2.49 -16.23 16.80
C GLN B 929 -4.00 -16.15 16.76
N SER B 930 -4.71 -17.09 17.40
CA SER B 930 -6.17 -17.10 17.39
C SER B 930 -6.76 -15.89 18.10
N PHE B 931 -6.16 -15.44 19.21
CA PHE B 931 -6.62 -14.26 19.93
C PHE B 931 -6.39 -12.98 19.12
N ASN B 932 -5.45 -13.00 18.18
CA ASN B 932 -5.20 -11.93 17.22
C ASN B 932 -5.95 -12.12 15.90
N GLY B 933 -6.95 -13.00 15.86
CA GLY B 933 -7.79 -13.22 14.68
C GLY B 933 -7.25 -14.18 13.65
N ILE B 934 -6.10 -14.81 13.85
CA ILE B 934 -5.49 -15.73 12.88
C ILE B 934 -5.79 -17.15 13.35
N LYS B 935 -6.67 -17.86 12.65
CA LYS B 935 -7.07 -19.21 13.04
C LYS B 935 -7.22 -20.17 11.88
N VAL B 936 -6.86 -21.42 12.09
CA VAL B 936 -6.98 -22.47 11.09
C VAL B 936 -8.27 -23.23 11.36
N LEU B 937 -9.18 -23.25 10.40
CA LEU B 937 -10.44 -23.97 10.55
C LEU B 937 -10.27 -25.42 10.09
N PRO B 938 -11.02 -26.38 10.64
CA PRO B 938 -10.94 -27.75 10.19
C PRO B 938 -11.48 -27.91 8.76
N PRO B 939 -11.01 -28.89 8.00
CA PRO B 939 -11.49 -29.15 6.65
C PRO B 939 -12.93 -29.65 6.70
N ILE B 940 -13.70 -29.54 5.63
CA ILE B 940 -15.11 -29.97 5.67
C ILE B 940 -15.27 -31.47 5.93
N LEU B 941 -14.37 -32.29 5.41
CA LEU B 941 -14.33 -33.72 5.66
C LEU B 941 -13.17 -33.99 6.59
N SER B 942 -13.39 -34.74 7.67
CA SER B 942 -12.30 -35.05 8.60
C SER B 942 -11.29 -35.99 7.96
N GLU B 943 -10.05 -36.00 8.43
CA GLU B 943 -9.05 -36.95 7.90
C GLU B 943 -9.49 -38.39 8.20
N SER B 944 -10.32 -38.62 9.21
CA SER B 944 -10.87 -39.93 9.52
C SER B 944 -11.79 -40.38 8.38
N GLN B 945 -12.59 -39.47 7.81
CA GLN B 945 -13.44 -39.79 6.67
C GLN B 945 -12.60 -40.09 5.44
N ILE B 946 -11.54 -39.32 5.18
CA ILE B 946 -10.67 -39.58 4.03
C ILE B 946 -9.98 -40.94 4.22
N SER B 947 -9.60 -41.29 5.45
CA SER B 947 -9.01 -42.60 5.76
C SER B 947 -10.04 -43.71 5.49
N GLY B 948 -11.32 -43.47 5.78
CA GLY B 948 -12.37 -44.42 5.46
C GLY B 948 -12.48 -44.62 3.95
N TYR B 949 -12.37 -43.54 3.17
CA TYR B 949 -12.39 -43.62 1.72
C TYR B 949 -11.17 -44.35 1.16
N THR B 950 -9.98 -44.09 1.65
CA THR B 950 -8.76 -44.78 1.21
C THR B 950 -8.81 -46.25 1.60
N THR B 951 -9.31 -46.61 2.78
CA THR B 951 -9.45 -48.01 3.16
C THR B 951 -10.50 -48.68 2.28
N ALA B 952 -11.62 -48.03 1.97
CA ALA B 952 -12.62 -48.59 1.07
C ALA B 952 -12.03 -48.82 -0.33
N ALA B 953 -11.29 -47.84 -0.86
CA ALA B 953 -10.63 -47.97 -2.15
C ALA B 953 -9.59 -49.10 -2.15
N THR B 954 -8.92 -49.33 -1.02
CA THR B 954 -7.94 -50.40 -0.86
C THR B 954 -8.60 -51.76 -0.83
N VAL B 955 -9.65 -51.97 -0.02
CA VAL B 955 -10.31 -53.30 0.06
C VAL B 955 -11.09 -53.62 -1.21
N ALA B 956 -11.48 -52.61 -1.98
CA ALA B 956 -12.20 -52.77 -3.23
C ALA B 956 -11.39 -53.53 -4.28
N ALA B 957 -10.06 -53.52 -4.18
CA ALA B 957 -9.17 -54.24 -5.07
C ALA B 957 -8.74 -55.60 -4.52
N MET B 958 -9.26 -56.04 -3.37
CA MET B 958 -8.75 -57.24 -2.70
C MET B 958 -9.73 -58.39 -2.57
N PHE B 959 -11.01 -58.14 -2.77
CA PHE B 959 -12.05 -59.17 -2.69
C PHE B 959 -13.08 -58.95 -3.80
N PRO B 960 -13.87 -59.96 -4.16
CA PRO B 960 -14.92 -59.78 -5.16
C PRO B 960 -15.83 -58.62 -4.76
N PRO B 961 -16.30 -57.80 -5.71
CA PRO B 961 -16.09 -57.89 -7.15
C PRO B 961 -14.80 -57.28 -7.72
N TRP B 962 -13.80 -56.98 -6.90
CA TRP B 962 -12.52 -56.37 -7.32
C TRP B 962 -12.72 -55.09 -8.15
N SER B 963 -13.62 -54.24 -7.69
CA SER B 963 -14.00 -52.99 -8.36
C SER B 963 -12.86 -51.98 -8.56
N ALA B 964 -11.75 -52.13 -7.84
CA ALA B 964 -10.56 -51.30 -7.98
C ALA B 964 -9.31 -52.10 -8.44
N ALA B 965 -9.50 -53.30 -8.98
CA ALA B 965 -8.44 -54.19 -9.49
C ALA B 965 -8.80 -54.83 -10.83
N ALA B 966 -9.49 -54.07 -11.70
CA ALA B 966 -9.89 -54.53 -13.03
C ALA B 966 -10.80 -55.77 -13.04
N GLY B 967 -11.58 -55.98 -11.98
CA GLY B 967 -12.51 -57.11 -11.89
C GLY B 967 -11.88 -58.49 -11.74
N ILE B 968 -10.64 -58.61 -11.30
CA ILE B 968 -9.95 -59.90 -11.11
C ILE B 968 -9.19 -59.92 -9.78
N PRO B 969 -8.83 -61.09 -9.23
CA PRO B 969 -8.07 -61.16 -7.99
C PRO B 969 -6.81 -60.30 -8.03
N PHE B 970 -6.43 -59.71 -6.89
CA PHE B 970 -5.27 -58.83 -6.81
C PHE B 970 -3.98 -59.52 -7.23
N SER B 971 -3.75 -60.76 -6.80
CA SER B 971 -2.56 -61.50 -7.16
C SER B 971 -2.49 -61.75 -8.67
N LEU B 972 -3.61 -62.06 -9.33
CA LEU B 972 -3.65 -62.25 -10.77
C LEU B 972 -3.37 -60.93 -11.47
N ASN B 973 -3.90 -59.81 -10.98
CA ASN B 973 -3.63 -58.50 -11.57
C ASN B 973 -2.14 -58.19 -11.47
N VAL B 974 -1.50 -58.48 -10.34
CA VAL B 974 -0.05 -58.30 -10.16
C VAL B 974 0.70 -59.16 -11.16
N GLN B 975 0.31 -60.42 -11.32
CA GLN B 975 0.94 -61.33 -12.27
C GLN B 975 0.78 -60.85 -13.71
N TYR B 976 -0.41 -60.43 -14.13
CA TYR B 976 -0.63 -59.95 -15.49
C TYR B 976 0.12 -58.65 -15.73
N ARG B 977 0.21 -57.77 -14.72
CA ARG B 977 0.98 -56.53 -14.84
C ARG B 977 2.45 -56.83 -14.99
N ILE B 978 3.01 -57.79 -14.25
CA ILE B 978 4.42 -58.17 -14.41
C ILE B 978 4.62 -58.82 -15.77
N ASN B 979 3.69 -59.66 -16.23
CA ASN B 979 3.79 -60.30 -17.53
C ASN B 979 3.80 -59.26 -18.67
N GLY B 980 3.03 -58.19 -18.54
CA GLY B 980 2.97 -57.11 -19.53
C GLY B 980 4.30 -56.37 -19.71
N LEU B 981 5.23 -56.50 -18.77
CA LEU B 981 6.57 -55.89 -18.84
C LEU B 981 7.54 -56.73 -19.69
N GLY B 982 7.16 -57.95 -20.08
CA GLY B 982 8.02 -58.83 -20.84
C GLY B 982 8.55 -59.98 -19.99
N VAL B 983 7.75 -60.53 -19.08
CA VAL B 983 8.10 -61.63 -18.19
C VAL B 983 7.19 -62.81 -18.50
N THR B 984 7.73 -64.00 -18.74
CA THR B 984 6.89 -65.15 -19.08
C THR B 984 5.95 -65.55 -17.95
N MET B 985 4.74 -66.00 -18.28
CA MET B 985 3.78 -66.43 -17.28
C MET B 985 4.26 -67.65 -16.50
N ASP B 986 5.12 -68.46 -17.11
CA ASP B 986 5.64 -69.70 -16.52
C ASP B 986 6.42 -69.46 -15.25
N VAL B 987 7.27 -68.43 -15.18
CA VAL B 987 8.00 -68.13 -13.96
C VAL B 987 7.14 -67.39 -12.96
N LEU B 988 6.14 -66.66 -13.42
CA LEU B 988 5.25 -65.91 -12.54
C LEU B 988 4.34 -66.83 -11.75
N ASN B 989 3.69 -67.81 -12.39
CA ASN B 989 2.83 -68.70 -11.63
C ASN B 989 3.63 -69.76 -10.86
N LYS B 990 4.88 -70.02 -11.24
CA LYS B 990 5.77 -70.93 -10.49
C LYS B 990 6.29 -70.23 -9.23
N ASN B 991 6.62 -68.94 -9.33
CA ASN B 991 7.14 -68.14 -8.24
C ASN B 991 6.05 -67.25 -7.60
N GLN B 992 4.79 -67.69 -7.54
CA GLN B 992 3.71 -66.86 -6.98
C GLN B 992 3.95 -66.49 -5.51
N LYS B 993 4.38 -67.44 -4.67
CA LYS B 993 4.63 -67.14 -3.25
C LYS B 993 5.84 -66.22 -3.10
N LEU B 994 6.86 -66.38 -3.94
CA LEU B 994 8.04 -65.51 -3.94
C LEU B 994 7.62 -64.08 -4.33
N ILE B 995 6.73 -63.93 -5.31
CA ILE B 995 6.19 -62.63 -5.73
C ILE B 995 5.36 -62.01 -4.59
N ALA B 996 4.51 -62.79 -3.94
CA ALA B 996 3.70 -62.30 -2.84
C ALA B 996 4.57 -61.84 -1.67
N THR B 997 5.59 -62.62 -1.31
CA THR B 997 6.53 -62.25 -0.24
C THR B 997 7.33 -61.02 -0.65
N ALA B 998 7.76 -60.89 -1.91
CA ALA B 998 8.46 -59.69 -2.34
C ALA B 998 7.53 -58.47 -2.23
N PHE B 999 6.25 -58.62 -2.57
CA PHE B 999 5.27 -57.55 -2.49
C PHE B 999 5.05 -57.11 -1.04
N ASN B 1000 4.80 -58.05 -0.11
CA ASN B 1000 4.57 -57.61 1.27
C ASN B 1000 5.89 -57.13 1.91
N ASN B 1001 7.06 -57.60 1.46
CA ASN B 1001 8.34 -57.08 1.94
C ASN B 1001 8.51 -55.63 1.44
N ALA B 1002 8.10 -55.32 0.21
CA ALA B 1002 8.17 -53.96 -0.31
C ALA B 1002 7.25 -53.05 0.50
N LEU B 1003 6.06 -53.52 0.86
CA LEU B 1003 5.13 -52.78 1.69
C LEU B 1003 5.71 -52.53 3.08
N LEU B 1004 6.34 -53.54 3.70
CA LEU B 1004 6.99 -53.38 5.00
C LEU B 1004 8.16 -52.41 4.89
N SER B 1005 8.90 -52.42 3.77
CA SER B 1005 10.01 -51.48 3.59
C SER B 1005 9.50 -50.04 3.55
N ILE B 1006 8.35 -49.80 2.92
CA ILE B 1006 7.73 -48.48 2.90
C ILE B 1006 7.35 -48.07 4.33
N GLN B 1007 6.71 -48.96 5.10
CA GLN B 1007 6.30 -48.68 6.48
C GLN B 1007 7.49 -48.39 7.39
N ASN B 1008 8.57 -49.17 7.27
CA ASN B 1008 9.76 -48.98 8.09
C ASN B 1008 10.57 -47.75 7.65
N GLY B 1009 10.38 -47.28 6.42
CA GLY B 1009 11.07 -46.10 5.90
C GLY B 1009 10.67 -44.82 6.64
N PHE B 1010 9.49 -44.79 7.27
CA PHE B 1010 9.01 -43.65 8.05
C PHE B 1010 9.74 -43.50 9.40
N SER B 1011 10.36 -44.57 9.91
CA SER B 1011 11.15 -44.50 11.15
C SER B 1011 12.49 -43.76 10.93
N ALA B 1012 12.93 -43.70 9.67
CA ALA B 1012 14.12 -43.02 9.18
C ALA B 1012 13.73 -41.66 8.55
N PRO B 1013 14.67 -40.72 8.35
CA PRO B 1013 14.36 -39.42 7.75
C PRO B 1013 14.09 -39.54 6.22
N ASN B 1014 12.93 -40.07 5.83
CA ASN B 1014 12.56 -40.19 4.41
C ASN B 1014 11.95 -38.90 3.84
N SER B 1015 11.92 -38.79 2.52
CA SER B 1015 11.43 -37.59 1.85
C SER B 1015 9.91 -37.40 1.92
N ALA B 1016 9.11 -38.47 1.99
CA ALA B 1016 7.65 -38.32 2.08
C ALA B 1016 7.23 -37.71 3.41
N LEU B 1017 7.70 -38.23 4.54
CA LEU B 1017 7.37 -37.65 5.84
C LEU B 1017 7.93 -36.23 5.96
N ALA B 1018 9.10 -35.97 5.38
CA ALA B 1018 9.68 -34.63 5.36
C ALA B 1018 8.78 -33.67 4.57
N LYS B 1019 8.22 -34.10 3.43
CA LYS B 1019 7.31 -33.27 2.63
C LYS B 1019 6.02 -33.00 3.39
N ILE B 1020 5.45 -34.00 4.07
CA ILE B 1020 4.23 -33.83 4.87
C ILE B 1020 4.51 -32.83 6.01
N GLN B 1021 5.63 -32.95 6.72
CA GLN B 1021 5.98 -32.03 7.80
C GLN B 1021 6.29 -30.64 7.24
N SER B 1022 6.81 -30.53 6.02
CA SER B 1022 7.09 -29.23 5.39
C SER B 1022 5.79 -28.46 5.14
N VAL B 1023 4.68 -29.15 4.85
CA VAL B 1023 3.39 -28.50 4.67
C VAL B 1023 2.99 -27.80 5.98
N VAL B 1024 3.07 -28.50 7.10
CA VAL B 1024 2.76 -27.92 8.42
C VAL B 1024 3.76 -26.84 8.82
N ASN B 1025 5.07 -27.06 8.59
CA ASN B 1025 6.09 -26.10 8.95
C ASN B 1025 5.96 -24.80 8.14
N SER B 1026 5.66 -24.88 6.85
CA SER B 1026 5.47 -23.69 6.02
C SER B 1026 4.26 -22.91 6.48
N ASN B 1027 3.15 -23.59 6.82
CA ASN B 1027 1.96 -22.92 7.36
C ASN B 1027 2.27 -22.23 8.69
N ALA B 1028 2.97 -22.91 9.61
CA ALA B 1028 3.33 -22.35 10.90
C ALA B 1028 4.24 -21.12 10.74
N GLN B 1029 5.19 -21.17 9.82
CA GLN B 1029 6.08 -20.05 9.53
C GLN B 1029 5.27 -18.87 8.96
N ALA B 1030 4.34 -19.10 8.04
CA ALA B 1030 3.52 -18.03 7.46
C ALA B 1030 2.65 -17.39 8.55
N LEU B 1031 1.99 -18.18 9.38
CA LEU B 1031 1.15 -17.69 10.48
C LEU B 1031 1.98 -16.94 11.52
N ASN B 1032 3.16 -17.44 11.86
CA ASN B 1032 4.03 -16.77 12.80
C ASN B 1032 4.50 -15.44 12.22
N SER B 1033 4.92 -15.39 10.95
CA SER B 1033 5.37 -14.13 10.36
C SER B 1033 4.23 -13.13 10.32
N LEU B 1034 3.00 -13.56 10.02
CA LEU B 1034 1.84 -12.70 10.02
C LEU B 1034 1.58 -12.16 11.43
N LEU B 1035 1.72 -12.97 12.48
CA LEU B 1035 1.58 -12.48 13.84
C LEU B 1035 2.69 -11.46 14.16
N GLN B 1036 3.92 -11.70 13.70
CA GLN B 1036 5.03 -10.77 13.94
C GLN B 1036 4.74 -9.39 13.34
N GLN B 1037 3.92 -9.29 12.29
CA GLN B 1037 3.54 -8.01 11.69
C GLN B 1037 2.86 -7.10 12.71
N LEU B 1038 2.22 -7.64 13.75
CA LEU B 1038 1.57 -6.84 14.79
C LEU B 1038 2.55 -6.15 15.73
N PHE B 1039 3.83 -6.54 15.72
CA PHE B 1039 4.85 -5.94 16.57
C PHE B 1039 5.78 -5.01 15.81
N ASN B 1040 5.52 -4.73 14.53
CA ASN B 1040 6.29 -3.77 13.76
C ASN B 1040 5.73 -2.38 13.99
N LYS B 1041 6.59 -1.36 14.12
CA LYS B 1041 6.14 0.01 14.34
C LYS B 1041 5.70 0.70 13.07
N PHE B 1042 6.19 0.30 11.89
CA PHE B 1042 5.82 0.90 10.59
C PHE B 1042 5.99 2.43 10.59
N GLY B 1043 7.02 2.96 11.24
CA GLY B 1043 7.25 4.40 11.33
C GLY B 1043 6.45 5.12 12.44
N ALA B 1044 5.57 4.42 13.17
CA ALA B 1044 4.84 4.99 14.29
C ALA B 1044 5.73 5.01 15.55
N ILE B 1045 5.35 5.76 16.59
CA ILE B 1045 6.13 5.81 17.84
C ILE B 1045 6.17 4.48 18.60
N SER B 1046 5.20 3.59 18.38
CA SER B 1046 5.10 2.28 19.00
C SER B 1046 4.23 1.36 18.17
N SER B 1047 4.39 0.05 18.30
CA SER B 1047 3.57 -0.96 17.64
C SER B 1047 2.33 -1.31 18.48
N SER B 1048 2.26 -0.84 19.73
CA SER B 1048 1.17 -1.13 20.64
C SER B 1048 0.13 -0.02 20.63
N LEU B 1049 -1.12 -0.32 20.26
CA LEU B 1049 -2.22 0.64 20.29
C LEU B 1049 -2.48 1.15 21.71
N GLN B 1050 -2.26 0.35 22.74
CA GLN B 1050 -2.33 0.77 24.13
C GLN B 1050 -1.34 1.90 24.42
N GLU B 1051 -0.10 1.78 23.97
CA GLU B 1051 0.92 2.80 24.18
C GLU B 1051 0.57 4.08 23.41
N ILE B 1052 0.03 3.98 22.19
CA ILE B 1052 -0.38 5.16 21.44
C ILE B 1052 -1.49 5.91 22.15
N LEU B 1053 -2.52 5.20 22.57
CA LEU B 1053 -3.71 5.76 23.20
C LEU B 1053 -3.48 6.20 24.65
N SER B 1054 -2.40 5.77 25.30
CA SER B 1054 -2.03 6.21 26.65
C SER B 1054 -1.03 7.37 26.63
N ARG B 1055 -0.68 7.90 25.44
CA ARG B 1055 0.30 8.99 25.28
C ARG B 1055 -0.19 10.15 24.43
N LEU B 1056 -1.10 9.94 23.48
CA LEU B 1056 -1.55 10.97 22.55
C LEU B 1056 -3.07 11.17 22.53
N ASP B 1057 -3.49 12.40 22.26
CA ASP B 1057 -4.89 12.79 22.09
C ASP B 1057 -5.38 12.35 20.70
N PRO B 1058 -6.69 12.29 20.42
CA PRO B 1058 -7.22 11.79 19.17
C PRO B 1058 -6.60 12.29 17.86
N PRO B 1059 -6.24 13.58 17.66
CA PRO B 1059 -5.63 14.04 16.41
C PRO B 1059 -4.25 13.41 16.15
N GLU B 1060 -3.29 13.51 17.07
CA GLU B 1060 -2.00 12.88 16.87
C GLU B 1060 -2.06 11.36 17.02
N ALA B 1061 -2.89 10.83 17.92
CA ALA B 1061 -3.05 9.39 18.03
C ALA B 1061 -3.56 8.83 16.70
N GLN B 1062 -4.42 9.57 15.99
CA GLN B 1062 -4.95 9.15 14.70
C GLN B 1062 -3.82 8.99 13.70
N VAL B 1063 -2.84 9.90 13.65
CA VAL B 1063 -1.71 9.78 12.72
C VAL B 1063 -0.90 8.53 12.99
N GLN B 1064 -0.59 8.25 14.25
CA GLN B 1064 0.16 7.05 14.63
C GLN B 1064 -0.63 5.77 14.31
N ILE B 1065 -1.91 5.74 14.64
CA ILE B 1065 -2.76 4.59 14.37
C ILE B 1065 -2.93 4.37 12.86
N ASP B 1066 -2.97 5.44 12.05
CA ASP B 1066 -3.07 5.32 10.60
C ASP B 1066 -1.83 4.62 10.04
N ARG B 1067 -0.64 4.94 10.55
CA ARG B 1067 0.59 4.27 10.12
C ARG B 1067 0.53 2.78 10.45
N LEU B 1068 0.04 2.40 11.63
CA LEU B 1068 -0.13 0.99 12.00
C LEU B 1068 -1.20 0.29 11.16
N ILE B 1069 -2.35 0.90 10.93
CA ILE B 1069 -3.38 0.36 10.05
C ILE B 1069 -2.80 0.12 8.67
N ASN B 1070 -2.09 1.08 8.10
CA ASN B 1070 -1.52 0.94 6.76
C ASN B 1070 -0.52 -0.21 6.70
N GLY B 1071 0.37 -0.33 7.66
CA GLY B 1071 1.34 -1.41 7.73
C GLY B 1071 0.67 -2.78 7.86
N ARG B 1072 -0.32 -2.92 8.74
CA ARG B 1072 -1.05 -4.16 8.98
C ARG B 1072 -1.93 -4.57 7.81
N LEU B 1073 -2.62 -3.62 7.18
CA LEU B 1073 -3.38 -3.87 5.96
C LEU B 1073 -2.48 -4.26 4.80
N THR B 1074 -1.30 -3.64 4.64
CA THR B 1074 -0.34 -4.02 3.60
C THR B 1074 0.14 -5.45 3.85
N ALA B 1075 0.42 -5.79 5.10
CA ALA B 1075 0.84 -7.14 5.46
C ALA B 1075 -0.24 -8.18 5.15
N LEU B 1076 -1.51 -7.89 5.45
CA LEU B 1076 -2.62 -8.78 5.11
C LEU B 1076 -2.78 -8.93 3.60
N ASN B 1077 -2.61 -7.87 2.81
CA ASN B 1077 -2.64 -7.98 1.35
C ASN B 1077 -1.52 -8.90 0.85
N ALA B 1078 -0.31 -8.75 1.39
CA ALA B 1078 0.81 -9.58 1.02
C ALA B 1078 0.54 -11.05 1.38
N TYR B 1079 0.02 -11.32 2.58
CA TYR B 1079 -0.31 -12.69 3.00
C TYR B 1079 -1.40 -13.30 2.12
N VAL B 1080 -2.42 -12.53 1.76
CA VAL B 1080 -3.51 -12.97 0.89
C VAL B 1080 -2.97 -13.36 -0.49
N SER B 1081 -2.08 -12.54 -1.06
CA SER B 1081 -1.48 -12.84 -2.37
C SER B 1081 -0.67 -14.14 -2.30
N GLN B 1082 0.14 -14.32 -1.24
CA GLN B 1082 0.93 -15.54 -1.05
C GLN B 1082 0.01 -16.76 -0.89
N GLN B 1083 -1.07 -16.63 -0.13
CA GLN B 1083 -2.03 -17.71 0.08
C GLN B 1083 -2.72 -18.11 -1.23
N LEU B 1084 -3.10 -17.14 -2.08
CA LEU B 1084 -3.70 -17.43 -3.39
C LEU B 1084 -2.75 -18.26 -4.25
N SER B 1085 -1.46 -17.87 -4.30
CA SER B 1085 -0.47 -18.62 -5.06
C SER B 1085 -0.28 -20.02 -4.50
N ASP B 1086 -0.16 -20.17 -3.18
CA ASP B 1086 0.03 -21.48 -2.56
C ASP B 1086 -1.17 -22.39 -2.81
N ILE B 1087 -2.40 -21.87 -2.78
CA ILE B 1087 -3.57 -22.70 -3.03
C ILE B 1087 -3.64 -23.12 -4.49
N SER B 1088 -3.15 -22.31 -5.43
CA SER B 1088 -3.09 -22.71 -6.84
C SER B 1088 -2.18 -23.95 -6.98
N LEU B 1089 -1.04 -23.98 -6.28
CA LEU B 1089 -0.12 -25.12 -6.27
C LEU B 1089 -0.80 -26.34 -5.64
N VAL B 1090 -1.59 -26.15 -4.59
CA VAL B 1090 -2.34 -27.24 -3.95
C VAL B 1090 -3.38 -27.82 -4.91
N LYS B 1091 -4.06 -26.98 -5.70
CA LYS B 1091 -5.04 -27.43 -6.71
C LYS B 1091 -4.34 -28.28 -7.78
N PHE B 1092 -3.16 -27.86 -8.25
CA PHE B 1092 -2.39 -28.64 -9.22
C PHE B 1092 -1.99 -30.00 -8.62
N GLY B 1093 -1.53 -30.01 -7.37
CA GLY B 1093 -1.15 -31.23 -6.66
C GLY B 1093 -2.35 -32.15 -6.45
N ALA B 1094 -3.52 -31.62 -6.11
CA ALA B 1094 -4.71 -32.44 -5.93
C ALA B 1094 -5.18 -33.03 -7.26
N ALA B 1095 -5.09 -32.29 -8.36
CA ALA B 1095 -5.42 -32.81 -9.68
C ALA B 1095 -4.48 -33.97 -10.04
N LEU B 1096 -3.18 -33.83 -9.77
CA LEU B 1096 -2.21 -34.91 -10.00
C LEU B 1096 -2.53 -36.12 -9.11
N ALA B 1097 -2.90 -35.92 -7.84
CA ALA B 1097 -3.24 -37.02 -6.95
C ALA B 1097 -4.50 -37.75 -7.46
N MET B 1098 -5.52 -37.04 -7.91
CA MET B 1098 -6.72 -37.66 -8.44
C MET B 1098 -6.38 -38.44 -9.72
N GLU B 1099 -5.54 -37.90 -10.58
CA GLU B 1099 -5.09 -38.57 -11.79
C GLU B 1099 -4.30 -39.84 -11.44
N LYS B 1100 -3.43 -39.82 -10.42
CA LYS B 1100 -2.71 -41.01 -9.97
C LYS B 1100 -3.66 -42.03 -9.37
N VAL B 1101 -4.67 -41.63 -8.60
CA VAL B 1101 -5.66 -42.58 -8.07
C VAL B 1101 -6.32 -43.31 -9.23
N ASN B 1102 -6.83 -42.56 -10.20
CA ASN B 1102 -7.51 -43.11 -11.37
C ASN B 1102 -6.62 -43.95 -12.30
N GLU B 1103 -5.39 -43.52 -12.57
CA GLU B 1103 -4.52 -44.17 -13.54
C GLU B 1103 -3.36 -45.02 -13.01
N CYS B 1104 -3.23 -45.17 -11.69
CA CYS B 1104 -2.22 -46.01 -11.05
C CYS B 1104 -2.81 -46.95 -10.01
N VAL B 1105 -3.87 -46.55 -9.30
CA VAL B 1105 -4.48 -47.37 -8.24
C VAL B 1105 -5.68 -48.14 -8.77
N LYS B 1106 -6.70 -47.46 -9.27
CA LYS B 1106 -7.92 -48.10 -9.79
C LYS B 1106 -7.76 -48.76 -11.14
N SER B 1107 -6.72 -48.39 -11.86
CA SER B 1107 -6.36 -48.93 -13.16
C SER B 1107 -4.89 -48.68 -13.39
N GLN B 1108 -4.35 -49.24 -14.46
CA GLN B 1108 -2.95 -49.12 -14.83
C GLN B 1108 -2.87 -48.54 -16.24
N SER B 1109 -2.83 -47.22 -16.33
CA SER B 1109 -2.77 -46.54 -17.62
C SER B 1109 -1.42 -46.77 -18.31
N PRO B 1110 -1.36 -47.00 -19.63
CA PRO B 1110 -0.11 -47.24 -20.37
C PRO B 1110 0.72 -45.96 -20.54
N ARG B 1111 1.29 -45.48 -19.44
CA ARG B 1111 2.13 -44.27 -19.31
C ARG B 1111 3.34 -44.73 -18.52
N ILE B 1112 4.55 -44.58 -19.07
CA ILE B 1112 5.74 -45.22 -18.50
C ILE B 1112 6.20 -44.77 -17.11
N ASN B 1113 6.43 -43.49 -16.86
CA ASN B 1113 6.91 -43.04 -15.54
C ASN B 1113 5.87 -42.21 -14.79
N PHE B 1114 4.59 -42.31 -15.15
CA PHE B 1114 3.54 -41.55 -14.48
C PHE B 1114 3.35 -41.99 -13.03
N CYS B 1115 3.31 -43.30 -12.78
CA CYS B 1115 3.15 -43.90 -11.47
C CYS B 1115 4.49 -44.28 -10.84
N GLY B 1116 5.37 -43.30 -10.67
CA GLY B 1116 6.69 -43.53 -10.13
C GLY B 1116 7.66 -44.02 -11.20
N ASN B 1117 8.94 -44.10 -10.87
CA ASN B 1117 9.97 -44.53 -11.81
C ASN B 1117 10.13 -46.05 -11.88
N GLY B 1118 10.72 -46.53 -12.98
CA GLY B 1118 10.96 -47.96 -13.18
C GLY B 1118 9.82 -48.69 -13.85
N ASN B 1119 9.88 -50.02 -13.84
CA ASN B 1119 8.88 -50.88 -14.42
C ASN B 1119 7.68 -50.99 -13.46
N HIS B 1120 6.77 -50.02 -13.51
CA HIS B 1120 5.63 -49.95 -12.61
C HIS B 1120 4.67 -51.13 -12.78
N ILE B 1121 4.43 -51.86 -11.70
CA ILE B 1121 3.51 -52.99 -11.68
C ILE B 1121 2.12 -52.51 -11.31
N LEU B 1122 2.01 -51.85 -10.16
CA LEU B 1122 0.75 -51.44 -9.56
C LEU B 1122 1.00 -50.41 -8.47
N SER B 1123 -0.03 -49.64 -8.12
CA SER B 1123 0.03 -48.64 -7.07
C SER B 1123 -1.12 -48.78 -6.09
N LEU B 1124 -0.90 -48.40 -4.84
CA LEU B 1124 -1.89 -48.40 -3.76
C LEU B 1124 -1.89 -47.01 -3.14
N VAL B 1125 -2.99 -46.60 -2.51
CA VAL B 1125 -3.09 -45.28 -1.89
C VAL B 1125 -3.54 -45.37 -0.44
N GLN B 1126 -2.97 -44.53 0.40
CA GLN B 1126 -3.29 -44.40 1.82
C GLN B 1126 -3.45 -42.92 2.14
N ASN B 1127 -4.26 -42.61 3.14
CA ASN B 1127 -4.47 -41.24 3.56
C ASN B 1127 -3.24 -40.67 4.27
N ALA B 1128 -2.93 -39.40 4.09
CA ALA B 1128 -1.83 -38.75 4.76
C ALA B 1128 -2.28 -37.35 5.22
N PRO B 1129 -1.64 -36.75 6.23
CA PRO B 1129 -2.03 -35.42 6.65
C PRO B 1129 -1.93 -34.44 5.48
N TYR B 1130 -3.02 -33.78 5.12
CA TYR B 1130 -3.11 -32.81 4.03
C TYR B 1130 -2.83 -33.37 2.62
N GLY B 1131 -3.08 -34.65 2.38
CA GLY B 1131 -2.82 -35.22 1.08
C GLY B 1131 -2.99 -36.72 1.03
N LEU B 1132 -2.41 -37.34 0.02
CA LEU B 1132 -2.47 -38.78 -0.18
C LEU B 1132 -1.07 -39.33 -0.32
N LEU B 1133 -0.84 -40.51 0.21
CA LEU B 1133 0.43 -41.20 0.09
C LEU B 1133 0.21 -42.39 -0.83
N PHE B 1134 0.91 -42.39 -1.96
CA PHE B 1134 0.86 -43.46 -2.93
C PHE B 1134 2.02 -44.39 -2.70
N MET B 1135 1.79 -45.68 -2.83
CA MET B 1135 2.80 -46.72 -2.73
C MET B 1135 2.90 -47.32 -4.12
N HIS B 1136 3.98 -47.03 -4.84
CA HIS B 1136 4.21 -47.56 -6.17
C HIS B 1136 5.07 -48.79 -6.09
N PHE B 1137 4.59 -49.90 -6.64
CA PHE B 1137 5.30 -51.17 -6.65
C PHE B 1137 5.85 -51.38 -8.04
N SER B 1138 7.14 -51.65 -8.14
CA SER B 1138 7.84 -51.82 -9.41
C SER B 1138 8.59 -53.12 -9.49
N TYR B 1139 8.71 -53.65 -10.70
CA TYR B 1139 9.48 -54.85 -11.00
C TYR B 1139 10.94 -54.43 -11.07
N LYS B 1140 11.77 -54.93 -10.16
CA LYS B 1140 13.19 -54.59 -10.08
C LYS B 1140 14.09 -55.77 -10.40
N PRO B 1141 14.81 -55.77 -11.53
CA PRO B 1141 15.77 -56.82 -11.82
C PRO B 1141 16.87 -56.87 -10.75
N ILE B 1142 17.27 -58.07 -10.36
CA ILE B 1142 18.30 -58.34 -9.33
C ILE B 1142 19.61 -58.75 -9.96
N SER B 1143 19.57 -59.71 -10.89
CA SER B 1143 20.73 -60.22 -11.61
C SER B 1143 20.44 -60.24 -13.09
N PHE B 1144 21.47 -60.13 -13.91
CA PHE B 1144 21.39 -60.10 -15.36
C PHE B 1144 22.30 -61.10 -16.05
N LYS B 1145 21.90 -61.53 -17.25
CA LYS B 1145 22.66 -62.39 -18.13
C LYS B 1145 22.86 -61.64 -19.44
N THR B 1146 24.09 -61.51 -19.91
CA THR B 1146 24.36 -60.87 -21.20
C THR B 1146 24.12 -61.94 -22.26
N VAL B 1147 23.16 -61.73 -23.15
CA VAL B 1147 22.82 -62.68 -24.20
C VAL B 1147 22.79 -62.01 -25.57
N LEU B 1148 23.02 -62.80 -26.62
CA LEU B 1148 22.96 -62.31 -27.99
C LEU B 1148 21.51 -62.42 -28.45
N VAL B 1149 20.94 -61.30 -28.89
CA VAL B 1149 19.55 -61.20 -29.33
C VAL B 1149 19.39 -60.71 -30.75
N SER B 1150 18.30 -61.12 -31.38
CA SER B 1150 17.91 -60.69 -32.71
C SER B 1150 16.57 -59.97 -32.61
N PRO B 1151 16.44 -58.75 -33.13
CA PRO B 1151 15.19 -57.99 -33.08
C PRO B 1151 14.17 -58.43 -34.14
N GLY B 1152 14.48 -59.46 -34.94
CA GLY B 1152 13.61 -59.97 -35.99
C GLY B 1152 14.28 -61.04 -36.83
N LEU B 1153 13.50 -61.98 -37.37
CA LEU B 1153 13.98 -63.08 -38.20
C LEU B 1153 13.27 -63.13 -39.55
N CYS B 1154 14.00 -63.47 -40.60
CA CYS B 1154 13.45 -63.71 -41.93
C CYS B 1154 13.29 -65.22 -42.04
N ILE B 1155 12.05 -65.73 -42.05
CA ILE B 1155 11.75 -67.17 -42.01
C ILE B 1155 10.94 -67.70 -43.19
N SER B 1156 10.99 -69.01 -43.41
CA SER B 1156 10.22 -69.71 -44.45
C SER B 1156 10.31 -69.03 -45.82
N GLY B 1157 9.18 -68.62 -46.40
CA GLY B 1157 9.08 -67.92 -47.68
C GLY B 1157 9.33 -66.43 -47.57
N ASP B 1158 10.46 -66.03 -46.97
CA ASP B 1158 10.87 -64.64 -46.74
C ASP B 1158 9.85 -63.82 -45.91
N VAL B 1159 9.14 -64.50 -45.01
CA VAL B 1159 8.17 -63.92 -44.10
C VAL B 1159 8.94 -63.38 -42.90
N GLY B 1160 8.64 -62.17 -42.49
CA GLY B 1160 9.31 -61.55 -41.36
C GLY B 1160 8.57 -61.76 -40.06
N ILE B 1161 9.29 -62.05 -38.99
CA ILE B 1161 8.71 -62.16 -37.65
C ILE B 1161 9.50 -61.25 -36.71
N ALA B 1162 8.78 -60.49 -35.90
CA ALA B 1162 9.35 -59.62 -34.89
C ALA B 1162 8.94 -60.17 -33.52
N PRO B 1163 9.81 -60.14 -32.51
CA PRO B 1163 9.48 -60.66 -31.19
C PRO B 1163 8.52 -59.69 -30.49
N LYS B 1164 7.44 -60.20 -29.88
CA LYS B 1164 6.45 -59.39 -29.17
C LYS B 1164 6.88 -59.22 -27.70
N GLN B 1165 7.36 -58.03 -27.33
CA GLN B 1165 7.81 -57.72 -25.96
C GLN B 1165 8.89 -58.70 -25.50
N GLY B 1166 9.88 -58.92 -26.35
CA GLY B 1166 10.97 -59.84 -26.10
C GLY B 1166 12.00 -59.83 -27.20
N TYR B 1167 12.75 -60.92 -27.31
CA TYR B 1167 13.81 -61.09 -28.28
C TYR B 1167 13.91 -62.52 -28.79
N PHE B 1168 14.53 -62.68 -29.96
CA PHE B 1168 14.83 -63.99 -30.50
C PHE B 1168 16.28 -64.29 -30.12
N ILE B 1169 16.53 -65.48 -29.58
CA ILE B 1169 17.82 -65.93 -29.09
C ILE B 1169 18.18 -67.30 -29.65
N LYS B 1170 19.47 -67.62 -29.71
CA LYS B 1170 19.97 -68.92 -30.13
C LYS B 1170 20.16 -69.77 -28.88
N HIS B 1171 19.30 -70.76 -28.64
CA HIS B 1171 19.36 -71.64 -27.47
C HIS B 1171 19.31 -73.10 -27.93
N ASN B 1172 20.20 -73.96 -27.42
CA ASN B 1172 20.27 -75.37 -27.86
C ASN B 1172 20.46 -75.49 -29.38
N ASP B 1173 21.22 -74.55 -29.96
CA ASP B 1173 21.57 -74.39 -31.36
C ASP B 1173 20.31 -74.40 -32.27
N HIS B 1174 19.41 -73.46 -32.02
CA HIS B 1174 18.18 -73.19 -32.77
C HIS B 1174 17.51 -71.92 -32.20
N TRP B 1175 16.66 -71.27 -32.99
CA TRP B 1175 15.98 -70.05 -32.59
C TRP B 1175 14.86 -70.29 -31.58
N MET B 1176 14.86 -69.46 -30.53
CA MET B 1176 13.90 -69.46 -29.43
C MET B 1176 13.55 -68.02 -29.08
N PHE B 1177 12.49 -67.82 -28.31
CA PHE B 1177 12.01 -66.53 -27.83
C PHE B 1177 12.26 -66.37 -26.34
N THR B 1178 12.53 -65.16 -25.87
CA THR B 1178 12.64 -64.85 -24.45
C THR B 1178 11.99 -63.51 -24.20
N GLY B 1179 11.37 -63.32 -23.03
CA GLY B 1179 10.78 -62.04 -22.67
C GLY B 1179 11.90 -61.01 -22.47
N SER B 1180 11.62 -59.74 -22.69
CA SER B 1180 12.63 -58.68 -22.56
C SER B 1180 13.02 -58.38 -21.11
N SER B 1181 12.13 -58.66 -20.15
CA SER B 1181 12.34 -58.37 -18.73
C SER B 1181 12.69 -59.60 -17.91
N TYR B 1182 12.77 -60.80 -18.49
CA TYR B 1182 13.15 -62.00 -17.77
C TYR B 1182 13.67 -63.06 -18.75
N TYR B 1183 14.86 -63.58 -18.53
CA TYR B 1183 15.49 -64.56 -19.40
C TYR B 1183 14.90 -65.95 -19.17
N TYR B 1184 14.10 -66.42 -20.12
CA TYR B 1184 13.47 -67.73 -20.08
C TYR B 1184 13.19 -68.16 -21.51
N PRO B 1185 14.05 -68.98 -22.13
CA PRO B 1185 13.85 -69.43 -23.50
C PRO B 1185 12.54 -70.20 -23.66
N GLU B 1186 11.79 -69.85 -24.68
CA GLU B 1186 10.50 -70.41 -25.08
C GLU B 1186 10.49 -70.72 -26.57
N PRO B 1187 9.73 -71.70 -27.04
CA PRO B 1187 9.62 -71.95 -28.46
C PRO B 1187 8.94 -70.76 -29.15
N ILE B 1188 9.36 -70.41 -30.36
CA ILE B 1188 8.76 -69.32 -31.12
C ILE B 1188 7.38 -69.76 -31.59
N SER B 1189 6.35 -68.95 -31.35
CA SER B 1189 4.97 -69.25 -31.75
C SER B 1189 4.21 -67.97 -32.10
N ASP B 1190 2.99 -68.09 -32.62
CA ASP B 1190 2.18 -66.94 -32.97
C ASP B 1190 1.76 -66.12 -31.73
N LYS B 1191 1.89 -66.69 -30.54
CA LYS B 1191 1.58 -66.03 -29.26
C LYS B 1191 2.57 -64.90 -28.96
N ASN B 1192 3.86 -65.11 -29.25
CA ASN B 1192 4.95 -64.15 -28.97
C ASN B 1192 5.61 -63.57 -30.22
N VAL B 1193 4.87 -63.44 -31.33
CA VAL B 1193 5.40 -62.97 -32.61
C VAL B 1193 4.46 -62.01 -33.33
N VAL B 1194 5.04 -60.98 -33.95
CA VAL B 1194 4.33 -60.05 -34.83
C VAL B 1194 4.74 -60.45 -36.26
N PHE B 1195 3.79 -60.84 -37.11
CA PHE B 1195 4.07 -61.28 -38.49
C PHE B 1195 4.12 -60.12 -39.50
N MET B 1196 5.01 -60.25 -40.48
CA MET B 1196 5.21 -59.31 -41.59
C MET B 1196 5.29 -60.11 -42.90
N ASN B 1197 4.59 -59.72 -43.97
CA ASN B 1197 4.63 -60.48 -45.23
C ASN B 1197 6.03 -60.52 -45.86
N THR B 1198 6.75 -59.41 -45.78
CA THR B 1198 8.13 -59.24 -46.28
C THR B 1198 9.03 -58.95 -45.08
N CYS B 1199 10.13 -59.66 -44.93
CA CYS B 1199 11.04 -59.42 -43.80
C CYS B 1199 11.87 -58.14 -43.98
N SER B 1200 12.19 -57.45 -42.87
CA SER B 1200 13.02 -56.25 -42.94
C SER B 1200 14.47 -56.57 -43.27
N VAL B 1201 15.19 -55.61 -43.86
CA VAL B 1201 16.62 -55.82 -44.12
C VAL B 1201 17.31 -55.95 -42.76
N ASN B 1202 18.43 -56.66 -42.74
CA ASN B 1202 19.21 -56.96 -41.55
C ASN B 1202 18.51 -57.89 -40.54
N PHE B 1203 17.28 -58.34 -40.79
CA PHE B 1203 16.67 -59.36 -39.94
C PHE B 1203 17.48 -60.63 -40.15
N THR B 1204 17.80 -61.35 -39.08
CA THR B 1204 18.64 -62.54 -39.22
C THR B 1204 17.93 -63.62 -40.04
N LYS B 1205 18.58 -64.15 -41.07
CA LYS B 1205 17.99 -65.20 -41.92
C LYS B 1205 17.87 -66.50 -41.11
N ALA B 1206 16.70 -67.13 -41.19
CA ALA B 1206 16.41 -68.38 -40.51
C ALA B 1206 15.35 -69.20 -41.29
N PRO B 1207 15.71 -69.78 -42.44
CA PRO B 1207 14.75 -70.55 -43.25
C PRO B 1207 14.21 -71.80 -42.57
N LEU B 1208 14.87 -72.30 -41.53
CA LEU B 1208 14.48 -73.50 -40.78
C LEU B 1208 13.39 -73.26 -39.72
N VAL B 1209 12.97 -72.01 -39.49
CA VAL B 1209 11.93 -71.69 -38.49
C VAL B 1209 10.53 -71.80 -39.08
N TYR B 1210 9.66 -72.58 -38.43
CA TYR B 1210 8.26 -72.77 -38.80
C TYR B 1210 8.05 -73.16 -40.27
N VAL C 1 -2.47 51.53 -31.97
CA VAL C 1 -1.13 52.13 -31.71
C VAL C 1 -0.34 51.27 -30.74
N ILE C 2 0.99 51.38 -30.74
CA ILE C 2 1.85 50.69 -29.77
C ILE C 2 2.04 51.56 -28.52
N GLY C 3 2.96 52.53 -28.56
CA GLY C 3 3.04 53.58 -27.54
C GLY C 3 2.08 54.73 -27.83
N ASP C 4 2.26 55.85 -27.15
CA ASP C 4 1.39 57.03 -27.31
C ASP C 4 2.18 58.33 -27.59
N PHE C 5 3.43 58.21 -28.03
CA PHE C 5 4.22 59.35 -28.47
C PHE C 5 4.07 59.56 -29.98
N ASN C 6 3.64 60.75 -30.39
CA ASN C 6 3.52 61.15 -31.78
C ASN C 6 4.90 61.45 -32.39
N CYS C 7 5.60 60.40 -32.83
CA CYS C 7 6.96 60.53 -33.39
C CYS C 7 6.96 61.18 -34.78
N THR C 8 5.98 60.88 -35.63
CA THR C 8 5.89 61.45 -36.99
C THR C 8 4.48 61.46 -37.57
N ASN C 9 4.26 62.33 -38.55
CA ASN C 9 3.02 62.45 -39.32
C ASN C 9 3.26 62.19 -40.81
N PHE C 10 4.47 61.76 -41.19
CA PHE C 10 4.83 61.51 -42.58
C PHE C 10 4.30 60.18 -43.07
N ALA C 11 3.52 60.19 -44.16
CA ALA C 11 3.00 59.01 -44.84
C ALA C 11 2.29 57.97 -43.94
N ILE C 12 1.20 58.36 -43.29
CA ILE C 12 0.40 57.48 -42.44
C ILE C 12 -0.98 57.26 -43.08
N ASN C 13 -1.35 56.02 -43.34
CA ASN C 13 -2.66 55.67 -43.91
C ASN C 13 -3.64 55.37 -42.77
N ASP C 14 -4.39 56.39 -42.35
CA ASP C 14 -5.41 56.27 -41.29
C ASP C 14 -6.71 55.63 -41.83
N LEU C 15 -6.99 55.83 -43.13
CA LEU C 15 -8.20 55.33 -43.77
C LEU C 15 -8.28 53.79 -43.69
N ASN C 16 -9.50 53.26 -43.58
CA ASN C 16 -9.73 51.82 -43.43
C ASN C 16 -9.49 51.01 -44.71
N THR C 17 -8.23 50.66 -44.97
CA THR C 17 -7.81 49.81 -46.10
C THR C 17 -8.15 48.34 -45.80
N THR C 18 -7.91 47.45 -46.75
CA THR C 18 -8.11 46.01 -46.50
C THR C 18 -7.07 45.56 -45.46
N VAL C 19 -7.47 44.78 -44.46
CA VAL C 19 -6.53 44.29 -43.43
C VAL C 19 -5.56 43.30 -44.10
N PRO C 20 -4.23 43.47 -44.00
CA PRO C 20 -3.29 42.54 -44.62
C PRO C 20 -3.50 41.13 -44.07
N ARG C 21 -3.44 40.12 -44.93
CA ARG C 21 -3.66 38.73 -44.51
C ARG C 21 -2.42 38.18 -43.81
N ILE C 22 -2.59 37.69 -42.59
CA ILE C 22 -1.49 37.08 -41.83
C ILE C 22 -1.34 35.64 -42.30
N SER C 23 -0.21 35.33 -42.92
CA SER C 23 0.07 33.98 -43.40
C SER C 23 0.19 33.03 -42.22
N GLU C 24 -0.22 31.77 -42.38
CA GLU C 24 -0.15 30.76 -41.32
C GLU C 24 0.64 29.53 -41.77
N TYR C 25 1.26 28.85 -40.82
CA TYR C 25 2.10 27.68 -41.05
C TYR C 25 1.94 26.71 -39.88
N VAL C 26 1.75 25.43 -40.12
CA VAL C 26 1.53 24.47 -39.02
C VAL C 26 2.83 24.21 -38.25
N VAL C 27 2.74 24.23 -36.93
CA VAL C 27 3.87 23.95 -36.05
C VAL C 27 4.16 22.46 -36.06
N ASP C 28 5.35 22.07 -36.49
CA ASP C 28 5.83 20.69 -36.54
C ASP C 28 7.12 20.58 -35.74
N VAL C 29 7.07 19.85 -34.63
CA VAL C 29 8.22 19.71 -33.72
C VAL C 29 8.93 18.38 -33.88
N SER C 30 8.58 17.57 -34.89
CA SER C 30 9.16 16.24 -35.07
C SER C 30 10.68 16.22 -35.28
N TYR C 31 11.30 17.34 -35.67
CA TYR C 31 12.74 17.45 -35.88
C TYR C 31 13.43 18.37 -34.87
N GLY C 32 12.81 18.65 -33.73
CA GLY C 32 13.40 19.47 -32.66
C GLY C 32 13.00 20.94 -32.66
N LEU C 33 12.19 21.38 -33.61
CA LEU C 33 11.72 22.77 -33.67
C LEU C 33 10.86 23.06 -32.43
N GLY C 34 11.04 24.24 -31.83
CA GLY C 34 10.28 24.62 -30.64
C GLY C 34 10.87 24.10 -29.34
N THR C 35 11.99 23.37 -29.37
CA THR C 35 12.66 22.84 -28.18
C THR C 35 13.90 23.64 -27.83
N TYR C 36 14.46 23.40 -26.64
CA TYR C 36 15.65 24.07 -26.17
C TYR C 36 16.51 23.14 -25.32
N TYR C 37 17.80 23.44 -25.18
CA TYR C 37 18.68 22.64 -24.33
C TYR C 37 18.35 22.90 -22.87
N ILE C 38 18.43 21.87 -22.04
CA ILE C 38 18.02 21.93 -20.64
C ILE C 38 19.16 22.36 -19.72
N LEU C 39 19.10 23.59 -19.22
CA LEU C 39 20.05 24.14 -18.25
C LEU C 39 21.49 23.93 -18.74
N ASP C 40 22.36 23.40 -17.88
CA ASP C 40 23.76 23.07 -18.15
C ASP C 40 23.95 21.55 -18.34
N ARG C 41 22.85 20.82 -18.58
CA ARG C 41 22.83 19.37 -18.77
C ARG C 41 23.07 18.94 -20.20
N VAL C 42 23.65 17.76 -20.32
CA VAL C 42 23.90 17.03 -21.56
C VAL C 42 23.20 15.68 -21.43
N TYR C 43 22.44 15.29 -22.44
CA TYR C 43 21.81 13.97 -22.54
C TYR C 43 22.38 13.32 -23.79
N LEU C 44 22.81 12.06 -23.76
CA LEU C 44 23.40 11.39 -24.91
C LEU C 44 22.68 10.12 -25.32
N ASN C 45 22.34 10.02 -26.61
CA ASN C 45 21.73 8.85 -27.23
C ASN C 45 20.54 8.31 -26.44
N THR C 46 19.57 9.17 -26.13
CA THR C 46 18.44 8.77 -25.28
C THR C 46 17.21 9.64 -25.48
N THR C 47 16.07 9.18 -24.98
CA THR C 47 14.80 9.89 -25.01
C THR C 47 14.44 10.32 -23.59
N ILE C 48 13.99 11.56 -23.44
CA ILE C 48 13.65 12.19 -22.16
C ILE C 48 12.25 12.78 -22.20
N LEU C 49 11.45 12.58 -21.16
CA LEU C 49 10.16 13.25 -21.04
C LEU C 49 10.48 14.51 -20.21
N PHE C 50 10.34 15.68 -20.81
CA PHE C 50 10.65 16.94 -20.17
C PHE C 50 9.50 17.94 -20.29
N THR C 51 9.16 18.61 -19.20
CA THR C 51 8.11 19.62 -19.19
C THR C 51 8.74 21.00 -19.21
N GLY C 52 8.46 21.79 -20.23
CA GLY C 52 9.01 23.13 -20.41
C GLY C 52 8.07 24.05 -21.18
N TYR C 53 8.52 25.26 -21.46
CA TYR C 53 7.74 26.24 -22.23
C TYR C 53 7.92 25.89 -23.69
N PHE C 54 6.96 25.18 -24.26
CA PHE C 54 7.03 24.71 -25.63
C PHE C 54 5.79 25.07 -26.46
N PRO C 55 5.91 25.13 -27.79
CA PRO C 55 4.76 25.38 -28.65
C PRO C 55 3.81 24.18 -28.66
N LYS C 56 2.57 24.38 -29.08
CA LYS C 56 1.62 23.25 -29.23
C LYS C 56 1.82 22.68 -30.63
N SER C 57 2.22 21.41 -30.76
CA SER C 57 2.38 20.80 -32.09
C SER C 57 1.02 20.73 -32.77
N GLY C 58 0.96 21.09 -34.05
CA GLY C 58 -0.31 21.14 -34.77
C GLY C 58 -0.99 22.50 -34.70
N ALA C 59 -0.53 23.43 -33.85
CA ALA C 59 -1.06 24.79 -33.81
C ALA C 59 -0.48 25.59 -34.98
N ASN C 60 -0.86 26.86 -35.13
CA ASN C 60 -0.38 27.67 -36.25
C ASN C 60 0.60 28.78 -35.87
N PHE C 61 1.70 28.82 -36.60
CA PHE C 61 2.60 29.95 -36.62
C PHE C 61 1.89 31.06 -37.39
N ARG C 62 2.11 32.32 -37.02
CA ARG C 62 1.56 33.49 -37.69
C ARG C 62 2.70 34.34 -38.19
N ASP C 63 2.81 34.60 -39.48
CA ASP C 63 3.85 35.48 -39.97
C ASP C 63 3.46 36.92 -39.69
N LEU C 64 3.97 37.47 -38.60
CA LEU C 64 3.67 38.83 -38.17
C LEU C 64 4.61 39.86 -38.78
N SER C 65 5.56 39.47 -39.62
CA SER C 65 6.42 40.43 -40.28
C SER C 65 5.62 41.27 -41.27
N LEU C 66 5.92 42.56 -41.35
CA LEU C 66 5.28 43.50 -42.25
C LEU C 66 6.36 44.29 -42.97
N LYS C 67 6.33 44.30 -44.31
CA LYS C 67 7.28 45.05 -45.12
C LYS C 67 6.55 46.23 -45.74
N GLY C 68 7.03 47.43 -45.49
CA GLY C 68 6.49 48.65 -46.07
C GLY C 68 7.53 49.35 -46.95
N THR C 69 7.14 50.37 -47.70
CA THR C 69 8.04 51.15 -48.55
C THR C 69 8.09 52.60 -48.08
N THR C 70 6.93 53.28 -48.09
CA THR C 70 6.80 54.68 -47.66
C THR C 70 5.69 54.90 -46.64
N TYR C 71 4.52 54.29 -46.87
CA TYR C 71 3.37 54.49 -46.02
C TYR C 71 3.20 53.39 -44.96
N LEU C 72 2.78 53.80 -43.77
CA LEU C 72 2.49 52.92 -42.65
C LEU C 72 0.98 52.91 -42.44
N SER C 73 0.35 51.74 -42.44
CA SER C 73 -1.10 51.65 -42.21
C SER C 73 -1.37 51.61 -40.71
N THR C 74 -2.32 52.39 -40.20
CA THR C 74 -2.65 52.35 -38.78
C THR C 74 -3.21 50.99 -38.35
N LEU C 75 -3.72 50.19 -39.30
CA LEU C 75 -4.25 48.85 -39.03
C LEU C 75 -3.12 47.88 -38.63
N TRP C 76 -1.87 48.15 -39.03
CA TRP C 76 -0.70 47.34 -38.67
C TRP C 76 -0.39 47.39 -37.18
N TYR C 77 -0.86 48.40 -36.46
CA TYR C 77 -0.58 48.64 -35.06
C TYR C 77 -1.74 48.34 -34.12
N GLN C 78 -2.62 47.44 -34.51
CA GLN C 78 -3.79 47.00 -33.74
C GLN C 78 -3.89 45.49 -33.81
N LYS C 79 -4.89 44.90 -33.17
CA LYS C 79 -5.13 43.46 -33.28
C LYS C 79 -5.51 43.17 -34.74
N PRO C 80 -5.14 42.01 -35.30
CA PRO C 80 -4.43 40.92 -34.65
C PRO C 80 -2.90 41.03 -34.65
N PHE C 81 -2.27 42.09 -35.17
CA PHE C 81 -0.80 42.19 -35.16
C PHE C 81 -0.28 42.42 -33.73
N LEU C 82 -0.83 43.39 -33.02
CA LEU C 82 -0.57 43.59 -31.60
C LEU C 82 -1.17 42.41 -30.84
N SER C 83 -0.33 41.46 -30.42
CA SER C 83 -0.77 40.19 -29.85
C SER C 83 -0.49 40.04 -28.35
N ASP C 84 -1.29 39.22 -27.66
CA ASP C 84 -1.12 38.98 -26.23
C ASP C 84 0.09 38.08 -26.01
N PHE C 85 0.91 38.36 -25.00
CA PHE C 85 2.11 37.59 -24.71
C PHE C 85 1.83 36.33 -23.88
N ASN C 86 0.95 36.42 -22.88
CA ASN C 86 0.60 35.30 -22.00
C ASN C 86 1.86 34.69 -21.37
N ASN C 87 2.05 33.37 -21.42
CA ASN C 87 3.25 32.75 -20.86
C ASN C 87 4.50 33.08 -21.68
N GLY C 88 4.39 33.15 -22.99
CA GLY C 88 5.50 33.43 -23.89
C GLY C 88 5.19 33.07 -25.33
N ILE C 89 6.17 33.22 -26.21
CA ILE C 89 6.10 32.92 -27.63
C ILE C 89 7.37 32.25 -28.15
N PHE C 90 7.22 31.47 -29.22
CA PHE C 90 8.31 30.85 -29.95
C PHE C 90 8.33 31.50 -31.33
N SER C 91 9.50 31.92 -31.77
CA SER C 91 9.66 32.60 -33.05
C SER C 91 10.54 31.82 -34.00
N ARG C 92 10.12 31.68 -35.25
CA ARG C 92 10.89 31.11 -36.36
C ARG C 92 11.07 32.30 -37.29
N VAL C 93 12.28 32.84 -37.36
CA VAL C 93 12.60 34.05 -38.08
C VAL C 93 13.48 33.82 -39.29
N LYS C 94 13.05 34.26 -40.47
CA LYS C 94 13.84 34.16 -41.68
C LYS C 94 14.94 35.21 -41.63
N ASN C 95 16.17 34.83 -41.94
CA ASN C 95 17.27 35.77 -42.04
C ASN C 95 17.29 36.28 -43.48
N THR C 96 16.67 37.42 -43.76
CA THR C 96 16.61 37.99 -45.10
C THR C 96 18.00 38.49 -45.50
N LYS C 97 18.73 37.68 -46.25
CA LYS C 97 20.10 37.95 -46.71
C LYS C 97 20.09 38.77 -47.99
N LEU C 98 20.32 40.08 -47.85
CA LEU C 98 20.41 41.04 -48.96
C LEU C 98 21.86 41.21 -49.41
N TYR C 99 22.07 41.70 -50.62
CA TYR C 99 23.42 41.93 -51.15
C TYR C 99 23.59 43.34 -51.72
N VAL C 100 24.68 44.01 -51.33
CA VAL C 100 25.10 45.34 -51.81
C VAL C 100 26.54 45.21 -52.28
N ASN C 101 26.84 45.50 -53.55
CA ASN C 101 28.19 45.36 -54.09
C ASN C 101 28.73 43.93 -53.83
N LYS C 102 27.86 42.93 -53.98
CA LYS C 102 28.11 41.49 -53.77
C LYS C 102 28.59 41.17 -52.33
N THR C 103 28.21 42.02 -51.37
CA THR C 103 28.52 41.88 -49.95
C THR C 103 27.22 41.58 -49.22
N LEU C 104 27.20 40.51 -48.42
CA LEU C 104 26.01 40.07 -47.69
C LEU C 104 25.67 40.99 -46.50
N TYR C 105 24.38 41.30 -46.35
CA TYR C 105 23.80 42.04 -45.24
C TYR C 105 22.61 41.23 -44.72
N SER C 106 22.51 41.10 -43.40
CA SER C 106 21.46 40.35 -42.72
C SER C 106 20.42 41.30 -42.14
N GLU C 107 19.16 41.07 -42.48
CA GLU C 107 18.01 41.84 -42.02
C GLU C 107 16.87 40.94 -41.59
N PHE C 108 16.14 41.30 -40.54
CA PHE C 108 14.92 40.63 -40.11
C PHE C 108 14.13 41.59 -39.21
N SER C 109 12.85 41.31 -38.99
CA SER C 109 12.00 42.18 -38.17
C SER C 109 12.42 42.25 -36.70
N THR C 110 12.30 43.44 -36.13
CA THR C 110 12.55 43.70 -34.71
C THR C 110 11.29 43.37 -33.93
N ILE C 111 11.39 42.73 -32.77
CA ILE C 111 10.22 42.41 -31.94
C ILE C 111 10.32 43.20 -30.64
N VAL C 112 9.20 43.72 -30.19
CA VAL C 112 9.09 44.42 -28.91
C VAL C 112 8.11 43.68 -28.03
N ILE C 113 8.43 43.56 -26.75
CA ILE C 113 7.64 42.85 -25.76
C ILE C 113 7.48 43.78 -24.56
N GLY C 114 6.28 43.93 -24.03
CA GLY C 114 6.00 44.92 -23.01
C GLY C 114 4.63 44.76 -22.41
N SER C 115 4.09 45.85 -21.90
CA SER C 115 2.72 45.91 -21.39
C SER C 115 1.96 47.08 -22.00
N VAL C 116 2.20 48.29 -21.52
CA VAL C 116 1.56 49.52 -22.01
C VAL C 116 2.42 50.31 -22.99
N PHE C 117 3.69 49.93 -23.21
CA PHE C 117 4.61 50.57 -24.15
C PHE C 117 4.84 52.08 -23.91
N ILE C 118 4.72 52.54 -22.67
CA ILE C 118 5.00 53.92 -22.26
C ILE C 118 6.16 53.96 -21.28
N ASN C 119 6.88 55.08 -21.19
CA ASN C 119 8.04 55.25 -20.33
C ASN C 119 7.79 55.12 -18.80
N ASN C 120 6.55 54.95 -18.33
CA ASN C 120 6.29 54.45 -16.98
C ASN C 120 6.56 52.93 -16.82
N SER C 121 7.01 52.24 -17.87
CA SER C 121 7.14 50.77 -17.93
C SER C 121 8.33 50.35 -18.79
N TYR C 122 8.86 49.16 -18.55
CA TYR C 122 9.94 48.61 -19.38
C TYR C 122 9.40 47.91 -20.62
N THR C 123 9.99 48.20 -21.77
CA THR C 123 9.78 47.47 -23.02
C THR C 123 11.06 46.75 -23.38
N ILE C 124 10.98 45.44 -23.59
CA ILE C 124 12.06 44.64 -24.15
C ILE C 124 12.06 44.79 -25.66
N VAL C 125 13.20 45.06 -26.27
CA VAL C 125 13.36 45.21 -27.71
C VAL C 125 14.47 44.30 -28.17
N VAL C 126 14.22 43.47 -29.19
CA VAL C 126 15.20 42.56 -29.78
C VAL C 126 15.33 43.01 -31.22
N GLN C 127 16.46 43.63 -31.55
CA GLN C 127 16.71 44.21 -32.87
C GLN C 127 18.03 43.75 -33.51
N PRO C 128 18.02 43.27 -34.76
CA PRO C 128 19.23 42.90 -35.44
C PRO C 128 19.92 44.12 -36.04
N HIS C 129 21.25 44.07 -36.09
CA HIS C 129 22.16 45.07 -36.62
C HIS C 129 23.23 44.40 -37.50
N ASN C 130 22.81 43.57 -38.44
CA ASN C 130 23.70 42.87 -39.38
C ASN C 130 24.80 42.03 -38.69
N GLY C 131 24.39 40.99 -37.97
CA GLY C 131 25.30 40.08 -37.25
C GLY C 131 25.34 40.33 -35.75
N VAL C 132 24.85 41.48 -35.29
CA VAL C 132 24.77 41.87 -33.90
C VAL C 132 23.30 41.93 -33.52
N LEU C 133 22.89 41.19 -32.51
CA LEU C 133 21.54 41.18 -31.98
C LEU C 133 21.53 42.09 -30.75
N GLU C 134 21.04 43.31 -30.88
CA GLU C 134 20.96 44.24 -29.77
C GLU C 134 19.68 43.97 -28.98
N ILE C 135 19.83 43.56 -27.72
CA ILE C 135 18.71 43.30 -26.84
C ILE C 135 18.75 44.28 -25.68
N THR C 136 17.67 45.01 -25.50
CA THR C 136 17.53 46.02 -24.44
C THR C 136 16.19 45.91 -23.73
N ALA C 137 16.13 46.38 -22.50
CA ALA C 137 14.90 46.50 -21.73
C ALA C 137 14.92 47.84 -20.99
N CYS C 138 14.20 48.82 -21.51
CA CYS C 138 14.30 50.20 -21.06
C CYS C 138 12.93 50.85 -20.96
N GLN C 139 12.86 51.95 -20.22
CA GLN C 139 11.69 52.82 -20.16
C GLN C 139 11.54 53.66 -21.44
N TYR C 140 11.44 53.00 -22.60
CA TYR C 140 11.34 53.65 -23.90
C TYR C 140 10.05 54.47 -24.07
N THR C 141 10.15 55.63 -24.72
CA THR C 141 8.97 56.34 -25.26
C THR C 141 8.59 55.76 -26.60
N MET C 142 7.93 54.60 -26.61
CA MET C 142 7.56 53.97 -27.88
C MET C 142 6.65 54.87 -28.71
N CYS C 143 6.88 54.92 -30.03
CA CYS C 143 6.09 55.71 -30.94
C CYS C 143 4.70 55.09 -31.09
N GLU C 144 3.73 55.86 -31.57
CA GLU C 144 2.40 55.36 -31.85
C GLU C 144 2.44 54.29 -32.95
N TYR C 145 3.29 54.51 -33.95
CA TYR C 145 3.50 53.68 -35.13
C TYR C 145 4.99 53.35 -35.28
N PRO C 146 5.56 52.49 -34.43
CA PRO C 146 6.97 52.16 -34.47
C PRO C 146 7.35 51.35 -35.70
N HIS C 147 8.56 51.50 -36.20
CA HIS C 147 9.04 50.73 -37.34
C HIS C 147 10.55 50.81 -37.41
N THR C 148 11.15 49.89 -38.17
CA THR C 148 12.59 49.83 -38.45
C THR C 148 12.84 50.04 -39.93
N ILE C 149 14.10 50.20 -40.33
CA ILE C 149 14.44 50.40 -41.74
C ILE C 149 15.62 49.53 -42.16
N CYS C 150 15.77 49.32 -43.47
CA CYS C 150 16.94 48.64 -44.00
C CYS C 150 18.16 49.56 -43.87
N LYS C 151 19.23 49.15 -43.19
CA LYS C 151 20.44 49.98 -43.09
C LYS C 151 21.43 49.71 -44.22
N SER C 152 21.13 48.72 -45.07
CA SER C 152 21.96 48.34 -46.23
C SER C 152 21.43 48.94 -47.54
N LYS C 153 20.19 48.63 -47.89
CA LYS C 153 19.49 49.09 -49.11
C LYS C 153 18.78 50.43 -48.96
N GLY C 154 18.71 50.97 -47.74
CA GLY C 154 18.06 52.25 -47.47
C GLY C 154 16.53 52.17 -47.45
N SER C 155 15.91 53.26 -47.04
CA SER C 155 14.46 53.41 -46.95
C SER C 155 14.02 54.84 -47.23
N SER C 156 12.75 55.04 -47.58
CA SER C 156 12.17 56.35 -47.87
C SER C 156 11.83 57.19 -46.64
N ARG C 157 12.03 56.63 -45.44
CA ARG C 157 11.78 57.27 -44.15
C ARG C 157 12.84 56.86 -43.12
N ASN C 158 13.06 57.69 -42.10
CA ASN C 158 14.03 57.45 -41.03
C ASN C 158 13.52 56.44 -40.01
N GLU C 159 14.40 55.69 -39.36
CA GLU C 159 14.01 54.72 -38.34
C GLU C 159 13.47 55.41 -37.09
N SER C 160 12.32 54.96 -36.61
CA SER C 160 11.72 55.55 -35.42
C SER C 160 10.74 54.61 -34.74
N TRP C 161 11.14 54.04 -33.62
CA TRP C 161 10.25 53.25 -32.77
C TRP C 161 10.19 53.77 -31.33
N HIS C 162 11.06 54.70 -30.97
CA HIS C 162 11.05 55.39 -29.69
C HIS C 162 11.58 56.82 -29.89
N PHE C 163 11.21 57.76 -29.03
CA PHE C 163 11.70 59.13 -29.16
C PHE C 163 12.98 59.37 -28.35
N ASP C 164 12.91 59.33 -27.02
CA ASP C 164 14.02 59.36 -26.05
C ASP C 164 15.28 60.13 -26.46
N LYS C 165 15.20 61.47 -26.47
CA LYS C 165 16.36 62.35 -26.73
C LYS C 165 17.47 62.19 -25.68
N SER C 166 17.11 61.80 -24.46
CA SER C 166 18.03 61.48 -23.38
C SER C 166 17.95 59.99 -23.05
N GLU C 167 19.07 59.40 -22.62
CA GLU C 167 19.13 57.96 -22.35
C GLU C 167 18.13 57.54 -21.24
N PRO C 168 17.20 56.60 -21.51
CA PRO C 168 16.23 56.19 -20.50
C PRO C 168 16.82 55.21 -19.49
N LEU C 169 16.22 55.11 -18.31
CA LEU C 169 16.52 54.02 -17.37
C LEU C 169 16.33 52.62 -18.01
N CYS C 170 17.33 51.74 -17.89
CA CYS C 170 17.33 50.38 -18.45
C CYS C 170 17.62 49.32 -17.40
N LEU C 171 16.93 48.18 -17.46
CA LEU C 171 17.26 47.00 -16.67
C LEU C 171 18.31 46.11 -17.34
N PHE C 172 18.36 46.14 -18.67
CA PHE C 172 19.19 45.25 -19.47
C PHE C 172 19.59 45.87 -20.79
N LYS C 173 20.84 45.67 -21.18
CA LYS C 173 21.42 46.13 -22.44
C LYS C 173 22.61 45.25 -22.76
N LYS C 174 22.47 44.35 -23.72
CA LYS C 174 23.53 43.46 -24.17
C LYS C 174 23.41 43.20 -25.66
N ASN C 175 24.56 42.88 -26.26
CA ASN C 175 24.68 42.53 -27.67
C ASN C 175 25.15 41.09 -27.76
N PHE C 176 24.53 40.34 -28.65
CA PHE C 176 24.86 38.96 -28.92
C PHE C 176 25.15 38.82 -30.40
N THR C 177 26.26 38.18 -30.76
CA THR C 177 26.56 37.98 -32.17
C THR C 177 25.84 36.76 -32.69
N TYR C 178 25.30 36.84 -33.90
CA TYR C 178 24.63 35.73 -34.58
C TYR C 178 25.25 35.56 -35.96
N ASN C 179 25.33 34.34 -36.46
CA ASN C 179 25.91 34.08 -37.77
C ASN C 179 25.00 34.64 -38.89
N VAL C 180 25.50 35.60 -39.66
CA VAL C 180 24.76 36.22 -40.77
C VAL C 180 24.50 35.28 -41.94
N SER C 181 25.24 34.19 -42.07
CA SER C 181 25.09 33.23 -43.16
C SER C 181 23.93 32.24 -42.99
N THR C 182 23.35 32.09 -41.80
CA THR C 182 22.24 31.15 -41.57
C THR C 182 20.95 31.60 -42.23
N ASP C 183 20.04 30.66 -42.52
CA ASP C 183 18.77 31.00 -43.15
C ASP C 183 17.65 31.27 -42.15
N TRP C 184 17.75 30.70 -40.95
CA TRP C 184 16.74 30.81 -39.91
C TRP C 184 17.31 31.05 -38.51
N LEU C 185 16.59 31.85 -37.73
CA LEU C 185 16.86 32.11 -36.34
C LEU C 185 15.64 31.68 -35.55
N TYR C 186 15.85 31.08 -34.39
CA TYR C 186 14.78 30.60 -33.53
C TYR C 186 14.89 31.25 -32.18
N PHE C 187 13.77 31.66 -31.58
CA PHE C 187 13.75 32.32 -30.29
C PHE C 187 12.66 31.81 -29.36
N HIS C 188 12.97 31.60 -28.08
CA HIS C 188 11.97 31.31 -27.06
C HIS C 188 11.93 32.54 -26.17
N PHE C 189 10.80 33.23 -26.09
CA PHE C 189 10.63 34.36 -25.18
C PHE C 189 9.51 33.99 -24.23
N TYR C 190 9.75 33.96 -22.92
CA TYR C 190 8.71 33.60 -21.98
C TYR C 190 8.94 34.24 -20.63
N GLN C 191 7.91 34.32 -19.82
CA GLN C 191 7.97 34.89 -18.49
C GLN C 191 7.48 33.90 -17.44
N GLU C 192 8.08 33.95 -16.27
CA GLU C 192 7.74 33.09 -15.15
C GLU C 192 8.15 33.77 -13.85
N ARG C 193 7.20 33.93 -12.91
CA ARG C 193 7.44 34.53 -11.59
C ARG C 193 8.09 35.92 -11.66
N GLY C 194 7.61 36.78 -12.56
CA GLY C 194 8.11 38.14 -12.74
C GLY C 194 9.46 38.24 -13.43
N THR C 195 9.97 37.16 -14.00
CA THR C 195 11.26 37.10 -14.69
C THR C 195 11.06 36.70 -16.14
N PHE C 196 11.69 37.43 -17.05
CA PHE C 196 11.68 37.17 -18.49
C PHE C 196 12.86 36.28 -18.85
N TYR C 197 12.66 35.32 -19.74
CA TYR C 197 13.67 34.39 -20.22
C TYR C 197 13.72 34.42 -21.75
N ALA C 198 14.93 34.35 -22.29
CA ALA C 198 15.17 34.35 -23.72
C ALA C 198 16.12 33.23 -24.10
N TYR C 199 15.75 32.43 -25.09
CA TYR C 199 16.58 31.37 -25.67
C TYR C 199 16.70 31.66 -27.15
N TYR C 200 17.80 31.31 -27.78
CA TYR C 200 17.92 31.55 -29.20
C TYR C 200 18.81 30.51 -29.88
N ALA C 201 18.70 30.42 -31.20
CA ALA C 201 19.55 29.59 -32.03
C ALA C 201 19.66 30.17 -33.43
N ASP C 202 20.87 30.19 -33.96
CA ASP C 202 21.16 30.63 -35.32
C ASP C 202 21.51 29.40 -36.19
N SER C 203 22.17 28.40 -35.60
CA SER C 203 22.53 27.11 -36.21
C SER C 203 21.71 26.00 -35.56
N GLY C 204 20.99 25.23 -36.36
CA GLY C 204 20.12 24.17 -35.83
C GLY C 204 18.81 24.76 -35.30
N MET C 205 17.81 23.91 -35.08
CA MET C 205 16.50 24.33 -34.55
C MET C 205 16.43 24.46 -33.02
N PRO C 206 16.94 23.53 -32.20
CA PRO C 206 16.85 23.66 -30.75
C PRO C 206 17.59 24.92 -30.27
N THR C 207 16.96 25.70 -29.40
CA THR C 207 17.57 26.94 -28.91
C THR C 207 18.37 26.71 -27.63
N THR C 208 19.16 27.71 -27.25
CA THR C 208 19.99 27.70 -26.05
C THR C 208 19.76 28.99 -25.28
N PHE C 209 19.91 28.96 -23.97
CA PHE C 209 19.65 30.11 -23.11
C PHE C 209 20.52 31.33 -23.44
N LEU C 210 19.91 32.49 -23.64
CA LEU C 210 20.60 33.75 -23.89
C LEU C 210 20.77 34.50 -22.57
N PHE C 211 19.65 34.86 -21.94
CA PHE C 211 19.63 35.61 -20.70
C PHE C 211 18.27 35.54 -20.02
N SER C 212 18.29 35.82 -18.72
CA SER C 212 17.11 35.97 -17.90
C SER C 212 17.14 37.39 -17.35
N LEU C 213 15.98 38.01 -17.18
CA LEU C 213 15.85 39.37 -16.73
C LEU C 213 14.71 39.50 -15.75
N TYR C 214 15.01 39.87 -14.51
CA TYR C 214 13.95 40.12 -13.55
C TYR C 214 13.26 41.43 -13.93
N LEU C 215 11.94 41.43 -14.02
CA LEU C 215 11.13 42.61 -14.32
C LEU C 215 10.30 43.04 -13.12
N GLY C 216 9.73 42.08 -12.39
CA GLY C 216 8.86 42.36 -11.25
C GLY C 216 7.44 42.76 -11.66
N THR C 217 7.13 42.69 -12.96
CA THR C 217 5.85 43.05 -13.55
C THR C 217 5.51 42.04 -14.64
N LEU C 218 4.23 41.90 -14.93
CA LEU C 218 3.74 40.96 -15.93
C LEU C 218 3.74 41.58 -17.34
N LEU C 219 4.49 41.02 -18.27
CA LEU C 219 4.41 41.39 -19.68
C LEU C 219 3.05 40.95 -20.22
N SER C 220 2.41 41.74 -21.08
CA SER C 220 1.09 41.39 -21.60
C SER C 220 0.98 41.40 -23.11
N HIS C 221 1.88 42.09 -23.81
CA HIS C 221 1.77 42.28 -25.25
C HIS C 221 3.11 42.16 -25.93
N TYR C 222 3.09 41.72 -27.17
CA TYR C 222 4.24 41.77 -28.05
C TYR C 222 3.82 42.22 -29.43
N TYR C 223 4.78 42.75 -30.16
CA TYR C 223 4.53 43.33 -31.46
C TYR C 223 5.77 43.25 -32.33
N VAL C 224 5.63 42.72 -33.53
CA VAL C 224 6.73 42.63 -34.49
C VAL C 224 6.70 43.91 -35.30
N LEU C 225 7.75 44.71 -35.20
CA LEU C 225 7.82 46.01 -35.85
C LEU C 225 7.88 45.89 -37.39
N PRO C 226 7.07 46.66 -38.12
CA PRO C 226 7.16 46.71 -39.56
C PRO C 226 8.54 47.22 -39.96
N LEU C 227 9.08 46.71 -41.06
CA LEU C 227 10.38 47.11 -41.59
C LEU C 227 10.16 47.81 -42.93
N THR C 228 10.63 49.04 -43.04
CA THR C 228 10.49 49.81 -44.29
C THR C 228 11.78 49.74 -45.10
N CYS C 229 11.67 49.42 -46.38
CA CYS C 229 12.83 49.26 -47.23
C CYS C 229 12.59 49.58 -48.69
N ASN C 230 13.60 50.10 -49.39
CA ASN C 230 13.51 50.32 -50.84
C ASN C 230 13.59 48.98 -51.58
N ALA C 231 14.27 47.99 -50.98
CA ALA C 231 14.44 46.62 -51.45
C ALA C 231 13.38 45.69 -50.82
N ILE C 232 13.61 44.37 -50.83
CA ILE C 232 12.73 43.34 -50.25
C ILE C 232 11.33 43.29 -50.89
N SER C 233 11.27 43.11 -52.22
CA SER C 233 10.00 42.98 -52.96
C SER C 233 10.21 42.41 -54.35
N SER C 234 9.15 41.87 -54.95
CA SER C 234 9.19 41.22 -56.27
C SER C 234 9.59 42.15 -57.43
N ASN C 235 9.34 43.44 -57.30
CA ASN C 235 9.72 44.46 -58.28
C ASN C 235 11.21 44.86 -58.21
N THR C 236 12.01 44.32 -57.28
CA THR C 236 13.42 44.71 -57.13
C THR C 236 14.41 43.60 -56.74
N ASP C 237 14.01 42.56 -55.98
CA ASP C 237 14.94 41.47 -55.59
C ASP C 237 14.26 40.13 -55.25
N ASN C 238 12.94 40.07 -55.23
CA ASN C 238 12.14 38.89 -54.83
C ASN C 238 12.42 38.39 -53.40
N GLU C 239 13.13 39.15 -52.56
CA GLU C 239 13.33 38.75 -51.18
C GLU C 239 12.09 39.09 -50.33
N THR C 240 11.96 38.42 -49.19
CA THR C 240 10.83 38.60 -48.27
C THR C 240 11.24 38.47 -46.81
N LEU C 241 10.54 39.18 -45.94
CA LEU C 241 10.69 39.05 -44.49
C LEU C 241 9.73 37.97 -44.01
N GLN C 242 10.12 37.19 -43.01
CA GLN C 242 9.22 36.24 -42.36
C GLN C 242 9.56 36.22 -40.88
N TYR C 243 8.56 36.40 -40.03
CA TYR C 243 8.72 36.37 -38.59
C TYR C 243 7.52 35.60 -38.06
N TRP C 244 7.66 34.29 -38.03
CA TRP C 244 6.62 33.38 -37.59
C TRP C 244 6.57 33.31 -36.08
N VAL C 245 5.40 33.51 -35.49
CA VAL C 245 5.22 33.48 -34.04
C VAL C 245 4.11 32.53 -33.63
N THR C 246 4.35 31.72 -32.60
CA THR C 246 3.38 30.80 -32.01
C THR C 246 3.43 30.91 -30.48
N PRO C 247 2.32 30.78 -29.74
CA PRO C 247 2.36 30.87 -28.29
C PRO C 247 3.10 29.71 -27.61
N LEU C 248 3.62 29.96 -26.42
CA LEU C 248 4.26 28.97 -25.56
C LEU C 248 3.35 28.67 -24.39
N SER C 249 3.47 27.47 -23.84
CA SER C 249 2.76 27.04 -22.65
C SER C 249 3.55 25.90 -22.01
N LYS C 250 3.30 25.62 -20.73
CA LYS C 250 3.99 24.55 -20.02
C LYS C 250 3.47 23.22 -20.56
N ARG C 251 4.28 22.49 -21.32
CA ARG C 251 3.88 21.22 -21.97
C ARG C 251 4.91 20.13 -21.81
N GLN C 252 4.48 18.88 -21.77
CA GLN C 252 5.39 17.75 -21.67
C GLN C 252 5.77 17.31 -23.08
N TYR C 253 7.06 17.20 -23.34
CA TYR C 253 7.62 16.79 -24.61
C TYR C 253 8.54 15.58 -24.45
N LEU C 254 8.55 14.72 -25.45
CA LEU C 254 9.53 13.65 -25.54
C LEU C 254 10.67 14.26 -26.35
N LEU C 255 11.87 14.31 -25.82
CA LEU C 255 13.04 14.87 -26.48
C LEU C 255 14.03 13.76 -26.80
N LYS C 256 14.44 13.60 -28.06
CA LYS C 256 15.45 12.60 -28.43
C LYS C 256 16.78 13.30 -28.66
N PHE C 257 17.80 12.86 -27.97
CA PHE C 257 19.16 13.36 -28.07
C PHE C 257 20.01 12.33 -28.79
N ASP C 258 20.83 12.73 -29.75
CA ASP C 258 21.71 11.82 -30.47
C ASP C 258 23.00 11.54 -29.68
N ASN C 259 23.96 10.84 -30.29
CA ASN C 259 25.24 10.49 -29.65
C ASN C 259 26.13 11.71 -29.36
N ARG C 260 25.85 12.90 -29.90
CA ARG C 260 26.62 14.13 -29.67
C ARG C 260 25.84 15.15 -28.82
N GLY C 261 24.72 14.74 -28.22
CA GLY C 261 23.92 15.57 -27.34
C GLY C 261 22.99 16.56 -28.02
N VAL C 262 22.74 16.44 -29.32
CA VAL C 262 21.87 17.36 -30.06
C VAL C 262 20.44 16.84 -30.06
N ILE C 263 19.47 17.71 -29.79
CA ILE C 263 18.05 17.33 -29.86
C ILE C 263 17.73 17.16 -31.34
N THR C 264 17.55 15.93 -31.80
CA THR C 264 17.27 15.67 -33.22
C THR C 264 15.78 15.56 -33.51
N ASN C 265 14.98 15.12 -32.54
CA ASN C 265 13.55 14.94 -32.69
C ASN C 265 12.81 15.27 -31.40
N ALA C 266 11.54 15.60 -31.52
CA ALA C 266 10.71 15.91 -30.39
C ALA C 266 9.25 15.53 -30.65
N VAL C 267 8.51 15.26 -29.58
CA VAL C 267 7.09 14.92 -29.67
C VAL C 267 6.33 15.69 -28.62
N ASP C 268 5.27 16.39 -29.01
CA ASP C 268 4.39 17.08 -28.06
C ASP C 268 3.39 16.03 -27.58
N CYS C 269 3.53 15.53 -26.37
CA CYS C 269 2.76 14.38 -25.90
C CYS C 269 1.24 14.50 -25.97
N SER C 270 0.65 15.63 -25.60
CA SER C 270 -0.80 15.82 -25.65
C SER C 270 -1.32 16.40 -26.97
N SER C 271 -0.49 16.52 -28.02
CA SER C 271 -0.92 17.11 -29.29
C SER C 271 -1.83 16.21 -30.14
N SER C 272 -1.61 14.89 -30.13
CA SER C 272 -2.39 13.94 -30.91
C SER C 272 -2.30 12.53 -30.34
N PHE C 273 -3.13 11.62 -30.83
CA PHE C 273 -3.12 10.23 -30.40
C PHE C 273 -1.77 9.56 -30.71
N PHE C 274 -1.20 9.77 -31.89
CA PHE C 274 0.09 9.17 -32.20
C PHE C 274 1.19 9.74 -31.28
N SER C 275 1.13 11.04 -30.96
CA SER C 275 2.09 11.64 -30.06
C SER C 275 1.99 11.02 -28.67
N GLU C 276 0.78 10.72 -28.22
CA GLU C 276 0.56 10.05 -26.95
C GLU C 276 1.20 8.65 -26.95
N ILE C 277 1.08 7.87 -28.03
CA ILE C 277 1.70 6.54 -28.15
C ILE C 277 3.23 6.69 -28.14
N GLN C 278 3.77 7.67 -28.87
CA GLN C 278 5.20 7.92 -28.91
C GLN C 278 5.72 8.27 -27.51
N CYS C 279 5.00 9.10 -26.74
CA CYS C 279 5.44 9.45 -25.39
C CYS C 279 5.26 8.29 -24.41
N LYS C 280 4.23 7.45 -24.55
CA LYS C 280 3.98 6.29 -23.69
C LYS C 280 5.07 5.24 -23.85
N THR C 281 5.50 4.98 -25.09
CA THR C 281 6.56 4.03 -25.40
C THR C 281 7.96 4.65 -25.39
N LYS C 282 8.07 5.98 -25.20
CA LYS C 282 9.30 6.77 -25.18
C LYS C 282 10.12 6.54 -26.46
N SER C 283 9.45 6.43 -27.61
CA SER C 283 10.10 6.17 -28.90
C SER C 283 9.44 6.92 -30.05
N LEU C 284 10.21 7.32 -31.04
CA LEU C 284 9.70 8.02 -32.23
C LEU C 284 8.85 7.10 -33.10
N LEU C 285 9.26 5.85 -33.24
CA LEU C 285 8.53 4.84 -34.01
C LEU C 285 8.12 3.70 -33.07
N PRO C 286 6.89 3.73 -32.51
CA PRO C 286 6.39 2.69 -31.63
C PRO C 286 6.28 1.34 -32.35
N ASN C 287 6.34 0.24 -31.61
CA ASN C 287 6.17 -1.08 -32.19
C ASN C 287 4.75 -1.28 -32.73
N THR C 288 4.57 -2.16 -33.69
CA THR C 288 3.24 -2.48 -34.21
C THR C 288 2.41 -3.04 -33.06
N GLY C 289 1.21 -2.50 -32.83
CA GLY C 289 0.37 -2.97 -31.74
C GLY C 289 -0.87 -2.14 -31.56
N VAL C 290 -1.76 -2.62 -30.71
CA VAL C 290 -3.00 -1.93 -30.35
C VAL C 290 -2.73 -1.26 -29.01
N TYR C 291 -2.90 0.05 -28.96
CA TYR C 291 -2.67 0.86 -27.78
C TYR C 291 -3.97 1.43 -27.27
N ASP C 292 -4.31 1.14 -26.02
CA ASP C 292 -5.49 1.71 -25.37
C ASP C 292 -5.02 3.04 -24.78
N LEU C 293 -5.44 4.14 -25.39
CA LEU C 293 -4.99 5.46 -24.98
C LEU C 293 -5.65 5.90 -23.67
N SER C 294 -5.12 6.97 -23.08
CA SER C 294 -5.64 7.53 -21.84
C SER C 294 -7.08 7.96 -22.05
N GLY C 295 -7.91 7.70 -21.06
CA GLY C 295 -9.32 8.00 -21.13
C GLY C 295 -9.61 9.48 -21.22
N PHE C 296 -10.56 9.82 -22.08
CA PHE C 296 -11.06 11.16 -22.29
C PHE C 296 -12.46 11.26 -21.69
N THR C 297 -12.86 12.46 -21.28
CA THR C 297 -14.25 12.74 -20.86
C THR C 297 -14.82 13.79 -21.79
N VAL C 298 -16.09 13.66 -22.16
CA VAL C 298 -16.75 14.62 -23.04
C VAL C 298 -16.71 15.99 -22.39
N LYS C 299 -16.18 17.00 -23.09
CA LYS C 299 -16.09 18.36 -22.55
C LYS C 299 -17.51 18.94 -22.39
N PRO C 300 -17.79 19.66 -21.30
CA PRO C 300 -19.11 20.25 -21.09
C PRO C 300 -19.37 21.32 -22.16
N VAL C 301 -20.52 21.26 -22.81
CA VAL C 301 -20.90 22.20 -23.88
C VAL C 301 -21.55 23.48 -23.34
N ALA C 302 -22.05 23.43 -22.11
CA ALA C 302 -22.71 24.52 -21.41
C ALA C 302 -22.46 24.42 -19.91
N THR C 303 -22.87 25.44 -19.17
CA THR C 303 -22.75 25.52 -17.72
C THR C 303 -24.14 25.74 -17.14
N VAL C 304 -24.53 24.96 -16.14
CA VAL C 304 -25.83 25.08 -15.47
C VAL C 304 -25.61 25.70 -14.11
N HIS C 305 -26.21 26.85 -13.84
CA HIS C 305 -26.08 27.52 -12.55
C HIS C 305 -27.46 27.78 -11.97
N ARG C 306 -27.76 27.22 -10.80
CA ARG C 306 -29.05 27.38 -10.14
C ARG C 306 -28.88 27.89 -8.71
N ARG C 307 -29.60 28.95 -8.37
CA ARG C 307 -29.64 29.59 -7.04
C ARG C 307 -31.08 30.04 -6.77
N ILE C 308 -31.52 30.06 -5.51
CA ILE C 308 -32.87 30.53 -5.19
C ILE C 308 -32.86 32.06 -5.34
N PRO C 309 -33.73 32.66 -6.17
CA PRO C 309 -33.75 34.11 -6.37
C PRO C 309 -34.52 34.84 -5.27
N ASP C 310 -34.34 36.16 -5.21
CA ASP C 310 -35.02 37.08 -4.29
C ASP C 310 -34.81 36.83 -2.79
N LEU C 311 -33.71 36.18 -2.41
CA LEU C 311 -33.38 35.96 -1.01
C LEU C 311 -32.83 37.27 -0.41
N PRO C 312 -33.15 37.58 0.85
CA PRO C 312 -32.65 38.80 1.49
C PRO C 312 -31.17 38.72 1.80
N ASP C 313 -30.54 39.85 2.10
CA ASP C 313 -29.13 39.88 2.49
C ASP C 313 -29.01 39.32 3.91
N CYS C 314 -27.95 38.58 4.21
CA CYS C 314 -27.76 37.99 5.54
C CYS C 314 -27.54 39.04 6.64
N ASP C 315 -26.98 40.22 6.31
CA ASP C 315 -26.66 41.28 7.28
C ASP C 315 -25.73 40.78 8.41
N ILE C 316 -24.75 39.96 8.04
CA ILE C 316 -23.79 39.39 8.98
C ILE C 316 -22.97 40.51 9.62
N ASP C 317 -22.56 41.50 8.83
CA ASP C 317 -21.79 42.63 9.31
C ASP C 317 -22.57 43.44 10.36
N LYS C 318 -23.89 43.61 10.20
CA LYS C 318 -24.70 44.35 11.17
C LYS C 318 -24.71 43.66 12.52
N TRP C 319 -24.81 42.34 12.54
CA TRP C 319 -24.79 41.59 13.79
C TRP C 319 -23.40 41.55 14.41
N LEU C 320 -22.33 41.39 13.62
CA LEU C 320 -20.97 41.44 14.14
C LEU C 320 -20.59 42.84 14.66
N ASN C 321 -21.02 43.90 13.98
CA ASN C 321 -20.80 45.30 14.38
C ASN C 321 -21.76 45.81 15.46
N ASN C 322 -22.66 44.98 16.01
CA ASN C 322 -23.52 45.39 17.10
C ASN C 322 -22.68 45.78 18.32
N PHE C 323 -22.92 46.96 18.91
CA PHE C 323 -22.09 47.47 20.00
C PHE C 323 -22.33 46.80 21.36
N ASN C 324 -23.35 45.97 21.52
CA ASN C 324 -23.62 45.23 22.74
C ASN C 324 -22.89 43.87 22.65
N VAL C 325 -21.57 43.86 22.71
CA VAL C 325 -20.74 42.65 22.53
C VAL C 325 -20.81 41.74 23.77
N PRO C 326 -21.09 40.44 23.66
CA PRO C 326 -21.13 39.53 24.79
C PRO C 326 -19.74 39.07 25.25
N SER C 327 -19.60 38.63 26.49
CA SER C 327 -18.36 38.03 26.97
C SER C 327 -18.27 36.57 26.54
N PRO C 328 -17.09 35.92 26.60
CA PRO C 328 -17.00 34.51 26.26
C PRO C 328 -17.89 33.66 27.16
N LEU C 329 -18.20 34.08 28.39
CA LEU C 329 -19.07 33.32 29.28
C LEU C 329 -20.49 33.17 28.72
N ASN C 330 -21.01 34.23 28.11
CA ASN C 330 -22.33 34.29 27.52
C ASN C 330 -22.23 34.53 26.00
N TRP C 331 -21.34 33.81 25.32
CA TRP C 331 -21.15 33.98 23.88
C TRP C 331 -22.48 33.84 23.16
N GLU C 332 -22.73 34.70 22.18
CA GLU C 332 -24.00 34.72 21.44
C GLU C 332 -23.86 34.03 20.10
N ARG C 333 -24.96 33.43 19.64
CA ARG C 333 -25.06 32.73 18.36
C ARG C 333 -26.14 33.34 17.49
N LYS C 334 -25.88 33.45 16.20
CA LYS C 334 -26.86 33.86 15.19
C LYS C 334 -26.74 32.87 14.03
N ILE C 335 -27.88 32.40 13.55
CA ILE C 335 -27.95 31.42 12.47
C ILE C 335 -28.41 32.14 11.21
N PHE C 336 -27.61 32.08 10.15
CA PHE C 336 -27.92 32.69 8.87
C PHE C 336 -28.29 31.60 7.88
N SER C 337 -29.52 31.65 7.38
CA SER C 337 -30.07 30.71 6.41
C SER C 337 -31.01 31.43 5.47
N ASN C 338 -31.18 30.90 4.25
CA ASN C 338 -32.06 31.48 3.23
C ASN C 338 -31.73 32.95 2.97
N CYS C 339 -30.44 33.28 2.82
CA CYS C 339 -29.96 34.62 2.60
C CYS C 339 -28.66 34.65 1.79
N ASN C 340 -28.35 35.80 1.22
CA ASN C 340 -27.15 36.03 0.42
C ASN C 340 -26.13 36.85 1.20
N PHE C 341 -24.84 36.62 0.99
CA PHE C 341 -23.79 37.39 1.65
C PHE C 341 -22.58 37.53 0.74
N ASN C 342 -21.78 38.55 0.96
CA ASN C 342 -20.53 38.76 0.23
C ASN C 342 -19.42 38.70 1.27
N LEU C 343 -18.53 37.73 1.17
CA LEU C 343 -17.43 37.62 2.11
C LEU C 343 -16.46 38.77 1.92
N SER C 344 -16.23 39.24 0.70
CA SER C 344 -15.34 40.38 0.46
C SER C 344 -15.87 41.65 1.13
N THR C 345 -17.17 41.95 1.00
CA THR C 345 -17.77 43.12 1.66
C THR C 345 -17.80 42.95 3.17
N LEU C 346 -18.12 41.75 3.65
CA LEU C 346 -18.18 41.46 5.08
C LEU C 346 -16.82 41.69 5.73
N LEU C 347 -15.74 41.21 5.14
CA LEU C 347 -14.40 41.39 5.72
C LEU C 347 -13.97 42.86 5.75
N ARG C 348 -14.52 43.73 4.88
CA ARG C 348 -14.25 45.17 4.88
C ARG C 348 -15.08 45.92 5.92
N LEU C 349 -16.36 45.59 6.04
CA LEU C 349 -17.28 46.27 6.94
C LEU C 349 -17.09 45.94 8.42
N VAL C 350 -16.36 44.88 8.78
CA VAL C 350 -16.15 44.49 10.19
C VAL C 350 -14.79 44.88 10.75
N HIS C 351 -13.88 45.43 9.95
CA HIS C 351 -12.50 45.74 10.39
C HIS C 351 -11.76 44.48 10.85
N THR C 352 -11.51 43.59 9.88
CA THR C 352 -10.89 42.29 10.08
C THR C 352 -9.41 42.39 10.45
N ASP C 353 -9.06 41.98 11.66
CA ASP C 353 -7.67 41.85 12.12
C ASP C 353 -7.02 40.63 11.46
N SER C 354 -7.77 39.51 11.43
CA SER C 354 -7.35 38.24 10.83
C SER C 354 -8.55 37.35 10.50
N PHE C 355 -8.45 36.55 9.44
CA PHE C 355 -9.47 35.61 9.00
C PHE C 355 -8.83 34.35 8.45
N SER C 356 -9.13 33.20 9.04
CA SER C 356 -8.60 31.92 8.60
C SER C 356 -9.64 30.83 8.75
N CYS C 357 -9.50 29.75 7.99
CA CYS C 357 -10.43 28.63 8.00
C CYS C 357 -9.75 27.32 8.35
N ASN C 358 -10.51 26.44 8.99
CA ASN C 358 -10.13 25.11 9.44
C ASN C 358 -11.02 24.10 8.73
N ASN C 359 -10.44 23.04 8.17
CA ASN C 359 -11.14 22.00 7.38
C ASN C 359 -11.88 22.54 6.15
N PHE C 360 -11.56 23.77 5.75
CA PHE C 360 -12.11 24.54 4.65
C PHE C 360 -11.12 25.65 4.28
N ASP C 361 -11.32 26.33 3.16
CA ASP C 361 -10.48 27.46 2.73
C ASP C 361 -11.33 28.71 2.46
N GLU C 362 -10.84 29.90 2.81
CA GLU C 362 -11.56 31.14 2.57
C GLU C 362 -11.86 31.34 1.09
N SER C 363 -10.91 31.00 0.21
CA SER C 363 -11.10 31.16 -1.22
C SER C 363 -12.23 30.28 -1.77
N LYS C 364 -12.58 29.19 -1.07
CA LYS C 364 -13.67 28.29 -1.44
C LYS C 364 -15.02 28.79 -0.95
N ILE C 365 -15.07 29.77 -0.05
CA ILE C 365 -16.36 30.34 0.40
C ILE C 365 -16.98 31.16 -0.73
N TYR C 366 -16.15 31.85 -1.52
CA TYR C 366 -16.61 32.70 -2.60
C TYR C 366 -17.41 31.90 -3.65
N GLY C 367 -18.67 32.29 -3.87
CA GLY C 367 -19.58 31.64 -4.81
C GLY C 367 -20.23 30.35 -4.32
N SER C 368 -19.89 29.87 -3.12
CA SER C 368 -20.43 28.62 -2.55
C SER C 368 -21.69 28.83 -1.74
N CYS C 369 -22.43 27.76 -1.53
CA CYS C 369 -23.66 27.73 -0.74
C CYS C 369 -23.49 26.80 0.45
N PHE C 370 -24.17 27.13 1.53
CA PHE C 370 -24.18 26.39 2.78
C PHE C 370 -25.61 26.19 3.26
N LYS C 371 -25.91 25.11 3.98
CA LYS C 371 -27.24 24.90 4.56
C LYS C 371 -27.56 26.02 5.54
N SER C 372 -26.57 26.40 6.33
CA SER C 372 -26.64 27.53 7.24
C SER C 372 -25.23 27.94 7.62
N ILE C 373 -25.06 29.20 7.98
CA ILE C 373 -23.82 29.73 8.50
C ILE C 373 -24.15 30.10 9.93
N VAL C 374 -23.56 29.38 10.88
CA VAL C 374 -23.78 29.62 12.29
C VAL C 374 -22.64 30.49 12.75
N LEU C 375 -22.94 31.63 13.36
CA LEU C 375 -21.95 32.59 13.79
C LEU C 375 -22.01 32.78 15.30
N ASP C 376 -20.91 32.46 15.96
CA ASP C 376 -20.77 32.63 17.40
C ASP C 376 -19.80 33.78 17.67
N LYS C 377 -20.15 34.75 18.52
CA LYS C 377 -19.30 35.92 18.80
C LYS C 377 -19.09 36.18 20.28
N PHE C 378 -17.91 36.67 20.64
CA PHE C 378 -17.65 37.25 21.97
C PHE C 378 -16.44 38.19 21.97
N ALA C 379 -16.41 39.13 22.91
CA ALA C 379 -15.25 39.98 23.16
C ALA C 379 -14.11 39.15 23.74
N ILE C 380 -12.87 39.44 23.35
CA ILE C 380 -11.70 38.69 23.82
C ILE C 380 -11.13 39.41 25.04
N PRO C 381 -11.04 38.79 26.23
CA PRO C 381 -10.25 39.35 27.31
C PRO C 381 -8.77 39.33 26.89
N ASN C 382 -8.07 40.47 26.90
CA ASN C 382 -6.73 40.62 26.31
C ASN C 382 -5.73 39.54 26.74
N SER C 383 -5.62 39.27 28.04
CA SER C 383 -4.71 38.26 28.61
C SER C 383 -5.03 36.83 28.18
N ARG C 384 -6.25 36.54 27.68
CA ARG C 384 -6.68 35.22 27.25
C ARG C 384 -6.66 35.02 25.73
N ARG C 385 -6.15 35.96 24.94
CA ARG C 385 -6.13 35.87 23.45
C ARG C 385 -5.53 34.56 22.93
N SER C 386 -4.48 34.05 23.55
CA SER C 386 -3.83 32.80 23.15
C SER C 386 -4.70 31.56 23.39
N ASP C 387 -5.75 31.64 24.20
CA ASP C 387 -6.65 30.51 24.45
C ASP C 387 -7.51 30.18 23.22
N LEU C 388 -7.58 31.06 22.23
CA LEU C 388 -8.39 30.85 21.02
C LEU C 388 -7.64 30.12 19.91
N GLN C 389 -6.41 29.66 20.14
CA GLN C 389 -5.71 28.83 19.16
C GLN C 389 -6.40 27.46 19.10
N LEU C 390 -6.49 26.82 17.94
CA LEU C 390 -7.17 25.54 17.84
C LEU C 390 -6.50 24.47 18.71
N GLY C 391 -7.31 23.73 19.47
CA GLY C 391 -6.83 22.69 20.38
C GLY C 391 -6.29 23.18 21.72
N SER C 392 -6.31 24.48 22.01
CA SER C 392 -5.82 25.01 23.28
C SER C 392 -6.67 24.56 24.47
N SER C 393 -6.02 24.29 25.60
CA SER C 393 -6.65 23.88 26.85
C SER C 393 -6.79 25.05 27.84
N GLY C 394 -6.62 26.29 27.37
CA GLY C 394 -6.71 27.48 28.20
C GLY C 394 -8.13 27.70 28.74
N PHE C 395 -8.32 28.73 29.55
CA PHE C 395 -9.60 28.99 30.20
C PHE C 395 -10.76 29.23 29.21
N LEU C 396 -10.54 29.93 28.09
CA LEU C 396 -11.63 30.19 27.15
C LEU C 396 -12.20 28.90 26.56
N GLN C 397 -11.38 28.02 25.99
CA GLN C 397 -11.91 26.80 25.39
C GLN C 397 -12.25 25.71 26.40
N SER C 398 -11.64 25.74 27.58
CA SER C 398 -11.92 24.76 28.62
C SER C 398 -13.23 25.04 29.38
N SER C 399 -13.57 26.32 29.54
CA SER C 399 -14.71 26.75 30.36
C SER C 399 -15.68 27.75 29.75
N ASN C 400 -15.44 28.33 28.57
CA ASN C 400 -16.33 29.34 27.99
C ASN C 400 -16.91 28.98 26.62
N TYR C 401 -16.06 28.69 25.65
CA TYR C 401 -16.44 28.38 24.28
C TYR C 401 -15.43 27.44 23.64
N LYS C 402 -15.75 26.16 23.43
CA LYS C 402 -14.84 25.23 22.76
C LYS C 402 -14.99 25.43 21.25
N ILE C 403 -13.89 25.74 20.56
CA ILE C 403 -13.90 25.84 19.10
C ILE C 403 -13.90 24.42 18.55
N ASP C 404 -14.92 24.06 17.76
CA ASP C 404 -14.97 22.74 17.16
C ASP C 404 -13.92 22.60 16.05
N THR C 405 -12.94 21.76 16.29
CA THR C 405 -11.84 21.51 15.35
C THR C 405 -12.18 20.45 14.30
N THR C 406 -13.29 19.72 14.44
CA THR C 406 -13.68 18.66 13.49
C THR C 406 -14.56 19.17 12.34
N SER C 407 -15.38 20.19 12.59
CA SER C 407 -16.25 20.79 11.58
C SER C 407 -15.53 21.81 10.71
N SER C 408 -16.12 22.10 9.54
CA SER C 408 -15.64 23.11 8.61
C SER C 408 -16.01 24.48 9.20
N SER C 409 -15.03 25.28 9.58
CA SER C 409 -15.28 26.58 10.21
C SER C 409 -14.19 27.61 9.95
N CYS C 410 -14.49 28.89 10.14
CA CYS C 410 -13.54 29.97 9.98
C CYS C 410 -13.53 30.86 11.21
N GLN C 411 -12.36 31.30 11.65
CA GLN C 411 -12.21 32.16 12.81
C GLN C 411 -11.90 33.56 12.33
N LEU C 412 -12.76 34.51 12.68
CA LEU C 412 -12.61 35.93 12.41
C LEU C 412 -12.20 36.63 13.69
N TYR C 413 -11.05 37.29 13.64
CA TYR C 413 -10.64 38.24 14.64
C TYR C 413 -10.88 39.63 14.05
N TYR C 414 -11.62 40.44 14.78
CA TYR C 414 -12.04 41.75 14.32
C TYR C 414 -12.18 42.69 15.51
N SER C 415 -12.40 43.97 15.29
CA SER C 415 -12.49 44.91 16.39
C SER C 415 -13.47 46.04 16.11
N LEU C 416 -14.02 46.60 17.19
CA LEU C 416 -14.91 47.75 17.15
C LEU C 416 -14.32 48.91 17.97
N PRO C 417 -14.60 50.17 17.62
CA PRO C 417 -14.11 51.32 18.37
C PRO C 417 -14.63 51.29 19.80
N ALA C 418 -13.73 51.36 20.78
CA ALA C 418 -14.07 51.10 22.17
C ALA C 418 -15.07 52.10 22.75
N ILE C 419 -15.12 53.34 22.24
CA ILE C 419 -16.06 54.36 22.72
C ILE C 419 -17.53 53.95 22.53
N ASN C 420 -17.85 53.15 21.51
CA ASN C 420 -19.23 52.71 21.25
C ASN C 420 -19.57 51.36 21.87
N VAL C 421 -18.59 50.46 22.04
CA VAL C 421 -18.77 49.13 22.63
C VAL C 421 -19.13 49.18 24.12
N THR C 422 -20.13 48.41 24.51
CA THR C 422 -20.52 48.15 25.90
C THR C 422 -20.50 46.64 26.06
N ILE C 423 -19.71 46.09 26.98
CA ILE C 423 -19.63 44.63 27.14
C ILE C 423 -20.83 44.12 27.95
N ASN C 424 -21.52 43.11 27.43
CA ASN C 424 -22.61 42.44 28.10
C ASN C 424 -22.07 41.20 28.81
N ASN C 425 -21.93 41.30 30.14
CA ASN C 425 -21.46 40.19 30.98
C ASN C 425 -22.71 39.60 31.64
N TYR C 426 -22.95 38.32 31.43
CA TYR C 426 -24.12 37.63 31.96
C TYR C 426 -23.75 36.18 32.31
N ASN C 427 -24.28 35.65 33.41
CA ASN C 427 -24.06 34.27 33.79
C ASN C 427 -25.22 33.41 33.26
N PRO C 428 -24.98 32.54 32.27
CA PRO C 428 -26.03 31.70 31.71
C PRO C 428 -26.37 30.48 32.56
N SER C 429 -25.61 30.18 33.62
CA SER C 429 -25.89 29.03 34.47
C SER C 429 -27.20 29.18 35.24
N SER C 430 -28.17 28.32 34.94
CA SER C 430 -29.45 28.27 35.64
C SER C 430 -29.27 27.92 37.12
N TRP C 431 -28.41 26.95 37.45
CA TRP C 431 -28.22 26.56 38.85
C TRP C 431 -27.52 27.64 39.67
N ASN C 432 -26.62 28.44 39.08
CA ASN C 432 -26.02 29.57 39.78
C ASN C 432 -27.08 30.64 40.07
N ARG C 433 -27.95 30.94 39.10
CA ARG C 433 -29.04 31.90 39.26
C ARG C 433 -30.12 31.44 40.22
N ARG C 434 -30.38 30.13 40.31
CA ARG C 434 -31.31 29.54 41.28
C ARG C 434 -30.91 29.88 42.72
N TYR C 435 -29.61 30.00 42.98
CA TYR C 435 -29.07 30.17 44.33
C TYR C 435 -28.39 31.52 44.61
N GLY C 436 -28.92 32.61 44.06
CA GLY C 436 -28.45 33.96 44.41
C GLY C 436 -27.60 34.74 43.40
N PHE C 437 -27.06 34.13 42.34
CA PHE C 437 -26.28 34.92 41.39
C PHE C 437 -27.23 35.82 40.60
N ASN C 438 -26.96 37.12 40.56
CA ASN C 438 -27.81 38.12 39.92
C ASN C 438 -27.15 38.75 38.69
N ASN C 439 -26.00 39.38 38.84
CA ASN C 439 -25.24 40.03 37.77
C ASN C 439 -23.85 40.46 38.24
N PHE C 440 -23.02 40.90 37.30
CA PHE C 440 -21.69 41.41 37.56
C PHE C 440 -21.70 42.94 37.75
N ASN C 441 -20.76 43.45 38.52
CA ASN C 441 -20.59 44.88 38.78
C ASN C 441 -19.13 45.21 38.39
N LEU C 442 -18.92 45.51 37.11
CA LEU C 442 -17.62 45.80 36.52
C LEU C 442 -17.67 46.99 35.55
N SER C 443 -16.52 47.40 35.03
CA SER C 443 -16.41 48.53 34.10
C SER C 443 -17.08 48.23 32.75
N SER C 444 -17.26 49.26 31.92
CA SER C 444 -17.93 49.12 30.61
C SER C 444 -17.20 48.19 29.63
N HIS C 445 -15.87 48.08 29.74
CA HIS C 445 -15.02 47.24 28.87
C HIS C 445 -14.46 45.98 29.54
N SER C 446 -14.82 45.69 30.78
CA SER C 446 -14.41 44.44 31.42
C SER C 446 -15.15 43.25 30.82
N VAL C 447 -14.44 42.23 30.39
CA VAL C 447 -14.96 40.99 29.82
C VAL C 447 -14.77 39.87 30.82
N VAL C 448 -15.84 39.28 31.34
CA VAL C 448 -15.73 38.13 32.25
C VAL C 448 -15.45 36.84 31.49
N TYR C 449 -14.74 35.92 32.13
CA TYR C 449 -14.59 34.55 31.65
C TYR C 449 -14.52 33.59 32.83
N SER C 450 -15.09 32.40 32.65
CA SER C 450 -15.03 31.34 33.63
C SER C 450 -13.66 30.66 33.56
N ARG C 451 -13.01 30.42 34.69
CA ARG C 451 -11.76 29.66 34.76
C ARG C 451 -12.12 28.19 34.91
N TYR C 452 -13.12 27.87 35.73
CA TYR C 452 -13.58 26.51 36.00
C TYR C 452 -15.10 26.45 36.03
N CYS C 453 -15.67 25.43 35.38
CA CYS C 453 -17.11 25.20 35.33
C CYS C 453 -17.49 23.97 36.14
N PHE C 454 -18.61 24.06 36.83
CA PHE C 454 -19.13 23.00 37.67
C PHE C 454 -20.58 22.68 37.30
N SER C 455 -20.84 21.40 37.12
CA SER C 455 -22.15 20.84 36.80
C SER C 455 -22.70 20.16 38.05
N VAL C 456 -23.99 20.31 38.28
CA VAL C 456 -24.71 19.75 39.41
C VAL C 456 -25.97 19.04 38.91
N ASN C 457 -26.49 18.10 39.69
CA ASN C 457 -27.72 17.41 39.33
C ASN C 457 -28.92 18.34 39.58
N ASN C 458 -30.09 18.01 39.03
CA ASN C 458 -31.33 18.76 39.28
C ASN C 458 -31.74 18.79 40.76
N THR C 459 -31.20 17.88 41.58
CA THR C 459 -31.47 17.76 43.01
C THR C 459 -30.46 18.52 43.88
N PHE C 460 -29.53 19.30 43.32
CA PHE C 460 -28.54 20.03 44.10
C PHE C 460 -29.07 21.25 44.85
N CYS C 461 -28.52 21.49 46.04
CA CYS C 461 -28.78 22.64 46.90
C CYS C 461 -27.53 22.88 47.77
N PRO C 462 -26.99 24.10 47.82
CA PRO C 462 -25.78 24.39 48.58
C PRO C 462 -25.98 24.68 50.08
N CYS C 463 -27.19 24.67 50.62
CA CYS C 463 -27.43 24.99 52.04
C CYS C 463 -27.59 23.74 52.90
N ALA C 464 -27.02 23.76 54.12
CA ALA C 464 -27.16 22.64 55.06
C ALA C 464 -28.57 22.61 55.66
N LYS C 465 -29.02 21.45 56.13
CA LYS C 465 -30.35 21.31 56.71
C LYS C 465 -30.43 22.05 58.05
N PRO C 466 -31.42 22.92 58.29
CA PRO C 466 -31.55 23.65 59.56
C PRO C 466 -31.59 22.75 60.79
N SER C 467 -32.23 21.57 60.71
CA SER C 467 -32.28 20.62 61.83
C SER C 467 -30.87 20.13 62.18
N PHE C 468 -30.06 19.77 61.18
CA PHE C 468 -28.68 19.32 61.40
C PHE C 468 -27.82 20.47 61.92
N ALA C 469 -27.94 21.67 61.35
CA ALA C 469 -27.16 22.82 61.77
C ALA C 469 -27.46 23.22 63.22
N SER C 470 -28.70 23.03 63.69
CA SER C 470 -29.06 23.32 65.08
C SER C 470 -28.29 22.43 66.06
N SER C 471 -28.05 21.16 65.71
CA SER C 471 -27.32 20.21 66.54
C SER C 471 -25.82 20.55 66.70
N CYS C 472 -25.21 21.18 65.68
CA CYS C 472 -23.81 21.57 65.70
C CYS C 472 -23.53 22.72 66.66
N LYS C 473 -22.41 22.69 67.38
CA LYS C 473 -22.04 23.81 68.28
C LYS C 473 -20.62 24.32 68.04
N SER C 474 -19.87 23.62 67.17
CA SER C 474 -18.52 23.96 66.72
C SER C 474 -18.49 23.77 65.20
N HIS C 475 -17.97 24.75 64.46
CA HIS C 475 -17.93 24.75 62.99
C HIS C 475 -19.33 24.54 62.39
N LYS C 476 -20.34 25.22 62.94
CA LYS C 476 -21.74 25.13 62.49
C LYS C 476 -21.85 25.66 61.06
N PRO C 477 -22.35 24.88 60.09
CA PRO C 477 -22.51 25.34 58.72
C PRO C 477 -23.77 26.22 58.58
N PRO C 478 -23.79 27.21 57.68
CA PRO C 478 -24.98 28.02 57.46
C PRO C 478 -26.11 27.15 56.88
N SER C 479 -27.35 27.48 57.20
CA SER C 479 -28.54 26.73 56.79
C SER C 479 -29.66 27.65 56.31
N ALA C 480 -30.53 27.07 55.50
CA ALA C 480 -31.72 27.69 54.92
C ALA C 480 -32.59 26.59 54.33
N SER C 481 -33.82 26.90 53.92
CA SER C 481 -34.71 25.92 53.29
C SER C 481 -34.27 25.70 51.85
N CYS C 482 -33.98 24.45 51.50
CA CYS C 482 -33.63 24.09 50.14
C CYS C 482 -34.91 23.94 49.30
N PRO C 483 -34.89 24.24 47.99
CA PRO C 483 -36.06 24.07 47.14
C PRO C 483 -36.61 22.65 47.15
N ILE C 484 -37.92 22.49 47.02
CA ILE C 484 -38.55 21.16 47.03
C ILE C 484 -37.98 20.29 45.90
N GLY C 485 -37.74 19.02 46.19
CA GLY C 485 -37.15 18.06 45.24
C GLY C 485 -35.62 18.03 45.26
N THR C 486 -34.97 18.90 46.02
CA THR C 486 -33.50 18.95 46.15
C THR C 486 -33.05 18.32 47.46
N ASN C 487 -31.77 17.94 47.53
CA ASN C 487 -31.13 17.35 48.68
C ASN C 487 -30.25 18.42 49.35
N TYR C 488 -30.31 18.52 50.68
CA TYR C 488 -29.52 19.49 51.42
C TYR C 488 -28.01 19.17 51.33
N ARG C 489 -27.17 20.17 51.62
CA ARG C 489 -25.71 20.04 51.62
C ARG C 489 -25.30 18.92 52.57
N SER C 490 -24.53 17.95 52.07
CA SER C 490 -24.10 16.82 52.88
C SER C 490 -23.09 17.26 53.95
N CYS C 491 -23.40 16.92 55.20
CA CYS C 491 -22.63 17.23 56.41
C CYS C 491 -22.73 16.10 57.44
N GLU C 492 -21.76 16.01 58.33
CA GLU C 492 -21.65 15.01 59.38
C GLU C 492 -21.16 15.62 60.69
N SER C 493 -21.57 15.02 61.81
CA SER C 493 -21.13 15.42 63.16
C SER C 493 -20.05 14.43 63.57
N THR C 494 -18.95 14.92 64.13
CA THR C 494 -17.80 14.09 64.53
C THR C 494 -17.15 14.61 65.80
N THR C 495 -16.59 13.73 66.62
CA THR C 495 -15.90 14.14 67.85
C THR C 495 -14.40 14.34 67.59
N VAL C 496 -13.89 15.53 67.94
CA VAL C 496 -12.48 15.92 67.77
C VAL C 496 -12.03 16.65 69.03
N LEU C 497 -10.90 16.24 69.65
CA LEU C 497 -10.36 16.91 70.85
C LEU C 497 -11.40 17.07 71.97
N ASP C 498 -12.09 15.98 72.30
CA ASP C 498 -13.17 15.89 73.31
C ASP C 498 -14.46 16.68 72.97
N HIS C 499 -14.52 17.39 71.85
CA HIS C 499 -15.74 18.10 71.43
C HIS C 499 -16.77 17.04 70.98
N THR C 500 -18.05 17.17 71.36
CA THR C 500 -19.08 16.18 71.02
C THR C 500 -19.69 16.31 69.62
N ASP C 501 -19.88 17.52 69.13
CA ASP C 501 -20.57 17.80 67.86
C ASP C 501 -19.82 18.77 66.93
N TRP C 502 -18.55 18.50 66.69
CA TRP C 502 -17.76 19.26 65.72
C TRP C 502 -18.27 18.85 64.33
N CYS C 503 -18.88 19.75 63.59
CA CYS C 503 -19.48 19.42 62.30
C CYS C 503 -18.55 19.70 61.11
N ARG C 504 -18.53 18.75 60.17
CA ARG C 504 -17.76 18.79 58.92
C ARG C 504 -18.70 18.60 57.73
N CYS C 505 -18.43 19.28 56.63
CA CYS C 505 -19.28 19.23 55.43
C CYS C 505 -18.49 18.93 54.15
N SER C 506 -19.23 18.71 53.07
CA SER C 506 -18.68 18.42 51.75
C SER C 506 -18.19 19.69 51.04
N CYS C 507 -17.46 19.54 49.93
CA CYS C 507 -16.94 20.66 49.14
C CYS C 507 -16.06 21.66 49.94
N LEU C 508 -15.30 21.21 50.93
CA LEU C 508 -14.40 22.09 51.69
C LEU C 508 -12.96 22.00 51.14
N PRO C 509 -12.20 23.11 51.11
CA PRO C 509 -12.58 24.46 51.54
C PRO C 509 -13.59 25.13 50.62
N ASP C 510 -13.56 24.79 49.33
CA ASP C 510 -14.44 25.27 48.27
C ASP C 510 -14.42 24.22 47.14
N PRO C 511 -15.37 24.18 46.19
CA PRO C 511 -15.39 23.18 45.12
C PRO C 511 -14.15 23.15 44.23
N ILE C 512 -13.48 24.29 44.02
CA ILE C 512 -12.28 24.39 43.20
C ILE C 512 -11.07 23.74 43.87
N THR C 513 -10.91 23.98 45.17
CA THR C 513 -9.81 23.48 46.01
C THR C 513 -10.23 22.34 46.94
N ALA C 514 -11.29 21.61 46.61
CA ALA C 514 -11.82 20.55 47.46
C ALA C 514 -10.79 19.47 47.76
N TYR C 515 -10.73 19.04 49.03
CA TYR C 515 -9.78 18.00 49.45
C TYR C 515 -10.10 16.65 48.80
N ASP C 516 -11.38 16.35 48.59
CA ASP C 516 -11.82 15.13 47.90
C ASP C 516 -13.00 15.50 46.98
N PRO C 517 -12.78 15.64 45.66
CA PRO C 517 -13.85 15.98 44.73
C PRO C 517 -14.97 14.94 44.65
N ARG C 518 -14.73 13.70 45.09
CA ARG C 518 -15.74 12.63 45.09
C ARG C 518 -16.94 12.92 45.96
N SER C 519 -16.76 13.45 47.17
CA SER C 519 -17.87 13.77 48.08
C SER C 519 -18.56 15.10 47.74
N CYS C 520 -17.91 15.98 46.97
CA CYS C 520 -18.49 17.26 46.58
C CYS C 520 -19.53 17.08 45.47
N SER C 521 -20.73 17.65 45.64
CA SER C 521 -21.81 17.54 44.65
C SER C 521 -21.56 18.34 43.38
N GLN C 522 -20.74 19.39 43.45
CA GLN C 522 -20.37 20.23 42.32
C GLN C 522 -19.24 19.53 41.57
N LYS C 523 -19.50 19.02 40.36
CA LYS C 523 -18.51 18.28 39.58
C LYS C 523 -17.85 19.15 38.54
N LYS C 524 -16.53 19.17 38.49
CA LYS C 524 -15.76 19.92 37.50
C LYS C 524 -16.13 19.39 36.12
N SER C 525 -16.38 20.27 35.16
CA SER C 525 -16.74 19.87 33.80
C SER C 525 -16.19 20.83 32.76
N LEU C 526 -15.83 20.31 31.60
CA LEU C 526 -15.34 21.10 30.48
C LEU C 526 -16.54 21.46 29.60
N VAL C 527 -16.53 22.63 28.96
CA VAL C 527 -17.66 23.01 28.10
C VAL C 527 -17.66 22.17 26.83
N GLY C 528 -18.82 21.64 26.46
CA GLY C 528 -18.94 20.91 25.20
C GLY C 528 -19.07 21.89 24.04
N VAL C 529 -18.96 21.41 22.82
CA VAL C 529 -19.11 22.25 21.63
C VAL C 529 -20.54 22.77 21.57
N GLY C 530 -20.72 24.06 21.34
CA GLY C 530 -22.05 24.67 21.24
C GLY C 530 -22.74 24.86 22.59
N GLU C 531 -22.03 24.74 23.71
CA GLU C 531 -22.58 24.92 25.06
C GLU C 531 -21.82 25.97 25.87
N HIS C 532 -22.50 26.56 26.86
CA HIS C 532 -21.91 27.55 27.75
C HIS C 532 -21.42 26.88 29.04
N CYS C 533 -20.78 27.66 29.92
CA CYS C 533 -20.30 27.16 31.19
C CYS C 533 -21.47 26.60 32.02
N ALA C 534 -21.30 25.43 32.62
CA ALA C 534 -22.34 24.82 33.44
C ALA C 534 -22.69 25.70 34.64
N GLY C 535 -21.69 26.41 35.18
CA GLY C 535 -21.81 27.32 36.31
C GLY C 535 -20.52 27.49 37.07
N PHE C 536 -20.40 28.59 37.78
CA PHE C 536 -19.27 28.87 38.65
C PHE C 536 -19.38 28.02 39.91
N GLY C 537 -18.26 27.52 40.42
CA GLY C 537 -18.25 26.76 41.67
C GLY C 537 -18.67 27.69 42.80
N VAL C 538 -19.60 27.28 43.65
CA VAL C 538 -20.07 28.11 44.77
C VAL C 538 -19.51 27.64 46.10
N ASP C 539 -19.05 28.58 46.91
CA ASP C 539 -18.56 28.32 48.26
C ASP C 539 -19.79 28.10 49.14
N GLU C 540 -20.06 26.85 49.46
CA GLU C 540 -21.26 26.50 50.22
C GLU C 540 -21.24 27.05 51.65
N GLU C 541 -20.08 27.45 52.19
CA GLU C 541 -19.98 28.09 53.51
C GLU C 541 -20.52 29.53 53.46
N LYS C 542 -20.84 30.05 52.27
CA LYS C 542 -21.43 31.38 52.05
C LYS C 542 -22.88 31.31 51.54
N CYS C 543 -23.51 30.14 51.63
CA CYS C 543 -24.91 29.93 51.21
C CYS C 543 -25.81 29.82 52.45
N GLY C 544 -26.92 30.55 52.49
CA GLY C 544 -27.81 30.58 53.65
C GLY C 544 -27.22 31.48 54.75
N VAL C 545 -27.73 31.36 55.98
CA VAL C 545 -27.26 32.14 57.14
C VAL C 545 -26.92 31.20 58.29
N LEU C 546 -26.15 31.67 59.28
CA LEU C 546 -25.62 30.82 60.37
C LEU C 546 -26.70 30.06 61.16
N ASP C 547 -27.83 30.68 61.50
CA ASP C 547 -28.93 30.02 62.22
C ASP C 547 -30.25 30.13 61.43
N GLY C 548 -30.18 30.00 60.11
CA GLY C 548 -31.37 30.09 59.25
C GLY C 548 -32.26 28.86 59.37
N SER C 549 -33.54 29.10 59.61
CA SER C 549 -34.59 28.09 59.74
C SER C 549 -35.26 27.80 58.38
N TYR C 550 -36.36 27.05 58.38
CA TYR C 550 -37.08 26.72 57.15
C TYR C 550 -37.88 27.87 56.54
N ASN C 551 -37.96 29.02 57.22
CA ASN C 551 -38.69 30.21 56.75
C ASN C 551 -37.85 31.15 55.86
N VAL C 552 -36.58 30.82 55.59
CA VAL C 552 -35.67 31.58 54.72
C VAL C 552 -35.24 30.68 53.57
N SER C 553 -35.31 31.15 52.33
CA SER C 553 -34.92 30.38 51.12
C SER C 553 -33.41 30.32 50.95
N CYS C 554 -32.89 29.21 50.41
CA CYS C 554 -31.46 29.07 50.21
C CYS C 554 -30.96 29.92 49.03
N LEU C 555 -29.94 30.74 49.29
CA LEU C 555 -29.25 31.55 48.31
C LEU C 555 -27.85 31.87 48.85
N CYS C 556 -26.93 32.24 47.98
CA CYS C 556 -25.54 32.54 48.30
C CYS C 556 -25.20 33.99 47.95
N SER C 557 -24.28 34.59 48.70
CA SER C 557 -23.85 35.95 48.44
C SER C 557 -23.03 36.01 47.13
N THR C 558 -22.83 37.20 46.57
CA THR C 558 -22.11 37.36 45.29
C THR C 558 -20.66 36.86 45.34
N ASP C 559 -19.99 36.99 46.48
CA ASP C 559 -18.62 36.52 46.66
C ASP C 559 -18.54 35.00 46.82
N ALA C 560 -19.67 34.30 46.98
CA ALA C 560 -19.68 32.85 47.10
C ALA C 560 -19.35 32.16 45.77
N PHE C 561 -19.65 32.78 44.63
CA PHE C 561 -19.37 32.21 43.32
C PHE C 561 -17.92 32.50 42.95
N LEU C 562 -17.13 31.44 42.83
CA LEU C 562 -15.69 31.48 42.57
C LEU C 562 -15.32 30.94 41.18
N GLY C 563 -14.04 30.93 40.87
CA GLY C 563 -13.56 30.35 39.61
C GLY C 563 -13.81 31.19 38.35
N TRP C 564 -13.95 32.50 38.47
CA TRP C 564 -14.14 33.40 37.34
C TRP C 564 -13.22 34.62 37.48
N SER C 565 -12.95 35.26 36.36
CA SER C 565 -12.05 36.40 36.26
C SER C 565 -12.54 37.33 35.15
N TYR C 566 -11.91 38.48 35.01
CA TYR C 566 -12.20 39.43 33.95
C TYR C 566 -10.94 40.13 33.46
N ASP C 567 -10.99 40.68 32.26
CA ASP C 567 -9.95 41.53 31.69
C ASP C 567 -10.57 42.50 30.69
N THR C 568 -9.89 43.60 30.35
CA THR C 568 -10.36 44.46 29.25
C THR C 568 -10.21 43.77 27.90
N CYS C 569 -11.04 44.11 26.93
CA CYS C 569 -10.82 43.78 25.51
C CYS C 569 -10.08 44.87 24.72
N VAL C 570 -9.83 46.03 25.32
CA VAL C 570 -9.38 47.21 24.56
C VAL C 570 -7.89 47.16 24.27
N SER C 571 -7.53 47.37 23.00
CA SER C 571 -6.16 47.65 22.54
C SER C 571 -6.22 48.80 21.53
N ASN C 572 -5.35 49.81 21.62
CA ASN C 572 -5.31 50.94 20.68
C ASN C 572 -6.69 51.59 20.44
N ASN C 573 -7.46 51.83 21.51
CA ASN C 573 -8.83 52.35 21.48
C ASN C 573 -9.87 51.50 20.71
N ARG C 574 -9.58 50.23 20.40
CA ARG C 574 -10.53 49.28 19.82
C ARG C 574 -10.70 48.04 20.69
N CYS C 575 -11.93 47.60 20.93
CA CYS C 575 -12.18 46.33 21.63
C CYS C 575 -11.99 45.17 20.64
N ASN C 576 -11.12 44.22 20.95
CA ASN C 576 -10.90 43.03 20.14
C ASN C 576 -12.01 41.98 20.36
N ILE C 577 -12.53 41.42 19.28
CA ILE C 577 -13.69 40.51 19.26
C ILE C 577 -13.35 39.29 18.41
N PHE C 578 -13.82 38.13 18.85
CA PHE C 578 -13.71 36.87 18.15
C PHE C 578 -15.08 36.49 17.59
N SER C 579 -15.12 35.95 16.39
CA SER C 579 -16.26 35.13 15.99
C SER C 579 -15.85 33.91 15.19
N ASN C 580 -16.65 32.85 15.34
CA ASN C 580 -16.46 31.57 14.69
C ASN C 580 -17.60 31.36 13.69
N PHE C 581 -17.25 31.26 12.40
CA PHE C 581 -18.12 30.96 11.28
C PHE C 581 -18.21 29.47 11.12
N ILE C 582 -19.21 28.83 11.68
CA ILE C 582 -19.43 27.40 11.53
C ILE C 582 -20.19 27.24 10.22
N LEU C 583 -19.62 26.52 9.26
CA LEU C 583 -20.23 26.31 7.96
C LEU C 583 -20.95 24.95 7.97
N ASN C 584 -22.28 24.94 8.02
CA ASN C 584 -23.06 23.69 8.05
C ASN C 584 -23.61 23.36 6.67
N GLY C 585 -23.62 22.08 6.31
CA GLY C 585 -24.13 21.64 5.01
C GLY C 585 -23.37 22.28 3.86
N ILE C 586 -22.05 22.19 3.92
CA ILE C 586 -21.10 22.74 2.98
C ILE C 586 -21.40 22.28 1.55
N ASN C 587 -21.31 23.22 0.61
CA ASN C 587 -21.55 23.01 -0.81
C ASN C 587 -22.97 22.47 -1.10
N SER C 588 -23.96 23.09 -0.46
CA SER C 588 -25.38 22.77 -0.59
C SER C 588 -26.22 23.86 0.08
N GLY C 589 -27.54 23.72 0.16
CA GLY C 589 -28.39 24.67 0.86
C GLY C 589 -28.67 26.02 0.18
N THR C 590 -29.09 26.98 1.01
CA THR C 590 -29.56 28.31 0.57
C THR C 590 -28.77 29.51 1.08
N THR C 591 -27.79 29.34 1.98
CA THR C 591 -26.96 30.46 2.45
C THR C 591 -25.83 30.56 1.45
N CYS C 592 -25.99 31.41 0.43
CA CYS C 592 -25.04 31.48 -0.66
C CYS C 592 -24.23 32.76 -0.73
N SER C 593 -22.99 32.64 -1.19
CA SER C 593 -22.10 33.77 -1.38
C SER C 593 -22.34 34.36 -2.77
N ASN C 594 -22.50 35.68 -2.86
CA ASN C 594 -22.70 36.42 -4.11
C ASN C 594 -21.41 37.13 -4.57
N ASP C 595 -20.24 36.72 -4.08
CA ASP C 595 -18.96 37.31 -4.49
C ASP C 595 -18.65 37.08 -5.96
N LEU C 596 -18.97 35.89 -6.48
CA LEU C 596 -18.81 35.48 -7.88
C LEU C 596 -20.20 35.32 -8.55
N LEU C 597 -21.13 36.24 -8.31
CA LEU C 597 -22.52 36.15 -8.78
C LEU C 597 -22.64 35.95 -10.30
N GLN C 598 -23.13 34.77 -10.69
CA GLN C 598 -23.44 34.38 -12.06
C GLN C 598 -24.96 34.33 -12.18
N PRO C 599 -25.55 34.68 -13.34
CA PRO C 599 -26.98 34.63 -13.50
C PRO C 599 -27.49 33.19 -13.52
N ASN C 600 -28.73 32.97 -13.10
CA ASN C 600 -29.33 31.65 -13.16
C ASN C 600 -29.55 31.26 -14.61
N THR C 601 -29.12 30.07 -14.99
CA THR C 601 -29.33 29.52 -16.33
C THR C 601 -30.45 28.51 -16.26
N GLU C 602 -31.07 28.16 -17.38
CA GLU C 602 -32.05 27.08 -17.37
C GLU C 602 -31.29 25.74 -17.20
N VAL C 603 -31.97 24.69 -16.76
CA VAL C 603 -31.34 23.37 -16.63
C VAL C 603 -31.24 22.77 -18.03
N PHE C 604 -30.11 22.93 -18.71
CA PHE C 604 -29.93 22.37 -20.05
C PHE C 604 -29.95 20.85 -19.98
N THR C 605 -30.73 20.19 -20.83
CA THR C 605 -30.87 18.73 -20.82
C THR C 605 -30.25 18.06 -22.04
N ASP C 606 -30.00 16.77 -21.90
CA ASP C 606 -29.48 15.84 -22.91
C ASP C 606 -28.05 16.11 -23.39
N VAL C 607 -27.35 17.08 -22.80
CA VAL C 607 -25.99 17.46 -23.15
C VAL C 607 -25.10 17.48 -21.91
N CYS C 608 -23.81 17.21 -22.07
CA CYS C 608 -22.86 17.24 -20.95
C CYS C 608 -22.62 18.69 -20.51
N VAL C 609 -22.81 18.97 -19.22
CA VAL C 609 -22.63 20.32 -18.67
C VAL C 609 -21.94 20.32 -17.32
N ASP C 610 -21.24 21.42 -17.03
CA ASP C 610 -20.70 21.66 -15.69
C ASP C 610 -21.86 22.27 -14.93
N TYR C 611 -22.23 21.73 -13.80
CA TYR C 611 -23.36 22.23 -13.04
C TYR C 611 -22.99 22.69 -11.64
N ASP C 612 -23.76 23.65 -11.17
CA ASP C 612 -23.75 24.20 -9.82
C ASP C 612 -25.21 24.32 -9.40
N LEU C 613 -25.74 23.23 -8.85
CA LEU C 613 -27.12 23.12 -8.39
C LEU C 613 -27.22 23.52 -6.92
N TYR C 614 -27.47 24.79 -6.64
CA TYR C 614 -27.62 25.27 -5.26
C TYR C 614 -26.42 24.89 -4.38
N GLY C 615 -25.21 25.02 -4.92
CA GLY C 615 -23.95 24.70 -4.26
C GLY C 615 -23.41 23.33 -4.59
N ILE C 616 -24.23 22.40 -5.10
CA ILE C 616 -23.78 21.07 -5.46
C ILE C 616 -23.17 21.15 -6.84
N THR C 617 -21.85 21.04 -6.90
CA THR C 617 -21.11 21.14 -8.16
C THR C 617 -20.75 19.78 -8.71
N GLY C 618 -20.66 19.68 -10.02
CA GLY C 618 -20.22 18.48 -10.71
C GLY C 618 -20.31 18.62 -12.22
N GLN C 619 -20.24 17.50 -12.90
CA GLN C 619 -20.26 17.44 -14.36
C GLN C 619 -21.09 16.25 -14.78
N GLY C 620 -22.15 16.47 -15.55
CA GLY C 620 -23.05 15.40 -15.96
C GLY C 620 -24.07 15.84 -17.00
N ILE C 621 -25.01 14.96 -17.30
CA ILE C 621 -26.09 15.14 -18.27
C ILE C 621 -27.42 15.10 -17.53
N PHE C 622 -28.24 16.13 -17.70
CA PHE C 622 -29.58 16.18 -17.10
C PHE C 622 -30.62 15.64 -18.06
N LYS C 623 -31.59 14.89 -17.55
CA LYS C 623 -32.71 14.37 -18.32
C LYS C 623 -33.97 14.59 -17.50
N GLU C 624 -34.90 15.39 -18.01
CA GLU C 624 -36.14 15.67 -17.31
C GLU C 624 -37.04 14.43 -17.25
N VAL C 625 -37.60 14.15 -16.10
CA VAL C 625 -38.49 13.01 -15.82
C VAL C 625 -39.66 13.46 -14.96
N SER C 626 -40.75 12.69 -14.91
CA SER C 626 -41.90 13.01 -14.05
C SER C 626 -41.77 12.17 -12.78
N ALA C 627 -40.96 12.65 -11.82
CA ALA C 627 -40.72 11.92 -10.57
C ALA C 627 -41.76 12.25 -9.51
N VAL C 628 -42.31 11.21 -8.88
CA VAL C 628 -43.34 11.32 -7.83
C VAL C 628 -42.82 10.97 -6.43
N TYR C 629 -41.52 10.65 -6.29
CA TYR C 629 -40.92 10.26 -5.02
C TYR C 629 -40.37 11.40 -4.17
N TYR C 630 -40.41 12.65 -4.63
CA TYR C 630 -39.95 13.78 -3.83
C TYR C 630 -41.06 14.30 -2.93
N ASN C 631 -40.88 14.27 -1.62
CA ASN C 631 -41.86 14.86 -0.70
C ASN C 631 -41.60 16.37 -0.59
N SER C 632 -42.36 17.08 0.23
CA SER C 632 -42.23 18.53 0.37
C SER C 632 -40.85 18.98 0.85
N TRP C 633 -40.20 18.21 1.71
CA TRP C 633 -38.87 18.52 2.26
C TRP C 633 -37.70 17.92 1.47
N GLN C 634 -37.94 17.18 0.39
CA GLN C 634 -36.89 16.50 -0.38
C GLN C 634 -36.63 17.11 -1.74
N ASN C 635 -35.36 17.26 -2.10
CA ASN C 635 -34.96 17.84 -3.39
C ASN C 635 -33.79 17.13 -4.07
N LEU C 636 -33.17 16.12 -3.45
CA LEU C 636 -32.02 15.43 -4.02
C LEU C 636 -32.19 13.91 -4.00
N LEU C 637 -31.80 13.22 -5.06
CA LEU C 637 -31.87 11.77 -5.18
C LEU C 637 -30.46 11.22 -5.15
N TYR C 638 -30.21 10.26 -4.27
CA TYR C 638 -28.92 9.65 -4.06
C TYR C 638 -28.94 8.15 -4.30
N ASP C 639 -27.80 7.61 -4.74
CA ASP C 639 -27.65 6.17 -4.93
C ASP C 639 -27.09 5.55 -3.63
N SER C 640 -26.83 4.24 -3.63
CA SER C 640 -26.30 3.55 -2.45
C SER C 640 -24.89 3.99 -2.04
N ASN C 641 -24.13 4.61 -2.95
CA ASN C 641 -22.77 5.07 -2.70
C ASN C 641 -22.65 6.54 -2.30
N GLY C 642 -23.76 7.25 -2.14
CA GLY C 642 -23.72 8.66 -1.75
C GLY C 642 -23.54 9.63 -2.91
N ASN C 643 -23.62 9.19 -4.16
CA ASN C 643 -23.52 10.08 -5.31
C ASN C 643 -24.89 10.70 -5.62
N ILE C 644 -24.92 11.94 -6.08
CA ILE C 644 -26.16 12.59 -6.49
C ILE C 644 -26.51 12.04 -7.88
N ILE C 645 -27.72 11.52 -8.05
CA ILE C 645 -28.18 10.94 -9.33
C ILE C 645 -29.48 11.56 -9.84
N GLY C 646 -30.01 12.55 -9.15
CA GLY C 646 -31.24 13.23 -9.54
C GLY C 646 -31.55 14.37 -8.60
N PHE C 647 -32.35 15.34 -9.05
CA PHE C 647 -32.74 16.46 -8.21
C PHE C 647 -34.06 17.06 -8.65
N LYS C 648 -34.74 17.74 -7.73
CA LYS C 648 -35.94 18.51 -8.00
C LYS C 648 -35.49 19.96 -7.90
N ASP C 649 -35.68 20.73 -8.95
CA ASP C 649 -35.27 22.13 -8.96
C ASP C 649 -36.11 22.93 -7.94
N PHE C 650 -35.47 23.71 -7.06
CA PHE C 650 -36.18 24.46 -6.03
C PHE C 650 -37.10 25.56 -6.58
N VAL C 651 -36.76 26.15 -7.72
CA VAL C 651 -37.54 27.23 -8.32
C VAL C 651 -38.70 26.74 -9.18
N THR C 652 -38.42 25.87 -10.13
CA THR C 652 -39.41 25.36 -11.10
C THR C 652 -40.11 24.07 -10.73
N ASN C 653 -39.70 23.38 -9.65
CA ASN C 653 -40.23 22.07 -9.23
C ASN C 653 -40.07 20.99 -10.30
N LYS C 654 -39.24 21.20 -11.33
CA LYS C 654 -39.00 20.23 -12.38
C LYS C 654 -38.01 19.20 -11.86
N THR C 655 -38.24 17.93 -12.16
CA THR C 655 -37.43 16.82 -11.69
C THR C 655 -36.54 16.28 -12.80
N TYR C 656 -35.28 16.03 -12.47
CA TYR C 656 -34.30 15.55 -13.43
C TYR C 656 -33.48 14.39 -12.88
N ASN C 657 -33.02 13.54 -13.78
CA ASN C 657 -32.09 12.48 -13.50
C ASN C 657 -30.73 13.01 -13.96
N ILE C 658 -29.68 12.76 -13.19
CA ILE C 658 -28.32 13.17 -13.48
C ILE C 658 -27.55 11.92 -13.90
N PHE C 659 -26.98 11.94 -15.09
CA PHE C 659 -26.17 10.86 -15.63
C PHE C 659 -24.74 11.35 -15.80
N PRO C 660 -23.73 10.52 -15.57
CA PRO C 660 -22.34 10.94 -15.75
C PRO C 660 -22.04 11.23 -17.21
N CYS C 661 -21.24 12.26 -17.51
CA CYS C 661 -20.81 12.51 -18.89
C CYS C 661 -20.00 11.32 -19.39
N TYR C 662 -20.11 11.00 -20.68
CA TYR C 662 -19.40 9.84 -21.22
C TYR C 662 -17.89 9.99 -21.05
N ALA C 663 -17.26 8.93 -20.58
CA ALA C 663 -15.83 8.82 -20.48
C ALA C 663 -15.39 7.47 -21.02
N GLY C 664 -14.28 7.44 -21.73
CA GLY C 664 -13.78 6.20 -22.33
C GLY C 664 -12.43 6.37 -22.98
N ARG C 665 -11.89 5.27 -23.49
CA ARG C 665 -10.60 5.23 -24.19
C ARG C 665 -10.80 5.10 -25.69
N VAL C 666 -9.73 5.34 -26.42
CA VAL C 666 -9.67 5.15 -27.86
C VAL C 666 -8.69 4.01 -28.07
N SER C 667 -9.09 2.95 -28.75
CA SER C 667 -8.18 1.85 -29.05
C SER C 667 -7.51 2.18 -30.36
N ALA C 668 -6.25 2.58 -30.33
CA ALA C 668 -5.52 2.94 -31.53
C ALA C 668 -4.67 1.78 -32.02
N ALA C 669 -4.88 1.35 -33.25
CA ALA C 669 -4.13 0.30 -33.90
C ALA C 669 -3.04 0.96 -34.75
N PHE C 670 -1.78 0.63 -34.50
CA PHE C 670 -0.64 1.18 -35.21
C PHE C 670 0.25 0.12 -35.82
N HIS C 671 0.70 0.35 -37.04
CA HIS C 671 1.66 -0.51 -37.73
C HIS C 671 2.93 0.31 -37.97
N GLN C 672 4.11 -0.25 -37.73
CA GLN C 672 5.38 0.44 -37.92
C GLN C 672 5.59 1.00 -39.32
N ASN C 673 5.04 0.36 -40.36
CA ASN C 673 5.18 0.82 -41.73
C ASN C 673 4.22 1.96 -42.10
N ALA C 674 3.28 2.33 -41.23
CA ALA C 674 2.29 3.37 -41.47
C ALA C 674 2.71 4.76 -40.98
N SER C 675 2.04 5.78 -41.53
CA SER C 675 2.22 7.20 -41.18
C SER C 675 0.99 7.77 -40.45
N SER C 676 0.07 6.91 -40.02
CA SER C 676 -1.16 7.27 -39.33
C SER C 676 -1.65 6.12 -38.45
N LEU C 677 -2.77 6.33 -37.74
CA LEU C 677 -3.39 5.39 -36.83
C LEU C 677 -4.79 4.98 -37.28
N ALA C 678 -5.18 3.74 -36.99
CA ALA C 678 -6.54 3.29 -37.19
C ALA C 678 -7.16 3.39 -35.80
N LEU C 679 -8.19 4.20 -35.60
CA LEU C 679 -8.79 4.41 -34.28
C LEU C 679 -10.12 3.68 -34.13
N LEU C 680 -10.33 3.02 -32.99
CA LEU C 680 -11.57 2.35 -32.67
C LEU C 680 -12.14 2.94 -31.39
N TYR C 681 -13.31 3.59 -31.50
CA TYR C 681 -14.05 4.10 -30.37
C TYR C 681 -14.97 2.96 -29.98
N ARG C 682 -14.53 2.13 -29.03
CA ARG C 682 -15.27 0.94 -28.64
C ARG C 682 -16.65 1.29 -28.09
N ASN C 683 -17.64 0.58 -28.60
CA ASN C 683 -19.06 0.67 -28.25
C ASN C 683 -19.71 2.04 -28.48
N LEU C 684 -19.22 2.80 -29.45
CA LEU C 684 -19.73 4.12 -29.80
C LEU C 684 -20.09 4.16 -31.28
N LYS C 685 -21.28 4.65 -31.60
CA LYS C 685 -21.68 4.83 -33.00
C LYS C 685 -20.95 6.05 -33.55
N CYS C 686 -20.61 6.06 -34.83
CA CYS C 686 -19.87 7.17 -35.43
C CYS C 686 -20.60 8.51 -35.31
N SER C 687 -21.94 8.51 -35.36
CA SER C 687 -22.72 9.73 -35.18
C SER C 687 -22.45 10.31 -33.79
N TYR C 688 -22.41 9.49 -32.74
CA TYR C 688 -22.12 9.93 -31.39
C TYR C 688 -20.71 10.50 -31.28
N VAL C 689 -19.71 9.84 -31.86
CA VAL C 689 -18.32 10.32 -31.82
C VAL C 689 -18.20 11.68 -32.50
N LEU C 690 -18.71 11.82 -33.72
CA LEU C 690 -18.64 13.07 -34.46
C LEU C 690 -19.44 14.20 -33.83
N ASN C 691 -20.63 13.92 -33.30
CA ASN C 691 -21.49 14.94 -32.70
C ASN C 691 -21.11 15.32 -31.26
N ASN C 692 -20.59 14.40 -30.46
CA ASN C 692 -20.33 14.66 -29.04
C ASN C 692 -18.89 14.45 -28.54
N ILE C 693 -17.94 13.99 -29.36
CA ILE C 693 -16.55 13.77 -28.91
C ILE C 693 -15.60 14.66 -29.69
N SER C 694 -15.51 14.48 -31.02
CA SER C 694 -14.63 15.29 -31.86
C SER C 694 -14.93 15.13 -33.35
N LEU C 695 -14.78 16.21 -34.12
CA LEU C 695 -14.95 16.22 -35.57
C LEU C 695 -13.59 15.90 -36.19
N THR C 696 -13.55 14.95 -37.12
CA THR C 696 -12.32 14.54 -37.81
C THR C 696 -12.47 14.53 -39.33
N THR C 697 -11.37 14.72 -40.04
CA THR C 697 -11.34 14.67 -41.52
C THR C 697 -11.10 13.25 -42.05
N GLN C 698 -10.78 12.30 -41.16
CA GLN C 698 -10.52 10.91 -41.52
C GLN C 698 -11.82 10.17 -41.90
N PRO C 699 -11.78 9.18 -42.79
CA PRO C 699 -12.95 8.40 -43.15
C PRO C 699 -13.36 7.54 -41.96
N TYR C 700 -14.63 7.15 -41.87
CA TYR C 700 -15.14 6.36 -40.76
C TYR C 700 -16.32 5.46 -41.14
N PHE C 701 -16.57 4.43 -40.32
CA PHE C 701 -17.71 3.55 -40.48
C PHE C 701 -18.04 2.86 -39.14
N ASP C 702 -19.28 2.38 -39.01
CA ASP C 702 -19.74 1.70 -37.81
C ASP C 702 -19.44 0.19 -37.89
N SER C 703 -18.50 -0.28 -37.08
CA SER C 703 -18.18 -1.72 -37.00
C SER C 703 -18.92 -2.34 -35.83
N TYR C 704 -18.85 -3.67 -35.71
CA TYR C 704 -19.49 -4.38 -34.60
C TYR C 704 -18.91 -3.94 -33.24
N LEU C 705 -17.60 -3.65 -33.21
CA LEU C 705 -16.90 -3.23 -32.01
C LEU C 705 -17.09 -1.74 -31.66
N GLY C 706 -17.54 -0.93 -32.61
CA GLY C 706 -17.74 0.50 -32.45
C GLY C 706 -17.29 1.29 -33.67
N CYS C 707 -17.21 2.61 -33.58
CA CYS C 707 -16.80 3.44 -34.70
C CYS C 707 -15.32 3.27 -35.01
N VAL C 708 -15.00 3.02 -36.27
CA VAL C 708 -13.63 2.83 -36.75
C VAL C 708 -13.27 3.96 -37.69
N PHE C 709 -12.17 4.65 -37.41
CA PHE C 709 -11.63 5.75 -38.21
C PHE C 709 -10.35 5.35 -38.91
N ASN C 710 -10.15 5.86 -40.12
CA ASN C 710 -8.95 5.65 -40.92
C ASN C 710 -8.64 4.20 -41.31
N ALA C 711 -9.67 3.37 -41.47
CA ALA C 711 -9.54 1.99 -41.91
C ALA C 711 -10.71 1.65 -42.82
N ASP C 712 -10.44 1.02 -43.95
CA ASP C 712 -11.49 0.62 -44.91
C ASP C 712 -12.30 -0.55 -44.37
N ASN C 713 -13.63 -0.50 -44.47
CA ASN C 713 -14.47 -1.61 -44.03
C ASN C 713 -14.39 -2.75 -45.04
N LEU C 714 -13.68 -3.82 -44.70
CA LEU C 714 -13.51 -5.00 -45.54
C LEU C 714 -13.75 -6.27 -44.72
N THR C 715 -14.82 -6.30 -43.93
CA THR C 715 -15.15 -7.49 -43.12
C THR C 715 -15.44 -8.72 -43.99
N ASP C 716 -15.79 -8.55 -45.26
CA ASP C 716 -15.98 -9.65 -46.21
C ASP C 716 -14.64 -10.34 -46.55
N TYR C 717 -13.51 -9.66 -46.33
CA TYR C 717 -12.17 -10.20 -46.54
C TYR C 717 -11.69 -10.83 -45.23
N SER C 718 -10.78 -11.79 -45.31
CA SER C 718 -10.27 -12.51 -44.15
C SER C 718 -8.76 -12.74 -44.15
N VAL C 719 -8.16 -12.81 -42.97
CA VAL C 719 -6.72 -13.07 -42.78
C VAL C 719 -6.53 -14.18 -41.75
N SER C 720 -5.52 -15.02 -41.96
CA SER C 720 -5.18 -16.14 -41.08
C SER C 720 -4.23 -15.75 -39.95
N SER C 721 -3.46 -14.67 -40.12
CA SER C 721 -2.56 -14.12 -39.12
C SER C 721 -2.93 -12.65 -38.92
N CYS C 722 -2.82 -12.15 -37.71
CA CYS C 722 -3.19 -10.78 -37.39
C CYS C 722 -2.28 -10.19 -36.31
N ALA C 723 -1.66 -9.04 -36.58
CA ALA C 723 -0.81 -8.36 -35.61
C ALA C 723 -1.59 -7.34 -34.76
N LEU C 724 -2.72 -6.84 -35.27
CA LEU C 724 -3.60 -5.86 -34.63
C LEU C 724 -4.97 -6.49 -34.43
N ARG C 725 -5.11 -7.29 -33.37
CA ARG C 725 -6.34 -8.01 -33.04
C ARG C 725 -7.23 -7.07 -32.25
N MET C 726 -8.43 -6.81 -32.75
CA MET C 726 -9.34 -5.84 -32.12
C MET C 726 -10.43 -6.47 -31.28
N GLY C 727 -10.68 -7.77 -31.39
CA GLY C 727 -11.71 -8.48 -30.64
C GLY C 727 -12.83 -8.99 -31.53
N SER C 728 -13.56 -10.00 -31.07
CA SER C 728 -14.70 -10.63 -31.74
C SER C 728 -14.42 -11.08 -33.17
N GLY C 729 -13.23 -11.58 -33.45
CA GLY C 729 -12.86 -12.03 -34.79
C GLY C 729 -12.57 -10.93 -35.78
N PHE C 730 -12.28 -9.71 -35.34
CA PHE C 730 -11.95 -8.58 -36.21
C PHE C 730 -10.48 -8.18 -36.06
N CYS C 731 -9.85 -7.86 -37.18
CA CYS C 731 -8.46 -7.49 -37.29
C CYS C 731 -8.26 -6.21 -38.09
N VAL C 732 -7.19 -5.47 -37.78
CA VAL C 732 -6.78 -4.31 -38.55
C VAL C 732 -5.53 -4.76 -39.33
N ASP C 733 -5.60 -4.73 -40.64
CA ASP C 733 -4.52 -5.16 -41.53
C ASP C 733 -3.95 -3.95 -42.27
N TYR C 734 -2.64 -3.78 -42.32
CA TYR C 734 -2.03 -2.65 -43.02
C TYR C 734 -1.33 -3.07 -44.31
N ASN C 735 -1.59 -2.40 -45.42
CA ASN C 735 -0.92 -2.71 -46.70
C ASN C 735 0.49 -2.09 -46.73
N SER C 752 -2.71 1.63 -46.72
CA SER C 752 -3.77 1.98 -45.77
C SER C 752 -4.17 0.80 -44.87
N TYR C 753 -4.90 1.11 -43.79
CA TYR C 753 -5.43 0.13 -42.85
C TYR C 753 -6.76 -0.42 -43.38
N ARG C 754 -7.00 -1.72 -43.18
CA ARG C 754 -8.20 -2.43 -43.59
C ARG C 754 -8.80 -3.13 -42.37
N PHE C 755 -10.09 -2.94 -42.10
CA PHE C 755 -10.78 -3.61 -41.01
C PHE C 755 -11.36 -4.90 -41.59
N VAL C 756 -10.74 -6.03 -41.29
CA VAL C 756 -11.07 -7.35 -41.84
C VAL C 756 -11.40 -8.36 -40.77
N THR C 757 -11.86 -9.54 -41.16
CA THR C 757 -12.14 -10.61 -40.19
C THR C 757 -10.89 -11.45 -39.97
N PHE C 758 -10.70 -11.91 -38.74
CA PHE C 758 -9.60 -12.75 -38.32
C PHE C 758 -10.11 -14.19 -38.26
N GLU C 759 -9.63 -15.06 -39.15
CA GLU C 759 -10.01 -16.46 -39.22
C GLU C 759 -8.72 -17.29 -39.20
N PRO C 760 -8.16 -17.55 -38.00
CA PRO C 760 -6.90 -18.26 -37.88
C PRO C 760 -6.95 -19.74 -38.24
N PHE C 761 -8.13 -20.37 -38.25
CA PHE C 761 -8.25 -21.80 -38.54
C PHE C 761 -9.34 -22.11 -39.55
N ASN C 762 -9.01 -22.99 -40.49
CA ASN C 762 -9.89 -23.48 -41.54
C ASN C 762 -10.05 -24.99 -41.40
N VAL C 763 -11.07 -25.48 -42.07
CA VAL C 763 -11.35 -26.90 -42.21
C VAL C 763 -10.65 -27.39 -43.47
N SER C 764 -9.95 -28.52 -43.41
CA SER C 764 -9.38 -29.10 -44.62
C SER C 764 -10.57 -29.66 -45.40
N PHE C 765 -10.79 -29.21 -46.64
CA PHE C 765 -11.96 -29.63 -47.42
C PHE C 765 -11.62 -30.62 -48.53
N VAL C 766 -12.45 -31.66 -48.61
CA VAL C 766 -12.42 -32.69 -49.67
C VAL C 766 -13.76 -32.62 -50.41
N ASN C 767 -13.87 -33.15 -51.62
CA ASN C 767 -15.12 -33.16 -52.40
C ASN C 767 -15.74 -34.55 -52.53
N ASP C 768 -15.34 -35.50 -51.70
CA ASP C 768 -15.85 -36.86 -51.69
C ASP C 768 -17.30 -36.91 -51.17
N SER C 769 -18.07 -37.91 -51.57
CA SER C 769 -19.45 -38.04 -51.11
C SER C 769 -19.54 -38.42 -49.64
N ILE C 770 -20.57 -37.90 -48.95
CA ILE C 770 -20.83 -38.23 -47.54
C ILE C 770 -21.81 -39.40 -47.40
N GLU C 771 -22.40 -39.85 -48.50
CA GLU C 771 -23.37 -40.95 -48.54
C GLU C 771 -22.69 -42.27 -48.89
N SER C 772 -23.28 -43.38 -48.46
CA SER C 772 -22.78 -44.71 -48.80
C SER C 772 -23.45 -45.19 -50.08
N VAL C 773 -22.69 -45.38 -51.16
CA VAL C 773 -23.22 -45.88 -52.44
C VAL C 773 -23.19 -47.39 -52.27
N GLY C 774 -24.35 -48.04 -52.30
CA GLY C 774 -24.40 -49.47 -51.98
C GLY C 774 -24.01 -49.57 -50.51
N GLY C 775 -22.93 -50.29 -50.20
CA GLY C 775 -22.39 -50.40 -48.84
C GLY C 775 -21.01 -49.74 -48.67
N LEU C 776 -20.58 -48.88 -49.61
CA LEU C 776 -19.25 -48.27 -49.59
C LEU C 776 -19.27 -46.74 -49.52
N TYR C 777 -18.27 -46.16 -48.86
CA TYR C 777 -18.07 -44.72 -48.69
C TYR C 777 -16.83 -44.24 -49.42
N GLU C 778 -16.80 -42.99 -49.87
CA GLU C 778 -15.62 -42.44 -50.54
C GLU C 778 -14.66 -41.87 -49.50
N ILE C 779 -13.42 -42.35 -49.46
CA ILE C 779 -12.38 -41.94 -48.51
C ILE C 779 -11.08 -41.68 -49.24
N LYS C 780 -10.38 -40.60 -48.87
CA LYS C 780 -9.06 -40.30 -49.45
C LYS C 780 -8.01 -41.01 -48.60
N ILE C 781 -7.34 -42.00 -49.18
CA ILE C 781 -6.30 -42.77 -48.53
C ILE C 781 -4.95 -42.32 -49.09
N PRO C 782 -3.93 -42.04 -48.27
CA PRO C 782 -2.62 -41.63 -48.77
C PRO C 782 -1.98 -42.66 -49.71
N THR C 783 -1.34 -42.22 -50.77
CA THR C 783 -0.59 -43.09 -51.70
C THR C 783 0.91 -42.89 -51.61
N ASN C 784 1.34 -41.83 -50.95
CA ASN C 784 2.73 -41.49 -50.73
C ASN C 784 2.84 -40.68 -49.44
N PHE C 785 3.98 -40.69 -48.77
CA PHE C 785 4.17 -39.97 -47.51
C PHE C 785 5.61 -39.51 -47.32
N THR C 786 5.77 -38.61 -46.36
CA THR C 786 7.05 -38.08 -45.91
C THR C 786 7.01 -37.94 -44.40
N ILE C 787 8.15 -37.67 -43.78
CA ILE C 787 8.24 -37.44 -42.34
C ILE C 787 8.45 -35.94 -42.15
N VAL C 788 7.63 -35.31 -41.33
CA VAL C 788 7.75 -33.89 -41.00
C VAL C 788 8.16 -33.75 -39.55
N GLY C 789 9.04 -32.82 -39.28
CA GLY C 789 9.52 -32.54 -37.93
C GLY C 789 8.93 -31.22 -37.46
N GLN C 790 8.50 -31.16 -36.21
CA GLN C 790 7.96 -29.96 -35.61
C GLN C 790 8.63 -29.71 -34.26
N GLU C 791 9.10 -28.50 -34.06
CA GLU C 791 9.73 -28.07 -32.82
C GLU C 791 8.70 -27.61 -31.81
N GLU C 792 9.00 -27.80 -30.53
CA GLU C 792 8.19 -27.33 -29.44
C GLU C 792 9.10 -27.02 -28.26
N PHE C 793 9.25 -25.75 -27.91
CA PHE C 793 10.03 -25.37 -26.75
C PHE C 793 9.10 -25.33 -25.54
N ILE C 794 9.47 -26.03 -24.48
CA ILE C 794 8.71 -26.01 -23.23
C ILE C 794 9.62 -25.42 -22.17
N GLN C 795 9.20 -24.33 -21.56
CA GLN C 795 9.96 -23.67 -20.53
C GLN C 795 9.88 -24.49 -19.25
N THR C 796 11.02 -24.92 -18.72
CA THR C 796 11.11 -25.70 -17.49
C THR C 796 11.81 -24.97 -16.35
N ASN C 797 12.44 -23.85 -16.66
CA ASN C 797 13.21 -23.04 -15.73
C ASN C 797 13.08 -21.56 -16.07
N SER C 798 13.46 -20.69 -15.14
CA SER C 798 13.48 -19.24 -15.35
C SER C 798 14.68 -18.64 -14.62
N PRO C 799 15.14 -17.44 -14.98
CA PRO C 799 16.24 -16.82 -14.27
C PRO C 799 15.92 -16.72 -12.77
N LYS C 800 16.83 -17.15 -11.89
CA LYS C 800 16.60 -17.11 -10.43
C LYS C 800 16.89 -15.74 -9.90
N VAL C 801 15.89 -14.88 -9.84
CA VAL C 801 16.06 -13.52 -9.37
C VAL C 801 16.14 -13.49 -7.85
N THR C 802 17.18 -12.84 -7.34
CA THR C 802 17.38 -12.61 -5.90
C THR C 802 17.40 -11.12 -5.68
N ILE C 803 16.65 -10.65 -4.69
CA ILE C 803 16.59 -9.22 -4.38
C ILE C 803 17.11 -8.99 -2.97
N ASP C 804 18.15 -8.21 -2.80
CA ASP C 804 18.57 -7.79 -1.47
C ASP C 804 17.71 -6.62 -1.02
N CYS C 805 16.63 -6.91 -0.29
CA CYS C 805 15.60 -5.92 0.00
C CYS C 805 16.15 -4.65 0.64
N SER C 806 17.01 -4.74 1.65
CA SER C 806 17.51 -3.54 2.31
C SER C 806 18.45 -2.72 1.42
N LEU C 807 19.28 -3.36 0.60
CA LEU C 807 20.13 -2.66 -0.37
C LEU C 807 19.30 -2.02 -1.48
N PHE C 808 18.25 -2.68 -1.95
CA PHE C 808 17.33 -2.10 -2.93
C PHE C 808 16.58 -0.90 -2.34
N VAL C 809 15.96 -1.03 -1.18
CA VAL C 809 15.14 0.02 -0.58
C VAL C 809 15.99 1.21 -0.13
N CYS C 810 17.11 0.96 0.55
CA CYS C 810 17.87 2.00 1.26
C CYS C 810 19.30 2.26 0.78
N SER C 811 19.80 1.57 -0.25
CA SER C 811 21.17 1.73 -0.74
C SER C 811 22.18 1.59 0.41
N ASN C 812 22.95 2.62 0.75
CA ASN C 812 23.84 2.65 1.92
C ASN C 812 23.58 3.84 2.86
N TYR C 813 22.40 4.46 2.80
CA TYR C 813 22.06 5.61 3.63
C TYR C 813 21.60 5.15 5.02
N ALA C 814 22.40 5.41 6.05
CA ALA C 814 22.09 4.97 7.42
C ALA C 814 20.73 5.45 7.92
N ALA C 815 20.35 6.70 7.62
CA ALA C 815 19.05 7.25 7.97
C ALA C 815 17.87 6.46 7.36
N CYS C 816 18.03 5.92 6.15
CA CYS C 816 17.04 5.05 5.56
C CYS C 816 17.00 3.68 6.25
N HIS C 817 18.15 3.04 6.48
CA HIS C 817 18.21 1.74 7.17
C HIS C 817 17.60 1.78 8.57
N ASP C 818 17.79 2.87 9.32
CA ASP C 818 17.15 3.06 10.61
C ASP C 818 15.62 3.01 10.49
N LEU C 819 15.03 3.78 9.58
CA LEU C 819 13.58 3.76 9.36
C LEU C 819 13.09 2.41 8.84
N LEU C 820 13.82 1.78 7.92
CA LEU C 820 13.45 0.49 7.36
C LEU C 820 13.43 -0.60 8.43
N SER C 821 14.30 -0.54 9.44
CA SER C 821 14.30 -1.51 10.53
C SER C 821 12.96 -1.54 11.29
N GLU C 822 12.22 -0.43 11.33
CA GLU C 822 10.91 -0.35 11.97
C GLU C 822 9.81 -1.08 11.15
N TYR C 823 10.02 -1.26 9.85
CA TYR C 823 9.13 -2.06 9.01
C TYR C 823 9.40 -3.56 9.25
N GLY C 824 10.57 -3.87 9.82
CA GLY C 824 10.98 -5.20 10.28
C GLY C 824 10.92 -6.33 9.27
N THR C 825 9.92 -7.17 9.49
CA THR C 825 9.69 -8.40 8.73
C THR C 825 9.31 -8.19 7.28
N PHE C 826 9.05 -6.97 6.77
CA PHE C 826 8.71 -6.85 5.35
C PHE C 826 9.88 -7.32 4.49
N CYS C 827 11.12 -6.89 4.75
CA CYS C 827 12.25 -7.38 3.98
C CYS C 827 12.50 -8.88 4.21
N ASP C 828 12.26 -9.40 5.41
CA ASP C 828 12.39 -10.82 5.69
C ASP C 828 11.39 -11.63 4.85
N ASN C 829 10.14 -11.15 4.71
CA ASN C 829 9.12 -11.80 3.91
C ASN C 829 9.53 -11.81 2.44
N ILE C 830 10.03 -10.70 1.90
CA ILE C 830 10.50 -10.62 0.51
C ILE C 830 11.62 -11.61 0.27
N ASN C 831 12.64 -11.62 1.13
CA ASN C 831 13.77 -12.52 1.00
C ASN C 831 13.32 -13.98 1.12
N SER C 832 12.45 -14.30 2.07
CA SER C 832 11.97 -15.66 2.29
C SER C 832 11.15 -16.18 1.12
N ILE C 833 10.25 -15.37 0.55
CA ILE C 833 9.44 -15.80 -0.58
C ILE C 833 10.31 -16.01 -1.81
N LEU C 834 11.28 -15.13 -2.07
CA LEU C 834 12.17 -15.30 -3.21
C LEU C 834 13.07 -16.53 -3.02
N ASP C 835 13.54 -16.80 -1.80
CA ASP C 835 14.34 -17.99 -1.52
C ASP C 835 13.50 -19.24 -1.75
N GLU C 836 12.24 -19.27 -1.34
CA GLU C 836 11.35 -20.40 -1.58
C GLU C 836 11.08 -20.58 -3.08
N VAL C 837 10.85 -19.49 -3.81
CA VAL C 837 10.65 -19.52 -5.26
C VAL C 837 11.87 -20.08 -5.95
N ASN C 838 13.07 -19.63 -5.58
CA ASN C 838 14.31 -20.12 -6.17
C ASN C 838 14.56 -21.59 -5.78
N GLY C 839 14.18 -22.01 -4.57
CA GLY C 839 14.29 -23.39 -4.15
C GLY C 839 13.35 -24.28 -4.99
N LEU C 840 12.17 -23.77 -5.34
CA LEU C 840 11.20 -24.45 -6.20
C LEU C 840 11.78 -24.61 -7.62
N LEU C 841 12.43 -23.58 -8.16
CA LEU C 841 13.08 -23.65 -9.47
C LEU C 841 14.23 -24.67 -9.45
N ASP C 842 15.04 -24.70 -8.39
CA ASP C 842 16.12 -25.67 -8.24
C ASP C 842 15.58 -27.10 -8.14
N THR C 843 14.54 -27.31 -7.34
CA THR C 843 13.90 -28.62 -7.20
C THR C 843 13.31 -29.09 -8.52
N THR C 844 12.69 -28.16 -9.27
CA THR C 844 12.11 -28.45 -10.58
C THR C 844 13.20 -28.87 -11.56
N GLN C 845 14.35 -28.18 -11.58
CA GLN C 845 15.44 -28.53 -12.47
C GLN C 845 15.99 -29.92 -12.15
N LEU C 846 16.13 -30.27 -10.87
CA LEU C 846 16.56 -31.60 -10.46
C LEU C 846 15.55 -32.65 -10.93
N HIS C 847 14.25 -32.39 -10.82
CA HIS C 847 13.22 -33.33 -11.27
C HIS C 847 13.26 -33.52 -12.78
N VAL C 848 13.49 -32.45 -13.55
CA VAL C 848 13.61 -32.53 -15.01
C VAL C 848 14.83 -33.35 -15.38
N ALA C 849 15.98 -33.11 -14.73
CA ALA C 849 17.20 -33.87 -14.96
C ALA C 849 17.03 -35.34 -14.58
N ASP C 850 16.36 -35.63 -13.47
CA ASP C 850 16.09 -36.99 -13.04
C ASP C 850 15.23 -37.69 -14.10
N THR C 851 14.22 -37.00 -14.63
CA THR C 851 13.34 -37.51 -15.67
C THR C 851 14.13 -37.82 -16.94
N LEU C 852 15.06 -36.97 -17.35
CA LEU C 852 15.88 -37.20 -18.54
C LEU C 852 16.77 -38.42 -18.38
N MET C 853 17.35 -38.63 -17.21
CA MET C 853 18.26 -39.75 -16.92
C MET C 853 17.62 -41.01 -16.37
N GLN C 854 16.31 -41.02 -16.17
CA GLN C 854 15.62 -42.19 -15.64
C GLN C 854 15.66 -43.37 -16.61
N GLY C 855 16.18 -44.49 -16.14
CA GLY C 855 16.28 -45.71 -16.92
C GLY C 855 17.31 -45.68 -18.04
N VAL C 856 18.19 -44.67 -18.13
CA VAL C 856 19.17 -44.61 -19.21
C VAL C 856 20.35 -45.52 -18.91
N THR C 857 20.57 -46.48 -19.80
CA THR C 857 21.68 -47.43 -19.74
C THR C 857 22.47 -47.31 -21.04
N LEU C 858 23.76 -47.01 -20.97
CA LEU C 858 24.64 -46.87 -22.13
C LEU C 858 25.81 -47.84 -22.05
N SER C 859 26.30 -48.26 -23.20
CA SER C 859 27.48 -49.11 -23.21
C SER C 859 28.73 -48.25 -23.01
N SER C 860 29.70 -48.73 -22.23
CA SER C 860 30.98 -48.04 -22.03
C SER C 860 31.80 -47.99 -23.32
N ASN C 861 31.50 -48.85 -24.30
CA ASN C 861 32.17 -48.90 -25.60
C ASN C 861 31.63 -47.81 -26.55
N LEU C 862 30.64 -47.03 -26.13
CA LEU C 862 30.05 -45.97 -26.93
C LEU C 862 30.99 -44.76 -27.04
N ASN C 863 31.40 -44.42 -28.26
CA ASN C 863 32.26 -43.29 -28.57
C ASN C 863 31.53 -42.46 -29.63
N THR C 864 30.91 -41.37 -29.20
CA THR C 864 30.10 -40.52 -30.10
C THR C 864 30.87 -39.84 -31.23
N ASN C 865 32.21 -39.82 -31.15
CA ASN C 865 33.05 -39.29 -32.23
C ASN C 865 32.99 -40.20 -33.47
N LEU C 866 32.80 -41.51 -33.28
CA LEU C 866 32.71 -42.53 -34.36
C LEU C 866 31.29 -43.11 -34.51
N HIS C 867 30.52 -43.16 -33.42
CA HIS C 867 29.17 -43.72 -33.35
C HIS C 867 28.14 -42.59 -33.31
N PHE C 868 27.69 -42.15 -34.49
CA PHE C 868 26.73 -41.06 -34.62
C PHE C 868 25.59 -41.32 -35.62
N ASP C 869 25.65 -42.39 -36.39
CA ASP C 869 24.57 -42.74 -37.32
C ASP C 869 24.37 -44.25 -37.33
N VAL C 870 23.13 -44.67 -37.49
CA VAL C 870 22.77 -46.10 -37.53
C VAL C 870 21.53 -46.27 -38.42
N ASP C 871 21.48 -47.33 -39.21
CA ASP C 871 20.36 -47.65 -40.09
C ASP C 871 19.96 -46.49 -41.01
N ASN C 872 20.96 -45.78 -41.53
CA ASN C 872 20.85 -44.59 -42.38
C ASN C 872 20.25 -43.35 -41.73
N ILE C 873 20.14 -43.30 -40.41
CA ILE C 873 19.62 -42.14 -39.66
C ILE C 873 20.80 -41.50 -38.95
N ASN C 874 21.02 -40.21 -39.18
CA ASN C 874 22.14 -39.44 -38.65
C ASN C 874 21.76 -38.63 -37.41
N PHE C 875 22.38 -38.94 -36.29
CA PHE C 875 22.19 -38.27 -35.01
C PHE C 875 23.41 -37.42 -34.61
N LYS C 876 24.35 -37.14 -35.52
CA LYS C 876 25.57 -36.39 -35.20
C LYS C 876 25.23 -35.02 -34.62
N SER C 877 24.26 -34.32 -35.18
CA SER C 877 23.89 -33.01 -34.66
C SER C 877 23.15 -33.03 -33.33
N LEU C 878 22.54 -34.14 -32.92
CA LEU C 878 21.79 -34.27 -31.67
C LEU C 878 22.60 -34.83 -30.49
N VAL C 879 23.87 -35.12 -30.71
CA VAL C 879 24.75 -35.72 -29.72
C VAL C 879 26.05 -34.95 -29.53
N GLY C 880 26.40 -34.62 -28.29
CA GLY C 880 27.67 -33.97 -27.96
C GLY C 880 28.67 -34.98 -27.39
N CYS C 881 29.68 -34.51 -26.66
CA CYS C 881 30.61 -35.41 -25.99
C CYS C 881 29.92 -36.27 -24.92
N LEU C 882 30.31 -37.54 -24.85
CA LEU C 882 29.75 -38.50 -23.90
C LEU C 882 30.77 -38.84 -22.80
N GLY C 883 30.33 -38.83 -21.54
CA GLY C 883 31.18 -39.11 -20.37
C GLY C 883 31.88 -37.83 -19.86
N PRO C 884 32.45 -37.85 -18.64
CA PRO C 884 33.10 -36.69 -18.03
C PRO C 884 34.49 -36.36 -18.61
N HIS C 885 35.03 -37.17 -19.53
CA HIS C 885 36.36 -36.94 -20.13
C HIS C 885 36.46 -35.67 -20.99
N CYS C 886 35.37 -35.29 -21.68
CA CYS C 886 35.28 -34.10 -22.52
C CYS C 886 34.98 -32.80 -21.75
N GLY C 887 34.67 -32.87 -20.45
CA GLY C 887 34.36 -31.68 -19.66
C GLY C 887 32.97 -31.11 -19.99
N SER C 888 32.88 -29.77 -20.08
CA SER C 888 31.63 -29.08 -20.37
C SER C 888 31.23 -29.06 -21.86
N SER C 889 32.06 -29.62 -22.75
CA SER C 889 31.82 -29.69 -24.21
C SER C 889 30.82 -30.78 -24.63
N SER C 890 30.03 -31.32 -23.70
CA SER C 890 29.02 -32.35 -23.93
C SER C 890 27.74 -31.84 -24.63
N ARG C 891 27.73 -30.59 -25.10
CA ARG C 891 26.62 -29.97 -25.81
C ARG C 891 26.62 -30.41 -27.28
N SER C 892 25.45 -30.72 -27.84
CA SER C 892 25.36 -31.15 -29.25
C SER C 892 25.43 -29.97 -30.22
N PHE C 893 25.60 -30.23 -31.51
CA PHE C 893 25.60 -29.16 -32.52
C PHE C 893 24.24 -28.44 -32.56
N PHE C 894 23.15 -29.20 -32.42
CA PHE C 894 21.79 -28.68 -32.38
C PHE C 894 21.63 -27.74 -31.18
N GLU C 895 22.06 -28.17 -29.99
CA GLU C 895 21.97 -27.33 -28.80
C GLU C 895 22.93 -26.14 -28.90
N ASP C 896 24.12 -26.27 -29.49
CA ASP C 896 25.05 -25.16 -29.69
C ASP C 896 24.37 -24.10 -30.56
N LEU C 897 23.79 -24.51 -31.68
CA LEU C 897 23.08 -23.62 -32.59
C LEU C 897 21.88 -22.95 -31.91
N LEU C 898 21.26 -23.58 -30.92
CA LEU C 898 20.14 -23.03 -30.16
C LEU C 898 20.59 -22.10 -29.01
N PHE C 899 21.75 -22.34 -28.43
CA PHE C 899 22.30 -21.54 -27.31
C PHE C 899 23.06 -20.30 -27.81
N ASP C 900 23.65 -20.32 -29.00
CA ASP C 900 24.37 -19.16 -29.54
C ASP C 900 23.46 -17.99 -29.95
N LYS C 901 22.15 -18.20 -30.04
CA LYS C 901 21.14 -17.19 -30.41
C LYS C 901 20.46 -16.54 -29.21
N VAL C 902 20.84 -16.90 -28.00
CA VAL C 902 20.32 -16.34 -26.74
C VAL C 902 21.50 -15.88 -25.91
N LYS C 903 21.67 -14.57 -25.73
CA LYS C 903 22.81 -14.04 -24.99
C LYS C 903 22.72 -14.32 -23.49
N LEU C 904 21.56 -14.09 -22.86
CA LEU C 904 21.41 -14.24 -21.41
C LEU C 904 20.97 -15.62 -20.94
N SER C 905 21.77 -16.63 -21.24
CA SER C 905 21.57 -17.97 -20.67
C SER C 905 22.24 -17.97 -19.28
N ASP C 906 22.41 -19.12 -18.63
CA ASP C 906 23.08 -19.17 -17.34
C ASP C 906 24.53 -18.65 -17.47
N VAL C 907 25.27 -19.09 -18.48
CA VAL C 907 26.65 -18.62 -18.71
C VAL C 907 26.63 -17.15 -19.09
N GLY C 908 25.62 -16.68 -19.82
CA GLY C 908 25.49 -15.28 -20.23
C GLY C 908 25.33 -14.36 -19.04
N PHE C 909 24.48 -14.72 -18.08
CA PHE C 909 24.32 -13.95 -16.85
C PHE C 909 25.61 -13.93 -16.05
N VAL C 910 26.29 -15.08 -15.93
CA VAL C 910 27.55 -15.15 -15.21
C VAL C 910 28.59 -14.25 -15.86
N GLU C 911 28.73 -14.28 -17.18
CA GLU C 911 29.69 -13.42 -17.90
C GLU C 911 29.32 -11.93 -17.78
N ALA C 912 28.03 -11.61 -17.86
CA ALA C 912 27.58 -10.23 -17.72
C ALA C 912 27.91 -9.68 -16.32
N TYR C 913 27.70 -10.47 -15.27
CA TYR C 913 28.02 -10.02 -13.92
C TYR C 913 29.53 -10.02 -13.67
N ASN C 914 30.30 -10.88 -14.34
CA ASN C 914 31.76 -10.90 -14.20
C ASN C 914 32.34 -9.57 -14.71
N ASN C 915 31.72 -8.98 -15.74
CA ASN C 915 32.16 -7.72 -16.32
C ASN C 915 31.74 -6.46 -15.54
N CYS C 916 31.08 -6.59 -14.39
CA CYS C 916 30.66 -5.41 -13.61
C CYS C 916 31.83 -4.72 -12.89
N THR C 917 32.93 -5.42 -12.66
CA THR C 917 34.17 -4.90 -12.04
C THR C 917 35.35 -4.92 -13.02
N GLY C 918 35.09 -5.02 -14.32
CA GLY C 918 36.13 -5.03 -15.36
C GLY C 918 36.70 -3.65 -15.72
N GLY C 919 36.14 -2.57 -15.19
CA GLY C 919 36.58 -1.20 -15.45
C GLY C 919 36.13 -0.62 -16.79
N SER C 920 35.22 -1.27 -17.50
CA SER C 920 34.71 -0.84 -18.80
C SER C 920 33.83 0.42 -18.71
N GLU C 921 33.85 1.23 -19.77
CA GLU C 921 33.03 2.45 -19.86
C GLU C 921 31.56 2.14 -20.18
N ILE C 922 31.25 0.89 -20.57
CA ILE C 922 29.89 0.45 -20.90
C ILE C 922 29.06 0.31 -19.62
N ARG C 923 27.88 0.92 -19.60
CA ARG C 923 26.94 0.90 -18.48
C ARG C 923 25.90 -0.19 -18.68
N ASP C 924 26.27 -1.43 -18.39
CA ASP C 924 25.33 -2.54 -18.53
C ASP C 924 24.21 -2.42 -17.49
N LEU C 925 22.97 -2.59 -17.93
CA LEU C 925 21.81 -2.50 -17.05
C LEU C 925 21.89 -3.61 -15.99
N LEU C 926 22.43 -4.79 -16.32
CA LEU C 926 22.59 -5.86 -15.35
C LEU C 926 23.54 -5.45 -14.22
N CYS C 927 24.58 -4.69 -14.51
CA CYS C 927 25.49 -4.23 -13.47
C CYS C 927 24.80 -3.22 -12.56
N VAL C 928 24.04 -2.29 -13.12
CA VAL C 928 23.29 -1.31 -12.32
C VAL C 928 22.27 -2.05 -11.45
N GLN C 929 21.56 -3.03 -11.99
CA GLN C 929 20.60 -3.82 -11.24
C GLN C 929 21.31 -4.56 -10.10
N SER C 930 22.46 -5.18 -10.34
CA SER C 930 23.18 -5.92 -9.31
C SER C 930 23.67 -5.02 -8.18
N PHE C 931 24.17 -3.83 -8.50
CA PHE C 931 24.61 -2.85 -7.50
C PHE C 931 23.44 -2.36 -6.65
N ASN C 932 22.23 -2.34 -7.20
CA ASN C 932 21.00 -2.04 -6.48
C ASN C 932 20.35 -3.27 -5.82
N GLY C 933 21.08 -4.37 -5.70
CA GLY C 933 20.61 -5.58 -5.03
C GLY C 933 19.76 -6.51 -5.89
N ILE C 934 19.62 -6.30 -7.19
CA ILE C 934 18.80 -7.12 -8.09
C ILE C 934 19.76 -7.98 -8.91
N LYS C 935 19.90 -9.25 -8.57
CA LYS C 935 20.83 -10.14 -9.28
C LYS C 935 20.23 -11.50 -9.61
N VAL C 936 20.51 -12.02 -10.78
CA VAL C 936 20.08 -13.35 -11.20
C VAL C 936 21.18 -14.33 -10.82
N LEU C 937 20.84 -15.35 -10.05
CA LEU C 937 21.79 -16.38 -9.66
C LEU C 937 21.75 -17.54 -10.64
N PRO C 938 22.87 -18.26 -10.84
CA PRO C 938 22.88 -19.39 -11.74
C PRO C 938 22.03 -20.55 -11.19
N PRO C 939 21.48 -21.40 -12.05
CA PRO C 939 20.71 -22.57 -11.63
C PRO C 939 21.62 -23.57 -10.94
N ILE C 940 21.12 -24.48 -10.10
CA ILE C 940 22.01 -25.43 -9.41
C ILE C 940 22.75 -26.36 -10.36
N LEU C 941 22.14 -26.74 -11.48
CA LEU C 941 22.78 -27.55 -12.51
C LEU C 941 23.06 -26.65 -13.69
N SER C 942 24.27 -26.65 -14.23
CA SER C 942 24.58 -25.83 -15.39
C SER C 942 23.84 -26.30 -16.64
N GLU C 943 23.57 -25.42 -17.60
CA GLU C 943 22.93 -25.86 -18.84
C GLU C 943 23.82 -26.87 -19.59
N SER C 944 25.13 -26.86 -19.35
CA SER C 944 26.06 -27.84 -19.91
C SER C 944 25.73 -29.23 -19.35
N GLN C 945 25.42 -29.35 -18.06
CA GLN C 945 25.03 -30.62 -17.46
C GLN C 945 23.69 -31.10 -18.02
N ILE C 946 22.73 -30.21 -18.20
CA ILE C 946 21.43 -30.58 -18.78
C ILE C 946 21.64 -31.04 -20.22
N SER C 947 22.49 -30.38 -21.01
CA SER C 947 22.81 -30.84 -22.37
C SER C 947 23.49 -32.21 -22.35
N GLY C 948 24.30 -32.49 -21.33
CA GLY C 948 24.90 -33.80 -21.17
C GLY C 948 23.82 -34.86 -20.93
N TYR C 949 22.82 -34.54 -20.12
CA TYR C 949 21.69 -35.43 -19.84
C TYR C 949 20.83 -35.66 -21.10
N THR C 950 20.52 -34.63 -21.87
CA THR C 950 19.77 -34.77 -23.13
C THR C 950 20.59 -35.55 -24.14
N THR C 951 21.91 -35.37 -24.19
CA THR C 951 22.78 -36.16 -25.05
C THR C 951 22.71 -37.63 -24.65
N ALA C 952 22.80 -37.93 -23.35
CA ALA C 952 22.72 -39.31 -22.87
C ALA C 952 21.36 -39.92 -23.18
N ALA C 953 20.27 -39.18 -23.01
CA ALA C 953 18.92 -39.63 -23.32
C ALA C 953 18.75 -39.89 -24.83
N THR C 954 19.39 -39.09 -25.66
CA THR C 954 19.32 -39.23 -27.12
C THR C 954 20.11 -40.45 -27.59
N VAL C 955 21.36 -40.65 -27.13
CA VAL C 955 22.14 -41.82 -27.55
C VAL C 955 21.55 -43.11 -27.01
N ALA C 956 20.77 -43.05 -25.92
CA ALA C 956 20.12 -44.21 -25.32
C ALA C 956 19.10 -44.85 -26.27
N ALA C 957 18.60 -44.13 -27.26
CA ALA C 957 17.67 -44.65 -28.25
C ALA C 957 18.38 -45.16 -29.52
N MET C 958 19.64 -44.82 -29.72
CA MET C 958 20.40 -45.14 -30.93
C MET C 958 21.15 -46.47 -30.92
N PHE C 959 21.65 -46.92 -29.78
CA PHE C 959 22.44 -48.15 -29.68
C PHE C 959 21.96 -49.09 -28.59
N PRO C 960 22.29 -50.39 -28.63
CA PRO C 960 21.89 -51.33 -27.60
C PRO C 960 22.40 -50.85 -26.23
N PRO C 961 21.65 -51.07 -25.15
CA PRO C 961 20.38 -51.78 -25.06
C PRO C 961 19.12 -51.04 -25.49
N TRP C 962 19.22 -49.88 -26.16
CA TRP C 962 18.09 -49.07 -26.61
C TRP C 962 17.13 -48.75 -25.46
N SER C 963 17.69 -48.35 -24.32
CA SER C 963 16.94 -48.07 -23.08
C SER C 963 15.92 -46.93 -23.17
N ALA C 964 15.97 -46.13 -24.23
CA ALA C 964 15.02 -45.05 -24.49
C ALA C 964 14.22 -45.26 -25.80
N ALA C 965 14.28 -46.44 -26.41
CA ALA C 965 13.59 -46.79 -27.65
C ALA C 965 12.86 -48.14 -27.56
N ALA C 966 12.26 -48.44 -26.42
CA ALA C 966 11.52 -49.68 -26.18
C ALA C 966 12.36 -50.96 -26.33
N GLY C 967 13.68 -50.88 -26.07
CA GLY C 967 14.56 -52.04 -26.16
C GLY C 967 14.80 -52.60 -27.55
N ILE C 968 14.55 -51.85 -28.62
CA ILE C 968 14.76 -52.29 -30.00
C ILE C 968 15.45 -51.19 -30.82
N PRO C 969 16.07 -51.51 -31.97
CA PRO C 969 16.73 -50.51 -32.80
C PRO C 969 15.81 -49.33 -33.14
N PHE C 970 16.37 -48.14 -33.24
CA PHE C 970 15.61 -46.92 -33.50
C PHE C 970 14.82 -46.99 -34.80
N SER C 971 15.43 -47.49 -35.87
CA SER C 971 14.75 -47.61 -37.17
C SER C 971 13.56 -48.57 -37.08
N LEU C 972 13.69 -49.69 -36.36
CA LEU C 972 12.59 -50.62 -36.16
C LEU C 972 11.49 -49.97 -35.33
N ASN C 973 11.83 -49.18 -34.31
CA ASN C 973 10.83 -48.48 -33.52
C ASN C 973 10.07 -47.48 -34.41
N VAL C 974 10.77 -46.74 -35.28
CA VAL C 974 10.13 -45.81 -36.22
C VAL C 974 9.20 -46.57 -37.15
N GLN C 975 9.66 -47.70 -37.69
CA GLN C 975 8.84 -48.53 -38.56
C GLN C 975 7.60 -49.08 -37.85
N TYR C 976 7.72 -49.60 -36.64
CA TYR C 976 6.57 -50.13 -35.91
C TYR C 976 5.61 -49.00 -35.55
N ARG C 977 6.12 -47.82 -35.21
CA ARG C 977 5.28 -46.66 -34.92
C ARG C 977 4.52 -46.21 -36.16
N ILE C 978 5.15 -46.18 -37.34
CA ILE C 978 4.45 -45.82 -38.58
C ILE C 978 3.42 -46.90 -38.91
N ASN C 979 3.75 -48.18 -38.73
CA ASN C 979 2.84 -49.27 -39.00
C ASN C 979 1.60 -49.18 -38.11
N GLY C 980 1.76 -48.76 -36.86
CA GLY C 980 0.66 -48.61 -35.90
C GLY C 980 -0.37 -47.55 -36.32
N LEU C 981 -0.02 -46.64 -37.25
CA LEU C 981 -0.92 -45.62 -37.78
C LEU C 981 -1.82 -46.17 -38.90
N GLY C 982 -1.59 -47.39 -39.37
CA GLY C 982 -2.37 -47.97 -40.46
C GLY C 982 -1.59 -48.02 -41.77
N VAL C 983 -0.29 -48.28 -41.71
CA VAL C 983 0.59 -48.37 -42.88
C VAL C 983 1.11 -49.79 -42.95
N THR C 984 0.96 -50.48 -44.08
CA THR C 984 1.40 -51.87 -44.19
C THR C 984 2.90 -51.99 -43.98
N MET C 985 3.37 -53.08 -43.37
CA MET C 985 4.79 -53.23 -43.12
C MET C 985 5.62 -53.42 -44.40
N ASP C 986 5.01 -53.91 -45.47
CA ASP C 986 5.70 -54.15 -46.73
C ASP C 986 6.30 -52.88 -47.32
N VAL C 987 5.52 -51.80 -47.41
CA VAL C 987 6.06 -50.55 -47.94
C VAL C 987 7.08 -49.95 -46.98
N LEU C 988 6.93 -50.18 -45.68
CA LEU C 988 7.85 -49.65 -44.69
C LEU C 988 9.20 -50.32 -44.75
N ASN C 989 9.26 -51.65 -44.86
CA ASN C 989 10.56 -52.30 -44.93
C ASN C 989 11.16 -52.27 -46.34
N LYS C 990 10.39 -51.93 -47.37
CA LYS C 990 10.96 -51.76 -48.72
C LYS C 990 11.43 -50.32 -48.98
N ASN C 991 10.88 -49.36 -48.25
CA ASN C 991 11.22 -47.94 -48.34
C ASN C 991 11.99 -47.50 -47.09
N GLN C 992 12.81 -48.36 -46.48
CA GLN C 992 13.55 -48.00 -45.28
C GLN C 992 14.51 -46.82 -45.54
N LYS C 993 15.20 -46.80 -46.68
CA LYS C 993 16.10 -45.70 -47.08
C LYS C 993 15.32 -44.40 -47.24
N LEU C 994 14.15 -44.43 -47.88
CA LEU C 994 13.32 -43.25 -48.07
C LEU C 994 12.82 -42.74 -46.72
N ILE C 995 12.44 -43.62 -45.80
CA ILE C 995 12.02 -43.24 -44.45
C ILE C 995 13.17 -42.62 -43.67
N ALA C 996 14.36 -43.21 -43.70
CA ALA C 996 15.52 -42.68 -42.99
C ALA C 996 15.91 -41.30 -43.55
N THR C 997 15.92 -41.15 -44.87
CA THR C 997 16.21 -39.86 -45.50
C THR C 997 15.12 -38.84 -45.17
N ALA C 998 13.84 -39.23 -45.14
CA ALA C 998 12.78 -38.31 -44.74
C ALA C 998 12.97 -37.88 -43.28
N PHE C 999 13.38 -38.80 -42.40
CA PHE C 999 13.62 -38.51 -40.99
C PHE C 999 14.77 -37.54 -40.81
N ASN C 1000 15.94 -37.76 -41.42
CA ASN C 1000 17.05 -36.82 -41.20
C ASN C 1000 16.80 -35.52 -41.99
N ASN C 1001 16.01 -35.51 -43.07
CA ASN C 1001 15.63 -34.27 -43.74
C ASN C 1001 14.71 -33.47 -42.80
N ALA C 1002 13.80 -34.12 -42.09
CA ALA C 1002 12.92 -33.44 -41.13
C ALA C 1002 13.76 -32.83 -40.01
N LEU C 1003 14.78 -33.53 -39.53
CA LEU C 1003 15.69 -33.03 -38.51
C LEU C 1003 16.48 -31.82 -39.05
N LEU C 1004 16.99 -31.89 -40.29
CA LEU C 1004 17.69 -30.77 -40.90
C LEU C 1004 16.75 -29.58 -41.09
N SER C 1005 15.49 -29.81 -41.44
CA SER C 1005 14.52 -28.73 -41.60
C SER C 1005 14.28 -28.03 -40.25
N ILE C 1006 14.24 -28.78 -39.15
CA ILE C 1006 14.10 -28.21 -37.81
C ILE C 1006 15.32 -27.34 -37.51
N GLN C 1007 16.54 -27.83 -37.77
CA GLN C 1007 17.76 -27.08 -37.51
C GLN C 1007 17.85 -25.80 -38.36
N ASN C 1008 17.47 -25.88 -39.63
CA ASN C 1008 17.53 -24.72 -40.52
C ASN C 1008 16.44 -23.70 -40.19
N GLY C 1009 15.35 -24.13 -39.56
CA GLY C 1009 14.24 -23.28 -39.17
C GLY C 1009 14.61 -22.26 -38.10
N PHE C 1010 15.68 -22.45 -37.33
CA PHE C 1010 16.11 -21.49 -36.30
C PHE C 1010 16.75 -20.23 -36.90
N SER C 1011 17.32 -20.32 -38.11
CA SER C 1011 17.90 -19.14 -38.80
C SER C 1011 16.79 -18.14 -39.16
N ALA C 1012 15.67 -18.65 -39.65
CA ALA C 1012 14.45 -17.91 -39.96
C ALA C 1012 13.76 -17.48 -38.65
N PRO C 1013 12.79 -16.56 -38.66
CA PRO C 1013 12.07 -16.18 -37.44
C PRO C 1013 11.12 -17.30 -37.04
N ASN C 1014 11.54 -18.08 -36.05
CA ASN C 1014 10.88 -19.28 -35.57
C ASN C 1014 10.11 -19.06 -34.27
N SER C 1015 8.95 -19.70 -34.14
CA SER C 1015 8.11 -19.61 -32.95
C SER C 1015 8.80 -20.17 -31.70
N ALA C 1016 9.57 -21.26 -31.80
CA ALA C 1016 10.29 -21.85 -30.68
C ALA C 1016 11.42 -20.92 -30.22
N LEU C 1017 12.24 -20.38 -31.14
CA LEU C 1017 13.30 -19.45 -30.77
C LEU C 1017 12.71 -18.16 -30.20
N ALA C 1018 11.60 -17.66 -30.75
CA ALA C 1018 10.91 -16.49 -30.22
C ALA C 1018 10.40 -16.77 -28.81
N LYS C 1019 9.87 -17.98 -28.55
CA LYS C 1019 9.39 -18.38 -27.22
C LYS C 1019 10.56 -18.43 -26.24
N ILE C 1020 11.72 -18.93 -26.64
CA ILE C 1020 12.93 -18.96 -25.79
C ILE C 1020 13.37 -17.52 -25.49
N GLN C 1021 13.46 -16.66 -26.51
CA GLN C 1021 13.87 -15.27 -26.31
C GLN C 1021 12.83 -14.49 -25.49
N SER C 1022 11.55 -14.89 -25.50
CA SER C 1022 10.52 -14.24 -24.70
C SER C 1022 10.78 -14.43 -23.20
N VAL C 1023 11.38 -15.55 -22.79
CA VAL C 1023 11.73 -15.80 -21.39
C VAL C 1023 12.73 -14.74 -20.93
N VAL C 1024 13.81 -14.55 -21.69
CA VAL C 1024 14.86 -13.58 -21.40
C VAL C 1024 14.31 -12.15 -21.48
N ASN C 1025 13.53 -11.82 -22.50
CA ASN C 1025 12.94 -10.49 -22.66
C ASN C 1025 11.97 -10.15 -21.53
N SER C 1026 11.11 -11.09 -21.12
CA SER C 1026 10.18 -10.85 -20.01
C SER C 1026 10.94 -10.67 -18.70
N ASN C 1027 12.00 -11.44 -18.45
CA ASN C 1027 12.82 -11.29 -17.26
C ASN C 1027 13.53 -9.93 -17.27
N ALA C 1028 14.15 -9.54 -18.38
CA ALA C 1028 14.85 -8.27 -18.48
C ALA C 1028 13.89 -7.10 -18.30
N GLN C 1029 12.67 -7.17 -18.87
CA GLN C 1029 11.67 -6.14 -18.71
C GLN C 1029 11.22 -6.06 -17.25
N ALA C 1030 10.99 -7.19 -16.56
CA ALA C 1030 10.61 -7.18 -15.15
C ALA C 1030 11.71 -6.61 -14.25
N LEU C 1031 12.98 -6.97 -14.48
CA LEU C 1031 14.11 -6.46 -13.70
C LEU C 1031 14.33 -4.98 -13.96
N ASN C 1032 14.20 -4.52 -15.21
CA ASN C 1032 14.34 -3.11 -15.54
C ASN C 1032 13.19 -2.33 -14.90
N SER C 1033 11.98 -2.87 -14.92
CA SER C 1033 10.82 -2.23 -14.30
C SER C 1033 11.01 -2.13 -12.80
N LEU C 1034 11.57 -3.16 -12.15
CA LEU C 1034 11.87 -3.12 -10.73
C LEU C 1034 12.95 -2.08 -10.43
N LEU C 1035 14.00 -1.97 -11.25
CA LEU C 1035 15.03 -0.95 -11.05
C LEU C 1035 14.44 0.45 -11.22
N GLN C 1036 13.52 0.64 -12.16
CA GLN C 1036 12.89 1.95 -12.38
C GLN C 1036 12.11 2.43 -11.15
N GLN C 1037 11.76 1.56 -10.22
CA GLN C 1037 11.07 1.96 -9.00
C GLN C 1037 11.95 2.82 -8.12
N LEU C 1038 13.28 2.70 -8.21
CA LEU C 1038 14.21 3.53 -7.47
C LEU C 1038 14.23 4.97 -7.94
N PHE C 1039 13.58 5.30 -9.05
CA PHE C 1039 13.49 6.66 -9.58
C PHE C 1039 12.08 7.24 -9.44
N ASN C 1040 11.14 6.49 -8.88
CA ASN C 1040 9.80 6.97 -8.59
C ASN C 1040 9.84 7.79 -7.31
N LYS C 1041 9.22 8.98 -7.33
CA LYS C 1041 9.18 9.84 -6.15
C LYS C 1041 8.14 9.37 -5.12
N PHE C 1042 7.08 8.67 -5.53
CA PHE C 1042 6.02 8.20 -4.64
C PHE C 1042 5.43 9.36 -3.80
N GLY C 1043 5.35 10.56 -4.39
CA GLY C 1043 4.85 11.77 -3.73
C GLY C 1043 5.88 12.49 -2.85
N ALA C 1044 7.11 12.00 -2.72
CA ALA C 1044 8.17 12.65 -1.96
C ALA C 1044 8.79 13.79 -2.79
N ILE C 1045 9.62 14.65 -2.17
CA ILE C 1045 10.27 15.76 -2.89
C ILE C 1045 11.25 15.31 -3.97
N SER C 1046 11.85 14.14 -3.82
CA SER C 1046 12.80 13.56 -4.76
C SER C 1046 12.87 12.04 -4.59
N SER C 1047 13.30 11.32 -5.61
CA SER C 1047 13.50 9.86 -5.55
C SER C 1047 14.90 9.54 -5.01
N SER C 1048 15.76 10.53 -4.82
CA SER C 1048 17.12 10.33 -4.33
C SER C 1048 17.23 10.58 -2.83
N LEU C 1049 17.71 9.59 -2.10
CA LEU C 1049 17.96 9.71 -0.66
C LEU C 1049 19.05 10.73 -0.37
N GLN C 1050 20.05 10.86 -1.23
CA GLN C 1050 21.08 11.89 -1.09
C GLN C 1050 20.49 13.30 -1.20
N GLU C 1051 19.60 13.57 -2.16
CA GLU C 1051 18.96 14.88 -2.27
C GLU C 1051 18.09 15.17 -1.05
N ILE C 1052 17.32 14.21 -0.54
CA ILE C 1052 16.50 14.44 0.65
C ILE C 1052 17.38 14.76 1.86
N LEU C 1053 18.43 13.98 2.10
CA LEU C 1053 19.32 14.17 3.24
C LEU C 1053 20.20 15.42 3.12
N SER C 1054 20.43 15.95 1.92
CA SER C 1054 21.17 17.19 1.70
C SER C 1054 20.26 18.42 1.67
N ARG C 1055 18.94 18.25 1.74
CA ARG C 1055 17.94 19.34 1.77
C ARG C 1055 17.19 19.52 3.09
N LEU C 1056 16.88 18.44 3.80
CA LEU C 1056 16.06 18.46 5.01
C LEU C 1056 16.73 17.93 6.27
N ASP C 1057 16.39 18.48 7.42
CA ASP C 1057 16.84 18.03 8.74
C ASP C 1057 16.14 16.69 9.06
N PRO C 1058 16.65 15.88 10.01
CA PRO C 1058 16.08 14.57 10.31
C PRO C 1058 14.56 14.48 10.47
N PRO C 1059 13.84 15.33 11.23
CA PRO C 1059 12.39 15.18 11.36
C PRO C 1059 11.61 15.22 10.03
N GLU C 1060 11.97 16.08 9.09
CA GLU C 1060 11.31 16.13 7.78
C GLU C 1060 11.95 15.18 6.78
N ALA C 1061 13.25 14.91 6.89
CA ALA C 1061 13.88 13.90 6.06
C ALA C 1061 13.19 12.55 6.28
N GLN C 1062 12.85 12.18 7.52
CA GLN C 1062 12.17 10.92 7.80
C GLN C 1062 10.81 10.87 7.11
N VAL C 1063 10.08 11.99 7.05
CA VAL C 1063 8.77 12.05 6.38
C VAL C 1063 8.92 11.71 4.90
N GLN C 1064 9.94 12.26 4.23
CA GLN C 1064 10.18 11.97 2.81
C GLN C 1064 10.72 10.57 2.58
N ILE C 1065 11.65 10.11 3.41
CA ILE C 1065 12.24 8.78 3.29
C ILE C 1065 11.18 7.71 3.54
N ASP C 1066 10.22 7.93 4.44
CA ASP C 1066 9.15 6.97 4.71
C ASP C 1066 8.29 6.74 3.46
N ARG C 1067 8.02 7.79 2.68
CA ARG C 1067 7.28 7.68 1.43
C ARG C 1067 8.04 6.81 0.43
N LEU C 1068 9.36 7.01 0.30
CA LEU C 1068 10.20 6.17 -0.55
C LEU C 1068 10.25 4.73 -0.06
N ILE C 1069 10.41 4.50 1.24
CA ILE C 1069 10.39 3.14 1.81
C ILE C 1069 9.06 2.46 1.51
N ASN C 1070 7.92 3.12 1.70
CA ASN C 1070 6.62 2.51 1.43
C ASN C 1070 6.44 2.20 -0.05
N GLY C 1071 6.82 3.14 -0.93
CA GLY C 1071 6.74 2.94 -2.36
C GLY C 1071 7.61 1.78 -2.83
N ARG C 1072 8.86 1.71 -2.37
CA ARG C 1072 9.80 0.65 -2.73
C ARG C 1072 9.39 -0.71 -2.18
N LEU C 1073 8.95 -0.79 -0.93
CA LEU C 1073 8.42 -2.05 -0.37
C LEU C 1073 7.14 -2.49 -1.08
N THR C 1074 6.26 -1.56 -1.48
CA THR C 1074 5.07 -1.91 -2.25
C THR C 1074 5.47 -2.47 -3.61
N ALA C 1075 6.47 -1.88 -4.26
CA ALA C 1075 6.97 -2.38 -5.53
C ALA C 1075 7.58 -3.78 -5.38
N LEU C 1076 8.36 -4.03 -4.32
CA LEU C 1076 8.90 -5.35 -4.05
C LEU C 1076 7.80 -6.39 -3.78
N ASN C 1077 6.76 -6.06 -3.02
CA ASN C 1077 5.64 -6.97 -2.79
C ASN C 1077 4.94 -7.31 -4.11
N ALA C 1078 4.71 -6.30 -4.97
CA ALA C 1078 4.08 -6.51 -6.27
C ALA C 1078 4.95 -7.41 -7.16
N TYR C 1079 6.26 -7.17 -7.19
CA TYR C 1079 7.18 -7.98 -7.96
C TYR C 1079 7.21 -9.42 -7.44
N VAL C 1080 7.22 -9.60 -6.12
CA VAL C 1080 7.21 -10.92 -5.51
C VAL C 1080 5.94 -11.68 -5.85
N SER C 1081 4.77 -11.03 -5.83
CA SER C 1081 3.49 -11.66 -6.18
C SER C 1081 3.49 -12.07 -7.65
N GLN C 1082 4.01 -11.22 -8.54
CA GLN C 1082 4.15 -11.53 -9.95
C GLN C 1082 5.11 -12.73 -10.12
N GLN C 1083 6.23 -12.77 -9.40
CA GLN C 1083 7.19 -13.84 -9.50
C GLN C 1083 6.60 -15.18 -9.03
N LEU C 1084 5.80 -15.19 -7.95
CA LEU C 1084 5.14 -16.40 -7.48
C LEU C 1084 4.20 -16.94 -8.57
N SER C 1085 3.42 -16.08 -9.20
CA SER C 1085 2.51 -16.48 -10.28
C SER C 1085 3.28 -16.99 -11.49
N ASP C 1086 4.33 -16.31 -11.91
CA ASP C 1086 5.14 -16.73 -13.06
C ASP C 1086 5.81 -18.06 -12.79
N ILE C 1087 6.29 -18.33 -11.58
CA ILE C 1087 6.95 -19.60 -11.29
C ILE C 1087 5.94 -20.73 -11.23
N SER C 1088 4.69 -20.47 -10.86
CA SER C 1088 3.65 -21.50 -10.90
C SER C 1088 3.44 -21.95 -12.36
N LEU C 1089 3.45 -21.01 -13.31
CA LEU C 1089 3.33 -21.30 -14.74
C LEU C 1089 4.55 -22.10 -15.20
N VAL C 1090 5.75 -21.79 -14.70
CA VAL C 1090 6.97 -22.53 -15.02
C VAL C 1090 6.90 -23.96 -14.46
N LYS C 1091 6.34 -24.17 -13.27
CA LYS C 1091 6.16 -25.52 -12.69
C LYS C 1091 5.20 -26.33 -13.55
N PHE C 1092 4.11 -25.73 -14.02
CA PHE C 1092 3.16 -26.39 -14.91
C PHE C 1092 3.87 -26.77 -16.21
N GLY C 1093 4.68 -25.87 -16.77
CA GLY C 1093 5.45 -26.13 -17.99
C GLY C 1093 6.49 -27.23 -17.77
N ALA C 1094 7.16 -27.28 -16.63
CA ALA C 1094 8.14 -28.31 -16.35
C ALA C 1094 7.46 -29.67 -16.15
N ALA C 1095 6.28 -29.72 -15.52
CA ALA C 1095 5.53 -30.96 -15.39
C ALA C 1095 5.15 -31.48 -16.77
N LEU C 1096 4.69 -30.59 -17.66
CA LEU C 1096 4.36 -30.95 -19.03
C LEU C 1096 5.60 -31.44 -19.78
N ALA C 1097 6.75 -30.79 -19.62
CA ALA C 1097 7.97 -31.23 -20.29
C ALA C 1097 8.39 -32.61 -19.81
N MET C 1098 8.32 -32.89 -18.50
CA MET C 1098 8.66 -34.19 -17.96
C MET C 1098 7.71 -35.27 -18.50
N GLU C 1099 6.42 -34.96 -18.56
CA GLU C 1099 5.41 -35.85 -19.12
C GLU C 1099 5.72 -36.13 -20.60
N LYS C 1100 6.09 -35.11 -21.39
CA LYS C 1100 6.44 -35.27 -22.81
C LYS C 1100 7.72 -36.12 -22.93
N VAL C 1101 8.71 -35.94 -22.06
CA VAL C 1101 9.91 -36.78 -22.06
C VAL C 1101 9.52 -38.24 -21.91
N ASN C 1102 8.82 -38.56 -20.82
CA ASN C 1102 8.39 -39.91 -20.50
C ASN C 1102 7.44 -40.54 -21.52
N GLU C 1103 6.50 -39.77 -22.06
CA GLU C 1103 5.45 -40.28 -22.94
C GLU C 1103 5.57 -39.98 -24.44
N CYS C 1104 6.64 -39.32 -24.88
CA CYS C 1104 6.91 -39.05 -26.30
C CYS C 1104 8.34 -39.42 -26.71
N VAL C 1105 9.31 -39.33 -25.82
CA VAL C 1105 10.71 -39.63 -26.15
C VAL C 1105 11.11 -41.02 -25.67
N LYS C 1106 10.98 -41.30 -24.38
CA LYS C 1106 11.34 -42.61 -23.80
C LYS C 1106 10.39 -43.72 -24.18
N SER C 1107 9.15 -43.37 -24.48
CA SER C 1107 8.08 -44.26 -24.90
C SER C 1107 7.09 -43.50 -25.74
N GLN C 1108 6.11 -44.19 -26.31
CA GLN C 1108 5.09 -43.61 -27.17
C GLN C 1108 3.71 -43.93 -26.58
N SER C 1109 3.23 -43.07 -25.70
CA SER C 1109 1.94 -43.27 -25.04
C SER C 1109 0.77 -43.16 -26.04
N PRO C 1110 -0.27 -43.99 -25.95
CA PRO C 1110 -1.43 -43.95 -26.85
C PRO C 1110 -2.35 -42.75 -26.57
N ARG C 1111 -1.86 -41.55 -26.86
CA ARG C 1111 -2.51 -40.25 -26.67
C ARG C 1111 -2.31 -39.52 -27.99
N ILE C 1112 -3.38 -39.18 -28.70
CA ILE C 1112 -3.28 -38.70 -30.09
C ILE C 1112 -2.53 -37.40 -30.33
N ASN C 1113 -2.92 -36.28 -29.72
CA ASN C 1113 -2.25 -35.00 -29.97
C ASN C 1113 -1.38 -34.52 -28.81
N PHE C 1114 -0.96 -35.42 -27.93
CA PHE C 1114 -0.13 -35.06 -26.78
C PHE C 1114 1.29 -34.67 -27.22
N CYS C 1115 1.89 -35.45 -28.11
CA CYS C 1115 3.24 -35.22 -28.64
C CYS C 1115 3.19 -34.48 -29.99
N GLY C 1116 2.67 -33.25 -29.97
CA GLY C 1116 2.52 -32.48 -31.20
C GLY C 1116 1.31 -32.92 -32.02
N ASN C 1117 1.03 -32.19 -33.09
CA ASN C 1117 -0.10 -32.45 -33.98
C ASN C 1117 0.18 -33.49 -35.07
N GLY C 1118 -0.88 -34.01 -35.67
CA GLY C 1118 -0.78 -34.99 -36.75
C GLY C 1118 -0.54 -36.41 -36.25
N ASN C 1119 -0.16 -37.29 -37.18
CA ASN C 1119 0.11 -38.69 -36.90
C ASN C 1119 1.52 -38.82 -36.28
N HIS C 1120 1.62 -38.65 -34.97
CA HIS C 1120 2.91 -38.70 -34.27
C HIS C 1120 3.58 -40.07 -34.33
N ILE C 1121 4.82 -40.09 -34.82
CA ILE C 1121 5.60 -41.32 -34.94
C ILE C 1121 6.45 -41.48 -33.69
N LEU C 1122 7.26 -40.47 -33.40
CA LEU C 1122 8.25 -40.48 -32.34
C LEU C 1122 8.73 -39.05 -32.05
N SER C 1123 9.26 -38.82 -30.86
CA SER C 1123 9.78 -37.53 -30.45
C SER C 1123 11.18 -37.65 -29.89
N LEU C 1124 11.98 -36.61 -30.04
CA LEU C 1124 13.35 -36.50 -29.51
C LEU C 1124 13.46 -35.20 -28.71
N VAL C 1125 14.36 -35.12 -27.74
CA VAL C 1125 14.52 -33.94 -26.90
C VAL C 1125 15.95 -33.41 -26.91
N GLN C 1126 16.09 -32.10 -26.92
CA GLN C 1126 17.36 -31.40 -26.86
C GLN C 1126 17.27 -30.30 -25.81
N ASN C 1127 18.39 -29.97 -25.19
CA ASN C 1127 18.43 -28.91 -24.19
C ASN C 1127 18.22 -27.54 -24.85
N ALA C 1128 17.54 -26.63 -24.18
CA ALA C 1128 17.33 -25.28 -24.68
C ALA C 1128 17.51 -24.29 -23.54
N PRO C 1129 17.85 -23.02 -23.79
CA PRO C 1129 17.97 -22.05 -22.72
C PRO C 1129 16.66 -21.99 -21.92
N TYR C 1130 16.73 -22.26 -20.62
CA TYR C 1130 15.60 -22.28 -19.68
C TYR C 1130 14.49 -23.29 -20.00
N GLY C 1131 14.80 -24.40 -20.64
CA GLY C 1131 13.78 -25.39 -20.97
C GLY C 1131 14.28 -26.52 -21.84
N LEU C 1132 13.35 -27.21 -22.49
CA LEU C 1132 13.67 -28.32 -23.38
C LEU C 1132 13.01 -28.07 -24.72
N LEU C 1133 13.69 -28.46 -25.79
CA LEU C 1133 13.15 -28.36 -27.14
C LEU C 1133 12.87 -29.76 -27.63
N PHE C 1134 11.61 -30.06 -27.86
CA PHE C 1134 11.17 -31.34 -28.36
C PHE C 1134 11.03 -31.27 -29.87
N MET C 1135 11.50 -32.30 -30.56
CA MET C 1135 11.35 -32.45 -31.99
C MET C 1135 10.35 -33.58 -32.18
N HIS C 1136 9.14 -33.26 -32.62
CA HIS C 1136 8.09 -34.24 -32.85
C HIS C 1136 8.11 -34.62 -34.31
N PHE C 1137 8.31 -35.90 -34.61
CA PHE C 1137 8.34 -36.41 -35.97
C PHE C 1137 7.00 -37.06 -36.25
N SER C 1138 6.34 -36.63 -37.32
CA SER C 1138 5.01 -37.10 -37.70
C SER C 1138 4.98 -37.66 -39.11
N TYR C 1139 4.06 -38.58 -39.35
CA TYR C 1139 3.82 -39.20 -40.64
C TYR C 1139 2.92 -38.25 -41.43
N LYS C 1140 3.44 -37.69 -42.51
CA LYS C 1140 2.73 -36.72 -43.34
C LYS C 1140 2.38 -37.27 -44.73
N PRO C 1141 1.09 -37.48 -45.04
CA PRO C 1141 0.69 -37.87 -46.37
C PRO C 1141 1.05 -36.80 -47.40
N ILE C 1142 1.53 -37.20 -48.58
CA ILE C 1142 1.94 -36.30 -49.67
C ILE C 1142 0.88 -36.25 -50.77
N SER C 1143 0.40 -37.41 -51.20
CA SER C 1143 -0.62 -37.56 -52.24
C SER C 1143 -1.70 -38.53 -51.76
N PHE C 1144 -2.91 -38.37 -52.25
CA PHE C 1144 -4.06 -39.18 -51.88
C PHE C 1144 -4.78 -39.78 -53.09
N LYS C 1145 -5.42 -40.92 -52.87
CA LYS C 1145 -6.26 -41.61 -53.85
C LYS C 1145 -7.64 -41.72 -53.24
N THR C 1146 -8.67 -41.25 -53.94
CA THR C 1146 -10.05 -41.39 -53.45
C THR C 1146 -10.49 -42.80 -53.78
N VAL C 1147 -10.87 -43.58 -52.77
CA VAL C 1147 -11.30 -44.98 -52.96
C VAL C 1147 -12.60 -45.27 -52.24
N LEU C 1148 -13.31 -46.28 -52.70
CA LEU C 1148 -14.56 -46.73 -52.11
C LEU C 1148 -14.21 -47.77 -51.06
N VAL C 1149 -14.57 -47.51 -49.81
CA VAL C 1149 -14.26 -48.37 -48.67
C VAL C 1149 -15.49 -48.93 -47.99
N SER C 1150 -15.33 -50.08 -47.35
CA SER C 1150 -16.37 -50.72 -46.54
C SER C 1150 -15.83 -50.82 -45.11
N PRO C 1151 -16.55 -50.33 -44.09
CA PRO C 1151 -16.11 -50.39 -42.70
C PRO C 1151 -16.29 -51.78 -42.08
N GLY C 1152 -16.89 -52.72 -42.81
CA GLY C 1152 -17.13 -54.08 -42.37
C GLY C 1152 -17.80 -54.93 -43.45
N LEU C 1153 -17.69 -56.25 -43.34
CA LEU C 1153 -18.28 -57.21 -44.28
C LEU C 1153 -19.01 -58.34 -43.55
N CYS C 1154 -20.09 -58.84 -44.15
CA CYS C 1154 -20.83 -59.99 -43.67
C CYS C 1154 -20.39 -61.14 -44.57
N ILE C 1155 -19.66 -62.12 -44.05
CA ILE C 1155 -19.04 -63.20 -44.83
C ILE C 1155 -19.48 -64.61 -44.43
N SER C 1156 -19.41 -65.56 -45.34
CA SER C 1156 -19.72 -66.98 -45.12
C SER C 1156 -21.07 -67.20 -44.40
N GLY C 1157 -21.07 -67.85 -43.23
CA GLY C 1157 -22.22 -68.13 -42.39
C GLY C 1157 -22.67 -66.92 -41.58
N ASP C 1158 -22.85 -65.77 -42.24
CA ASP C 1158 -23.25 -64.49 -41.67
C ASP C 1158 -22.30 -63.98 -40.56
N VAL C 1159 -21.01 -64.33 -40.67
CA VAL C 1159 -19.96 -63.93 -39.73
C VAL C 1159 -19.53 -62.52 -40.08
N GLY C 1160 -19.45 -61.65 -39.09
CA GLY C 1160 -19.04 -60.27 -39.31
C GLY C 1160 -17.54 -60.10 -39.19
N ILE C 1161 -16.95 -59.29 -40.06
CA ILE C 1161 -15.53 -58.95 -40.00
C ILE C 1161 -15.38 -57.44 -40.12
N ALA C 1162 -14.50 -56.87 -39.33
CA ALA C 1162 -14.17 -55.45 -39.34
C ALA C 1162 -12.67 -55.31 -39.58
N PRO C 1163 -12.22 -54.31 -40.35
CA PRO C 1163 -10.82 -54.15 -40.66
C PRO C 1163 -10.04 -53.55 -39.48
N LYS C 1164 -8.81 -54.02 -39.21
CA LYS C 1164 -7.95 -53.48 -38.13
C LYS C 1164 -7.12 -52.33 -38.68
N GLN C 1165 -7.36 -51.10 -38.25
CA GLN C 1165 -6.60 -49.92 -38.71
C GLN C 1165 -6.55 -49.83 -40.23
N GLY C 1166 -7.69 -50.03 -40.87
CA GLY C 1166 -7.81 -50.01 -42.32
C GLY C 1166 -9.23 -50.11 -42.81
N TYR C 1167 -9.37 -50.53 -44.05
CA TYR C 1167 -10.65 -50.67 -44.72
C TYR C 1167 -10.70 -51.84 -45.68
N PHE C 1168 -11.90 -52.28 -46.02
CA PHE C 1168 -12.11 -53.31 -47.02
C PHE C 1168 -12.35 -52.59 -48.34
N ILE C 1169 -11.68 -53.02 -49.39
CA ILE C 1169 -11.64 -52.42 -50.73
C ILE C 1169 -11.99 -53.43 -51.83
N LYS C 1170 -12.80 -53.03 -52.81
CA LYS C 1170 -13.06 -53.85 -53.99
C LYS C 1170 -11.91 -53.60 -54.98
N HIS C 1171 -10.94 -54.50 -55.06
CA HIS C 1171 -9.78 -54.41 -55.97
C HIS C 1171 -9.72 -55.65 -56.85
N ASN C 1172 -9.67 -55.46 -58.17
CA ASN C 1172 -9.73 -56.56 -59.15
C ASN C 1172 -11.00 -57.41 -58.99
N ASP C 1173 -12.13 -56.74 -58.68
CA ASP C 1173 -13.48 -57.31 -58.43
C ASP C 1173 -13.53 -58.10 -57.09
N HIS C 1174 -12.38 -58.36 -56.47
CA HIS C 1174 -12.21 -59.11 -55.24
C HIS C 1174 -12.15 -58.24 -53.99
N TRP C 1175 -12.63 -58.73 -52.84
CA TRP C 1175 -12.54 -58.01 -51.59
C TRP C 1175 -11.12 -58.12 -51.02
N MET C 1176 -10.51 -56.98 -50.75
CA MET C 1176 -9.14 -56.81 -50.25
C MET C 1176 -9.14 -55.87 -49.05
N PHE C 1177 -8.04 -55.81 -48.32
CA PHE C 1177 -7.83 -54.93 -47.18
C PHE C 1177 -6.75 -53.92 -47.50
N THR C 1178 -6.85 -52.71 -46.97
CA THR C 1178 -5.79 -51.69 -47.08
C THR C 1178 -5.67 -50.97 -45.76
N GLY C 1179 -4.46 -50.53 -45.41
CA GLY C 1179 -4.27 -49.75 -44.20
C GLY C 1179 -4.93 -48.39 -44.38
N SER C 1180 -5.41 -47.77 -43.30
CA SER C 1180 -6.09 -46.48 -43.37
C SER C 1180 -5.16 -45.31 -43.68
N SER C 1181 -3.86 -45.45 -43.43
CA SER C 1181 -2.87 -44.39 -43.65
C SER C 1181 -1.99 -44.59 -44.88
N TYR C 1182 -2.17 -45.67 -45.65
CA TYR C 1182 -1.42 -45.90 -46.87
C TYR C 1182 -2.17 -46.90 -47.76
N TYR C 1183 -2.43 -46.54 -49.01
CA TYR C 1183 -3.16 -47.38 -49.94
C TYR C 1183 -2.26 -48.48 -50.50
N TYR C 1184 -2.52 -49.70 -50.08
CA TYR C 1184 -1.80 -50.89 -50.49
C TYR C 1184 -2.74 -52.08 -50.32
N PRO C 1185 -3.51 -52.44 -51.35
CA PRO C 1185 -4.44 -53.56 -51.25
C PRO C 1185 -3.68 -54.87 -51.02
N GLU C 1186 -4.08 -55.61 -50.00
CA GLU C 1186 -3.52 -56.88 -49.56
C GLU C 1186 -4.67 -57.84 -49.22
N PRO C 1187 -4.48 -59.16 -49.27
CA PRO C 1187 -5.55 -60.10 -48.99
C PRO C 1187 -6.08 -59.98 -47.56
N ILE C 1188 -7.38 -60.20 -47.40
CA ILE C 1188 -8.06 -60.19 -46.10
C ILE C 1188 -7.63 -61.46 -45.36
N SER C 1189 -7.19 -61.32 -44.11
CA SER C 1189 -6.76 -62.45 -43.27
C SER C 1189 -7.03 -62.18 -41.81
N ASP C 1190 -6.82 -63.15 -40.93
CA ASP C 1190 -7.02 -62.96 -39.49
C ASP C 1190 -6.04 -61.93 -38.89
N LYS C 1191 -4.96 -61.58 -39.59
CA LYS C 1191 -3.97 -60.60 -39.15
C LYS C 1191 -4.51 -59.18 -39.19
N ASN C 1192 -5.36 -58.84 -40.17
CA ASN C 1192 -5.93 -57.49 -40.34
C ASN C 1192 -7.46 -57.45 -40.17
N VAL C 1193 -8.03 -58.34 -39.35
CA VAL C 1193 -9.47 -58.45 -39.13
C VAL C 1193 -9.88 -58.69 -37.69
N VAL C 1194 -10.97 -58.05 -37.27
CA VAL C 1194 -11.64 -58.27 -35.99
C VAL C 1194 -12.88 -59.10 -36.32
N PHE C 1195 -12.99 -60.30 -35.77
CA PHE C 1195 -14.12 -61.21 -36.04
C PHE C 1195 -15.31 -60.95 -35.12
N MET C 1196 -16.52 -61.18 -35.63
CA MET C 1196 -17.78 -61.08 -34.91
C MET C 1196 -18.63 -62.32 -35.23
N ASN C 1197 -19.29 -62.94 -34.26
CA ASN C 1197 -20.10 -64.13 -34.54
C ASN C 1197 -21.31 -63.80 -35.43
N THR C 1198 -21.81 -62.57 -35.33
CA THR C 1198 -22.93 -62.03 -36.11
C THR C 1198 -22.49 -60.73 -36.78
N CYS C 1199 -22.86 -60.49 -38.03
CA CYS C 1199 -22.49 -59.26 -38.73
C CYS C 1199 -23.48 -58.13 -38.41
N SER C 1200 -23.01 -56.89 -38.29
CA SER C 1200 -23.92 -55.77 -38.03
C SER C 1200 -24.72 -55.39 -39.27
N VAL C 1201 -25.80 -54.65 -39.11
CA VAL C 1201 -26.57 -54.18 -40.25
C VAL C 1201 -25.70 -53.23 -41.06
N ASN C 1202 -25.99 -53.11 -42.34
CA ASN C 1202 -25.28 -52.28 -43.31
C ASN C 1202 -23.84 -52.72 -43.61
N PHE C 1203 -23.36 -53.80 -42.99
CA PHE C 1203 -22.07 -54.38 -43.36
C PHE C 1203 -22.28 -54.97 -44.75
N THR C 1204 -21.39 -54.71 -45.70
CA THR C 1204 -21.58 -55.18 -47.06
C THR C 1204 -21.61 -56.71 -47.14
N LYS C 1205 -22.59 -57.27 -47.83
CA LYS C 1205 -22.73 -58.73 -47.98
C LYS C 1205 -21.66 -59.25 -48.93
N ALA C 1206 -20.78 -60.11 -48.44
CA ALA C 1206 -19.71 -60.73 -49.20
C ALA C 1206 -19.63 -62.24 -48.90
N PRO C 1207 -20.61 -63.06 -49.36
CA PRO C 1207 -20.64 -64.49 -49.06
C PRO C 1207 -19.44 -65.30 -49.59
N LEU C 1208 -18.76 -64.78 -50.61
CA LEU C 1208 -17.61 -65.43 -51.25
C LEU C 1208 -16.27 -65.23 -50.52
N VAL C 1209 -16.22 -64.45 -49.45
CA VAL C 1209 -14.99 -64.20 -48.68
C VAL C 1209 -14.74 -65.32 -47.67
N TYR C 1210 -13.54 -65.90 -47.68
CA TYR C 1210 -13.10 -66.96 -46.76
C TYR C 1210 -14.04 -68.16 -46.70
#